data_8SPX
#
_entry.id   8SPX
#
loop_
_entity.id
_entity.type
_entity.pdbx_description
1 polymer 'ATP synthase subunit alpha'
2 polymer 'ATP synthase subunit beta'
3 non-polymer "ADENOSINE-5'-TRIPHOSPHATE"
4 non-polymer 'MAGNESIUM ION'
5 non-polymer "ADENOSINE-5'-DIPHOSPHATE"
6 non-polymer 'PHOSPHATE ION'
#
loop_
_entity_poly.entity_id
_entity_poly.type
_entity_poly.pdbx_seq_one_letter_code
_entity_poly.pdbx_strand_id
1 'polypeptide(L)'
;SDVGTVIQVGDGIARAHGLDNVMSGELVEFANGVMGMALNLEENNVGIVILGPYTGIKEGDEVRRTGRIMEVPVGEALIG
RVVNPLGQPVDGLGPVETTETRPIESRAPGVMDRRSVHEPLQTGIKAIDALVPIGRGQRELIIGDRQTGKTSVAIDTIIN
QKDQNMISIYVAIGQKESTVRTVVETLRKHGALDYTIVVTASASQPAPLLFLAPYAGVAMGEYFMYKGKHVLVVYDDLSK
QAAAYRELSLLLRRPPGREAYPGDIFYLHSRLLERAAKLSDAKGGGSLTALPFVETQAGDISAYIPTNVISITDGQIFLQ
SDLFFSGVRPAINAGLSVSRVGGAAQIKAMKKVAGTLRLDLAAYRELEAFAQFGSDLDKATQAKLARGARTVEVLKQDLH
QPIPVEKQVLIIYALTRGFLDDIPVEDVRRFEKEFYLFLDQNGQHLLEHIRTTKDLPNEDDLNKAIEAFKKTFVVS
;
A,B,C
2 'polypeptide(L)'
;MTRGRVIQVMGPVVDVKFENGHLPAIYNALKIQHKARNENEVDIDLTLEVALHLGDDTVRTIAMASTDGLIRGMEVIDTG
APISVPVGEVTLGRVFNVLGEPIDLEGDIPADARRDPIHRPAPKFEELATEVEILETGIKVVDLLAPYIKGGKIGLFGGA
GVGKTVLIQELIHNIAQEHGGISVFAGVGERTREGNDLYHEMKDSGVISKTAMVFGQMNEPPGARMRVALTGLTMAEYFR
DEQGQDVLLFIDNIFRFTQAGSEVSALLGRMPSAVGYQPTLATEMGQLQERITSTAKGSITSIQAIYVPADDYTDPAPAT
TFSHLDATTNLERKLAEMGIYPAVDPLASTSRALAPEIVGEEHYQVARKVQQTLQRYKELQDIIAILGMDELSDEDKLVV
HRARRIQFFLSQNFHVAEQFTGQPGSYVPVKETVRGFKEILEGKYDHLPEDAFRLVGRIEEVVEKAKAMGV
;
D,E,F
#
loop_
_chem_comp.id
_chem_comp.type
_chem_comp.name
_chem_comp.formula
ADP non-polymer ADENOSINE-5'-DIPHOSPHATE 'C10 H15 N5 O10 P2'
ATP non-polymer ADENOSINE-5'-TRIPHOSPHATE 'C10 H16 N5 O13 P3'
MG non-polymer 'MAGNESIUM ION' 'Mg 2'
PO4 non-polymer 'PHOSPHATE ION' 'O4 P -3'
#
# COMPACT_ATOMS: atom_id res chain seq x y z
N SER A 1 32.03 -39.43 -11.46
CA SER A 1 31.59 -40.52 -10.60
C SER A 1 30.38 -40.12 -9.75
N ASP A 2 30.21 -40.80 -8.62
CA ASP A 2 29.09 -40.58 -7.72
C ASP A 2 29.40 -39.63 -6.57
N VAL A 3 30.57 -38.99 -6.57
CA VAL A 3 30.98 -38.12 -5.47
C VAL A 3 31.39 -36.76 -6.03
N GLY A 4 31.43 -35.78 -5.14
CA GLY A 4 31.82 -34.43 -5.48
C GLY A 4 32.29 -33.70 -4.24
N THR A 5 32.85 -32.51 -4.46
CA THR A 5 33.38 -31.67 -3.40
C THR A 5 32.49 -30.45 -3.22
N VAL A 6 32.16 -30.12 -1.97
CA VAL A 6 31.38 -28.92 -1.69
C VAL A 6 32.25 -27.70 -1.93
N ILE A 7 31.65 -26.66 -2.52
CA ILE A 7 32.35 -25.41 -2.79
C ILE A 7 31.72 -24.21 -2.08
N GLN A 8 30.46 -24.27 -1.68
CA GLN A 8 29.84 -23.19 -0.93
C GLN A 8 28.93 -23.79 0.13
N VAL A 9 28.82 -23.10 1.26
CA VAL A 9 28.01 -23.56 2.39
C VAL A 9 27.39 -22.36 3.09
N GLY A 10 26.08 -22.39 3.32
CA GLY A 10 25.46 -21.34 4.10
C GLY A 10 23.95 -21.42 4.19
N ASP A 11 23.43 -21.19 5.39
CA ASP A 11 21.99 -21.13 5.67
C ASP A 11 21.23 -22.36 5.21
N GLY A 12 21.91 -23.49 5.04
CA GLY A 12 21.25 -24.72 4.63
C GLY A 12 21.33 -25.06 3.16
N ILE A 13 22.05 -24.29 2.36
CA ILE A 13 22.26 -24.60 0.95
C ILE A 13 23.75 -24.82 0.72
N ALA A 14 24.08 -25.69 -0.22
CA ALA A 14 25.49 -26.04 -0.42
C ALA A 14 25.67 -26.48 -1.88
N ARG A 15 26.25 -25.60 -2.69
CA ARG A 15 26.61 -25.97 -4.04
C ARG A 15 27.80 -26.91 -4.00
N ALA A 16 27.89 -27.82 -4.98
CA ALA A 16 28.97 -28.79 -5.04
C ALA A 16 29.46 -28.92 -6.48
N HIS A 17 30.72 -29.32 -6.62
CA HIS A 17 31.36 -29.54 -7.91
C HIS A 17 31.65 -31.03 -8.08
N GLY A 18 31.13 -31.62 -9.13
CA GLY A 18 31.24 -33.05 -9.34
C GLY A 18 29.85 -33.65 -9.47
N LEU A 19 29.64 -34.84 -8.90
CA LEU A 19 28.32 -35.46 -8.87
C LEU A 19 27.71 -35.57 -10.27
N ASP A 20 28.51 -36.12 -11.20
CA ASP A 20 28.18 -36.03 -12.62
C ASP A 20 26.86 -36.72 -12.95
N ASN A 21 26.60 -37.88 -12.35
CA ASN A 21 25.44 -38.68 -12.73
C ASN A 21 24.24 -38.45 -11.81
N VAL A 22 24.27 -37.41 -10.97
CA VAL A 22 23.19 -37.20 -10.02
C VAL A 22 21.87 -36.99 -10.75
N MET A 23 20.82 -37.59 -10.21
CA MET A 23 19.46 -37.41 -10.71
C MET A 23 18.75 -36.35 -9.89
N SER A 24 17.81 -35.67 -10.52
CA SER A 24 17.00 -34.70 -9.81
C SER A 24 16.19 -35.39 -8.72
N GLY A 25 16.19 -34.80 -7.53
CA GLY A 25 15.47 -35.35 -6.39
C GLY A 25 16.24 -36.39 -5.60
N GLU A 26 17.44 -36.75 -6.04
CA GLU A 26 18.23 -37.79 -5.40
C GLU A 26 18.75 -37.31 -4.04
N LEU A 27 18.75 -38.21 -3.06
CA LEU A 27 19.36 -37.94 -1.77
C LEU A 27 20.87 -38.09 -1.83
N VAL A 28 21.57 -37.19 -1.15
CA VAL A 28 23.02 -37.25 -1.01
C VAL A 28 23.37 -37.22 0.48
N GLU A 29 24.59 -37.66 0.78
CA GLU A 29 25.06 -37.78 2.15
C GLU A 29 26.41 -37.10 2.29
N PHE A 30 26.58 -36.36 3.39
CA PHE A 30 27.84 -35.72 3.72
C PHE A 30 28.61 -36.56 4.73
N ALA A 31 29.91 -36.29 4.84
CA ALA A 31 30.75 -37.00 5.80
C ALA A 31 30.30 -36.77 7.23
N ASN A 32 29.55 -35.70 7.48
CA ASN A 32 28.94 -35.44 8.78
C ASN A 32 27.81 -36.40 9.10
N GLY A 33 27.43 -37.25 8.15
CA GLY A 33 26.27 -38.10 8.31
C GLY A 33 24.94 -37.41 8.06
N VAL A 34 24.98 -36.17 7.60
CA VAL A 34 23.77 -35.37 7.35
C VAL A 34 23.36 -35.54 5.90
N MET A 35 22.06 -35.79 5.68
CA MET A 35 21.55 -36.04 4.35
C MET A 35 21.22 -34.73 3.63
N GLY A 36 21.12 -34.82 2.31
CA GLY A 36 20.82 -33.66 1.49
C GLY A 36 20.09 -34.06 0.23
N MET A 37 19.29 -33.13 -0.29
CA MET A 37 18.49 -33.35 -1.48
C MET A 37 18.95 -32.43 -2.60
N ALA A 38 19.30 -33.01 -3.75
CA ALA A 38 19.83 -32.26 -4.89
C ALA A 38 18.68 -31.67 -5.73
N LEU A 39 18.24 -30.48 -5.34
CA LEU A 39 17.08 -29.89 -5.98
C LEU A 39 17.37 -29.39 -7.39
N ASN A 40 18.47 -28.68 -7.59
CA ASN A 40 18.72 -28.00 -8.85
C ASN A 40 20.08 -28.39 -9.42
N LEU A 41 20.14 -28.54 -10.74
CA LEU A 41 21.36 -28.85 -11.45
C LEU A 41 21.67 -27.73 -12.43
N GLU A 42 22.80 -27.07 -12.25
CA GLU A 42 23.29 -26.11 -13.22
C GLU A 42 24.26 -26.83 -14.16
N GLU A 43 24.98 -26.08 -14.98
CA GLU A 43 25.84 -26.70 -15.99
C GLU A 43 26.98 -27.47 -15.33
N ASN A 44 27.60 -26.90 -14.30
CA ASN A 44 28.77 -27.51 -13.68
C ASN A 44 28.72 -27.55 -12.15
N ASN A 45 27.58 -27.26 -11.53
CA ASN A 45 27.50 -27.25 -10.07
C ASN A 45 26.09 -27.63 -9.64
N VAL A 46 26.01 -28.63 -8.76
CA VAL A 46 24.73 -29.04 -8.19
C VAL A 46 24.34 -28.10 -7.06
N GLY A 47 23.04 -27.93 -6.84
CA GLY A 47 22.54 -27.14 -5.74
C GLY A 47 21.83 -27.99 -4.71
N ILE A 48 22.43 -28.15 -3.54
CA ILE A 48 22.05 -29.17 -2.58
C ILE A 48 21.39 -28.50 -1.38
N VAL A 49 20.16 -28.90 -1.08
CA VAL A 49 19.49 -28.47 0.15
C VAL A 49 19.82 -29.46 1.26
N ILE A 50 20.20 -28.94 2.42
CA ILE A 50 20.73 -29.75 3.51
C ILE A 50 19.59 -30.16 4.44
N LEU A 51 19.52 -31.45 4.75
CA LEU A 51 18.46 -32.03 5.55
C LEU A 51 18.87 -32.27 7.01
N GLY A 52 19.91 -31.59 7.47
CA GLY A 52 20.34 -31.68 8.85
C GLY A 52 21.03 -30.42 9.31
N PRO A 53 21.54 -30.42 10.55
CA PRO A 53 22.26 -29.23 11.04
C PRO A 53 23.51 -28.97 10.21
N TYR A 54 23.55 -27.80 9.58
CA TYR A 54 24.60 -27.47 8.63
C TYR A 54 25.88 -26.98 9.29
N THR A 55 25.88 -26.80 10.62
CA THR A 55 27.04 -26.25 11.32
C THR A 55 28.30 -27.05 11.06
N GLY A 56 28.17 -28.36 10.83
CA GLY A 56 29.33 -29.22 10.65
C GLY A 56 29.88 -29.31 9.25
N ILE A 57 29.29 -28.64 8.27
CA ILE A 57 29.68 -28.77 6.87
C ILE A 57 30.67 -27.66 6.51
N LYS A 58 31.74 -28.03 5.82
CA LYS A 58 32.77 -27.10 5.40
C LYS A 58 32.99 -27.18 3.90
N GLU A 59 33.60 -26.12 3.37
CA GLU A 59 34.05 -26.14 1.98
C GLU A 59 35.19 -27.14 1.82
N GLY A 60 35.21 -27.80 0.66
CA GLY A 60 36.16 -28.86 0.43
C GLY A 60 35.78 -30.22 0.96
N ASP A 61 34.64 -30.33 1.64
CA ASP A 61 34.14 -31.62 2.10
C ASP A 61 33.61 -32.43 0.92
N GLU A 62 33.76 -33.75 1.01
CA GLU A 62 33.21 -34.62 -0.02
C GLU A 62 31.74 -34.89 0.25
N VAL A 63 30.98 -35.07 -0.84
CA VAL A 63 29.56 -35.40 -0.77
C VAL A 63 29.32 -36.60 -1.69
N ARG A 64 28.53 -37.55 -1.23
CA ARG A 64 28.24 -38.77 -1.97
C ARG A 64 26.75 -38.92 -2.19
N ARG A 65 26.38 -39.52 -3.32
CA ARG A 65 24.99 -39.70 -3.68
C ARG A 65 24.51 -41.10 -3.32
N THR A 66 23.29 -41.17 -2.79
CA THR A 66 22.74 -42.44 -2.32
C THR A 66 22.27 -43.32 -3.46
N GLY A 67 21.78 -42.74 -4.54
CA GLY A 67 21.27 -43.49 -5.68
C GLY A 67 19.77 -43.64 -5.72
N ARG A 68 19.04 -43.05 -4.79
CA ARG A 68 17.60 -43.19 -4.70
C ARG A 68 16.95 -41.82 -4.49
N ILE A 69 15.67 -41.74 -4.88
CA ILE A 69 14.89 -40.52 -4.72
C ILE A 69 14.52 -40.39 -3.24
N MET A 70 14.03 -39.22 -2.83
CA MET A 70 13.62 -38.97 -1.46
C MET A 70 12.59 -40.00 -0.98
N GLU A 71 12.95 -40.78 0.04
CA GLU A 71 12.14 -41.90 0.50
C GLU A 71 11.88 -41.76 2.00
N VAL A 72 10.67 -42.10 2.41
CA VAL A 72 10.26 -42.09 3.81
C VAL A 72 9.94 -43.51 4.24
N PRO A 73 10.55 -44.03 5.30
CA PRO A 73 10.17 -45.37 5.78
C PRO A 73 8.74 -45.39 6.30
N VAL A 74 8.03 -46.47 6.00
CA VAL A 74 6.64 -46.65 6.43
C VAL A 74 6.46 -48.05 7.00
N GLY A 75 5.38 -48.22 7.75
CA GLY A 75 5.05 -49.51 8.32
C GLY A 75 4.04 -49.36 9.44
N GLU A 76 3.76 -50.49 10.09
CA GLU A 76 2.84 -50.50 11.23
C GLU A 76 3.53 -50.21 12.55
N ALA A 77 4.84 -50.38 12.62
CA ALA A 77 5.55 -50.11 13.87
C ALA A 77 5.53 -48.63 14.22
N LEU A 78 5.37 -47.76 13.22
CA LEU A 78 5.34 -46.33 13.49
C LEU A 78 4.17 -45.91 14.36
N ILE A 79 3.16 -46.77 14.52
CA ILE A 79 1.98 -46.39 15.29
C ILE A 79 2.35 -46.27 16.76
N GLY A 80 2.03 -45.13 17.37
CA GLY A 80 2.36 -44.87 18.75
C GLY A 80 3.74 -44.31 18.99
N ARG A 81 4.52 -44.08 17.93
CA ARG A 81 5.89 -43.61 18.05
C ARG A 81 6.01 -42.19 17.49
N VAL A 82 7.02 -41.47 17.95
CA VAL A 82 7.31 -40.11 17.50
C VAL A 82 8.59 -40.13 16.69
N VAL A 83 8.57 -39.47 15.52
CA VAL A 83 9.64 -39.56 14.54
C VAL A 83 9.83 -38.19 13.89
N ASN A 84 10.97 -38.03 13.24
CA ASN A 84 11.26 -36.86 12.41
C ASN A 84 10.51 -36.98 11.08
N PRO A 85 10.59 -35.96 10.22
CA PRO A 85 10.22 -36.20 8.82
C PRO A 85 11.04 -37.30 8.19
N LEU A 86 12.34 -37.35 8.51
CA LEU A 86 13.14 -38.51 8.17
C LEU A 86 12.79 -39.68 9.08
N GLY A 87 13.24 -40.87 8.70
CA GLY A 87 12.98 -42.05 9.51
C GLY A 87 13.88 -42.21 10.71
N GLN A 88 13.96 -41.17 11.55
CA GLN A 88 14.80 -41.19 12.74
C GLN A 88 13.94 -41.06 13.99
N PRO A 89 14.04 -41.99 14.94
CA PRO A 89 13.19 -41.91 16.14
C PRO A 89 13.54 -40.69 16.98
N VAL A 90 12.50 -40.04 17.51
CA VAL A 90 12.68 -38.88 18.37
C VAL A 90 12.39 -39.19 19.84
N ASP A 91 11.58 -40.20 20.13
CA ASP A 91 11.24 -40.59 21.49
C ASP A 91 12.25 -41.56 22.08
N GLY A 92 13.38 -41.79 21.40
CA GLY A 92 14.28 -42.86 21.76
C GLY A 92 13.64 -44.21 21.50
N LEU A 93 13.61 -45.08 22.51
CA LEU A 93 12.88 -46.34 22.46
C LEU A 93 13.27 -47.17 21.24
N GLY A 94 14.56 -47.19 20.92
CA GLY A 94 15.06 -48.02 19.87
C GLY A 94 14.64 -47.57 18.48
N PRO A 95 14.90 -48.40 17.47
CA PRO A 95 14.57 -48.03 16.10
C PRO A 95 13.07 -48.02 15.86
N VAL A 96 12.68 -47.44 14.71
CA VAL A 96 11.28 -47.32 14.35
C VAL A 96 10.68 -48.60 13.81
N GLU A 97 11.49 -49.61 13.49
CA GLU A 97 11.00 -50.94 13.11
C GLU A 97 10.07 -50.89 11.88
N THR A 98 10.28 -49.91 11.00
CA THR A 98 9.44 -49.76 9.81
C THR A 98 9.59 -50.94 8.86
N THR A 99 8.59 -51.11 8.01
CA THR A 99 8.59 -52.20 7.02
C THR A 99 9.38 -51.84 5.77
N GLU A 100 9.02 -50.73 5.12
CA GLU A 100 9.59 -50.42 3.82
C GLU A 100 9.54 -48.90 3.59
N THR A 101 10.17 -48.47 2.51
CA THR A 101 10.31 -47.05 2.19
C THR A 101 9.46 -46.69 0.97
N ARG A 102 8.60 -45.68 1.12
CA ARG A 102 7.82 -45.15 0.01
C ARG A 102 8.46 -43.88 -0.53
N PRO A 103 8.85 -43.83 -1.80
CA PRO A 103 9.24 -42.53 -2.40
C PRO A 103 8.10 -41.54 -2.28
N ILE A 104 8.43 -40.33 -1.86
CA ILE A 104 7.41 -39.33 -1.55
C ILE A 104 7.20 -38.40 -2.74
N GLU A 105 7.79 -38.75 -3.88
CA GLU A 105 7.57 -38.03 -5.13
C GLU A 105 6.56 -38.71 -6.03
N SER A 106 5.61 -39.46 -5.46
CA SER A 106 4.65 -40.24 -6.23
C SER A 106 3.49 -39.37 -6.71
N ARG A 107 2.80 -39.87 -7.73
CA ARG A 107 1.64 -39.19 -8.31
C ARG A 107 0.37 -39.47 -7.50
N ALA A 108 -0.59 -38.57 -7.65
CA ALA A 108 -1.88 -38.67 -6.97
C ALA A 108 -2.77 -39.71 -7.64
N PRO A 109 -3.82 -40.17 -6.95
CA PRO A 109 -4.83 -41.02 -7.61
C PRO A 109 -5.48 -40.29 -8.76
N GLY A 110 -5.42 -40.89 -9.95
CA GLY A 110 -5.82 -40.24 -11.18
C GLY A 110 -7.32 -40.08 -11.30
N VAL A 111 -7.72 -39.55 -12.46
CA VAL A 111 -9.14 -39.39 -12.78
C VAL A 111 -9.80 -40.76 -12.88
N MET A 112 -11.04 -40.84 -12.41
CA MET A 112 -11.89 -42.03 -12.45
C MET A 112 -11.38 -43.16 -11.56
N ASP A 113 -10.33 -42.94 -10.77
CA ASP A 113 -9.86 -43.90 -9.79
C ASP A 113 -10.48 -43.68 -8.42
N ARG A 114 -11.48 -42.81 -8.33
CA ARG A 114 -12.10 -42.44 -7.06
C ARG A 114 -13.56 -42.80 -7.07
N ARG A 115 -14.25 -42.41 -6.00
CA ARG A 115 -15.67 -42.66 -5.87
C ARG A 115 -16.27 -41.52 -5.04
N SER A 116 -17.58 -41.33 -5.21
CA SER A 116 -18.26 -40.28 -4.46
C SER A 116 -18.13 -40.53 -2.96
N VAL A 117 -17.84 -39.47 -2.21
CA VAL A 117 -17.68 -39.57 -0.76
C VAL A 117 -19.06 -39.75 -0.14
N HIS A 118 -19.30 -40.90 0.47
CA HIS A 118 -20.55 -41.18 1.16
C HIS A 118 -20.39 -41.68 2.58
N GLU A 119 -19.21 -42.13 2.97
CA GLU A 119 -19.00 -42.68 4.30
C GLU A 119 -18.96 -41.56 5.34
N PRO A 120 -19.84 -41.57 6.33
CA PRO A 120 -19.87 -40.47 7.31
C PRO A 120 -18.67 -40.49 8.25
N LEU A 121 -18.41 -39.33 8.83
CA LEU A 121 -17.39 -39.17 9.87
C LEU A 121 -17.95 -38.27 10.95
N GLN A 122 -17.84 -38.69 12.21
CA GLN A 122 -18.47 -38.00 13.33
C GLN A 122 -17.40 -37.30 14.16
N THR A 123 -17.50 -35.98 14.27
CA THR A 123 -16.58 -35.25 15.13
C THR A 123 -16.99 -35.31 16.60
N GLY A 124 -18.27 -35.53 16.88
CA GLY A 124 -18.79 -35.46 18.22
C GLY A 124 -19.24 -34.07 18.64
N ILE A 125 -19.12 -33.08 17.77
CA ILE A 125 -19.49 -31.71 18.06
C ILE A 125 -20.80 -31.42 17.34
N LYS A 126 -21.80 -30.95 18.10
CA LYS A 126 -23.13 -30.72 17.54
C LYS A 126 -23.09 -29.74 16.38
N ALA A 127 -22.40 -28.62 16.55
CA ALA A 127 -22.38 -27.59 15.50
C ALA A 127 -21.75 -28.11 14.22
N ILE A 128 -20.62 -28.82 14.31
CA ILE A 128 -19.94 -29.27 13.12
C ILE A 128 -20.71 -30.40 12.44
N ASP A 129 -21.18 -31.37 13.22
CA ASP A 129 -21.92 -32.50 12.65
C ASP A 129 -23.24 -32.04 12.04
N ALA A 130 -23.86 -31.01 12.62
CA ALA A 130 -25.16 -30.56 12.14
C ALA A 130 -25.03 -29.62 10.94
N LEU A 131 -24.10 -28.67 11.01
CA LEU A 131 -24.04 -27.61 10.00
C LEU A 131 -23.01 -27.86 8.91
N VAL A 132 -21.85 -28.40 9.25
CA VAL A 132 -20.78 -28.60 8.28
C VAL A 132 -20.30 -30.04 8.34
N PRO A 133 -21.11 -31.00 7.87
CA PRO A 133 -20.71 -32.41 7.98
C PRO A 133 -19.46 -32.73 7.17
N ILE A 134 -18.66 -33.66 7.68
CA ILE A 134 -17.44 -34.11 7.04
C ILE A 134 -17.60 -35.59 6.68
N GLY A 135 -17.16 -35.95 5.47
CA GLY A 135 -17.14 -37.34 5.05
C GLY A 135 -15.73 -37.87 4.89
N ARG A 136 -15.59 -39.19 4.83
CA ARG A 136 -14.28 -39.80 4.70
C ARG A 136 -13.75 -39.67 3.28
N GLY A 137 -12.45 -39.39 3.16
CA GLY A 137 -11.84 -39.02 1.90
C GLY A 137 -11.87 -37.53 1.60
N GLN A 138 -12.71 -36.77 2.28
CA GLN A 138 -12.81 -35.33 2.08
C GLN A 138 -11.57 -34.61 2.61
N ARG A 139 -11.28 -33.45 2.02
CA ARG A 139 -10.25 -32.53 2.52
C ARG A 139 -10.96 -31.25 2.93
N GLU A 140 -11.06 -31.00 4.23
CA GLU A 140 -11.72 -29.80 4.74
C GLU A 140 -10.74 -28.95 5.53
N LEU A 141 -10.89 -27.63 5.42
CA LEU A 141 -10.02 -26.67 6.09
C LEU A 141 -10.68 -26.14 7.35
N ILE A 142 -9.91 -26.08 8.43
CA ILE A 142 -10.29 -25.34 9.64
C ILE A 142 -9.36 -24.14 9.74
N ILE A 143 -9.93 -22.94 9.78
CA ILE A 143 -9.19 -21.70 9.64
C ILE A 143 -9.72 -20.70 10.66
N GLY A 144 -8.82 -19.87 11.17
CA GLY A 144 -9.23 -18.82 12.09
C GLY A 144 -8.03 -18.11 12.67
N ASP A 145 -8.31 -17.24 13.63
CA ASP A 145 -7.26 -16.53 14.34
C ASP A 145 -6.67 -17.45 15.42
N ARG A 146 -5.47 -17.08 15.88
CA ARG A 146 -4.81 -17.87 16.91
C ARG A 146 -5.58 -17.80 18.23
N GLN A 147 -5.46 -18.87 19.02
CA GLN A 147 -6.14 -19.01 20.30
C GLN A 147 -7.66 -18.93 20.13
N THR A 148 -8.20 -19.83 19.29
CA THR A 148 -9.64 -19.92 19.10
C THR A 148 -10.18 -21.34 19.15
N GLY A 149 -9.36 -22.38 18.94
CA GLY A 149 -9.90 -23.72 18.98
C GLY A 149 -9.53 -24.67 17.85
N LYS A 150 -8.46 -24.40 17.12
CA LYS A 150 -8.04 -25.30 16.05
C LYS A 150 -7.68 -26.69 16.58
N THR A 151 -6.64 -26.76 17.41
CA THR A 151 -6.18 -28.04 17.93
C THR A 151 -7.19 -28.67 18.89
N SER A 152 -8.03 -27.87 19.53
CA SER A 152 -9.08 -28.45 20.34
C SER A 152 -10.04 -29.27 19.49
N VAL A 153 -10.40 -28.78 18.31
CA VAL A 153 -11.31 -29.50 17.44
C VAL A 153 -10.62 -30.69 16.78
N ALA A 154 -9.36 -30.54 16.36
CA ALA A 154 -8.64 -31.66 15.80
C ALA A 154 -8.51 -32.80 16.81
N ILE A 155 -8.14 -32.48 18.05
CA ILE A 155 -7.95 -33.51 19.06
C ILE A 155 -9.30 -34.11 19.48
N ASP A 156 -10.35 -33.29 19.59
CA ASP A 156 -11.66 -33.85 19.88
C ASP A 156 -12.08 -34.83 18.80
N THR A 157 -11.79 -34.51 17.54
CA THR A 157 -12.13 -35.42 16.45
C THR A 157 -11.32 -36.72 16.54
N ILE A 158 -10.02 -36.61 16.78
CA ILE A 158 -9.19 -37.82 16.84
C ILE A 158 -9.60 -38.69 18.02
N ILE A 159 -9.96 -38.09 19.15
CA ILE A 159 -10.33 -38.87 20.32
C ILE A 159 -11.71 -39.49 20.14
N ASN A 160 -12.65 -38.79 19.52
CA ASN A 160 -13.98 -39.35 19.32
C ASN A 160 -13.95 -40.54 18.37
N GLN A 161 -13.02 -40.56 17.42
CA GLN A 161 -12.92 -41.66 16.47
C GLN A 161 -12.16 -42.83 17.06
N LYS A 162 -12.60 -43.31 18.22
CA LYS A 162 -11.89 -44.35 18.97
C LYS A 162 -12.26 -45.76 18.50
N ASP A 163 -13.53 -45.99 18.19
CA ASP A 163 -13.98 -47.33 17.82
C ASP A 163 -13.64 -47.67 16.37
N GLN A 164 -14.17 -46.88 15.44
CA GLN A 164 -14.02 -47.13 14.01
C GLN A 164 -12.55 -47.10 13.61
N ASN A 165 -12.00 -48.25 13.21
CA ASN A 165 -10.57 -48.37 12.95
C ASN A 165 -10.11 -47.36 11.93
N MET A 166 -9.18 -46.50 12.33
CA MET A 166 -8.68 -45.42 11.48
C MET A 166 -7.24 -45.11 11.87
N ILE A 167 -6.30 -45.58 11.06
CA ILE A 167 -4.91 -45.14 11.20
C ILE A 167 -4.88 -43.62 11.11
N SER A 168 -4.43 -42.97 12.18
CA SER A 168 -4.40 -41.51 12.24
C SER A 168 -2.96 -41.02 12.29
N ILE A 169 -2.72 -39.87 11.69
CA ILE A 169 -1.40 -39.23 11.69
C ILE A 169 -1.58 -37.77 12.08
N TYR A 170 -0.68 -37.27 12.92
CA TYR A 170 -0.70 -35.89 13.40
C TYR A 170 0.67 -35.28 13.11
N VAL A 171 0.73 -34.36 12.16
CA VAL A 171 1.97 -33.73 11.76
C VAL A 171 2.10 -32.38 12.47
N ALA A 172 3.21 -32.19 13.18
CA ALA A 172 3.52 -30.94 13.86
C ALA A 172 4.57 -30.19 13.05
N ILE A 173 4.20 -29.01 12.54
CA ILE A 173 5.05 -28.25 11.63
C ILE A 173 5.50 -26.98 12.33
N GLY A 174 6.81 -26.81 12.47
CA GLY A 174 7.35 -25.60 13.11
C GLY A 174 6.79 -25.36 14.48
N GLN A 175 6.68 -26.41 15.29
CA GLN A 175 6.00 -26.31 16.57
C GLN A 175 6.98 -26.08 17.70
N LYS A 176 6.42 -25.72 18.86
CA LYS A 176 7.14 -25.64 20.12
C LYS A 176 6.94 -26.96 20.86
N GLU A 177 8.03 -27.67 21.12
CA GLU A 177 7.94 -29.07 21.53
C GLU A 177 7.26 -29.25 22.88
N SER A 178 7.10 -28.20 23.67
CA SER A 178 6.27 -28.30 24.85
C SER A 178 4.81 -28.58 24.48
N THR A 179 4.34 -27.97 23.38
CA THR A 179 2.98 -28.25 22.91
C THR A 179 2.89 -29.63 22.29
N VAL A 180 3.95 -30.08 21.60
CA VAL A 180 3.99 -31.44 21.09
C VAL A 180 3.87 -32.43 22.25
N ARG A 181 4.63 -32.18 23.33
CA ARG A 181 4.56 -33.04 24.49
C ARG A 181 3.16 -33.04 25.10
N THR A 182 2.54 -31.86 25.22
CA THR A 182 1.20 -31.81 25.79
C THR A 182 0.18 -32.54 24.93
N VAL A 183 0.29 -32.42 23.60
CA VAL A 183 -0.63 -33.13 22.70
C VAL A 183 -0.43 -34.63 22.82
N VAL A 184 0.83 -35.10 22.81
CA VAL A 184 1.10 -36.52 22.95
C VAL A 184 0.54 -37.03 24.27
N GLU A 185 0.71 -36.27 25.35
CA GLU A 185 0.22 -36.70 26.65
C GLU A 185 -1.30 -36.71 26.71
N THR A 186 -1.98 -35.79 26.01
CA THR A 186 -3.43 -35.84 25.97
C THR A 186 -3.92 -37.07 25.18
N LEU A 187 -3.23 -37.38 24.08
CA LEU A 187 -3.58 -38.56 23.31
C LEU A 187 -3.40 -39.83 24.13
N ARG A 188 -2.28 -39.92 24.86
CA ARG A 188 -2.06 -41.08 25.73
C ARG A 188 -3.09 -41.14 26.85
N LYS A 189 -3.41 -39.98 27.44
CA LYS A 189 -4.34 -39.94 28.57
C LYS A 189 -5.73 -40.40 28.16
N HIS A 190 -6.22 -39.97 27.01
CA HIS A 190 -7.56 -40.36 26.58
C HIS A 190 -7.59 -41.67 25.82
N GLY A 191 -6.44 -42.35 25.70
CA GLY A 191 -6.38 -43.65 25.05
C GLY A 191 -6.52 -43.58 23.55
N ALA A 192 -5.70 -42.75 22.91
CA ALA A 192 -5.72 -42.63 21.47
C ALA A 192 -4.35 -42.72 20.83
N LEU A 193 -3.28 -42.88 21.62
CA LEU A 193 -1.94 -42.95 21.05
C LEU A 193 -1.71 -44.27 20.34
N ASP A 194 -2.44 -45.32 20.73
CA ASP A 194 -2.24 -46.64 20.15
C ASP A 194 -2.58 -46.71 18.67
N TYR A 195 -3.33 -45.73 18.14
CA TYR A 195 -3.63 -45.69 16.71
C TYR A 195 -3.23 -44.38 16.04
N THR A 196 -2.24 -43.67 16.56
CA THR A 196 -1.75 -42.44 15.94
C THR A 196 -0.24 -42.52 15.72
N ILE A 197 0.22 -41.84 14.67
CA ILE A 197 1.63 -41.57 14.44
C ILE A 197 1.85 -40.06 14.52
N VAL A 198 2.93 -39.65 15.17
CA VAL A 198 3.26 -38.24 15.32
C VAL A 198 4.60 -37.98 14.63
N VAL A 199 4.58 -37.10 13.62
CA VAL A 199 5.78 -36.61 12.96
C VAL A 199 6.03 -35.19 13.42
N THR A 200 7.26 -34.91 13.85
CA THR A 200 7.58 -33.64 14.51
C THR A 200 8.54 -32.85 13.64
N ALA A 201 8.17 -31.60 13.35
CA ALA A 201 9.06 -30.59 12.84
C ALA A 201 8.99 -29.39 13.77
N SER A 202 10.15 -28.97 14.30
CA SER A 202 10.21 -27.92 15.30
C SER A 202 11.24 -26.88 14.88
N ALA A 203 11.08 -25.67 15.43
CA ALA A 203 11.85 -24.52 14.98
C ALA A 203 13.35 -24.69 15.19
N SER A 204 13.77 -25.45 16.21
CA SER A 204 15.21 -25.70 16.39
C SER A 204 15.79 -26.45 15.20
N GLN A 205 14.99 -27.34 14.58
CA GLN A 205 15.42 -28.13 13.43
C GLN A 205 15.45 -27.26 12.18
N PRO A 206 16.33 -27.58 11.23
CA PRO A 206 16.54 -26.70 10.07
C PRO A 206 15.26 -26.43 9.28
N ALA A 207 15.31 -25.37 8.48
CA ALA A 207 14.14 -24.95 7.70
C ALA A 207 13.66 -26.00 6.70
N PRO A 208 14.52 -26.70 5.95
CA PRO A 208 13.99 -27.68 4.98
C PRO A 208 13.08 -28.74 5.58
N LEU A 209 13.31 -29.15 6.83
CA LEU A 209 12.50 -30.22 7.42
C LEU A 209 11.08 -29.78 7.75
N LEU A 210 10.80 -28.48 7.77
CA LEU A 210 9.41 -28.03 7.90
C LEU A 210 8.67 -28.19 6.58
N PHE A 211 9.36 -27.99 5.46
CA PHE A 211 8.75 -28.19 4.14
C PHE A 211 8.49 -29.66 3.85
N LEU A 212 9.36 -30.55 4.36
CA LEU A 212 9.18 -31.98 4.11
C LEU A 212 8.16 -32.65 5.02
N ALA A 213 7.76 -32.00 6.12
CA ALA A 213 6.96 -32.69 7.12
C ALA A 213 5.59 -33.14 6.62
N PRO A 214 4.76 -32.28 6.01
CA PRO A 214 3.45 -32.78 5.57
C PRO A 214 3.55 -33.76 4.41
N TYR A 215 4.58 -33.63 3.58
CA TYR A 215 4.84 -34.62 2.54
C TYR A 215 5.12 -35.98 3.15
N ALA A 216 5.96 -36.03 4.20
CA ALA A 216 6.26 -37.29 4.86
C ALA A 216 5.02 -37.86 5.54
N GLY A 217 4.21 -36.99 6.16
CA GLY A 217 2.97 -37.47 6.78
C GLY A 217 2.03 -38.11 5.77
N VAL A 218 1.80 -37.45 4.65
CA VAL A 218 0.88 -38.01 3.65
C VAL A 218 1.49 -39.25 3.01
N ALA A 219 2.81 -39.29 2.85
CA ALA A 219 3.46 -40.47 2.30
C ALA A 219 3.33 -41.67 3.24
N MET A 220 3.39 -41.42 4.54
CA MET A 220 3.12 -42.49 5.51
C MET A 220 1.68 -42.96 5.43
N GLY A 221 0.74 -42.00 5.36
CA GLY A 221 -0.66 -42.38 5.31
C GLY A 221 -1.04 -43.16 4.07
N GLU A 222 -0.42 -42.84 2.93
CA GLU A 222 -0.88 -43.45 1.69
C GLU A 222 -0.50 -44.92 1.56
N TYR A 223 0.47 -45.40 2.35
CA TYR A 223 0.73 -46.83 2.42
C TYR A 223 -0.50 -47.57 2.95
N PHE A 224 -1.06 -47.09 4.05
CA PHE A 224 -2.26 -47.71 4.60
C PHE A 224 -3.48 -47.46 3.71
N MET A 225 -3.52 -46.33 3.00
CA MET A 225 -4.63 -46.12 2.07
C MET A 225 -4.55 -47.06 0.88
N TYR A 226 -3.34 -47.31 0.36
CA TYR A 226 -3.19 -48.25 -0.74
C TYR A 226 -3.51 -49.68 -0.32
N LYS A 227 -3.21 -50.04 0.92
CA LYS A 227 -3.54 -51.40 1.37
C LYS A 227 -5.01 -51.56 1.74
N GLY A 228 -5.74 -50.48 1.99
CA GLY A 228 -7.19 -50.55 2.11
C GLY A 228 -7.81 -49.98 3.37
N LYS A 229 -6.99 -49.41 4.25
CA LYS A 229 -7.48 -48.86 5.51
C LYS A 229 -8.13 -47.48 5.31
N HIS A 230 -8.98 -47.11 6.27
CA HIS A 230 -9.37 -45.72 6.44
C HIS A 230 -8.30 -44.99 7.23
N VAL A 231 -7.90 -43.81 6.74
CA VAL A 231 -6.77 -43.07 7.28
C VAL A 231 -7.19 -41.63 7.52
N LEU A 232 -6.48 -40.97 8.43
CA LEU A 232 -6.66 -39.54 8.69
C LEU A 232 -5.31 -38.89 8.90
N VAL A 233 -5.09 -37.74 8.28
CA VAL A 233 -3.85 -36.96 8.44
C VAL A 233 -4.23 -35.53 8.80
N VAL A 234 -3.57 -34.98 9.83
CA VAL A 234 -3.83 -33.62 10.30
C VAL A 234 -2.57 -32.78 10.14
N TYR A 235 -2.72 -31.58 9.57
CA TYR A 235 -1.68 -30.57 9.51
C TYR A 235 -2.20 -29.35 10.28
N ASP A 236 -1.67 -29.14 11.49
CA ASP A 236 -2.19 -28.08 12.35
C ASP A 236 -1.73 -26.68 11.95
N ASP A 237 -0.67 -26.56 11.15
CA ASP A 237 -0.33 -25.28 10.56
C ASP A 237 0.39 -25.45 9.24
N LEU A 238 -0.35 -25.36 8.13
CA LEU A 238 0.29 -25.32 6.82
C LEU A 238 0.92 -23.96 6.54
N SER A 239 0.51 -22.92 7.26
CA SER A 239 1.08 -21.59 7.08
C SER A 239 2.57 -21.57 7.33
N LYS A 240 3.05 -22.38 8.27
CA LYS A 240 4.48 -22.41 8.58
C LYS A 240 5.27 -23.21 7.55
N GLN A 241 4.63 -24.08 6.78
CA GLN A 241 5.31 -24.70 5.64
C GLN A 241 5.51 -23.69 4.52
N ALA A 242 4.51 -22.84 4.31
CA ALA A 242 4.63 -21.76 3.32
C ALA A 242 5.83 -20.88 3.63
N ALA A 243 5.97 -20.46 4.89
CA ALA A 243 7.09 -19.62 5.29
C ALA A 243 8.42 -20.35 5.08
N ALA A 244 8.47 -21.64 5.40
CA ALA A 244 9.69 -22.39 5.21
C ALA A 244 10.09 -22.45 3.73
N TYR A 245 9.12 -22.65 2.84
CA TYR A 245 9.44 -22.64 1.43
C TYR A 245 9.83 -21.24 0.95
N ARG A 246 9.20 -20.21 1.51
CA ARG A 246 9.58 -18.83 1.19
C ARG A 246 11.04 -18.58 1.56
N GLU A 247 11.45 -19.04 2.75
CA GLU A 247 12.85 -18.97 3.13
C GLU A 247 13.73 -19.71 2.14
N LEU A 248 13.35 -20.94 1.79
CA LEU A 248 14.20 -21.78 0.95
C LEU A 248 14.36 -21.16 -0.45
N SER A 249 13.30 -20.54 -0.97
CA SER A 249 13.37 -19.95 -2.30
C SER A 249 14.27 -18.73 -2.31
N LEU A 250 14.11 -17.84 -1.33
CA LEU A 250 14.88 -16.59 -1.30
C LEU A 250 16.37 -16.86 -1.15
N LEU A 251 16.73 -17.87 -0.36
CA LEU A 251 18.13 -18.22 -0.22
C LEU A 251 18.73 -18.73 -1.52
N LEU A 252 17.89 -19.18 -2.45
CA LEU A 252 18.32 -19.55 -3.79
C LEU A 252 18.16 -18.41 -4.78
N ARG A 253 17.82 -17.21 -4.30
CA ARG A 253 17.71 -16.01 -5.12
C ARG A 253 16.64 -16.17 -6.20
N ARG A 254 15.39 -16.21 -5.77
CA ARG A 254 14.26 -16.34 -6.66
C ARG A 254 13.23 -15.23 -6.42
N PRO A 255 12.73 -14.59 -7.48
CA PRO A 255 11.90 -13.40 -7.28
C PRO A 255 10.62 -13.72 -6.58
N PRO A 256 10.07 -12.77 -5.81
CA PRO A 256 8.81 -13.00 -5.09
C PRO A 256 7.57 -12.76 -5.94
N GLY A 257 6.42 -12.80 -5.29
CA GLY A 257 5.14 -12.53 -5.93
C GLY A 257 4.29 -11.73 -4.98
N ARG A 258 2.97 -11.94 -5.04
CA ARG A 258 2.08 -11.18 -4.16
C ARG A 258 2.40 -11.48 -2.70
N GLU A 259 2.21 -10.46 -1.85
CA GLU A 259 2.80 -10.43 -0.50
C GLU A 259 4.31 -10.59 -0.75
N ALA A 260 4.98 -11.56 -0.15
CA ALA A 260 6.35 -11.87 -0.52
C ALA A 260 6.53 -13.29 -1.03
N TYR A 261 5.47 -14.08 -1.08
CA TYR A 261 5.57 -15.49 -1.43
C TYR A 261 5.89 -15.66 -2.91
N PRO A 262 6.64 -16.69 -3.28
CA PRO A 262 6.84 -16.99 -4.70
C PRO A 262 5.58 -17.54 -5.34
N GLY A 263 5.64 -17.72 -6.66
CA GLY A 263 4.50 -18.22 -7.41
C GLY A 263 4.19 -19.69 -7.19
N ASP A 264 5.17 -20.48 -6.73
CA ASP A 264 4.99 -21.92 -6.57
C ASP A 264 4.17 -22.29 -5.35
N ILE A 265 3.61 -21.32 -4.64
CA ILE A 265 2.88 -21.63 -3.40
C ILE A 265 1.65 -22.48 -3.70
N PHE A 266 0.92 -22.13 -4.76
CA PHE A 266 -0.22 -22.95 -5.16
C PHE A 266 0.21 -24.35 -5.56
N TYR A 267 1.28 -24.46 -6.35
CA TYR A 267 1.73 -25.77 -6.80
C TYR A 267 2.12 -26.66 -5.64
N LEU A 268 2.83 -26.10 -4.65
CA LEU A 268 3.30 -26.90 -3.53
C LEU A 268 2.12 -27.50 -2.75
N HIS A 269 1.14 -26.66 -2.40
CA HIS A 269 0.04 -27.15 -1.57
C HIS A 269 -0.89 -28.06 -2.37
N SER A 270 -1.09 -27.78 -3.66
CA SER A 270 -1.91 -28.66 -4.48
C SER A 270 -1.22 -30.01 -4.69
N ARG A 271 0.09 -30.01 -4.92
CA ARG A 271 0.84 -31.25 -5.03
C ARG A 271 0.73 -32.06 -3.74
N LEU A 272 0.79 -31.37 -2.60
CA LEU A 272 0.58 -32.04 -1.32
C LEU A 272 -0.84 -32.61 -1.20
N LEU A 273 -1.84 -31.74 -1.27
CA LEU A 273 -3.20 -32.09 -0.84
C LEU A 273 -3.96 -32.93 -1.87
N GLU A 274 -3.48 -33.04 -3.10
CA GLU A 274 -4.18 -33.86 -4.09
C GLU A 274 -4.07 -35.35 -3.81
N ARG A 275 -3.12 -35.76 -2.95
CA ARG A 275 -2.93 -37.18 -2.65
C ARG A 275 -4.00 -37.74 -1.72
N ALA A 276 -4.86 -36.91 -1.16
CA ALA A 276 -6.00 -37.40 -0.38
C ALA A 276 -7.14 -37.77 -1.32
N ALA A 277 -7.73 -38.94 -1.10
CA ALA A 277 -8.78 -39.43 -1.99
C ALA A 277 -9.57 -40.54 -1.31
N LYS A 278 -10.69 -40.90 -1.91
CA LYS A 278 -11.45 -42.11 -1.58
C LYS A 278 -11.30 -43.03 -2.78
N LEU A 279 -10.42 -44.02 -2.67
CA LEU A 279 -10.12 -44.85 -3.82
C LEU A 279 -11.33 -45.66 -4.25
N SER A 280 -11.32 -46.07 -5.52
CA SER A 280 -12.41 -46.82 -6.10
C SER A 280 -12.40 -48.27 -5.63
N ASP A 281 -13.52 -48.95 -5.85
CA ASP A 281 -13.64 -50.35 -5.47
C ASP A 281 -12.65 -51.23 -6.23
N ALA A 282 -12.29 -50.83 -7.45
CA ALA A 282 -11.28 -51.59 -8.19
C ALA A 282 -9.89 -51.40 -7.61
N LYS A 283 -9.66 -50.30 -6.89
CA LYS A 283 -8.36 -50.02 -6.29
C LYS A 283 -8.22 -50.59 -4.89
N GLY A 284 -9.32 -50.76 -4.17
CA GLY A 284 -9.28 -51.34 -2.84
C GLY A 284 -10.24 -50.69 -1.86
N GLY A 285 -10.60 -49.43 -2.09
CA GLY A 285 -11.57 -48.75 -1.27
C GLY A 285 -11.03 -47.93 -0.12
N GLY A 286 -9.72 -47.67 -0.10
CA GLY A 286 -9.16 -46.86 0.96
C GLY A 286 -9.72 -45.44 0.96
N SER A 287 -9.59 -44.78 2.11
CA SER A 287 -10.15 -43.43 2.26
C SER A 287 -9.23 -42.63 3.18
N LEU A 288 -8.32 -41.86 2.58
CA LEU A 288 -7.49 -40.92 3.32
C LEU A 288 -8.13 -39.54 3.32
N THR A 289 -8.43 -39.02 4.50
CA THR A 289 -8.99 -37.67 4.64
C THR A 289 -7.99 -36.76 5.36
N ALA A 290 -7.77 -35.58 4.79
CA ALA A 290 -6.82 -34.62 5.34
C ALA A 290 -7.55 -33.44 5.99
N LEU A 291 -6.99 -32.94 7.09
CA LEU A 291 -7.52 -31.78 7.80
C LEU A 291 -6.41 -30.77 8.02
N PRO A 292 -6.08 -29.97 7.00
CA PRO A 292 -5.07 -28.93 7.18
C PRO A 292 -5.59 -27.76 7.98
N PHE A 293 -4.66 -26.93 8.44
CA PHE A 293 -4.99 -25.71 9.15
C PHE A 293 -4.12 -24.58 8.62
N VAL A 294 -4.67 -23.36 8.64
CA VAL A 294 -3.90 -22.15 8.40
C VAL A 294 -4.37 -21.08 9.38
N GLU A 295 -3.43 -20.24 9.82
CA GLU A 295 -3.74 -19.12 10.68
C GLU A 295 -3.74 -17.84 9.84
N THR A 296 -4.80 -17.06 9.97
CA THR A 296 -4.95 -15.80 9.26
C THR A 296 -4.81 -14.64 10.24
N GLN A 297 -3.91 -13.71 9.94
CA GLN A 297 -3.73 -12.54 10.80
C GLN A 297 -4.98 -11.69 10.81
N ALA A 298 -5.36 -11.24 12.01
CA ALA A 298 -6.51 -10.36 12.23
C ALA A 298 -7.84 -11.02 11.82
N GLY A 299 -7.84 -12.33 11.63
CA GLY A 299 -9.04 -13.03 11.23
C GLY A 299 -9.54 -12.58 9.87
N ASP A 300 -8.67 -12.64 8.87
CA ASP A 300 -8.98 -12.14 7.53
C ASP A 300 -9.04 -13.31 6.56
N ILE A 301 -10.21 -13.52 5.98
CA ILE A 301 -10.41 -14.60 5.01
C ILE A 301 -9.77 -14.26 3.68
N SER A 302 -9.64 -12.97 3.37
CA SER A 302 -9.26 -12.50 2.03
C SER A 302 -7.78 -12.17 2.02
N ALA A 303 -6.95 -13.20 1.78
CA ALA A 303 -5.52 -13.02 1.69
C ALA A 303 -4.95 -14.07 0.76
N TYR A 304 -3.67 -13.93 0.44
CA TYR A 304 -3.06 -14.80 -0.55
C TYR A 304 -3.10 -16.26 -0.11
N ILE A 305 -2.39 -16.59 0.98
CA ILE A 305 -2.33 -17.98 1.43
C ILE A 305 -3.69 -18.52 1.88
N PRO A 306 -4.49 -17.79 2.67
CA PRO A 306 -5.82 -18.30 3.02
C PRO A 306 -6.65 -18.74 1.82
N THR A 307 -6.82 -17.86 0.82
CA THR A 307 -7.61 -18.21 -0.34
C THR A 307 -6.92 -19.25 -1.21
N ASN A 308 -5.59 -19.25 -1.23
CA ASN A 308 -4.86 -20.29 -1.95
C ASN A 308 -5.22 -21.67 -1.42
N VAL A 309 -5.16 -21.85 -0.10
CA VAL A 309 -5.49 -23.15 0.45
C VAL A 309 -7.01 -23.40 0.41
N ILE A 310 -7.83 -22.35 0.51
CA ILE A 310 -9.28 -22.53 0.47
C ILE A 310 -9.72 -23.04 -0.89
N SER A 311 -9.05 -22.61 -1.97
CA SER A 311 -9.42 -23.09 -3.29
C SER A 311 -9.08 -24.56 -3.49
N ILE A 312 -8.18 -25.13 -2.68
CA ILE A 312 -7.76 -26.53 -2.86
C ILE A 312 -8.50 -27.50 -1.96
N THR A 313 -9.34 -27.02 -1.05
CA THR A 313 -10.03 -27.87 -0.09
C THR A 313 -11.53 -27.84 -0.32
N ASP A 314 -12.21 -28.86 0.18
CA ASP A 314 -13.62 -29.09 -0.07
C ASP A 314 -14.53 -28.49 1.01
N GLY A 315 -14.03 -27.55 1.80
CA GLY A 315 -14.87 -26.94 2.81
C GLY A 315 -14.16 -25.98 3.76
N GLN A 316 -14.93 -25.16 4.45
CA GLN A 316 -14.40 -24.13 5.35
C GLN A 316 -15.12 -24.21 6.69
N ILE A 317 -14.35 -24.27 7.77
CA ILE A 317 -14.85 -24.02 9.11
C ILE A 317 -14.13 -22.78 9.62
N PHE A 318 -14.87 -21.69 9.85
CA PHE A 318 -14.28 -20.41 10.20
C PHE A 318 -14.43 -20.16 11.69
N LEU A 319 -13.30 -19.93 12.36
CA LEU A 319 -13.27 -19.66 13.79
C LEU A 319 -13.05 -18.16 13.99
N GLN A 320 -14.00 -17.50 14.63
CA GLN A 320 -14.00 -16.05 14.76
C GLN A 320 -13.79 -15.63 16.21
N SER A 321 -12.99 -14.58 16.41
CA SER A 321 -12.48 -14.23 17.74
C SER A 321 -13.57 -13.64 18.64
N ASP A 322 -14.35 -12.69 18.13
CA ASP A 322 -15.31 -12.00 19.00
C ASP A 322 -16.44 -12.92 19.42
N LEU A 323 -16.77 -13.93 18.61
CA LEU A 323 -17.69 -14.97 19.06
C LEU A 323 -17.05 -15.78 20.18
N PHE A 324 -15.75 -16.07 20.06
CA PHE A 324 -15.03 -16.79 21.09
C PHE A 324 -15.08 -16.05 22.43
N PHE A 325 -14.80 -14.74 22.42
CA PHE A 325 -14.82 -13.98 23.65
C PHE A 325 -16.23 -13.62 24.11
N SER A 326 -17.22 -13.70 23.23
CA SER A 326 -18.61 -13.53 23.65
C SER A 326 -19.13 -14.74 24.41
N GLY A 327 -18.39 -15.84 24.44
CA GLY A 327 -18.79 -17.03 25.15
C GLY A 327 -19.37 -18.14 24.29
N VAL A 328 -19.55 -17.91 22.99
CA VAL A 328 -20.09 -18.92 22.10
C VAL A 328 -18.93 -19.82 21.67
N ARG A 329 -18.83 -21.00 22.27
CA ARG A 329 -17.78 -21.95 21.92
C ARG A 329 -18.40 -23.30 21.62
N PRO A 330 -17.92 -24.00 20.58
CA PRO A 330 -16.87 -23.57 19.64
C PRO A 330 -17.36 -22.47 18.71
N ALA A 331 -16.54 -21.45 18.47
CA ALA A 331 -16.96 -20.29 17.70
C ALA A 331 -16.84 -20.60 16.22
N ILE A 332 -17.98 -20.76 15.55
CA ILE A 332 -18.02 -20.99 14.10
C ILE A 332 -18.97 -19.97 13.48
N ASN A 333 -18.49 -19.28 12.45
CA ASN A 333 -19.32 -18.32 11.73
C ASN A 333 -20.12 -19.08 10.69
N ALA A 334 -21.45 -19.09 10.85
CA ALA A 334 -22.31 -19.82 9.92
C ALA A 334 -22.09 -19.36 8.49
N GLY A 335 -22.08 -18.04 8.27
CA GLY A 335 -21.96 -17.47 6.94
C GLY A 335 -20.79 -17.95 6.10
N LEU A 336 -19.58 -17.88 6.64
CA LEU A 336 -18.38 -18.23 5.89
C LEU A 336 -18.04 -19.71 5.97
N SER A 337 -18.86 -20.51 6.66
CA SER A 337 -18.58 -21.93 6.88
C SER A 337 -19.55 -22.78 6.07
N VAL A 338 -19.01 -23.63 5.20
CA VAL A 338 -19.83 -24.53 4.39
C VAL A 338 -18.94 -25.65 3.88
N SER A 339 -19.55 -26.79 3.56
CA SER A 339 -18.84 -27.96 3.04
C SER A 339 -19.37 -28.30 1.67
N ARG A 340 -18.46 -28.67 0.77
CA ARG A 340 -18.80 -28.93 -0.61
C ARG A 340 -19.11 -30.39 -0.89
N VAL A 341 -19.09 -31.24 0.13
CA VAL A 341 -19.53 -32.62 0.02
C VAL A 341 -20.74 -32.86 0.93
N GLY A 342 -21.39 -31.78 1.36
CA GLY A 342 -22.50 -31.92 2.29
C GLY A 342 -23.66 -32.66 1.68
N GLY A 343 -24.43 -33.32 2.54
CA GLY A 343 -25.59 -34.08 2.11
C GLY A 343 -25.33 -35.58 2.03
N ALA A 344 -24.16 -35.95 1.51
CA ALA A 344 -23.79 -37.36 1.47
C ALA A 344 -23.21 -37.82 2.79
N ALA A 345 -22.44 -36.95 3.46
CA ALA A 345 -21.74 -37.33 4.69
C ALA A 345 -22.68 -37.50 5.88
N GLN A 346 -23.89 -36.96 5.83
CA GLN A 346 -24.83 -37.10 6.93
C GLN A 346 -25.67 -38.36 6.76
N ILE A 347 -25.94 -39.04 7.88
CA ILE A 347 -26.89 -40.13 7.84
C ILE A 347 -28.29 -39.58 7.58
N LYS A 348 -29.15 -40.41 6.99
CA LYS A 348 -30.42 -39.92 6.47
C LYS A 348 -31.29 -39.27 7.55
N ALA A 349 -31.22 -39.78 8.79
CA ALA A 349 -31.98 -39.19 9.87
C ALA A 349 -31.56 -37.75 10.12
N MET A 350 -30.26 -37.48 10.10
CA MET A 350 -29.78 -36.12 10.31
C MET A 350 -30.26 -35.19 9.20
N LYS A 351 -30.24 -35.66 7.95
CA LYS A 351 -30.72 -34.86 6.83
C LYS A 351 -32.20 -34.54 6.97
N LYS A 352 -33.01 -35.54 7.33
CA LYS A 352 -34.43 -35.28 7.54
C LYS A 352 -34.66 -34.35 8.71
N VAL A 353 -33.79 -34.38 9.71
CA VAL A 353 -33.98 -33.54 10.90
C VAL A 353 -33.60 -32.10 10.61
N ALA A 354 -32.39 -31.87 10.12
CA ALA A 354 -31.90 -30.53 9.86
C ALA A 354 -31.08 -30.51 8.58
N GLY A 355 -31.58 -29.82 7.57
CA GLY A 355 -30.86 -29.62 6.33
C GLY A 355 -30.84 -28.17 5.90
N THR A 356 -31.71 -27.37 6.51
CA THR A 356 -31.80 -25.94 6.24
C THR A 356 -31.17 -25.09 7.33
N LEU A 357 -30.52 -25.71 8.32
CA LEU A 357 -30.14 -24.98 9.53
C LEU A 357 -29.10 -23.91 9.24
N ARG A 358 -28.11 -24.22 8.40
CA ARG A 358 -27.01 -23.28 8.16
C ARG A 358 -27.49 -22.01 7.48
N LEU A 359 -28.31 -22.15 6.43
CA LEU A 359 -28.84 -20.98 5.74
C LEU A 359 -29.70 -20.13 6.67
N ASP A 360 -30.52 -20.78 7.49
CA ASP A 360 -31.37 -20.03 8.41
C ASP A 360 -30.56 -19.34 9.49
N LEU A 361 -29.41 -19.91 9.87
CA LEU A 361 -28.56 -19.26 10.85
C LEU A 361 -27.84 -18.06 10.25
N ALA A 362 -27.41 -18.16 8.99
CA ALA A 362 -26.84 -16.99 8.33
C ALA A 362 -27.87 -15.89 8.15
N ALA A 363 -29.13 -16.27 7.89
CA ALA A 363 -30.20 -15.29 7.83
C ALA A 363 -30.43 -14.64 9.18
N TYR A 364 -30.34 -15.42 10.27
CA TYR A 364 -30.44 -14.86 11.61
C TYR A 364 -29.32 -13.87 11.87
N ARG A 365 -28.10 -14.18 11.41
CA ARG A 365 -26.97 -13.28 11.62
C ARG A 365 -27.19 -11.95 10.91
N GLU A 366 -27.59 -12.01 9.63
CA GLU A 366 -27.79 -10.77 8.90
C GLU A 366 -28.97 -9.98 9.44
N LEU A 367 -30.01 -10.68 9.91
CA LEU A 367 -31.12 -9.97 10.54
C LEU A 367 -30.72 -9.36 11.87
N GLU A 368 -29.80 -10.00 12.61
CA GLU A 368 -29.27 -9.38 13.82
C GLU A 368 -28.54 -8.09 13.48
N ALA A 369 -27.77 -8.10 12.39
CA ALA A 369 -27.12 -6.85 11.96
C ALA A 369 -28.16 -5.77 11.62
N PHE A 370 -29.20 -6.14 10.87
CA PHE A 370 -30.23 -5.16 10.52
C PHE A 370 -30.93 -4.63 11.75
N ALA A 371 -31.16 -5.49 12.75
CA ALA A 371 -31.73 -5.02 14.00
C ALA A 371 -30.77 -4.13 14.77
N GLN A 372 -29.47 -4.39 14.65
CA GLN A 372 -28.47 -3.53 15.28
C GLN A 372 -28.56 -2.11 14.73
N PHE A 373 -28.76 -1.98 13.43
CA PHE A 373 -28.89 -0.62 12.88
C PHE A 373 -30.25 0.00 13.20
N GLY A 374 -31.33 -0.76 13.10
CA GLY A 374 -32.67 -0.23 13.30
C GLY A 374 -33.06 -0.14 14.76
N SER A 375 -34.34 0.18 14.97
CA SER A 375 -34.89 0.32 16.32
C SER A 375 -35.66 -0.92 16.75
N ASP A 376 -36.71 -1.29 16.00
CA ASP A 376 -37.59 -2.39 16.38
C ASP A 376 -38.18 -3.01 15.12
N LEU A 377 -38.72 -4.22 15.28
CA LEU A 377 -39.16 -5.04 14.14
C LEU A 377 -40.56 -5.59 14.37
N ASP A 378 -41.15 -6.08 13.29
CA ASP A 378 -42.52 -6.61 13.29
C ASP A 378 -42.55 -8.01 13.89
N LYS A 379 -43.76 -8.45 14.26
CA LYS A 379 -43.97 -9.66 15.06
C LYS A 379 -43.29 -10.91 14.50
N ALA A 380 -43.50 -11.21 13.23
CA ALA A 380 -42.90 -12.41 12.65
C ALA A 380 -41.38 -12.31 12.61
N THR A 381 -40.84 -11.11 12.39
CA THR A 381 -39.40 -10.92 12.50
C THR A 381 -38.93 -11.16 13.93
N GLN A 382 -39.73 -10.77 14.92
CA GLN A 382 -39.41 -11.07 16.31
C GLN A 382 -39.34 -12.57 16.53
N ALA A 383 -40.30 -13.31 15.99
CA ALA A 383 -40.30 -14.76 16.13
C ALA A 383 -39.08 -15.38 15.47
N LYS A 384 -38.73 -14.91 14.27
CA LYS A 384 -37.56 -15.43 13.58
C LYS A 384 -36.29 -15.16 14.38
N LEU A 385 -36.15 -13.95 14.93
CA LEU A 385 -35.00 -13.63 15.76
C LEU A 385 -34.96 -14.51 17.01
N ALA A 386 -36.12 -14.74 17.62
CA ALA A 386 -36.19 -15.58 18.81
C ALA A 386 -35.69 -16.99 18.52
N ARG A 387 -36.15 -17.59 17.42
CA ARG A 387 -35.71 -18.94 17.08
C ARG A 387 -34.24 -18.98 16.68
N GLY A 388 -33.76 -17.97 15.96
CA GLY A 388 -32.37 -17.95 15.57
C GLY A 388 -31.45 -17.80 16.78
N ALA A 389 -31.91 -17.10 17.81
CA ALA A 389 -31.14 -17.02 19.04
C ALA A 389 -31.02 -18.41 19.68
N ARG A 390 -32.10 -19.17 19.71
CA ARG A 390 -32.08 -20.50 20.32
C ARG A 390 -31.17 -21.44 19.55
N THR A 391 -31.11 -21.30 18.22
CA THR A 391 -30.25 -22.18 17.44
C THR A 391 -28.80 -22.11 17.91
N VAL A 392 -28.35 -20.96 18.39
CA VAL A 392 -26.97 -20.82 18.84
C VAL A 392 -26.72 -21.59 20.14
N GLU A 393 -27.67 -21.55 21.07
CA GLU A 393 -27.51 -22.26 22.34
C GLU A 393 -27.40 -23.76 22.12
N VAL A 394 -28.28 -24.32 21.29
CA VAL A 394 -28.30 -25.75 21.03
C VAL A 394 -27.02 -26.25 20.38
N LEU A 395 -26.17 -25.34 19.92
CA LEU A 395 -24.88 -25.72 19.36
C LEU A 395 -23.71 -25.38 20.26
N LYS A 396 -23.97 -24.89 21.48
CA LYS A 396 -22.90 -24.70 22.44
C LYS A 396 -22.47 -26.04 23.03
N GLN A 397 -21.16 -26.19 23.24
CA GLN A 397 -20.62 -27.43 23.77
C GLN A 397 -19.34 -27.15 24.54
N ASP A 398 -19.13 -27.91 25.60
CA ASP A 398 -17.96 -27.77 26.46
C ASP A 398 -16.84 -28.72 26.02
N LEU A 399 -15.62 -28.33 26.33
CA LEU A 399 -14.43 -29.02 25.81
C LEU A 399 -14.34 -30.45 26.31
N HIS A 400 -13.81 -31.32 25.46
CA HIS A 400 -13.47 -32.71 25.79
C HIS A 400 -14.67 -33.49 26.32
N GLN A 401 -15.87 -33.21 25.79
CA GLN A 401 -17.08 -33.96 26.12
C GLN A 401 -17.75 -34.41 24.83
N PRO A 402 -17.22 -35.45 24.17
CA PRO A 402 -17.78 -35.88 22.89
C PRO A 402 -19.17 -36.49 23.03
N ILE A 403 -19.93 -36.43 21.95
CA ILE A 403 -21.29 -36.94 21.90
C ILE A 403 -21.42 -37.86 20.69
N PRO A 404 -22.14 -38.98 20.80
CA PRO A 404 -22.43 -39.81 19.62
C PRO A 404 -23.47 -39.15 18.73
N VAL A 405 -23.51 -39.64 17.48
CA VAL A 405 -24.35 -39.03 16.45
C VAL A 405 -25.84 -39.19 16.79
N GLU A 406 -26.22 -40.31 17.39
CA GLU A 406 -27.64 -40.58 17.63
C GLU A 406 -28.25 -39.55 18.59
N LYS A 407 -27.50 -39.10 19.59
CA LYS A 407 -28.06 -38.20 20.58
C LYS A 407 -28.36 -36.82 19.99
N GLN A 408 -27.56 -36.40 19.02
CA GLN A 408 -27.71 -35.06 18.45
C GLN A 408 -29.09 -34.88 17.84
N VAL A 409 -29.53 -35.87 17.03
CA VAL A 409 -30.74 -35.71 16.24
C VAL A 409 -31.96 -35.49 17.12
N LEU A 410 -31.95 -36.01 18.34
CA LEU A 410 -33.09 -35.79 19.24
C LEU A 410 -33.26 -34.31 19.54
N ILE A 411 -32.19 -33.66 20.00
CA ILE A 411 -32.30 -32.25 20.35
C ILE A 411 -32.48 -31.38 19.11
N ILE A 412 -31.85 -31.77 18.00
CA ILE A 412 -32.01 -30.97 16.78
C ILE A 412 -33.44 -31.06 16.26
N TYR A 413 -34.05 -32.25 16.33
CA TYR A 413 -35.46 -32.39 15.98
C TYR A 413 -36.34 -31.60 16.92
N ALA A 414 -36.03 -31.61 18.21
CA ALA A 414 -36.81 -30.80 19.15
C ALA A 414 -36.73 -29.33 18.78
N LEU A 415 -35.54 -28.85 18.41
CA LEU A 415 -35.37 -27.46 18.04
C LEU A 415 -36.15 -27.12 16.77
N THR A 416 -35.92 -27.89 15.70
CA THR A 416 -36.47 -27.52 14.40
C THR A 416 -37.98 -27.58 14.37
N ARG A 417 -38.58 -28.51 15.11
CA ARG A 417 -40.03 -28.67 15.11
C ARG A 417 -40.72 -27.76 16.12
N GLY A 418 -39.98 -26.88 16.79
CA GLY A 418 -40.58 -25.88 17.64
C GLY A 418 -40.89 -26.29 19.06
N PHE A 419 -40.29 -27.37 19.57
CA PHE A 419 -40.56 -27.81 20.94
C PHE A 419 -39.86 -26.98 22.00
N LEU A 420 -38.91 -26.11 21.61
CA LEU A 420 -38.25 -25.22 22.56
C LEU A 420 -38.93 -23.87 22.66
N ASP A 421 -40.23 -23.82 22.39
CA ASP A 421 -40.96 -22.54 22.38
C ASP A 421 -41.11 -21.97 23.79
N ASP A 422 -41.53 -22.79 24.74
CA ASP A 422 -41.85 -22.32 26.09
C ASP A 422 -40.64 -22.21 27.00
N ILE A 423 -39.46 -22.59 26.52
CA ILE A 423 -38.24 -22.63 27.32
C ILE A 423 -37.47 -21.33 27.07
N PRO A 424 -37.20 -20.54 28.10
CA PRO A 424 -36.36 -19.35 27.91
C PRO A 424 -34.96 -19.74 27.46
N VAL A 425 -34.31 -18.82 26.75
CA VAL A 425 -32.98 -19.06 26.21
C VAL A 425 -31.99 -19.41 27.32
N GLU A 426 -32.20 -18.88 28.52
CA GLU A 426 -31.30 -19.19 29.63
C GLU A 426 -31.29 -20.67 29.97
N ASP A 427 -32.44 -21.35 29.84
CA ASP A 427 -32.60 -22.73 30.29
C ASP A 427 -32.37 -23.75 29.18
N VAL A 428 -31.98 -23.34 27.98
CA VAL A 428 -31.85 -24.28 26.88
C VAL A 428 -30.75 -25.30 27.17
N ARG A 429 -29.60 -24.84 27.68
CA ARG A 429 -28.50 -25.77 27.93
C ARG A 429 -28.86 -26.80 29.01
N ARG A 430 -29.57 -26.37 30.05
CA ARG A 430 -30.05 -27.32 31.05
C ARG A 430 -31.07 -28.28 30.45
N PHE A 431 -31.96 -27.75 29.60
CA PHE A 431 -32.93 -28.58 28.91
C PHE A 431 -32.25 -29.69 28.12
N GLU A 432 -31.14 -29.37 27.45
CA GLU A 432 -30.45 -30.37 26.64
C GLU A 432 -30.00 -31.57 27.48
N LYS A 433 -29.29 -31.32 28.58
CA LYS A 433 -28.77 -32.42 29.39
C LYS A 433 -29.91 -33.19 30.07
N GLU A 434 -30.92 -32.47 30.58
CA GLU A 434 -32.05 -33.16 31.19
C GLU A 434 -32.77 -34.05 30.16
N PHE A 435 -32.90 -33.55 28.93
CA PHE A 435 -33.50 -34.34 27.86
C PHE A 435 -32.65 -35.57 27.55
N TYR A 436 -31.33 -35.40 27.53
CA TYR A 436 -30.45 -36.54 27.33
C TYR A 436 -30.70 -37.62 28.38
N LEU A 437 -30.74 -37.22 29.65
CA LEU A 437 -30.94 -38.20 30.72
C LEU A 437 -32.31 -38.84 30.65
N PHE A 438 -33.35 -38.03 30.39
CA PHE A 438 -34.71 -38.56 30.32
C PHE A 438 -34.84 -39.59 29.21
N LEU A 439 -34.29 -39.30 28.03
CA LEU A 439 -34.35 -40.27 26.95
C LEU A 439 -33.49 -41.49 27.25
N ASP A 440 -32.38 -41.31 27.97
CA ASP A 440 -31.55 -42.46 28.34
C ASP A 440 -32.29 -43.40 29.27
N GLN A 441 -33.08 -42.87 30.20
CA GLN A 441 -33.69 -43.71 31.21
C GLN A 441 -35.14 -44.06 30.93
N ASN A 442 -35.82 -43.30 30.06
CA ASN A 442 -37.23 -43.58 29.75
C ASN A 442 -37.41 -43.97 28.28
N GLY A 443 -36.94 -43.16 27.34
CA GLY A 443 -37.20 -43.40 25.93
C GLY A 443 -36.07 -44.08 25.17
N GLN A 444 -35.61 -45.24 25.66
CA GLN A 444 -34.49 -45.91 25.02
C GLN A 444 -34.86 -46.45 23.63
N HIS A 445 -36.10 -46.93 23.47
CA HIS A 445 -36.47 -47.64 22.25
C HIS A 445 -36.36 -46.76 21.01
N LEU A 446 -36.67 -45.47 21.11
CA LEU A 446 -36.51 -44.58 19.97
C LEU A 446 -35.06 -44.50 19.54
N LEU A 447 -34.16 -44.31 20.51
CA LEU A 447 -32.74 -44.29 20.20
C LEU A 447 -32.28 -45.62 19.64
N GLU A 448 -32.87 -46.73 20.10
CA GLU A 448 -32.52 -48.03 19.56
C GLU A 448 -32.92 -48.13 18.08
N HIS A 449 -34.12 -47.67 17.76
CA HIS A 449 -34.56 -47.67 16.37
C HIS A 449 -33.64 -46.81 15.51
N ILE A 450 -33.24 -45.65 16.03
CA ILE A 450 -32.33 -44.77 15.30
C ILE A 450 -30.98 -45.45 15.09
N ARG A 451 -30.47 -46.10 16.13
CA ARG A 451 -29.14 -46.70 16.06
C ARG A 451 -29.11 -47.87 15.08
N THR A 452 -30.11 -48.75 15.14
CA THR A 452 -30.13 -49.91 14.24
C THR A 452 -30.50 -49.50 12.81
N THR A 453 -31.51 -48.64 12.65
CA THR A 453 -32.04 -48.34 11.32
C THR A 453 -31.12 -47.43 10.53
N LYS A 454 -30.48 -46.46 11.20
CA LYS A 454 -29.83 -45.32 10.58
C LYS A 454 -30.83 -44.38 9.92
N ASP A 455 -32.07 -44.37 10.42
CA ASP A 455 -33.13 -43.53 9.89
C ASP A 455 -34.06 -43.11 11.02
N LEU A 456 -34.80 -42.05 10.79
CA LEU A 456 -35.67 -41.50 11.82
C LEU A 456 -36.80 -42.49 12.13
N PRO A 457 -37.18 -42.63 13.39
CA PRO A 457 -38.31 -43.51 13.73
C PRO A 457 -39.64 -42.83 13.46
N ASN A 458 -40.70 -43.63 13.59
CA ASN A 458 -42.06 -43.10 13.52
C ASN A 458 -42.24 -42.02 14.56
N GLU A 459 -42.62 -40.83 14.11
CA GLU A 459 -42.57 -39.64 14.95
C GLU A 459 -43.65 -39.57 16.02
N ASP A 460 -44.65 -40.45 15.99
CA ASP A 460 -45.71 -40.38 16.99
C ASP A 460 -45.16 -40.59 18.39
N ASP A 461 -44.41 -41.67 18.59
CA ASP A 461 -43.84 -41.95 19.89
C ASP A 461 -42.81 -40.90 20.30
N LEU A 462 -42.05 -40.40 19.32
CA LEU A 462 -41.09 -39.33 19.60
C LEU A 462 -41.79 -38.08 20.11
N ASN A 463 -42.88 -37.67 19.46
CA ASN A 463 -43.62 -36.49 19.92
C ASN A 463 -44.24 -36.72 21.28
N LYS A 464 -44.79 -37.91 21.52
CA LYS A 464 -45.35 -38.20 22.84
C LYS A 464 -44.28 -38.13 23.92
N ALA A 465 -43.11 -38.71 23.65
CA ALA A 465 -42.01 -38.68 24.62
C ALA A 465 -41.55 -37.26 24.90
N ILE A 466 -41.46 -36.43 23.85
CA ILE A 466 -41.04 -35.04 24.05
C ILE A 466 -42.07 -34.29 24.89
N GLU A 467 -43.36 -34.50 24.62
CA GLU A 467 -44.39 -33.87 25.43
C GLU A 467 -44.31 -34.31 26.89
N ALA A 468 -44.09 -35.62 27.12
CA ALA A 468 -43.95 -36.11 28.48
C ALA A 468 -42.75 -35.47 29.17
N PHE A 469 -41.63 -35.34 28.46
CA PHE A 469 -40.47 -34.70 29.05
C PHE A 469 -40.75 -33.24 29.38
N LYS A 470 -41.44 -32.52 28.49
CA LYS A 470 -41.84 -31.16 28.79
C LYS A 470 -42.70 -31.11 30.05
N LYS A 471 -43.51 -32.15 30.28
CA LYS A 471 -44.20 -32.26 31.56
C LYS A 471 -43.22 -32.42 32.71
N THR A 472 -42.16 -33.21 32.51
CA THR A 472 -41.20 -33.44 33.60
C THR A 472 -40.33 -32.20 33.85
N PHE A 473 -39.92 -31.51 32.80
CA PHE A 473 -38.93 -30.45 32.93
C PHE A 473 -39.49 -29.23 33.66
N VAL A 474 -38.74 -28.73 34.64
CA VAL A 474 -39.10 -27.55 35.41
C VAL A 474 -38.32 -26.35 34.88
N VAL A 475 -39.01 -25.22 34.75
CA VAL A 475 -38.45 -24.00 34.17
C VAL A 475 -38.05 -23.05 35.30
N SER A 476 -36.92 -22.36 35.13
CA SER A 476 -36.44 -21.39 36.10
C SER A 476 -37.40 -20.22 36.25
N SER B 1 29.10 -5.35 -41.91
CA SER B 1 28.25 -4.91 -43.00
C SER B 1 26.78 -5.15 -42.68
N ASP B 2 25.93 -5.14 -43.71
CA ASP B 2 24.49 -5.31 -43.53
C ASP B 2 24.10 -6.73 -43.15
N VAL B 3 24.90 -7.73 -43.52
CA VAL B 3 24.54 -9.12 -43.27
C VAL B 3 24.93 -9.51 -41.84
N GLY B 4 24.09 -10.31 -41.20
CA GLY B 4 24.37 -10.81 -39.88
C GLY B 4 23.41 -11.90 -39.44
N THR B 5 23.88 -12.79 -38.57
CA THR B 5 23.06 -13.91 -38.11
C THR B 5 22.27 -13.53 -36.86
N VAL B 6 21.14 -14.20 -36.68
CA VAL B 6 20.31 -14.03 -35.49
C VAL B 6 20.80 -15.01 -34.42
N ILE B 7 21.07 -14.49 -33.22
CA ILE B 7 21.63 -15.31 -32.15
C ILE B 7 20.62 -15.67 -31.06
N GLN B 8 19.49 -14.97 -30.99
CA GLN B 8 18.46 -15.32 -30.01
C GLN B 8 17.09 -15.05 -30.62
N VAL B 9 16.09 -15.83 -30.18
CA VAL B 9 14.71 -15.70 -30.63
C VAL B 9 13.79 -15.98 -29.46
N GLY B 10 12.85 -15.08 -29.19
CA GLY B 10 11.84 -15.38 -28.19
C GLY B 10 10.80 -14.30 -27.94
N ASP B 11 9.55 -14.73 -27.77
CA ASP B 11 8.44 -13.86 -27.35
C ASP B 11 8.30 -12.62 -28.24
N GLY B 12 8.54 -12.76 -29.53
CA GLY B 12 8.42 -11.62 -30.43
C GLY B 12 9.59 -10.67 -30.41
N ILE B 13 10.72 -11.07 -29.82
CA ILE B 13 11.94 -10.27 -29.78
C ILE B 13 13.06 -11.13 -30.33
N ALA B 14 14.05 -10.49 -30.94
CA ALA B 14 15.23 -11.20 -31.40
C ALA B 14 16.46 -10.35 -31.09
N ARG B 15 17.63 -10.99 -31.18
CA ARG B 15 18.90 -10.30 -31.10
C ARG B 15 19.76 -10.80 -32.26
N ALA B 16 20.67 -9.95 -32.74
CA ALA B 16 21.37 -10.28 -33.96
C ALA B 16 22.83 -9.84 -33.88
N HIS B 17 23.67 -10.55 -34.62
CA HIS B 17 25.06 -10.16 -34.81
C HIS B 17 25.14 -9.19 -35.99
N GLY B 18 26.32 -8.63 -36.22
CA GLY B 18 26.51 -7.77 -37.37
C GLY B 18 25.63 -6.53 -37.31
N LEU B 19 25.13 -6.11 -38.47
CA LEU B 19 24.27 -4.92 -38.60
C LEU B 19 24.96 -3.66 -38.07
N ASP B 20 26.26 -3.52 -38.33
CA ASP B 20 27.02 -2.43 -37.73
C ASP B 20 26.66 -1.05 -38.27
N ASN B 21 25.88 -0.96 -39.35
CA ASN B 21 25.48 0.34 -39.89
C ASN B 21 23.99 0.62 -39.71
N VAL B 22 23.30 -0.17 -38.91
CA VAL B 22 21.86 -0.02 -38.71
C VAL B 22 21.60 1.30 -37.98
N MET B 23 20.35 1.75 -38.00
CA MET B 23 19.94 2.99 -37.36
C MET B 23 18.81 2.70 -36.39
N SER B 24 18.64 3.58 -35.41
CA SER B 24 17.55 3.43 -34.46
C SER B 24 16.21 3.62 -35.15
N GLY B 25 15.31 2.66 -34.98
CA GLY B 25 14.01 2.71 -35.60
C GLY B 25 13.96 2.20 -37.03
N GLU B 26 15.08 1.72 -37.57
CA GLU B 26 15.13 1.21 -38.93
C GLU B 26 14.34 -0.08 -39.04
N LEU B 27 13.56 -0.22 -40.12
CA LEU B 27 12.83 -1.45 -40.36
C LEU B 27 13.77 -2.54 -40.84
N VAL B 28 13.54 -3.77 -40.36
CA VAL B 28 14.40 -4.91 -40.62
C VAL B 28 13.52 -6.10 -40.97
N GLU B 29 13.95 -6.89 -41.96
CA GLU B 29 13.19 -8.01 -42.48
C GLU B 29 14.02 -9.28 -42.42
N PHE B 30 13.37 -10.40 -42.13
CA PHE B 30 14.03 -11.69 -42.01
C PHE B 30 13.86 -12.50 -43.29
N ALA B 31 14.57 -13.62 -43.34
CA ALA B 31 14.43 -14.56 -44.46
C ALA B 31 13.02 -15.15 -44.51
N ASN B 32 12.36 -15.27 -43.36
CA ASN B 32 10.97 -15.67 -43.34
C ASN B 32 10.07 -14.65 -44.03
N GLY B 33 10.55 -13.42 -44.22
CA GLY B 33 9.77 -12.38 -44.83
C GLY B 33 9.05 -11.47 -43.85
N VAL B 34 8.98 -11.84 -42.58
CA VAL B 34 8.40 -10.95 -41.58
C VAL B 34 9.35 -9.79 -41.32
N MET B 35 8.76 -8.67 -40.89
CA MET B 35 9.51 -7.42 -40.70
C MET B 35 9.51 -7.02 -39.22
N GLY B 36 10.56 -6.30 -38.83
CA GLY B 36 10.67 -5.83 -37.47
C GLY B 36 11.56 -4.62 -37.36
N MET B 37 11.46 -3.94 -36.22
CA MET B 37 12.16 -2.69 -35.96
C MET B 37 13.37 -2.94 -35.09
N ALA B 38 14.51 -2.36 -35.45
CA ALA B 38 15.67 -2.33 -34.57
C ALA B 38 15.49 -1.20 -33.57
N LEU B 39 15.50 -1.54 -32.28
CA LEU B 39 15.25 -0.56 -31.24
C LEU B 39 16.42 -0.33 -30.29
N ASN B 40 17.25 -1.33 -30.05
CA ASN B 40 18.40 -1.20 -29.15
C ASN B 40 19.66 -1.54 -29.92
N LEU B 41 20.63 -0.63 -29.89
CA LEU B 41 21.94 -0.86 -30.47
C LEU B 41 22.94 -0.98 -29.34
N GLU B 42 23.59 -2.12 -29.24
CA GLU B 42 24.54 -2.41 -28.18
C GLU B 42 25.92 -2.60 -28.79
N GLU B 43 26.88 -2.92 -27.94
CA GLU B 43 28.27 -2.96 -28.38
C GLU B 43 28.50 -4.06 -29.40
N ASN B 44 27.79 -5.20 -29.29
CA ASN B 44 27.91 -6.23 -30.31
C ASN B 44 26.60 -6.93 -30.66
N ASN B 45 25.44 -6.35 -30.34
CA ASN B 45 24.18 -6.97 -30.71
C ASN B 45 23.12 -5.89 -30.92
N VAL B 46 22.04 -6.28 -31.59
CA VAL B 46 20.93 -5.37 -31.89
C VAL B 46 19.64 -6.00 -31.37
N GLY B 47 18.84 -5.22 -30.67
CA GLY B 47 17.55 -5.70 -30.19
C GLY B 47 16.43 -5.38 -31.16
N ILE B 48 15.73 -6.40 -31.64
CA ILE B 48 14.74 -6.27 -32.69
C ILE B 48 13.40 -6.75 -32.17
N VAL B 49 12.34 -5.99 -32.42
CA VAL B 49 10.97 -6.38 -32.11
C VAL B 49 10.28 -6.70 -33.44
N ILE B 50 9.48 -7.77 -33.45
CA ILE B 50 8.92 -8.33 -34.68
C ILE B 50 7.48 -7.88 -34.83
N LEU B 51 7.15 -7.35 -36.01
CA LEU B 51 5.83 -6.84 -36.36
C LEU B 51 4.88 -7.90 -36.90
N GLY B 52 5.14 -9.19 -36.70
CA GLY B 52 4.33 -10.22 -37.31
C GLY B 52 4.46 -11.59 -36.65
N PRO B 53 3.99 -12.64 -37.34
CA PRO B 53 4.13 -14.00 -36.82
C PRO B 53 5.59 -14.46 -36.79
N TYR B 54 6.12 -14.68 -35.58
CA TYR B 54 7.56 -14.85 -35.39
C TYR B 54 7.99 -16.30 -35.18
N THR B 55 7.06 -17.25 -35.07
CA THR B 55 7.41 -18.61 -34.67
C THR B 55 8.35 -19.30 -35.67
N GLY B 56 8.43 -18.82 -36.91
CA GLY B 56 9.27 -19.46 -37.90
C GLY B 56 10.75 -19.15 -37.77
N ILE B 57 11.12 -18.12 -37.00
CA ILE B 57 12.51 -17.69 -36.95
C ILE B 57 13.33 -18.64 -36.08
N LYS B 58 14.56 -18.92 -36.50
CA LYS B 58 15.47 -19.80 -35.78
C LYS B 58 16.83 -19.15 -35.63
N GLU B 59 17.62 -19.68 -34.71
CA GLU B 59 18.98 -19.20 -34.50
C GLU B 59 19.84 -19.56 -35.70
N GLY B 60 20.69 -18.62 -36.13
CA GLY B 60 21.49 -18.78 -37.32
C GLY B 60 20.88 -18.21 -38.57
N ASP B 61 19.62 -17.74 -38.51
CA ASP B 61 19.01 -17.09 -39.65
C ASP B 61 19.69 -15.77 -39.96
N GLU B 62 19.91 -15.49 -41.25
CA GLU B 62 20.45 -14.20 -41.65
C GLU B 62 19.35 -13.16 -41.70
N VAL B 63 19.69 -11.93 -41.29
CA VAL B 63 18.74 -10.84 -41.16
C VAL B 63 19.23 -9.65 -41.98
N ARG B 64 18.28 -8.90 -42.53
CA ARG B 64 18.57 -7.78 -43.40
C ARG B 64 17.82 -6.53 -42.95
N ARG B 65 18.37 -5.38 -43.29
CA ARG B 65 17.76 -4.09 -42.97
C ARG B 65 17.20 -3.45 -44.23
N THR B 66 15.97 -2.92 -44.12
CA THR B 66 15.32 -2.32 -45.28
C THR B 66 15.97 -1.00 -45.65
N GLY B 67 16.29 -0.18 -44.66
CA GLY B 67 16.84 1.14 -44.90
C GLY B 67 15.86 2.27 -44.79
N ARG B 68 14.66 2.03 -44.28
CA ARG B 68 13.60 3.03 -44.24
C ARG B 68 12.96 3.07 -42.86
N ILE B 69 12.21 4.13 -42.62
CA ILE B 69 11.30 4.18 -41.49
C ILE B 69 9.96 3.62 -41.95
N MET B 70 9.11 3.25 -41.00
CA MET B 70 7.78 2.76 -41.34
C MET B 70 6.94 3.88 -41.94
N GLU B 71 6.32 3.62 -43.09
CA GLU B 71 5.52 4.58 -43.80
C GLU B 71 4.09 4.08 -43.93
N VAL B 72 3.13 4.91 -43.53
CA VAL B 72 1.70 4.60 -43.68
C VAL B 72 1.21 5.15 -45.02
N PRO B 73 0.62 4.32 -45.88
CA PRO B 73 0.02 4.84 -47.12
C PRO B 73 -1.15 5.77 -46.81
N VAL B 74 -1.20 6.89 -47.52
CA VAL B 74 -2.19 7.94 -47.26
C VAL B 74 -2.88 8.32 -48.57
N GLY B 75 -4.19 8.47 -48.51
CA GLY B 75 -4.99 8.89 -49.66
C GLY B 75 -6.41 9.13 -49.26
N GLU B 76 -7.19 9.66 -50.21
CA GLU B 76 -8.62 9.81 -50.00
C GLU B 76 -9.39 8.51 -50.16
N ALA B 77 -8.76 7.49 -50.72
CA ALA B 77 -9.43 6.22 -50.95
C ALA B 77 -9.61 5.39 -49.69
N LEU B 78 -8.98 5.79 -48.59
CA LEU B 78 -9.09 5.03 -47.35
C LEU B 78 -10.44 5.23 -46.66
N ILE B 79 -11.21 6.25 -47.04
CA ILE B 79 -12.44 6.55 -46.31
C ILE B 79 -13.44 5.41 -46.48
N GLY B 80 -14.04 4.99 -45.37
CA GLY B 80 -14.97 3.87 -45.37
C GLY B 80 -14.34 2.51 -45.19
N ARG B 81 -13.02 2.38 -45.39
CA ARG B 81 -12.37 1.10 -45.27
C ARG B 81 -12.05 0.77 -43.81
N VAL B 82 -11.65 -0.48 -43.59
CA VAL B 82 -11.13 -0.94 -42.31
C VAL B 82 -9.73 -1.48 -42.54
N VAL B 83 -8.76 -0.99 -41.77
CA VAL B 83 -7.35 -1.18 -42.08
C VAL B 83 -6.57 -1.57 -40.83
N ASN B 84 -5.37 -2.10 -41.07
CA ASN B 84 -4.41 -2.45 -40.02
C ASN B 84 -3.61 -1.22 -39.61
N PRO B 85 -2.74 -1.36 -38.58
CA PRO B 85 -1.67 -0.36 -38.42
C PRO B 85 -0.79 -0.24 -39.64
N LEU B 86 -0.40 -1.38 -40.21
CA LEU B 86 0.24 -1.37 -41.51
C LEU B 86 -0.76 -0.95 -42.58
N GLY B 87 -0.25 -0.56 -43.74
CA GLY B 87 -1.11 -0.16 -44.83
C GLY B 87 -1.67 -1.31 -45.65
N GLN B 88 -2.39 -2.22 -45.00
CA GLN B 88 -2.93 -3.39 -45.67
C GLN B 88 -4.38 -3.62 -45.28
N PRO B 89 -5.26 -3.90 -46.24
CA PRO B 89 -6.68 -4.07 -45.92
C PRO B 89 -6.96 -5.41 -45.25
N VAL B 90 -7.93 -5.40 -44.34
CA VAL B 90 -8.34 -6.61 -43.63
C VAL B 90 -9.85 -6.75 -43.73
N ASP B 91 -10.49 -5.91 -44.55
CA ASP B 91 -11.93 -5.95 -44.74
C ASP B 91 -12.32 -6.70 -46.01
N GLY B 92 -11.36 -7.29 -46.71
CA GLY B 92 -11.62 -7.76 -48.06
C GLY B 92 -11.63 -6.59 -49.03
N LEU B 93 -12.49 -6.69 -50.04
CA LEU B 93 -12.76 -5.61 -50.97
C LEU B 93 -11.53 -5.18 -51.77
N GLY B 94 -10.44 -5.93 -51.68
CA GLY B 94 -9.25 -5.66 -52.46
C GLY B 94 -8.46 -4.47 -51.97
N PRO B 95 -7.41 -4.12 -52.70
CA PRO B 95 -6.52 -3.03 -52.26
C PRO B 95 -7.26 -1.70 -52.13
N VAL B 96 -6.82 -0.89 -51.15
CA VAL B 96 -7.42 0.42 -50.94
C VAL B 96 -6.99 1.44 -52.00
N GLU B 97 -5.79 1.27 -52.57
CA GLU B 97 -5.25 2.15 -53.59
C GLU B 97 -5.11 3.59 -53.10
N THR B 98 -4.17 3.77 -52.16
CA THR B 98 -3.78 5.09 -51.69
C THR B 98 -2.87 5.79 -52.70
N THR B 99 -2.76 7.11 -52.54
CA THR B 99 -1.90 7.90 -53.43
C THR B 99 -0.43 7.66 -53.14
N GLU B 100 0.01 7.92 -51.91
CA GLU B 100 1.42 7.79 -51.55
C GLU B 100 1.53 7.55 -50.05
N THR B 101 2.76 7.68 -49.52
CA THR B 101 3.11 7.24 -48.19
C THR B 101 3.77 8.37 -47.40
N ARG B 102 3.66 8.28 -46.07
CA ARG B 102 4.28 9.20 -45.15
C ARG B 102 4.98 8.44 -44.03
N PRO B 103 6.19 8.84 -43.65
CA PRO B 103 6.80 8.30 -42.43
C PRO B 103 5.93 8.62 -41.22
N ILE B 104 5.77 7.65 -40.33
CA ILE B 104 4.91 7.84 -39.17
C ILE B 104 5.62 8.64 -38.08
N GLU B 105 6.94 8.53 -37.99
CA GLU B 105 7.70 9.34 -37.05
C GLU B 105 7.94 10.72 -37.67
N SER B 106 7.22 11.73 -37.18
CA SER B 106 7.29 13.07 -37.73
C SER B 106 7.20 14.10 -36.62
N ARG B 107 7.68 15.31 -36.90
CA ARG B 107 7.56 16.41 -35.97
C ARG B 107 6.16 17.00 -36.01
N ALA B 108 5.80 17.69 -34.94
CA ALA B 108 4.45 18.20 -34.73
C ALA B 108 4.35 19.65 -35.19
N PRO B 109 3.12 20.14 -35.41
CA PRO B 109 2.95 21.59 -35.64
C PRO B 109 3.42 22.40 -34.45
N GLY B 110 4.19 23.46 -34.73
CA GLY B 110 4.88 24.22 -33.70
C GLY B 110 4.13 25.46 -33.23
N VAL B 111 4.83 26.26 -32.42
CA VAL B 111 4.28 27.51 -31.94
C VAL B 111 4.17 28.51 -33.09
N MET B 112 3.18 29.41 -32.98
CA MET B 112 2.87 30.45 -33.96
C MET B 112 2.28 29.87 -35.24
N ASP B 113 2.18 28.54 -35.32
CA ASP B 113 1.41 27.89 -36.37
C ASP B 113 -0.05 27.74 -36.01
N ARG B 114 -0.43 28.01 -34.76
CA ARG B 114 -1.77 27.72 -34.27
C ARG B 114 -2.53 28.99 -33.95
N ARG B 115 -3.82 28.98 -34.26
CA ARG B 115 -4.74 30.00 -33.78
C ARG B 115 -5.44 29.51 -32.52
N SER B 116 -6.09 30.45 -31.84
CA SER B 116 -6.91 30.09 -30.70
C SER B 116 -8.10 29.25 -31.16
N VAL B 117 -8.50 28.31 -30.32
CA VAL B 117 -9.66 27.45 -30.60
C VAL B 117 -10.92 28.30 -30.42
N HIS B 118 -11.65 28.51 -31.51
CA HIS B 118 -12.83 29.37 -31.50
C HIS B 118 -14.08 28.75 -32.12
N GLU B 119 -13.95 27.66 -32.89
CA GLU B 119 -15.08 27.11 -33.60
C GLU B 119 -15.52 25.79 -32.96
N PRO B 120 -16.81 25.66 -32.65
CA PRO B 120 -17.26 24.51 -31.85
C PRO B 120 -17.16 23.19 -32.60
N LEU B 121 -17.11 22.12 -31.82
CA LEU B 121 -17.29 20.75 -32.31
C LEU B 121 -18.51 20.17 -31.62
N GLN B 122 -19.53 19.83 -32.40
CA GLN B 122 -20.84 19.50 -31.85
C GLN B 122 -21.01 18.00 -31.67
N THR B 123 -21.38 17.58 -30.46
CA THR B 123 -21.58 16.18 -30.11
C THR B 123 -23.04 15.78 -30.04
N GLY B 124 -23.95 16.73 -29.87
CA GLY B 124 -25.36 16.41 -29.71
C GLY B 124 -25.74 15.89 -28.35
N ILE B 125 -24.82 15.93 -27.39
CA ILE B 125 -25.07 15.49 -26.02
C ILE B 125 -25.27 16.75 -25.20
N LYS B 126 -26.47 16.91 -24.65
CA LYS B 126 -26.87 18.17 -24.04
C LYS B 126 -25.91 18.56 -22.91
N ALA B 127 -25.55 17.61 -22.07
CA ALA B 127 -24.67 17.91 -20.94
C ALA B 127 -23.27 18.31 -21.41
N ILE B 128 -22.71 17.59 -22.38
CA ILE B 128 -21.37 17.92 -22.85
C ILE B 128 -21.37 19.23 -23.62
N ASP B 129 -22.34 19.42 -24.51
CA ASP B 129 -22.40 20.65 -25.28
C ASP B 129 -22.63 21.86 -24.39
N ALA B 130 -23.45 21.72 -23.35
CA ALA B 130 -23.77 22.85 -22.49
C ALA B 130 -22.66 23.14 -21.49
N LEU B 131 -22.19 22.13 -20.76
CA LEU B 131 -21.33 22.35 -19.61
C LEU B 131 -19.87 21.96 -19.81
N VAL B 132 -19.54 21.14 -20.81
CA VAL B 132 -18.15 20.79 -21.07
C VAL B 132 -17.86 20.96 -22.56
N PRO B 133 -17.95 22.16 -23.11
CA PRO B 133 -17.84 22.34 -24.56
C PRO B 133 -16.46 22.01 -25.10
N ILE B 134 -16.45 21.66 -26.39
CA ILE B 134 -15.26 21.20 -27.10
C ILE B 134 -15.12 21.99 -28.40
N GLY B 135 -13.88 22.27 -28.79
CA GLY B 135 -13.61 22.97 -30.03
C GLY B 135 -12.57 22.25 -30.87
N ARG B 136 -12.55 22.59 -32.15
CA ARG B 136 -11.65 21.93 -33.09
C ARG B 136 -10.20 22.28 -32.76
N GLY B 137 -9.43 21.26 -32.36
CA GLY B 137 -8.07 21.43 -31.87
C GLY B 137 -7.91 21.02 -30.43
N GLN B 138 -8.99 21.12 -29.64
CA GLN B 138 -8.96 20.73 -28.23
C GLN B 138 -8.66 19.25 -28.10
N ARG B 139 -7.84 18.91 -27.10
CA ARG B 139 -7.54 17.52 -26.76
C ARG B 139 -8.29 17.17 -25.47
N GLU B 140 -9.54 16.74 -25.63
CA GLU B 140 -10.41 16.42 -24.50
C GLU B 140 -10.29 14.94 -24.16
N LEU B 141 -10.02 14.64 -22.89
CA LEU B 141 -9.92 13.26 -22.44
C LEU B 141 -11.25 12.78 -21.88
N ILE B 142 -11.64 11.56 -22.25
CA ILE B 142 -12.78 10.88 -21.65
C ILE B 142 -12.26 9.69 -20.86
N ILE B 143 -12.52 9.68 -19.56
CA ILE B 143 -11.93 8.70 -18.65
C ILE B 143 -13.02 8.20 -17.69
N GLY B 144 -12.99 6.91 -17.42
CA GLY B 144 -13.98 6.31 -16.55
C GLY B 144 -13.67 4.85 -16.31
N ASP B 145 -14.64 4.16 -15.71
CA ASP B 145 -14.54 2.74 -15.41
C ASP B 145 -15.19 1.93 -16.53
N ARG B 146 -15.31 0.62 -16.31
CA ARG B 146 -16.01 -0.25 -17.24
C ARG B 146 -17.53 -0.04 -17.18
N GLN B 147 -18.17 -0.20 -18.34
CA GLN B 147 -19.62 -0.22 -18.45
C GLN B 147 -20.27 1.04 -17.87
N THR B 148 -19.75 2.20 -18.28
CA THR B 148 -20.33 3.49 -17.88
C THR B 148 -20.45 4.40 -19.12
N GLY B 149 -20.86 3.81 -20.24
CA GLY B 149 -21.16 4.60 -21.43
C GLY B 149 -20.03 5.41 -22.01
N LYS B 150 -18.87 4.80 -22.27
CA LYS B 150 -17.74 5.53 -22.83
C LYS B 150 -17.77 5.58 -24.35
N THR B 151 -17.85 4.43 -25.01
CA THR B 151 -17.84 4.36 -26.47
C THR B 151 -19.16 4.80 -27.09
N SER B 152 -20.24 4.82 -26.31
CA SER B 152 -21.47 5.37 -26.85
C SER B 152 -21.37 6.85 -27.14
N VAL B 153 -20.42 7.54 -26.48
CA VAL B 153 -20.25 8.98 -26.63
C VAL B 153 -19.42 9.25 -27.87
N ALA B 154 -18.40 8.41 -28.12
CA ALA B 154 -17.63 8.55 -29.34
C ALA B 154 -18.48 8.22 -30.57
N ILE B 155 -19.31 7.18 -30.48
CA ILE B 155 -20.19 6.86 -31.61
C ILE B 155 -21.23 7.95 -31.81
N ASP B 156 -21.79 8.49 -30.72
CA ASP B 156 -22.70 9.62 -30.85
C ASP B 156 -22.02 10.80 -31.54
N THR B 157 -20.77 11.08 -31.17
CA THR B 157 -20.06 12.20 -31.77
C THR B 157 -19.83 11.98 -33.26
N ILE B 158 -19.33 10.80 -33.63
CA ILE B 158 -19.04 10.53 -35.04
C ILE B 158 -20.32 10.56 -35.87
N ILE B 159 -21.41 10.03 -35.32
CA ILE B 159 -22.68 10.01 -36.05
C ILE B 159 -23.19 11.42 -36.33
N ASN B 160 -23.00 12.34 -35.38
CA ASN B 160 -23.57 13.68 -35.54
C ASN B 160 -22.83 14.48 -36.61
N GLN B 161 -21.57 14.16 -36.88
CA GLN B 161 -20.77 14.89 -37.85
C GLN B 161 -21.31 14.80 -39.27
N LYS B 162 -22.41 14.06 -39.46
CA LYS B 162 -23.03 13.98 -40.77
C LYS B 162 -23.48 15.35 -41.26
N ASP B 163 -24.06 16.16 -40.37
CA ASP B 163 -24.54 17.48 -40.76
C ASP B 163 -23.40 18.44 -41.05
N GLN B 164 -22.30 18.32 -40.32
CA GLN B 164 -21.13 19.16 -40.50
C GLN B 164 -20.26 18.61 -41.63
N ASN B 165 -19.03 19.12 -41.74
CA ASN B 165 -18.09 18.71 -42.77
C ASN B 165 -16.84 18.03 -42.20
N MET B 166 -16.99 17.34 -41.08
CA MET B 166 -15.85 16.71 -40.42
C MET B 166 -15.43 15.41 -41.11
N ILE B 167 -14.14 15.08 -40.98
CA ILE B 167 -13.62 13.75 -41.25
C ILE B 167 -13.30 13.10 -39.91
N SER B 168 -13.63 11.81 -39.76
CA SER B 168 -13.47 11.11 -38.51
C SER B 168 -12.62 9.87 -38.69
N ILE B 169 -11.95 9.47 -37.60
CA ILE B 169 -11.17 8.24 -37.55
C ILE B 169 -11.44 7.57 -36.21
N TYR B 170 -11.60 6.25 -36.23
CA TYR B 170 -11.76 5.44 -35.03
C TYR B 170 -10.62 4.44 -34.97
N VAL B 171 -9.82 4.51 -33.91
CA VAL B 171 -8.70 3.59 -33.70
C VAL B 171 -9.03 2.71 -32.52
N ALA B 172 -9.05 1.40 -32.74
CA ALA B 172 -9.27 0.41 -31.70
C ALA B 172 -7.96 -0.30 -31.41
N ILE B 173 -7.54 -0.28 -30.15
CA ILE B 173 -6.24 -0.82 -29.74
C ILE B 173 -6.50 -1.96 -28.76
N GLY B 174 -5.95 -3.14 -29.06
CA GLY B 174 -5.99 -4.25 -28.13
C GLY B 174 -7.37 -4.79 -27.84
N GLN B 175 -8.34 -4.58 -28.72
CA GLN B 175 -9.70 -5.02 -28.48
C GLN B 175 -10.00 -6.31 -29.22
N LYS B 176 -11.11 -6.95 -28.82
CA LYS B 176 -11.61 -8.13 -29.51
C LYS B 176 -12.23 -7.73 -30.85
N GLU B 177 -11.96 -8.52 -31.89
CA GLU B 177 -12.32 -8.12 -33.24
C GLU B 177 -13.83 -8.05 -33.44
N SER B 178 -14.60 -8.94 -32.79
CA SER B 178 -16.05 -8.88 -32.96
C SER B 178 -16.63 -7.59 -32.41
N THR B 179 -15.97 -6.99 -31.42
CA THR B 179 -16.37 -5.66 -30.97
C THR B 179 -16.13 -4.62 -32.05
N VAL B 180 -15.02 -4.74 -32.78
CA VAL B 180 -14.77 -3.85 -33.91
C VAL B 180 -15.89 -4.00 -34.94
N ARG B 181 -16.26 -5.25 -35.25
CA ARG B 181 -17.33 -5.47 -36.21
C ARG B 181 -18.65 -4.89 -35.73
N THR B 182 -18.96 -5.06 -34.44
CA THR B 182 -20.22 -4.51 -33.92
C THR B 182 -20.25 -2.99 -34.02
N VAL B 183 -19.12 -2.33 -33.73
CA VAL B 183 -19.07 -0.88 -33.84
C VAL B 183 -19.18 -0.45 -35.29
N VAL B 184 -18.51 -1.17 -36.20
CA VAL B 184 -18.59 -0.84 -37.63
C VAL B 184 -20.03 -0.95 -38.10
N GLU B 185 -20.73 -2.01 -37.71
CA GLU B 185 -22.12 -2.17 -38.10
C GLU B 185 -23.02 -1.11 -37.47
N THR B 186 -22.74 -0.71 -36.22
CA THR B 186 -23.51 0.37 -35.61
C THR B 186 -23.33 1.66 -36.39
N LEU B 187 -22.10 1.95 -36.81
CA LEU B 187 -21.85 3.15 -37.60
C LEU B 187 -22.54 3.07 -38.95
N ARG B 188 -22.38 1.93 -39.64
CA ARG B 188 -22.92 1.81 -40.99
C ARG B 188 -24.45 1.89 -41.00
N LYS B 189 -25.09 1.30 -40.00
CA LYS B 189 -26.55 1.33 -39.95
C LYS B 189 -27.06 2.77 -39.90
N HIS B 190 -26.33 3.66 -39.25
CA HIS B 190 -26.69 5.06 -39.16
C HIS B 190 -26.08 5.91 -40.27
N GLY B 191 -25.43 5.29 -41.25
CA GLY B 191 -24.99 5.99 -42.45
C GLY B 191 -23.68 6.72 -42.34
N ALA B 192 -22.99 6.64 -41.21
CA ALA B 192 -21.79 7.45 -40.99
C ALA B 192 -20.55 6.90 -41.66
N LEU B 193 -20.63 5.73 -42.30
CA LEU B 193 -19.41 5.01 -42.68
C LEU B 193 -18.57 5.75 -43.71
N ASP B 194 -19.20 6.54 -44.59
CA ASP B 194 -18.48 7.10 -45.73
C ASP B 194 -17.46 8.16 -45.32
N TYR B 195 -17.70 8.86 -44.21
CA TYR B 195 -16.76 9.88 -43.76
C TYR B 195 -15.90 9.43 -42.58
N THR B 196 -15.72 8.11 -42.39
CA THR B 196 -14.91 7.58 -41.31
C THR B 196 -13.87 6.61 -41.83
N ILE B 197 -12.85 6.37 -41.01
CA ILE B 197 -11.88 5.31 -41.22
C ILE B 197 -11.70 4.57 -39.89
N VAL B 198 -11.67 3.25 -39.94
CA VAL B 198 -11.48 2.43 -38.76
C VAL B 198 -10.14 1.72 -38.84
N VAL B 199 -9.30 1.92 -37.82
CA VAL B 199 -8.00 1.26 -37.71
C VAL B 199 -8.09 0.23 -36.60
N THR B 200 -7.69 -1.01 -36.90
CA THR B 200 -7.85 -2.13 -35.99
C THR B 200 -6.48 -2.72 -35.66
N ALA B 201 -6.13 -2.70 -34.38
CA ALA B 201 -4.96 -3.41 -33.85
C ALA B 201 -5.46 -4.23 -32.65
N SER B 202 -5.89 -5.45 -32.92
CA SER B 202 -6.40 -6.32 -31.88
C SER B 202 -5.28 -6.83 -30.98
N ALA B 203 -5.66 -7.29 -29.78
CA ALA B 203 -4.68 -7.77 -28.82
C ALA B 203 -3.91 -8.98 -29.34
N SER B 204 -4.58 -9.82 -30.13
CA SER B 204 -3.91 -10.98 -30.72
C SER B 204 -2.77 -10.57 -31.64
N GLN B 205 -2.87 -9.39 -32.24
CA GLN B 205 -1.82 -8.93 -33.14
C GLN B 205 -0.51 -8.79 -32.39
N PRO B 206 0.63 -9.05 -33.03
CA PRO B 206 1.93 -8.87 -32.37
C PRO B 206 2.05 -7.53 -31.69
N ALA B 207 2.60 -7.53 -30.48
CA ALA B 207 2.68 -6.38 -29.59
C ALA B 207 3.21 -5.10 -30.25
N PRO B 208 4.28 -5.17 -31.04
CA PRO B 208 4.72 -3.94 -31.74
C PRO B 208 3.65 -3.27 -32.58
N LEU B 209 2.70 -4.03 -33.14
CA LEU B 209 1.63 -3.42 -33.92
C LEU B 209 0.76 -2.52 -33.06
N LEU B 210 0.44 -2.95 -31.84
CA LEU B 210 -0.31 -2.09 -30.93
C LEU B 210 0.51 -0.89 -30.49
N PHE B 211 1.84 -1.03 -30.50
CA PHE B 211 2.70 0.11 -30.22
C PHE B 211 2.57 1.18 -31.30
N LEU B 212 2.38 0.76 -32.56
CA LEU B 212 2.34 1.68 -33.69
C LEU B 212 0.93 2.13 -34.08
N ALA B 213 -0.13 1.60 -33.46
CA ALA B 213 -1.47 1.91 -33.95
C ALA B 213 -1.86 3.37 -33.81
N PRO B 214 -1.70 4.02 -32.65
CA PRO B 214 -2.10 5.43 -32.57
C PRO B 214 -1.35 6.34 -33.55
N TYR B 215 -0.05 6.12 -33.71
CA TYR B 215 0.69 6.87 -34.71
C TYR B 215 0.19 6.56 -36.11
N ALA B 216 -0.26 5.32 -36.34
CA ALA B 216 -0.87 5.00 -37.63
C ALA B 216 -2.12 5.85 -37.88
N GLY B 217 -2.94 6.04 -36.85
CA GLY B 217 -4.11 6.89 -37.01
C GLY B 217 -3.76 8.36 -37.25
N VAL B 218 -2.80 8.87 -36.47
CA VAL B 218 -2.45 10.28 -36.60
C VAL B 218 -1.82 10.56 -37.95
N ALA B 219 -1.14 9.57 -38.54
CA ALA B 219 -0.50 9.80 -39.83
C ALA B 219 -1.53 10.19 -40.89
N MET B 220 -2.66 9.49 -40.93
CA MET B 220 -3.72 9.80 -41.89
C MET B 220 -4.44 11.09 -41.50
N GLY B 221 -4.73 11.25 -40.20
CA GLY B 221 -5.32 12.50 -39.74
C GLY B 221 -4.52 13.71 -40.17
N GLU B 222 -3.18 13.63 -40.10
CA GLU B 222 -2.32 14.74 -40.48
C GLU B 222 -2.42 15.05 -41.97
N TYR B 223 -2.45 14.03 -42.82
CA TYR B 223 -2.62 14.26 -44.24
C TYR B 223 -3.91 15.03 -44.51
N PHE B 224 -5.00 14.59 -43.87
CA PHE B 224 -6.27 15.27 -44.10
C PHE B 224 -6.28 16.68 -43.51
N MET B 225 -5.60 16.90 -42.38
CA MET B 225 -5.53 18.24 -41.80
C MET B 225 -4.74 19.19 -42.71
N TYR B 226 -3.55 18.76 -43.16
CA TYR B 226 -2.72 19.62 -43.98
C TYR B 226 -3.36 19.92 -45.32
N LYS B 227 -4.18 19.01 -45.85
CA LYS B 227 -4.97 19.38 -47.02
C LYS B 227 -5.87 20.58 -46.73
N GLY B 228 -6.37 20.69 -45.50
CA GLY B 228 -7.24 21.79 -45.11
C GLY B 228 -8.59 21.36 -44.56
N LYS B 229 -8.90 20.07 -44.53
CA LYS B 229 -10.15 19.59 -43.95
C LYS B 229 -10.01 19.36 -42.45
N HIS B 230 -11.13 19.49 -41.75
CA HIS B 230 -11.16 19.24 -40.31
C HIS B 230 -11.27 17.74 -40.03
N VAL B 231 -10.61 17.31 -38.95
CA VAL B 231 -10.45 15.89 -38.64
C VAL B 231 -10.80 15.66 -37.17
N LEU B 232 -11.47 14.55 -36.87
CA LEU B 232 -11.70 14.10 -35.50
C LEU B 232 -11.13 12.69 -35.35
N VAL B 233 -10.35 12.47 -34.30
CA VAL B 233 -9.68 11.20 -34.06
C VAL B 233 -10.03 10.70 -32.67
N VAL B 234 -10.37 9.41 -32.56
CA VAL B 234 -10.67 8.75 -31.29
C VAL B 234 -9.74 7.56 -31.11
N TYR B 235 -9.06 7.51 -29.97
CA TYR B 235 -8.32 6.33 -29.53
C TYR B 235 -9.13 5.65 -28.43
N ASP B 236 -9.46 4.38 -28.63
CA ASP B 236 -10.41 3.74 -27.73
C ASP B 236 -9.79 3.38 -26.38
N ASP B 237 -8.49 3.11 -26.35
CA ASP B 237 -7.82 2.82 -25.08
C ASP B 237 -6.33 3.07 -25.23
N LEU B 238 -5.82 4.09 -24.53
CA LEU B 238 -4.38 4.28 -24.39
C LEU B 238 -3.78 3.34 -23.35
N SER B 239 -4.59 2.82 -22.43
CA SER B 239 -4.08 1.92 -21.39
C SER B 239 -3.46 0.67 -22.00
N LYS B 240 -4.13 0.09 -23.01
CA LYS B 240 -3.60 -1.10 -23.65
C LYS B 240 -2.35 -0.80 -24.46
N GLN B 241 -2.26 0.41 -25.03
CA GLN B 241 -1.02 0.83 -25.67
C GLN B 241 0.12 0.91 -24.66
N ALA B 242 -0.17 1.46 -23.47
CA ALA B 242 0.84 1.51 -22.42
C ALA B 242 1.26 0.12 -21.98
N ALA B 243 0.30 -0.81 -21.89
CA ALA B 243 0.61 -2.18 -21.50
C ALA B 243 1.49 -2.87 -22.54
N ALA B 244 1.17 -2.70 -23.82
CA ALA B 244 1.98 -3.26 -24.89
C ALA B 244 3.39 -2.67 -24.87
N TYR B 245 3.50 -1.35 -24.65
CA TYR B 245 4.82 -0.74 -24.59
C TYR B 245 5.61 -1.24 -23.39
N ARG B 246 4.96 -1.41 -22.23
CA ARG B 246 5.65 -1.95 -21.07
C ARG B 246 6.15 -3.36 -21.34
N GLU B 247 5.32 -4.19 -21.97
CA GLU B 247 5.72 -5.57 -22.28
C GLU B 247 6.92 -5.57 -23.23
N LEU B 248 6.84 -4.77 -24.29
CA LEU B 248 7.94 -4.70 -25.25
C LEU B 248 9.22 -4.19 -24.62
N SER B 249 9.11 -3.19 -23.74
CA SER B 249 10.28 -2.64 -23.08
C SER B 249 10.90 -3.63 -22.11
N LEU B 250 10.07 -4.34 -21.34
CA LEU B 250 10.58 -5.33 -20.40
C LEU B 250 11.28 -6.47 -21.12
N LEU B 251 10.72 -6.95 -22.22
CA LEU B 251 11.40 -8.00 -22.98
C LEU B 251 12.77 -7.54 -23.49
N LEU B 252 12.92 -6.24 -23.74
CA LEU B 252 14.19 -5.69 -24.20
C LEU B 252 15.19 -5.45 -23.09
N ARG B 253 14.79 -5.65 -21.82
CA ARG B 253 15.64 -5.47 -20.64
C ARG B 253 15.97 -4.01 -20.37
N ARG B 254 15.08 -3.10 -20.73
CA ARG B 254 15.25 -1.71 -20.35
C ARG B 254 14.84 -1.51 -18.89
N PRO B 255 15.57 -0.72 -18.12
CA PRO B 255 15.30 -0.61 -16.67
C PRO B 255 13.88 -0.14 -16.39
N PRO B 256 13.25 -0.68 -15.36
CA PRO B 256 11.82 -0.43 -15.12
C PRO B 256 11.56 0.94 -14.50
N GLY B 257 10.32 1.14 -14.08
CA GLY B 257 9.88 2.39 -13.51
C GLY B 257 8.79 2.20 -12.47
N ARG B 258 8.00 3.24 -12.24
CA ARG B 258 7.05 3.31 -11.14
C ARG B 258 6.19 2.06 -10.96
N GLU B 259 5.38 1.72 -11.97
CA GLU B 259 4.60 0.49 -11.96
C GLU B 259 5.16 -0.56 -12.91
N ALA B 260 6.49 -0.64 -13.02
CA ALA B 260 7.26 -1.40 -14.00
C ALA B 260 7.16 -0.80 -15.39
N TYR B 261 6.37 0.26 -15.58
CA TYR B 261 6.34 0.98 -16.85
C TYR B 261 7.72 1.56 -17.13
N PRO B 262 8.13 1.58 -18.39
CA PRO B 262 9.44 2.15 -18.73
C PRO B 262 9.45 3.66 -18.53
N GLY B 263 10.64 4.23 -18.60
CA GLY B 263 10.80 5.68 -18.41
C GLY B 263 10.30 6.53 -19.56
N ASP B 264 9.94 5.92 -20.70
CA ASP B 264 9.56 6.64 -21.90
C ASP B 264 8.05 6.79 -22.08
N ILE B 265 7.25 6.52 -21.05
CA ILE B 265 5.80 6.56 -21.21
C ILE B 265 5.34 7.98 -21.55
N PHE B 266 5.77 8.96 -20.76
CA PHE B 266 5.34 10.33 -20.99
C PHE B 266 5.88 10.85 -22.32
N TYR B 267 7.13 10.53 -22.63
CA TYR B 267 7.71 10.91 -23.91
C TYR B 267 6.88 10.38 -25.06
N LEU B 268 6.45 9.12 -24.98
CA LEU B 268 5.70 8.50 -26.06
C LEU B 268 4.31 9.11 -26.19
N HIS B 269 3.59 9.25 -25.09
CA HIS B 269 2.24 9.76 -25.19
C HIS B 269 2.21 11.24 -25.56
N SER B 270 3.23 12.01 -25.16
CA SER B 270 3.31 13.40 -25.58
C SER B 270 3.69 13.52 -27.04
N ARG B 271 4.65 12.71 -27.51
CA ARG B 271 4.94 12.66 -28.94
C ARG B 271 3.69 12.36 -29.74
N LEU B 272 2.85 11.47 -29.22
CA LEU B 272 1.60 11.14 -29.90
C LEU B 272 0.63 12.31 -29.89
N LEU B 273 0.40 12.90 -28.72
CA LEU B 273 -0.73 13.82 -28.55
C LEU B 273 -0.41 15.26 -28.90
N GLU B 274 0.84 15.62 -29.15
CA GLU B 274 1.15 16.98 -29.54
C GLU B 274 0.88 17.25 -31.02
N ARG B 275 0.62 16.20 -31.81
CA ARG B 275 0.31 16.40 -33.22
C ARG B 275 -1.09 16.95 -33.44
N ALA B 276 -1.99 16.79 -32.47
CA ALA B 276 -3.28 17.47 -32.55
C ALA B 276 -3.07 18.98 -32.46
N ALA B 277 -3.85 19.72 -33.25
CA ALA B 277 -3.61 21.15 -33.41
C ALA B 277 -4.80 21.81 -34.09
N LYS B 278 -4.79 23.13 -34.07
CA LYS B 278 -5.63 23.97 -34.91
C LYS B 278 -4.70 24.88 -35.69
N LEU B 279 -4.70 24.75 -37.00
CA LEU B 279 -3.69 25.44 -37.79
C LEU B 279 -4.12 26.87 -38.13
N SER B 280 -3.12 27.68 -38.51
CA SER B 280 -3.34 29.08 -38.80
C SER B 280 -3.94 29.27 -40.19
N ASP B 281 -4.42 30.49 -40.44
CA ASP B 281 -4.94 30.82 -41.77
C ASP B 281 -3.86 30.70 -42.85
N ALA B 282 -2.60 30.88 -42.48
CA ALA B 282 -1.52 30.71 -43.46
C ALA B 282 -1.40 29.25 -43.88
N LYS B 283 -1.50 28.33 -42.92
CA LYS B 283 -1.40 26.91 -43.23
C LYS B 283 -2.61 26.40 -43.99
N GLY B 284 -3.79 26.92 -43.66
CA GLY B 284 -5.01 26.54 -44.34
C GLY B 284 -6.19 26.40 -43.42
N GLY B 285 -5.96 26.54 -42.11
CA GLY B 285 -7.05 26.44 -41.15
C GLY B 285 -7.47 25.04 -40.80
N GLY B 286 -6.75 24.02 -41.25
CA GLY B 286 -7.09 22.66 -40.89
C GLY B 286 -6.96 22.42 -39.40
N SER B 287 -7.63 21.35 -38.94
CA SER B 287 -7.65 21.03 -37.52
C SER B 287 -7.72 19.53 -37.32
N LEU B 288 -6.88 19.01 -36.44
CA LEU B 288 -6.89 17.60 -36.06
C LEU B 288 -7.21 17.52 -34.57
N THR B 289 -8.49 17.31 -34.24
CA THR B 289 -8.92 17.26 -32.85
C THR B 289 -8.99 15.80 -32.42
N ALA B 290 -8.57 15.52 -31.18
CA ALA B 290 -8.45 14.17 -30.66
C ALA B 290 -9.29 14.00 -29.41
N LEU B 291 -9.86 12.81 -29.26
CA LEU B 291 -10.64 12.44 -28.06
C LEU B 291 -10.13 11.11 -27.53
N PRO B 292 -8.96 11.10 -26.89
CA PRO B 292 -8.43 9.84 -26.34
C PRO B 292 -9.26 9.31 -25.18
N PHE B 293 -9.26 7.99 -25.04
CA PHE B 293 -9.95 7.30 -23.95
C PHE B 293 -8.93 6.61 -23.04
N VAL B 294 -9.21 6.62 -21.74
CA VAL B 294 -8.42 5.90 -20.75
C VAL B 294 -9.36 5.29 -19.72
N GLU B 295 -9.19 3.99 -19.45
CA GLU B 295 -9.94 3.29 -18.42
C GLU B 295 -8.98 2.73 -17.39
N THR B 296 -9.32 2.87 -16.11
CA THR B 296 -8.45 2.43 -15.03
C THR B 296 -9.32 1.96 -13.87
N GLN B 297 -8.73 1.10 -13.03
CA GLN B 297 -9.49 0.25 -12.11
C GLN B 297 -10.24 1.05 -11.04
N ALA B 298 -11.49 0.64 -10.81
CA ALA B 298 -12.23 0.93 -9.58
C ALA B 298 -12.37 2.42 -9.28
N GLY B 299 -12.32 3.27 -10.30
CA GLY B 299 -12.47 4.68 -10.05
C GLY B 299 -11.28 5.33 -9.40
N ASP B 300 -10.15 4.64 -9.30
CA ASP B 300 -8.90 5.21 -8.82
C ASP B 300 -8.27 6.03 -9.94
N ILE B 301 -8.51 7.34 -9.92
CA ILE B 301 -8.08 8.25 -10.97
C ILE B 301 -6.60 8.62 -10.81
N SER B 302 -5.95 8.06 -9.79
CA SER B 302 -4.67 8.57 -9.30
C SER B 302 -3.47 7.75 -9.77
N ALA B 303 -3.64 6.87 -10.74
CA ALA B 303 -2.54 5.99 -11.13
C ALA B 303 -1.56 6.72 -12.05
N TYR B 304 -0.53 5.99 -12.47
CA TYR B 304 0.54 6.57 -13.27
C TYR B 304 0.02 7.10 -14.61
N ILE B 305 -0.51 6.22 -15.43
CA ILE B 305 -1.00 6.53 -16.77
C ILE B 305 -2.17 7.51 -16.72
N PRO B 306 -3.18 7.31 -15.86
CA PRO B 306 -4.24 8.33 -15.76
C PRO B 306 -3.73 9.72 -15.47
N THR B 307 -2.77 9.87 -14.55
CA THR B 307 -2.27 11.19 -14.24
C THR B 307 -1.42 11.76 -15.37
N ASN B 308 -0.62 10.92 -16.04
CA ASN B 308 0.09 11.40 -17.22
C ASN B 308 -0.88 11.98 -18.25
N VAL B 309 -1.90 11.21 -18.60
CA VAL B 309 -2.83 11.66 -19.65
C VAL B 309 -3.66 12.85 -19.18
N ILE B 310 -3.97 12.93 -17.88
CA ILE B 310 -4.67 14.10 -17.37
C ILE B 310 -3.77 15.34 -17.44
N SER B 311 -2.47 15.16 -17.23
CA SER B 311 -1.54 16.28 -17.32
C SER B 311 -1.28 16.72 -18.76
N ILE B 312 -1.48 15.85 -19.74
CA ILE B 312 -1.25 16.25 -21.13
C ILE B 312 -2.44 16.91 -21.80
N THR B 313 -3.66 16.62 -21.36
CA THR B 313 -4.85 17.04 -22.09
C THR B 313 -5.37 18.39 -21.59
N ASP B 314 -6.23 18.99 -22.42
CA ASP B 314 -6.86 20.28 -22.12
C ASP B 314 -8.16 20.15 -21.34
N GLY B 315 -8.55 18.94 -20.97
CA GLY B 315 -9.77 18.75 -20.21
C GLY B 315 -10.01 17.28 -19.99
N GLN B 316 -10.95 16.98 -19.09
CA GLN B 316 -11.33 15.61 -18.82
C GLN B 316 -12.84 15.52 -18.65
N ILE B 317 -13.42 14.47 -19.22
CA ILE B 317 -14.81 14.11 -18.99
C ILE B 317 -14.79 12.88 -18.09
N PHE B 318 -15.24 13.04 -16.85
CA PHE B 318 -15.18 11.96 -15.87
C PHE B 318 -16.50 11.21 -15.86
N LEU B 319 -16.44 9.91 -16.14
CA LEU B 319 -17.60 9.04 -16.19
C LEU B 319 -17.58 8.12 -14.97
N GLN B 320 -18.71 8.05 -14.26
CA GLN B 320 -18.82 7.31 -13.01
C GLN B 320 -19.90 6.25 -13.11
N SER B 321 -19.54 5.00 -12.78
CA SER B 321 -20.54 3.93 -12.74
C SER B 321 -21.54 4.15 -11.62
N ASP B 322 -21.16 4.88 -10.58
CA ASP B 322 -22.11 5.28 -9.54
C ASP B 322 -23.27 6.04 -10.15
N LEU B 323 -22.98 6.99 -11.04
CA LEU B 323 -24.03 7.80 -11.64
C LEU B 323 -24.84 7.01 -12.66
N PHE B 324 -24.22 6.04 -13.32
CA PHE B 324 -24.90 5.27 -14.36
C PHE B 324 -26.12 4.57 -13.80
N PHE B 325 -25.94 3.79 -12.73
CA PHE B 325 -27.03 2.99 -12.19
C PHE B 325 -28.00 3.80 -11.34
N SER B 326 -27.78 5.11 -11.20
CA SER B 326 -28.72 5.98 -10.51
C SER B 326 -29.81 6.52 -11.43
N GLY B 327 -29.77 6.17 -12.72
CA GLY B 327 -30.73 6.67 -13.67
C GLY B 327 -30.31 7.89 -14.45
N VAL B 328 -29.06 8.31 -14.32
CA VAL B 328 -28.53 9.47 -15.02
C VAL B 328 -27.53 8.96 -16.05
N ARG B 329 -27.95 8.90 -17.31
CA ARG B 329 -27.10 8.43 -18.39
C ARG B 329 -27.14 9.42 -19.54
N PRO B 330 -26.01 9.66 -20.22
CA PRO B 330 -24.67 9.11 -19.93
C PRO B 330 -24.10 9.71 -18.66
N ALA B 331 -23.45 8.89 -17.84
CA ALA B 331 -23.07 9.28 -16.48
C ALA B 331 -21.84 10.16 -16.53
N ILE B 332 -22.05 11.47 -16.49
CA ILE B 332 -20.98 12.46 -16.52
C ILE B 332 -21.03 13.27 -15.23
N ASN B 333 -19.90 13.36 -14.55
CA ASN B 333 -19.78 14.21 -13.36
C ASN B 333 -19.41 15.60 -13.85
N ALA B 334 -20.40 16.50 -13.84
CA ALA B 334 -20.15 17.87 -14.28
C ALA B 334 -19.17 18.58 -13.35
N GLY B 335 -19.25 18.29 -12.04
CA GLY B 335 -18.39 18.97 -11.10
C GLY B 335 -16.92 18.63 -11.30
N LEU B 336 -16.61 17.36 -11.52
CA LEU B 336 -15.22 16.93 -11.65
C LEU B 336 -14.69 17.04 -13.08
N SER B 337 -15.54 17.31 -14.05
CA SER B 337 -15.09 17.49 -15.43
C SER B 337 -14.72 18.94 -15.67
N VAL B 338 -13.51 19.16 -16.21
CA VAL B 338 -12.93 20.49 -16.32
C VAL B 338 -12.97 20.93 -17.78
N SER B 339 -13.47 22.13 -18.01
CA SER B 339 -13.52 22.77 -19.33
C SER B 339 -12.63 24.00 -19.33
N ARG B 340 -11.56 23.96 -20.13
CA ARG B 340 -10.65 25.09 -20.22
C ARG B 340 -10.94 26.01 -21.40
N VAL B 341 -11.86 25.63 -22.29
CA VAL B 341 -12.27 26.46 -23.42
C VAL B 341 -13.77 26.69 -23.33
N GLY B 342 -14.27 26.93 -22.11
CA GLY B 342 -15.71 26.94 -21.90
C GLY B 342 -16.48 27.89 -22.79
N GLY B 343 -16.14 29.18 -22.74
CA GLY B 343 -16.90 30.15 -23.50
C GLY B 343 -16.41 30.43 -24.90
N ALA B 344 -15.24 29.91 -25.27
CA ALA B 344 -14.65 30.21 -26.57
C ALA B 344 -15.06 29.25 -27.67
N ALA B 345 -15.37 27.99 -27.32
CA ALA B 345 -15.81 26.99 -28.28
C ALA B 345 -17.32 26.80 -28.26
N GLN B 346 -18.08 27.87 -28.07
CA GLN B 346 -19.54 27.80 -28.09
C GLN B 346 -20.09 28.89 -28.99
N ILE B 347 -21.32 28.66 -29.49
CA ILE B 347 -22.07 29.71 -30.14
C ILE B 347 -22.66 30.64 -29.09
N LYS B 348 -23.00 31.86 -29.51
CA LYS B 348 -23.28 32.93 -28.55
C LYS B 348 -24.47 32.60 -27.65
N ALA B 349 -25.54 32.03 -28.19
CA ALA B 349 -26.68 31.69 -27.35
C ALA B 349 -26.36 30.53 -26.43
N MET B 350 -25.46 29.63 -26.84
CA MET B 350 -25.04 28.56 -25.95
C MET B 350 -24.26 29.13 -24.77
N LYS B 351 -23.32 30.05 -25.02
CA LYS B 351 -22.63 30.71 -23.92
C LYS B 351 -23.62 31.37 -22.97
N LYS B 352 -24.56 32.14 -23.54
CA LYS B 352 -25.46 32.96 -22.74
C LYS B 352 -26.33 32.09 -21.82
N VAL B 353 -26.93 31.03 -22.37
CA VAL B 353 -27.77 30.16 -21.56
C VAL B 353 -26.95 29.27 -20.63
N ALA B 354 -25.85 28.70 -21.15
CA ALA B 354 -25.10 27.70 -20.40
C ALA B 354 -24.38 28.27 -19.19
N GLY B 355 -23.99 29.55 -19.23
CA GLY B 355 -23.43 30.14 -18.03
C GLY B 355 -24.40 30.10 -16.85
N THR B 356 -25.64 30.52 -17.08
CA THR B 356 -26.64 30.46 -16.01
C THR B 356 -26.99 29.01 -15.66
N LEU B 357 -26.99 28.11 -16.64
CA LEU B 357 -27.26 26.72 -16.32
C LEU B 357 -26.19 26.16 -15.38
N ARG B 358 -24.91 26.43 -15.67
CA ARG B 358 -23.85 25.96 -14.81
C ARG B 358 -23.90 26.63 -13.44
N LEU B 359 -24.33 27.89 -13.37
CA LEU B 359 -24.53 28.52 -12.07
C LEU B 359 -25.59 27.77 -11.27
N ASP B 360 -26.71 27.42 -11.92
CA ASP B 360 -27.76 26.68 -11.23
C ASP B 360 -27.26 25.33 -10.75
N LEU B 361 -26.54 24.61 -11.61
CA LEU B 361 -26.07 23.28 -11.26
C LEU B 361 -25.06 23.33 -10.12
N ALA B 362 -24.12 24.29 -10.15
CA ALA B 362 -23.15 24.41 -9.08
C ALA B 362 -23.83 24.78 -7.76
N ALA B 363 -24.84 25.67 -7.81
CA ALA B 363 -25.60 25.98 -6.62
C ALA B 363 -26.30 24.75 -6.06
N TYR B 364 -26.88 23.93 -6.94
CA TYR B 364 -27.64 22.77 -6.49
C TYR B 364 -26.73 21.66 -5.96
N ARG B 365 -25.51 21.57 -6.48
CA ARG B 365 -24.68 20.40 -6.21
C ARG B 365 -24.32 20.27 -4.73
N GLU B 366 -24.20 21.39 -4.02
CA GLU B 366 -23.87 21.33 -2.60
C GLU B 366 -25.11 21.21 -1.72
N LEU B 367 -26.15 22.00 -2.00
CA LEU B 367 -27.36 21.96 -1.18
C LEU B 367 -27.98 20.56 -1.20
N GLU B 368 -27.98 19.91 -2.37
CA GLU B 368 -28.56 18.58 -2.48
C GLU B 368 -27.82 17.57 -1.61
N ALA B 369 -26.53 17.78 -1.36
CA ALA B 369 -25.71 16.79 -0.69
C ALA B 369 -26.29 16.39 0.66
N PHE B 370 -26.85 17.34 1.40
CA PHE B 370 -27.30 17.08 2.77
C PHE B 370 -28.68 17.64 3.11
N ALA B 371 -29.22 18.60 2.35
CA ALA B 371 -30.48 19.20 2.73
C ALA B 371 -31.65 18.21 2.65
N GLN B 372 -31.57 17.24 1.73
CA GLN B 372 -32.66 16.27 1.59
C GLN B 372 -32.90 15.46 2.85
N PHE B 373 -31.84 15.16 3.61
CA PHE B 373 -31.99 14.33 4.80
C PHE B 373 -32.84 15.03 5.87
N GLY B 374 -32.71 16.35 5.99
CA GLY B 374 -33.60 17.08 6.87
C GLY B 374 -34.90 17.37 6.16
N SER B 375 -35.96 16.63 6.52
CA SER B 375 -37.22 16.74 5.81
C SER B 375 -37.79 18.15 5.88
N ASP B 376 -37.75 18.77 7.07
CA ASP B 376 -38.25 20.13 7.22
C ASP B 376 -37.15 21.10 6.81
N LEU B 377 -37.49 22.00 5.88
CA LEU B 377 -36.55 23.00 5.39
C LEU B 377 -37.32 24.30 5.20
N ASP B 378 -36.58 25.40 5.05
CA ASP B 378 -37.19 26.67 4.71
C ASP B 378 -37.75 26.61 3.29
N LYS B 379 -38.69 27.52 3.00
CA LYS B 379 -39.39 27.48 1.71
C LYS B 379 -38.42 27.60 0.55
N ALA B 380 -37.45 28.50 0.65
CA ALA B 380 -36.56 28.79 -0.47
C ALA B 380 -35.44 27.78 -0.62
N THR B 381 -35.19 26.95 0.40
CA THR B 381 -34.16 25.92 0.29
C THR B 381 -34.58 24.83 -0.68
N GLN B 382 -35.85 24.42 -0.60
CA GLN B 382 -36.33 23.31 -1.43
C GLN B 382 -36.42 23.70 -2.90
N ALA B 383 -36.65 24.98 -3.18
CA ALA B 383 -36.82 25.44 -4.55
C ALA B 383 -35.59 25.14 -5.40
N LYS B 384 -34.40 25.39 -4.85
CA LYS B 384 -33.19 25.10 -5.60
C LYS B 384 -33.01 23.60 -5.80
N LEU B 385 -33.44 22.78 -4.84
CA LEU B 385 -33.40 21.34 -5.02
C LEU B 385 -34.30 20.91 -6.18
N ALA B 386 -35.50 21.49 -6.25
CA ALA B 386 -36.41 21.19 -7.36
C ALA B 386 -35.79 21.59 -8.69
N ARG B 387 -35.18 22.78 -8.74
CA ARG B 387 -34.53 23.23 -9.96
C ARG B 387 -33.41 22.29 -10.39
N GLY B 388 -32.59 21.85 -9.44
CA GLY B 388 -31.50 20.94 -9.77
C GLY B 388 -32.00 19.59 -10.24
N ALA B 389 -33.08 19.09 -9.64
CA ALA B 389 -33.67 17.83 -10.07
C ALA B 389 -34.20 17.93 -11.50
N ARG B 390 -34.92 19.01 -11.80
CA ARG B 390 -35.37 19.21 -13.18
C ARG B 390 -34.21 19.37 -14.14
N THR B 391 -33.13 20.01 -13.71
CA THR B 391 -31.95 20.13 -14.56
C THR B 391 -31.36 18.77 -14.90
N VAL B 392 -31.17 17.93 -13.87
CA VAL B 392 -30.54 16.63 -14.10
C VAL B 392 -31.45 15.74 -14.94
N GLU B 393 -32.77 15.89 -14.80
CA GLU B 393 -33.69 15.17 -15.67
C GLU B 393 -33.59 15.66 -17.11
N VAL B 394 -33.50 16.99 -17.31
CA VAL B 394 -33.42 17.55 -18.65
C VAL B 394 -32.12 17.20 -19.36
N LEU B 395 -31.05 16.94 -18.61
CA LEU B 395 -29.77 16.62 -19.24
C LEU B 395 -29.65 15.16 -19.68
N LYS B 396 -30.64 14.33 -19.38
CA LYS B 396 -30.62 12.92 -19.75
C LYS B 396 -31.26 12.70 -21.12
N GLN B 397 -30.68 11.78 -21.90
CA GLN B 397 -31.16 11.51 -23.25
C GLN B 397 -30.84 10.08 -23.63
N ASP B 398 -31.66 9.53 -24.54
CA ASP B 398 -31.55 8.13 -24.94
C ASP B 398 -30.27 7.88 -25.75
N LEU B 399 -29.94 6.60 -25.90
CA LEU B 399 -28.78 6.20 -26.69
C LEU B 399 -28.99 6.47 -28.17
N HIS B 400 -27.97 7.02 -28.82
CA HIS B 400 -27.94 7.24 -30.27
C HIS B 400 -29.11 8.09 -30.74
N GLN B 401 -29.38 9.16 -30.01
CA GLN B 401 -30.37 10.17 -30.41
C GLN B 401 -29.75 11.55 -30.25
N PRO B 402 -28.75 11.88 -31.06
CA PRO B 402 -28.09 13.18 -30.93
C PRO B 402 -29.01 14.32 -31.35
N ILE B 403 -28.74 15.49 -30.80
CA ILE B 403 -29.61 16.64 -30.98
C ILE B 403 -28.88 17.77 -31.70
N PRO B 404 -29.53 18.48 -32.61
CA PRO B 404 -28.96 19.75 -33.11
C PRO B 404 -28.91 20.79 -32.00
N VAL B 405 -27.98 21.74 -32.15
CA VAL B 405 -27.68 22.70 -31.09
C VAL B 405 -28.90 23.57 -30.77
N GLU B 406 -29.65 23.99 -31.79
CA GLU B 406 -30.66 25.01 -31.52
C GLU B 406 -31.80 24.48 -30.65
N LYS B 407 -32.19 23.22 -30.82
CA LYS B 407 -33.20 22.65 -29.94
C LYS B 407 -32.68 22.54 -28.52
N GLN B 408 -31.39 22.23 -28.37
CA GLN B 408 -30.77 22.24 -27.05
C GLN B 408 -30.92 23.61 -26.40
N VAL B 409 -30.52 24.66 -27.12
CA VAL B 409 -30.54 25.99 -26.51
C VAL B 409 -31.97 26.42 -26.24
N LEU B 410 -32.93 25.97 -27.06
CA LEU B 410 -34.34 26.28 -26.79
C LEU B 410 -34.82 25.62 -25.50
N ILE B 411 -34.56 24.32 -25.34
CA ILE B 411 -35.05 23.63 -24.16
C ILE B 411 -34.33 24.13 -22.90
N ILE B 412 -33.04 24.47 -23.02
CA ILE B 412 -32.34 25.02 -21.87
C ILE B 412 -32.83 26.42 -21.53
N TYR B 413 -33.22 27.21 -22.54
CA TYR B 413 -33.89 28.47 -22.26
C TYR B 413 -35.18 28.23 -21.50
N ALA B 414 -35.94 27.21 -21.90
CA ALA B 414 -37.17 26.89 -21.18
C ALA B 414 -36.86 26.50 -19.74
N LEU B 415 -35.78 25.75 -19.54
CA LEU B 415 -35.40 25.32 -18.20
C LEU B 415 -35.00 26.50 -17.32
N THR B 416 -34.05 27.31 -17.79
CA THR B 416 -33.41 28.30 -16.93
C THR B 416 -34.39 29.37 -16.47
N ARG B 417 -35.25 29.85 -17.37
CA ARG B 417 -36.20 30.88 -17.03
C ARG B 417 -37.35 30.36 -16.16
N GLY B 418 -37.34 29.09 -15.79
CA GLY B 418 -38.35 28.55 -14.90
C GLY B 418 -39.69 28.25 -15.54
N PHE B 419 -39.72 28.01 -16.86
CA PHE B 419 -40.96 27.67 -17.51
C PHE B 419 -41.46 26.27 -17.13
N LEU B 420 -40.59 25.42 -16.60
CA LEU B 420 -40.97 24.06 -16.25
C LEU B 420 -41.54 23.93 -14.84
N ASP B 421 -41.93 25.05 -14.22
CA ASP B 421 -42.38 25.00 -12.82
C ASP B 421 -43.67 24.20 -12.68
N ASP B 422 -44.63 24.39 -13.59
CA ASP B 422 -45.91 23.70 -13.47
C ASP B 422 -45.74 22.19 -13.65
N ILE B 423 -44.82 21.77 -14.51
CA ILE B 423 -44.68 20.39 -14.96
C ILE B 423 -44.12 19.51 -13.85
N PRO B 424 -44.83 18.47 -13.43
CA PRO B 424 -44.24 17.49 -12.49
C PRO B 424 -43.02 16.82 -13.11
N VAL B 425 -42.10 16.39 -12.24
CA VAL B 425 -40.78 15.94 -12.68
C VAL B 425 -40.88 14.82 -13.69
N GLU B 426 -41.83 13.91 -13.51
CA GLU B 426 -41.94 12.76 -14.42
C GLU B 426 -42.33 13.21 -15.83
N ASP B 427 -43.22 14.21 -15.92
CA ASP B 427 -43.64 14.71 -17.22
C ASP B 427 -42.54 15.47 -17.95
N VAL B 428 -41.46 15.84 -17.25
CA VAL B 428 -40.41 16.67 -17.84
C VAL B 428 -39.76 15.96 -19.03
N ARG B 429 -39.52 14.66 -18.91
CA ARG B 429 -38.85 13.94 -19.99
C ARG B 429 -39.69 13.91 -21.26
N ARG B 430 -40.99 13.63 -21.13
CA ARG B 430 -41.89 13.66 -22.27
C ARG B 430 -42.10 15.08 -22.77
N PHE B 431 -42.04 16.05 -21.85
CA PHE B 431 -42.18 17.46 -22.24
C PHE B 431 -41.15 17.84 -23.28
N GLU B 432 -39.90 17.40 -23.10
CA GLU B 432 -38.84 17.76 -24.04
C GLU B 432 -39.15 17.25 -25.45
N LYS B 433 -39.58 16.00 -25.56
CA LYS B 433 -39.81 15.42 -26.89
C LYS B 433 -41.04 16.04 -27.56
N GLU B 434 -42.13 16.21 -26.80
CA GLU B 434 -43.32 16.82 -27.38
C GLU B 434 -43.07 18.28 -27.72
N PHE B 435 -42.25 18.97 -26.92
CA PHE B 435 -41.84 20.33 -27.23
C PHE B 435 -41.02 20.39 -28.50
N TYR B 436 -40.10 19.43 -28.68
CA TYR B 436 -39.35 19.37 -29.93
C TYR B 436 -40.28 19.20 -31.12
N LEU B 437 -41.26 18.30 -31.01
CA LEU B 437 -42.19 18.11 -32.11
C LEU B 437 -43.00 19.37 -32.39
N PHE B 438 -43.46 20.05 -31.33
CA PHE B 438 -44.28 21.24 -31.51
C PHE B 438 -43.48 22.36 -32.15
N LEU B 439 -42.22 22.51 -31.76
CA LEU B 439 -41.38 23.53 -32.38
C LEU B 439 -41.06 23.17 -33.82
N ASP B 440 -40.93 21.88 -34.12
CA ASP B 440 -40.74 21.46 -35.50
C ASP B 440 -41.94 21.82 -36.36
N GLN B 441 -43.15 21.61 -35.84
CA GLN B 441 -44.34 21.85 -36.67
C GLN B 441 -44.73 23.32 -36.69
N ASN B 442 -44.78 23.98 -35.54
CA ASN B 442 -45.32 25.33 -35.43
C ASN B 442 -44.22 26.39 -35.39
N GLY B 443 -43.30 26.30 -34.42
CA GLY B 443 -42.31 27.32 -34.22
C GLY B 443 -41.03 27.12 -34.99
N GLN B 444 -41.14 26.91 -36.30
CA GLN B 444 -39.96 26.75 -37.13
C GLN B 444 -39.18 28.05 -37.28
N HIS B 445 -39.85 29.20 -37.17
CA HIS B 445 -39.17 30.47 -37.38
C HIS B 445 -38.05 30.70 -36.36
N LEU B 446 -38.24 30.23 -35.13
CA LEU B 446 -37.16 30.33 -34.13
C LEU B 446 -35.95 29.52 -34.57
N LEU B 447 -36.18 28.30 -35.07
CA LEU B 447 -35.08 27.50 -35.57
C LEU B 447 -34.38 28.19 -36.73
N GLU B 448 -35.16 28.84 -37.60
CA GLU B 448 -34.54 29.58 -38.71
C GLU B 448 -33.72 30.76 -38.22
N HIS B 449 -34.24 31.47 -37.21
CA HIS B 449 -33.53 32.62 -36.65
C HIS B 449 -32.20 32.20 -36.06
N ILE B 450 -32.19 31.10 -35.30
CA ILE B 450 -30.94 30.60 -34.73
C ILE B 450 -30.01 30.06 -35.82
N ARG B 451 -30.56 29.35 -36.79
CA ARG B 451 -29.74 28.76 -37.85
C ARG B 451 -29.03 29.83 -38.67
N THR B 452 -29.74 30.90 -39.02
CA THR B 452 -29.12 31.98 -39.79
C THR B 452 -28.23 32.85 -38.90
N THR B 453 -28.77 33.31 -37.76
CA THR B 453 -28.13 34.35 -36.97
C THR B 453 -26.94 33.84 -36.15
N LYS B 454 -27.01 32.59 -35.69
CA LYS B 454 -26.10 32.06 -34.66
C LYS B 454 -26.25 32.83 -33.34
N ASP B 455 -27.46 33.28 -33.04
CA ASP B 455 -27.71 34.09 -31.86
C ASP B 455 -29.13 33.81 -31.36
N LEU B 456 -29.37 34.18 -30.11
CA LEU B 456 -30.66 33.92 -29.49
C LEU B 456 -31.75 34.72 -30.20
N PRO B 457 -32.91 34.12 -30.44
CA PRO B 457 -34.00 34.85 -31.09
C PRO B 457 -34.56 35.93 -30.17
N ASN B 458 -35.37 36.80 -30.77
CA ASN B 458 -36.04 37.84 -30.01
C ASN B 458 -36.84 37.22 -28.88
N GLU B 459 -36.77 37.83 -27.70
CA GLU B 459 -37.37 37.23 -26.52
C GLU B 459 -38.87 37.04 -26.69
N ASP B 460 -39.54 37.98 -27.35
CA ASP B 460 -40.99 37.86 -27.50
C ASP B 460 -41.39 36.64 -28.31
N ASP B 461 -40.68 36.36 -29.40
CA ASP B 461 -41.01 35.20 -30.22
C ASP B 461 -40.76 33.91 -29.46
N LEU B 462 -39.62 33.83 -28.77
CA LEU B 462 -39.31 32.64 -27.99
C LEU B 462 -40.33 32.42 -26.89
N ASN B 463 -40.72 33.48 -26.19
CA ASN B 463 -41.71 33.34 -25.13
C ASN B 463 -43.06 32.92 -25.67
N LYS B 464 -43.50 33.51 -26.78
CA LYS B 464 -44.79 33.12 -27.36
C LYS B 464 -44.75 31.67 -27.84
N ALA B 465 -43.67 31.27 -28.50
CA ALA B 465 -43.58 29.91 -29.02
C ALA B 465 -43.54 28.87 -27.90
N ILE B 466 -42.77 29.14 -26.84
CA ILE B 466 -42.70 28.20 -25.73
C ILE B 466 -44.02 28.17 -24.97
N GLU B 467 -44.64 29.34 -24.77
CA GLU B 467 -45.91 29.40 -24.04
C GLU B 467 -47.03 28.71 -24.80
N ALA B 468 -47.01 28.78 -26.14
CA ALA B 468 -48.05 28.14 -26.93
C ALA B 468 -48.08 26.64 -26.70
N PHE B 469 -46.90 26.01 -26.66
CA PHE B 469 -46.83 24.56 -26.49
C PHE B 469 -47.38 24.13 -25.13
N LYS B 470 -47.10 24.91 -24.08
CA LYS B 470 -47.53 24.53 -22.74
C LYS B 470 -49.04 24.39 -22.63
N LYS B 471 -49.79 25.09 -23.50
CA LYS B 471 -51.24 24.99 -23.44
C LYS B 471 -51.72 23.61 -23.90
N THR B 472 -51.08 23.07 -24.94
CA THR B 472 -51.46 21.73 -25.42
C THR B 472 -51.05 20.65 -24.43
N PHE B 473 -49.88 20.80 -23.81
CA PHE B 473 -49.33 19.74 -22.98
C PHE B 473 -50.17 19.51 -21.73
N VAL B 474 -50.33 18.24 -21.39
CA VAL B 474 -51.06 17.83 -20.19
C VAL B 474 -50.28 16.73 -19.46
N ASP C 2 50.39 5.33 -1.67
CA ASP C 2 49.56 6.28 -0.94
C ASP C 2 48.57 6.98 -1.87
N VAL C 3 48.42 6.46 -3.09
CA VAL C 3 47.63 7.11 -4.12
C VAL C 3 46.77 6.08 -4.84
N GLY C 4 45.68 6.57 -5.45
CA GLY C 4 44.85 5.75 -6.30
C GLY C 4 44.34 6.56 -7.48
N THR C 5 43.82 5.85 -8.48
CA THR C 5 43.25 6.47 -9.66
C THR C 5 41.76 6.16 -9.73
N VAL C 6 40.94 7.18 -9.95
CA VAL C 6 39.50 7.01 -10.01
C VAL C 6 39.11 6.29 -11.29
N ILE C 7 38.07 5.47 -11.23
CA ILE C 7 37.65 4.69 -12.38
C ILE C 7 36.14 4.81 -12.63
N GLN C 8 35.39 5.31 -11.65
CA GLN C 8 33.96 5.51 -11.82
C GLN C 8 33.52 6.69 -10.98
N VAL C 9 32.69 7.56 -11.55
CA VAL C 9 32.15 8.72 -10.87
C VAL C 9 30.66 8.83 -11.16
N GLY C 10 29.84 8.87 -10.12
CA GLY C 10 28.42 9.06 -10.31
C GLY C 10 27.68 9.67 -9.13
N ASP C 11 27.13 10.87 -9.33
CA ASP C 11 26.27 11.60 -8.37
C ASP C 11 26.71 11.42 -6.92
N GLY C 12 27.98 11.72 -6.67
CA GLY C 12 28.48 11.80 -5.32
C GLY C 12 29.16 10.56 -4.78
N ILE C 13 29.34 9.53 -5.60
CA ILE C 13 30.05 8.32 -5.21
C ILE C 13 31.13 8.07 -6.25
N ALA C 14 32.14 7.30 -5.86
CA ALA C 14 33.25 7.04 -6.76
C ALA C 14 33.89 5.71 -6.40
N ARG C 15 34.80 5.26 -7.25
CA ARG C 15 35.61 4.08 -7.01
C ARG C 15 37.03 4.41 -7.44
N ALA C 16 38.00 3.71 -6.86
CA ALA C 16 39.40 3.97 -7.18
C ALA C 16 40.18 2.67 -7.20
N HIS C 17 41.24 2.65 -8.01
CA HIS C 17 42.14 1.51 -8.11
C HIS C 17 43.49 1.87 -7.49
N GLY C 18 43.81 1.24 -6.37
CA GLY C 18 45.07 1.47 -5.67
C GLY C 18 44.85 1.47 -4.18
N LEU C 19 45.54 2.37 -3.47
CA LEU C 19 45.28 2.61 -2.04
C LEU C 19 45.43 1.31 -1.23
N ASP C 20 46.53 0.59 -1.45
CA ASP C 20 46.68 -0.74 -0.87
C ASP C 20 46.65 -0.73 0.65
N ASN C 21 46.97 0.40 1.29
CA ASN C 21 47.04 0.47 2.73
C ASN C 21 46.00 1.40 3.35
N VAL C 22 45.01 1.84 2.57
CA VAL C 22 43.98 2.72 3.11
C VAL C 22 43.21 2.00 4.22
N MET C 23 42.71 2.77 5.17
CA MET C 23 41.95 2.25 6.30
C MET C 23 40.47 2.57 6.13
N SER C 24 39.62 1.69 6.66
CA SER C 24 38.19 1.93 6.65
C SER C 24 37.87 3.21 7.42
N GLY C 25 37.01 4.05 6.84
CA GLY C 25 36.63 5.30 7.46
C GLY C 25 37.63 6.42 7.28
N GLU C 26 38.73 6.19 6.57
CA GLU C 26 39.77 7.18 6.42
C GLU C 26 39.34 8.30 5.48
N LEU C 27 39.86 9.49 5.71
CA LEU C 27 39.66 10.60 4.79
C LEU C 27 40.59 10.49 3.60
N VAL C 28 40.04 10.58 2.40
CA VAL C 28 40.82 10.59 1.16
C VAL C 28 40.53 11.92 0.45
N GLU C 29 41.58 12.55 -0.06
CA GLU C 29 41.48 13.89 -0.65
C GLU C 29 41.80 13.83 -2.14
N PHE C 30 40.94 14.46 -2.93
CA PHE C 30 41.10 14.50 -4.37
C PHE C 30 42.00 15.67 -4.78
N ALA C 31 42.39 15.66 -6.06
CA ALA C 31 43.16 16.78 -6.60
C ALA C 31 42.33 18.06 -6.63
N ASN C 32 41.01 17.93 -6.82
CA ASN C 32 40.13 19.08 -6.85
C ASN C 32 40.04 19.80 -5.51
N GLY C 33 40.53 19.19 -4.44
CA GLY C 33 40.43 19.76 -3.12
C GLY C 33 39.20 19.35 -2.33
N VAL C 34 38.31 18.56 -2.94
CA VAL C 34 37.16 18.04 -2.21
C VAL C 34 37.59 16.85 -1.36
N MET C 35 36.93 16.69 -0.22
CA MET C 35 37.26 15.63 0.73
C MET C 35 36.30 14.46 0.58
N GLY C 36 36.85 13.24 0.59
CA GLY C 36 36.06 12.06 0.46
C GLY C 36 36.33 11.08 1.60
N MET C 37 35.36 10.18 1.80
CA MET C 37 35.37 9.23 2.90
C MET C 37 35.30 7.81 2.34
N ALA C 38 36.31 6.99 2.67
CA ALA C 38 36.30 5.60 2.24
C ALA C 38 35.24 4.77 2.99
N LEU C 39 34.28 4.22 2.25
CA LEU C 39 33.21 3.44 2.86
C LEU C 39 33.43 1.93 2.76
N ASN C 40 33.91 1.44 1.62
CA ASN C 40 34.08 0.01 1.41
C ASN C 40 35.42 -0.25 0.74
N LEU C 41 36.02 -1.38 1.06
CA LEU C 41 37.21 -1.87 0.40
C LEU C 41 36.90 -3.21 -0.24
N GLU C 42 37.37 -3.41 -1.45
CA GLU C 42 37.15 -4.63 -2.21
C GLU C 42 38.49 -5.25 -2.54
N GLU C 43 38.44 -6.40 -3.21
CA GLU C 43 39.67 -7.07 -3.60
C GLU C 43 40.47 -6.24 -4.60
N ASN C 44 39.82 -5.33 -5.34
CA ASN C 44 40.54 -4.53 -6.32
C ASN C 44 40.11 -3.07 -6.42
N ASN C 45 39.21 -2.59 -5.57
CA ASN C 45 38.75 -1.21 -5.68
C ASN C 45 38.29 -0.70 -4.32
N VAL C 46 38.15 0.61 -4.20
CA VAL C 46 37.77 1.29 -2.97
C VAL C 46 36.61 2.23 -3.26
N GLY C 47 35.54 2.11 -2.46
CA GLY C 47 34.39 2.99 -2.60
C GLY C 47 34.53 4.27 -1.80
N ILE C 48 34.37 5.42 -2.46
CA ILE C 48 34.63 6.72 -1.87
C ILE C 48 33.38 7.56 -1.96
N VAL C 49 32.96 8.15 -0.85
CA VAL C 49 31.82 9.07 -0.81
C VAL C 49 32.35 10.49 -0.79
N ILE C 50 32.01 11.27 -1.80
CA ILE C 50 32.49 12.65 -1.95
C ILE C 50 31.61 13.60 -1.14
N LEU C 51 32.24 14.56 -0.49
CA LEU C 51 31.58 15.56 0.35
C LEU C 51 31.75 16.93 -0.31
N GLY C 52 30.78 17.34 -1.12
CA GLY C 52 30.86 18.58 -1.86
C GLY C 52 30.71 18.38 -3.37
N PRO C 53 30.92 19.46 -4.14
CA PRO C 53 30.77 19.38 -5.59
C PRO C 53 31.72 18.38 -6.26
N TYR C 54 31.14 17.35 -6.87
CA TYR C 54 31.87 16.25 -7.49
C TYR C 54 32.15 16.46 -8.97
N THR C 55 31.84 17.65 -9.52
CA THR C 55 31.86 17.83 -10.97
C THR C 55 33.28 17.78 -11.53
N GLY C 56 34.27 18.22 -10.76
CA GLY C 56 35.64 18.24 -11.25
C GLY C 56 36.30 16.87 -11.32
N ILE C 57 35.69 15.84 -10.76
CA ILE C 57 36.32 14.54 -10.64
C ILE C 57 36.07 13.72 -11.90
N LYS C 58 37.12 13.12 -12.44
CA LYS C 58 37.05 12.34 -13.66
C LYS C 58 37.75 11.01 -13.48
N GLU C 59 37.44 10.07 -14.36
CA GLU C 59 38.27 8.88 -14.50
C GLU C 59 39.68 9.28 -14.88
N GLY C 60 40.67 8.56 -14.35
CA GLY C 60 42.06 8.85 -14.62
C GLY C 60 42.71 9.81 -13.66
N ASP C 61 41.95 10.38 -12.71
CA ASP C 61 42.47 11.32 -11.73
C ASP C 61 43.43 10.61 -10.75
N GLU C 62 44.00 11.41 -9.88
CA GLU C 62 44.78 10.92 -8.74
C GLU C 62 44.08 11.29 -7.44
N VAL C 63 43.97 10.32 -6.54
CA VAL C 63 43.38 10.53 -5.22
C VAL C 63 44.41 10.15 -4.17
N ARG C 64 44.55 11.01 -3.15
CA ARG C 64 45.65 10.90 -2.20
C ARG C 64 45.14 10.60 -0.79
N ARG C 65 45.99 9.94 -0.01
CA ARG C 65 45.64 9.42 1.30
C ARG C 65 46.10 10.39 2.38
N THR C 66 45.22 10.66 3.36
CA THR C 66 45.52 11.60 4.44
C THR C 66 45.94 10.95 5.74
N GLY C 67 45.43 9.75 6.04
CA GLY C 67 45.70 9.11 7.32
C GLY C 67 44.82 9.54 8.48
N ARG C 68 43.74 10.26 8.22
CA ARG C 68 42.83 10.75 9.25
C ARG C 68 41.54 9.93 9.23
N ILE C 69 41.01 9.59 10.40
CA ILE C 69 39.71 8.94 10.49
C ILE C 69 38.68 9.99 10.89
N MET C 70 38.05 10.60 9.89
CA MET C 70 36.92 11.52 10.08
C MET C 70 37.18 12.57 11.16
N GLU C 71 38.34 13.23 11.10
CA GLU C 71 38.76 14.17 12.13
C GLU C 71 38.07 15.53 12.01
N VAL C 72 36.99 15.73 12.75
CA VAL C 72 36.42 17.09 12.88
C VAL C 72 37.31 17.91 13.81
N PRO C 73 37.77 19.09 13.39
CA PRO C 73 38.53 19.94 14.32
C PRO C 73 37.60 20.60 15.33
N VAL C 74 38.08 20.65 16.59
CA VAL C 74 37.33 21.22 17.70
C VAL C 74 38.29 22.08 18.51
N GLY C 75 37.72 22.88 19.41
CA GLY C 75 38.53 23.69 20.28
C GLY C 75 37.78 24.92 20.74
N GLU C 76 38.55 25.87 21.27
CA GLU C 76 37.97 27.05 21.89
C GLU C 76 37.53 28.08 20.87
N ALA C 77 38.25 28.19 19.75
CA ALA C 77 38.05 29.27 18.81
C ALA C 77 36.69 29.24 18.12
N LEU C 78 35.96 28.12 18.18
CA LEU C 78 34.73 27.99 17.42
C LEU C 78 33.60 28.88 17.93
N ILE C 79 33.67 29.34 19.18
CA ILE C 79 32.52 30.04 19.77
C ILE C 79 32.25 31.32 18.99
N GLY C 80 30.99 31.50 18.59
CA GLY C 80 30.59 32.67 17.82
C GLY C 80 30.84 32.61 16.33
N ARG C 81 31.15 31.43 15.80
CA ARG C 81 31.46 31.27 14.38
C ARG C 81 30.42 30.38 13.71
N VAL C 82 30.34 30.49 12.39
CA VAL C 82 29.48 29.64 11.56
C VAL C 82 30.37 28.82 10.64
N VAL C 83 30.16 27.50 10.66
CA VAL C 83 31.04 26.57 9.94
C VAL C 83 30.20 25.52 9.22
N ASN C 84 30.85 24.86 8.27
CA ASN C 84 30.34 23.65 7.65
C ASN C 84 30.57 22.46 8.57
N PRO C 85 29.92 21.32 8.30
CA PRO C 85 30.17 20.14 9.15
C PRO C 85 31.63 19.73 9.22
N LEU C 86 32.39 19.93 8.14
CA LEU C 86 33.82 19.65 8.18
C LEU C 86 34.61 20.72 8.91
N GLY C 87 33.94 21.73 9.47
CA GLY C 87 34.62 22.76 10.23
C GLY C 87 35.24 23.88 9.43
N GLN C 88 34.97 23.96 8.13
CA GLN C 88 35.43 25.11 7.36
C GLN C 88 34.56 26.32 7.65
N PRO C 89 35.15 27.51 7.75
CA PRO C 89 34.35 28.70 8.03
C PRO C 89 33.45 29.06 6.84
N VAL C 90 32.26 29.56 7.16
CA VAL C 90 31.25 29.87 6.15
C VAL C 90 30.95 31.37 6.10
N ASP C 91 30.76 32.01 7.25
CA ASP C 91 30.38 33.42 7.30
C ASP C 91 31.55 34.37 7.20
N GLY C 92 32.67 33.93 6.62
CA GLY C 92 33.84 34.79 6.54
C GLY C 92 34.52 34.92 7.89
N LEU C 93 34.82 36.17 8.27
CA LEU C 93 35.49 36.48 9.54
C LEU C 93 36.81 35.71 9.67
N GLY C 94 37.43 35.38 8.55
CA GLY C 94 38.72 34.73 8.55
C GLY C 94 38.65 33.27 8.98
N PRO C 95 39.81 32.63 9.10
CA PRO C 95 39.84 31.22 9.50
C PRO C 95 39.51 31.03 10.98
N VAL C 96 39.37 29.77 11.35
CA VAL C 96 39.14 29.36 12.74
C VAL C 96 40.38 28.64 13.23
N GLU C 97 40.93 29.11 14.36
CA GLU C 97 42.11 28.50 14.95
C GLU C 97 41.72 27.46 16.00
N THR C 98 41.18 26.33 15.51
CA THR C 98 40.82 25.22 16.37
C THR C 98 42.06 24.59 16.99
N THR C 99 41.84 23.90 18.12
CA THR C 99 42.94 23.34 18.90
C THR C 99 43.34 21.95 18.43
N GLU C 100 42.40 21.02 18.35
CA GLU C 100 42.71 19.65 17.92
C GLU C 100 41.43 19.02 17.37
N THR C 101 41.46 17.72 17.14
CA THR C 101 40.46 17.02 16.34
C THR C 101 39.82 15.89 17.14
N ARG C 102 38.49 15.76 17.01
CA ARG C 102 37.75 14.64 17.58
C ARG C 102 37.01 13.88 16.48
N PRO C 103 37.26 12.58 16.29
CA PRO C 103 36.44 11.80 15.36
C PRO C 103 34.98 11.80 15.79
N ILE C 104 34.08 11.84 14.80
CA ILE C 104 32.66 11.96 15.07
C ILE C 104 32.03 10.64 15.52
N GLU C 105 32.71 9.51 15.31
CA GLU C 105 32.15 8.20 15.62
C GLU C 105 32.62 7.66 16.97
N SER C 106 32.92 8.52 17.92
CA SER C 106 33.43 8.08 19.22
C SER C 106 32.34 7.38 20.04
N ARG C 107 32.79 6.53 20.96
CA ARG C 107 31.89 5.76 21.81
C ARG C 107 31.13 6.65 22.79
N ALA C 108 29.85 6.38 22.95
CA ALA C 108 29.00 7.19 23.82
C ALA C 108 29.27 6.88 25.30
N PRO C 109 28.96 7.81 26.19
CA PRO C 109 28.92 7.48 27.63
C PRO C 109 27.87 6.43 27.92
N GLY C 110 28.14 5.61 28.92
CA GLY C 110 27.34 4.43 29.17
C GLY C 110 27.19 4.13 30.64
N VAL C 111 26.74 2.90 30.92
CA VAL C 111 26.41 2.46 32.27
C VAL C 111 27.62 2.63 33.19
N MET C 112 27.38 3.25 34.35
CA MET C 112 28.38 3.46 35.39
C MET C 112 29.44 4.47 34.97
N ASP C 113 29.35 4.94 33.73
CA ASP C 113 29.95 6.21 33.36
C ASP C 113 28.99 7.37 33.52
N ARG C 114 27.69 7.08 33.51
CA ARG C 114 26.64 8.09 33.61
C ARG C 114 26.18 8.28 35.05
N ARG C 115 25.30 9.25 35.22
CA ARG C 115 24.66 9.54 36.50
C ARG C 115 23.26 10.07 36.22
N SER C 116 22.37 9.96 37.21
CA SER C 116 21.00 10.42 37.03
C SER C 116 20.95 11.94 36.91
N VAL C 117 20.08 12.42 36.02
CA VAL C 117 19.91 13.85 35.83
C VAL C 117 19.18 14.48 37.01
N HIS C 118 19.71 15.60 37.51
CA HIS C 118 19.07 16.27 38.64
C HIS C 118 19.05 17.79 38.57
N GLU C 119 19.24 18.40 37.40
CA GLU C 119 19.29 19.87 37.35
C GLU C 119 18.64 20.37 36.08
N PRO C 120 17.98 21.54 36.12
CA PRO C 120 17.22 22.03 34.97
C PRO C 120 17.96 22.96 34.03
N LEU C 121 17.57 22.96 32.75
CA LEU C 121 17.78 24.10 31.87
C LEU C 121 16.50 24.92 31.82
N GLN C 122 16.63 26.23 31.95
CA GLN C 122 15.47 27.13 31.93
C GLN C 122 15.19 27.55 30.50
N THR C 123 14.07 27.07 29.94
CA THR C 123 13.63 27.53 28.64
C THR C 123 13.03 28.93 28.71
N GLY C 124 12.45 29.30 29.86
CA GLY C 124 11.81 30.59 30.00
C GLY C 124 10.37 30.64 29.52
N ILE C 125 9.83 29.54 29.01
CA ILE C 125 8.45 29.49 28.54
C ILE C 125 7.59 28.96 29.69
N LYS C 126 6.57 29.73 30.06
CA LYS C 126 5.72 29.38 31.19
C LYS C 126 5.10 28.01 31.02
N ALA C 127 4.55 27.73 29.84
CA ALA C 127 3.85 26.46 29.63
C ALA C 127 4.82 25.28 29.72
N ILE C 128 5.99 25.38 29.10
CA ILE C 128 6.93 24.26 29.13
C ILE C 128 7.43 24.02 30.56
N ASP C 129 7.86 25.08 31.23
CA ASP C 129 8.42 24.93 32.57
C ASP C 129 7.37 24.53 33.60
N ALA C 130 6.10 24.86 33.37
CA ALA C 130 5.06 24.42 34.29
C ALA C 130 4.67 22.97 34.02
N LEU C 131 4.38 22.63 32.76
CA LEU C 131 3.90 21.29 32.43
C LEU C 131 5.04 20.27 32.40
N VAL C 132 6.07 20.52 31.61
CA VAL C 132 7.06 19.50 31.28
C VAL C 132 8.47 20.02 31.47
N PRO C 133 9.10 19.79 32.62
CA PRO C 133 10.46 20.33 32.84
C PRO C 133 11.51 19.47 32.14
N ILE C 134 12.46 20.13 31.49
CA ILE C 134 13.57 19.47 30.83
C ILE C 134 14.78 19.55 31.75
N GLY C 135 15.35 18.39 32.08
CA GLY C 135 16.58 18.35 32.86
C GLY C 135 17.82 18.43 31.99
N ARG C 136 18.96 18.64 32.66
CA ARG C 136 20.24 18.73 31.98
C ARG C 136 20.77 17.33 31.66
N GLY C 137 20.91 17.02 30.37
CA GLY C 137 21.23 15.70 29.90
C GLY C 137 20.05 14.93 29.35
N GLN C 138 18.83 15.36 29.66
CA GLN C 138 17.63 14.73 29.14
C GLN C 138 17.47 15.03 27.66
N ARG C 139 16.80 14.13 26.95
CA ARG C 139 16.49 14.31 25.53
C ARG C 139 14.99 14.50 25.39
N GLU C 140 14.56 15.74 25.19
CA GLU C 140 13.15 16.07 25.02
C GLU C 140 12.90 16.34 23.54
N LEU C 141 12.53 15.30 22.81
CA LEU C 141 12.20 15.44 21.40
C LEU C 141 11.09 16.46 21.19
N ILE C 142 11.26 17.32 20.18
CA ILE C 142 10.29 18.33 19.82
C ILE C 142 9.90 18.11 18.36
N ILE C 143 8.62 17.79 18.13
CA ILE C 143 8.13 17.46 16.80
C ILE C 143 6.82 18.21 16.55
N GLY C 144 6.50 18.37 15.27
CA GLY C 144 5.24 18.98 14.89
C GLY C 144 5.19 19.15 13.39
N ASP C 145 4.10 19.76 12.93
CA ASP C 145 3.94 20.05 11.51
C ASP C 145 4.66 21.35 11.16
N ARG C 146 4.70 21.65 9.86
CA ARG C 146 5.39 22.84 9.38
C ARG C 146 4.68 24.10 9.85
N GLN C 147 5.48 25.15 10.06
CA GLN C 147 4.99 26.46 10.51
C GLN C 147 4.18 26.35 11.80
N THR C 148 4.83 25.79 12.83
CA THR C 148 4.20 25.64 14.14
C THR C 148 4.98 26.28 15.28
N GLY C 149 6.31 26.35 15.21
CA GLY C 149 7.07 27.02 16.24
C GLY C 149 8.24 26.27 16.84
N LYS C 150 8.82 25.33 16.12
CA LYS C 150 9.97 24.60 16.63
C LYS C 150 11.21 25.47 16.68
N THR C 151 11.55 26.12 15.56
CA THR C 151 12.76 26.93 15.51
C THR C 151 12.68 28.09 16.48
N SER C 152 11.48 28.68 16.64
CA SER C 152 11.32 29.76 17.60
C SER C 152 11.58 29.28 19.02
N VAL C 153 11.14 28.06 19.35
CA VAL C 153 11.38 27.52 20.69
C VAL C 153 12.86 27.24 20.90
N ALA C 154 13.54 26.69 19.89
CA ALA C 154 14.98 26.48 20.01
C ALA C 154 15.72 27.79 20.21
N ILE C 155 15.36 28.82 19.43
CA ILE C 155 16.00 30.13 19.57
C ILE C 155 15.73 30.71 20.95
N ASP C 156 14.48 30.60 21.43
CA ASP C 156 14.15 31.08 22.77
C ASP C 156 14.99 30.38 23.82
N THR C 157 15.19 29.08 23.70
CA THR C 157 15.96 28.36 24.69
C THR C 157 17.43 28.77 24.67
N ILE C 158 18.01 28.92 23.47
CA ILE C 158 19.42 29.29 23.37
C ILE C 158 19.64 30.67 23.97
N ILE C 159 18.73 31.61 23.68
CA ILE C 159 18.87 32.97 24.18
C ILE C 159 18.81 33.00 25.71
N ASN C 160 17.84 32.29 26.30
CA ASN C 160 17.58 32.41 27.73
C ASN C 160 18.62 31.71 28.58
N GLN C 161 19.50 30.91 27.99
CA GLN C 161 20.60 30.30 28.72
C GLN C 161 21.85 31.18 28.66
N LYS C 162 21.68 32.45 28.33
CA LYS C 162 22.76 33.43 28.42
C LYS C 162 23.27 33.54 29.85
N ASP C 163 22.35 33.45 30.82
CA ASP C 163 22.72 33.65 32.23
C ASP C 163 23.62 32.53 32.75
N GLN C 164 23.24 31.27 32.52
CA GLN C 164 23.99 30.14 33.03
C GLN C 164 25.31 29.95 32.29
N ASN C 165 26.15 29.08 32.84
CA ASN C 165 27.39 28.68 32.17
C ASN C 165 27.05 27.62 31.14
N MET C 166 27.03 28.00 29.87
CA MET C 166 26.47 27.16 28.83
C MET C 166 27.26 27.33 27.54
N ILE C 167 27.42 26.23 26.82
CA ILE C 167 27.85 26.24 25.43
C ILE C 167 26.72 25.67 24.60
N SER C 168 26.41 26.33 23.48
CA SER C 168 25.34 25.90 22.60
C SER C 168 25.90 25.60 21.22
N ILE C 169 25.34 24.58 20.56
CA ILE C 169 25.67 24.27 19.18
C ILE C 169 24.36 24.11 18.42
N TYR C 170 24.17 24.94 17.40
CA TYR C 170 22.99 24.90 16.56
C TYR C 170 23.38 24.32 15.20
N VAL C 171 22.76 23.20 14.83
CA VAL C 171 23.06 22.50 13.60
C VAL C 171 21.92 22.74 12.62
N ALA C 172 22.21 23.41 11.51
CA ALA C 172 21.25 23.60 10.44
C ALA C 172 21.42 22.49 9.42
N ILE C 173 20.39 21.65 9.26
CA ILE C 173 20.45 20.48 8.39
C ILE C 173 19.48 20.69 7.25
N GLY C 174 19.99 20.68 6.01
CA GLY C 174 19.15 20.77 4.83
C GLY C 174 18.28 22.01 4.82
N GLN C 175 18.87 23.15 5.15
CA GLN C 175 18.10 24.36 5.38
C GLN C 175 18.36 25.40 4.30
N LYS C 176 17.38 26.26 4.11
CA LYS C 176 17.51 27.44 3.27
C LYS C 176 18.38 28.48 3.98
N GLU C 177 19.42 28.96 3.30
CA GLU C 177 20.41 29.84 3.92
C GLU C 177 19.80 31.12 4.47
N SER C 178 18.66 31.56 3.92
CA SER C 178 18.00 32.75 4.43
C SER C 178 17.62 32.58 5.89
N THR C 179 17.09 31.41 6.24
CA THR C 179 16.76 31.13 7.63
C THR C 179 18.01 31.13 8.52
N VAL C 180 19.12 30.59 8.01
CA VAL C 180 20.35 30.55 8.79
C VAL C 180 20.84 31.96 9.10
N ARG C 181 20.87 32.82 8.09
CA ARG C 181 21.32 34.20 8.30
C ARG C 181 20.36 34.97 9.21
N THR C 182 19.06 34.79 9.02
CA THR C 182 18.09 35.48 9.88
C THR C 182 18.24 35.04 11.34
N VAL C 183 18.44 33.75 11.58
CA VAL C 183 18.58 33.24 12.94
C VAL C 183 19.87 33.74 13.57
N VAL C 184 20.97 33.73 12.81
CA VAL C 184 22.23 34.26 13.32
C VAL C 184 22.08 35.71 13.72
N GLU C 185 21.43 36.52 12.88
CA GLU C 185 21.24 37.93 13.22
C GLU C 185 20.28 38.13 14.38
N THR C 186 19.31 37.22 14.58
CA THR C 186 18.48 37.31 15.78
C THR C 186 19.30 37.02 17.04
N LEU C 187 20.18 36.04 16.96
CA LEU C 187 21.07 35.75 18.09
C LEU C 187 21.96 36.95 18.40
N ARG C 188 22.48 37.59 17.36
CA ARG C 188 23.31 38.76 17.58
C ARG C 188 22.51 39.92 18.17
N LYS C 189 21.28 40.11 17.70
CA LYS C 189 20.43 41.16 18.25
C LYS C 189 20.09 40.89 19.72
N HIS C 190 20.02 39.64 20.14
CA HIS C 190 19.81 39.31 21.55
C HIS C 190 21.08 38.88 22.27
N GLY C 191 22.24 38.97 21.62
CA GLY C 191 23.51 38.76 22.28
C GLY C 191 23.78 37.34 22.75
N ALA C 192 23.48 36.36 21.91
CA ALA C 192 23.71 34.97 22.23
C ALA C 192 24.84 34.35 21.41
N LEU C 193 25.58 35.15 20.65
CA LEU C 193 26.67 34.61 19.86
C LEU C 193 27.99 34.54 20.61
N ASP C 194 28.04 35.02 21.85
CA ASP C 194 29.30 35.01 22.59
C ASP C 194 29.81 33.60 22.83
N TYR C 195 28.92 32.61 22.86
CA TYR C 195 29.26 31.24 23.18
C TYR C 195 28.83 30.24 22.12
N THR C 196 27.74 30.50 21.40
CA THR C 196 27.18 29.53 20.47
C THR C 196 28.12 29.24 19.32
N ILE C 197 28.16 27.97 18.90
CA ILE C 197 28.76 27.56 17.64
C ILE C 197 27.62 27.19 16.71
N VAL C 198 27.69 27.63 15.45
CA VAL C 198 26.65 27.36 14.46
C VAL C 198 27.25 26.51 13.35
N VAL C 199 26.64 25.35 13.10
CA VAL C 199 27.02 24.47 12.00
C VAL C 199 25.88 24.45 10.98
N THR C 200 26.21 24.65 9.71
CA THR C 200 25.21 24.72 8.65
C THR C 200 25.57 23.77 7.52
N ALA C 201 24.59 22.97 7.09
CA ALA C 201 24.67 22.16 5.87
C ALA C 201 23.45 22.50 5.02
N SER C 202 23.63 23.37 4.04
CA SER C 202 22.52 23.91 3.27
C SER C 202 21.93 22.87 2.34
N ALA C 203 20.68 23.12 1.92
CA ALA C 203 19.97 22.19 1.04
C ALA C 203 20.66 22.03 -0.30
N SER C 204 21.39 23.06 -0.75
CA SER C 204 22.13 22.94 -2.00
C SER C 204 23.23 21.89 -1.91
N GLN C 205 23.78 21.67 -0.71
CA GLN C 205 24.89 20.76 -0.53
C GLN C 205 24.46 19.32 -0.74
N PRO C 206 25.40 18.43 -0.99
CA PRO C 206 25.05 17.01 -1.15
C PRO C 206 24.47 16.44 0.14
N ALA C 207 23.71 15.34 -0.01
CA ALA C 207 23.19 14.62 1.14
C ALA C 207 24.29 14.13 2.09
N PRO C 208 25.44 13.62 1.63
CA PRO C 208 26.48 13.22 2.58
C PRO C 208 26.82 14.27 3.63
N LEU C 209 26.90 15.55 3.23
CA LEU C 209 27.13 16.60 4.21
C LEU C 209 25.95 16.75 5.16
N LEU C 210 24.74 16.43 4.70
CA LEU C 210 23.56 16.60 5.55
C LEU C 210 23.52 15.58 6.67
N PHE C 211 23.86 14.32 6.39
CA PHE C 211 23.77 13.31 7.44
C PHE C 211 24.94 13.40 8.41
N LEU C 212 26.08 13.94 7.97
CA LEU C 212 27.21 14.16 8.85
C LEU C 212 27.07 15.39 9.74
N ALA C 213 26.10 16.27 9.48
CA ALA C 213 26.01 17.52 10.24
C ALA C 213 25.69 17.32 11.71
N PRO C 214 24.66 16.56 12.11
CA PRO C 214 24.43 16.39 13.55
C PRO C 214 25.55 15.65 14.25
N TYR C 215 26.26 14.77 13.54
CA TYR C 215 27.44 14.14 14.13
C TYR C 215 28.54 15.16 14.38
N ALA C 216 28.72 16.11 13.46
CA ALA C 216 29.69 17.18 13.71
C ALA C 216 29.27 18.04 14.90
N GLY C 217 27.98 18.36 15.00
CA GLY C 217 27.49 19.11 16.14
C GLY C 217 27.75 18.40 17.46
N VAL C 218 27.43 17.11 17.53
CA VAL C 218 27.63 16.37 18.78
C VAL C 218 29.12 16.20 19.07
N ALA C 219 29.94 16.01 18.04
CA ALA C 219 31.38 15.84 18.25
C ALA C 219 32.02 17.13 18.75
N MET C 220 31.51 18.28 18.31
CA MET C 220 32.01 19.54 18.82
C MET C 220 31.53 19.80 20.25
N GLY C 221 30.26 19.48 20.54
CA GLY C 221 29.73 19.71 21.87
C GLY C 221 30.36 18.81 22.93
N GLU C 222 30.71 17.59 22.56
CA GLU C 222 31.22 16.65 23.55
C GLU C 222 32.59 17.07 24.07
N TYR C 223 33.34 17.89 23.33
CA TYR C 223 34.58 18.43 23.86
C TYR C 223 34.33 19.23 25.13
N PHE C 224 33.38 20.16 25.07
CA PHE C 224 33.03 20.95 26.25
C PHE C 224 32.39 20.08 27.32
N MET C 225 31.59 19.09 26.93
CA MET C 225 30.97 18.25 27.95
C MET C 225 31.99 17.40 28.69
N TYR C 226 32.95 16.81 27.97
CA TYR C 226 33.94 15.97 28.62
C TYR C 226 34.98 16.79 29.37
N LYS C 227 35.12 18.08 29.07
CA LYS C 227 35.89 18.94 29.97
C LYS C 227 35.08 19.30 31.22
N GLY C 228 33.76 19.44 31.10
CA GLY C 228 32.92 19.58 32.27
C GLY C 228 31.81 20.62 32.22
N LYS C 229 31.66 21.30 31.09
CA LYS C 229 30.64 22.33 30.96
C LYS C 229 29.31 21.75 30.48
N HIS C 230 28.22 22.41 30.86
CA HIS C 230 26.90 22.06 30.36
C HIS C 230 26.74 22.52 28.92
N VAL C 231 26.05 21.70 28.11
CA VAL C 231 25.91 21.93 26.69
C VAL C 231 24.45 21.73 26.30
N LEU C 232 24.01 22.50 25.30
CA LEU C 232 22.70 22.34 24.68
C LEU C 232 22.88 22.28 23.18
N VAL C 233 22.48 21.17 22.57
CA VAL C 233 22.59 20.95 21.12
C VAL C 233 21.19 20.89 20.53
N VAL C 234 20.98 21.64 19.44
CA VAL C 234 19.72 21.63 18.70
C VAL C 234 20.01 21.17 17.27
N TYR C 235 19.19 20.26 16.77
CA TYR C 235 19.21 19.82 15.39
C TYR C 235 18.02 20.43 14.68
N ASP C 236 18.28 21.16 13.59
CA ASP C 236 17.24 21.95 12.94
C ASP C 236 16.13 21.05 12.42
N ASP C 237 16.49 19.94 11.77
CA ASP C 237 15.50 18.96 11.32
C ASP C 237 16.22 17.62 11.20
N LEU C 238 15.90 16.68 12.09
CA LEU C 238 16.46 15.34 11.98
C LEU C 238 15.77 14.52 10.91
N SER C 239 14.50 14.80 10.62
CA SER C 239 13.79 14.06 9.58
C SER C 239 14.43 14.28 8.21
N LYS C 240 14.82 15.52 7.93
CA LYS C 240 15.50 15.80 6.66
C LYS C 240 16.88 15.15 6.63
N GLN C 241 17.53 15.03 7.79
CA GLN C 241 18.78 14.30 7.86
C GLN C 241 18.58 12.82 7.56
N ALA C 242 17.49 12.24 8.04
CA ALA C 242 17.17 10.85 7.73
C ALA C 242 16.88 10.68 6.25
N ALA C 243 16.10 11.59 5.68
CA ALA C 243 15.82 11.55 4.24
C ALA C 243 17.09 11.69 3.42
N ALA C 244 18.07 12.45 3.92
CA ALA C 244 19.35 12.57 3.25
C ALA C 244 20.06 11.22 3.15
N TYR C 245 20.07 10.46 4.25
CA TYR C 245 20.75 9.16 4.24
C TYR C 245 20.00 8.16 3.38
N ARG C 246 18.67 8.29 3.29
CA ARG C 246 17.90 7.42 2.40
C ARG C 246 18.30 7.57 0.94
N GLU C 247 18.95 8.67 0.57
CA GLU C 247 19.40 8.89 -0.80
C GLU C 247 20.74 8.23 -1.09
N LEU C 248 21.70 8.34 -0.17
CA LEU C 248 22.94 7.60 -0.33
C LEU C 248 22.72 6.10 -0.26
N SER C 249 21.77 5.66 0.57
CA SER C 249 21.45 4.25 0.65
C SER C 249 20.83 3.76 -0.65
N LEU C 250 19.76 4.41 -1.09
CA LEU C 250 19.11 4.04 -2.35
C LEU C 250 20.05 4.16 -3.54
N LEU C 251 21.06 5.04 -3.47
CA LEU C 251 22.08 5.12 -4.50
C LEU C 251 23.20 4.11 -4.32
N LEU C 252 23.25 3.43 -3.18
CA LEU C 252 24.25 2.40 -2.94
C LEU C 252 23.73 1.01 -3.26
N ARG C 253 22.58 0.90 -3.92
CA ARG C 253 21.99 -0.36 -4.34
C ARG C 253 21.65 -1.26 -3.17
N ARG C 254 21.44 -0.69 -1.98
CA ARG C 254 21.09 -1.39 -0.76
C ARG C 254 19.57 -1.37 -0.56
N PRO C 255 18.99 -2.49 -0.10
CA PRO C 255 17.55 -2.67 -0.18
C PRO C 255 16.80 -1.75 0.76
N PRO C 256 15.53 -1.44 0.44
CA PRO C 256 14.73 -0.56 1.29
C PRO C 256 14.10 -1.29 2.47
N GLY C 257 13.24 -0.57 3.19
CA GLY C 257 12.60 -1.10 4.39
C GLY C 257 11.17 -0.67 4.44
N ARG C 258 10.72 -0.24 5.63
CA ARG C 258 9.28 -0.07 5.85
C ARG C 258 8.65 0.91 4.86
N GLU C 259 9.18 2.14 4.74
CA GLU C 259 8.68 3.06 3.74
C GLU C 259 9.61 2.98 2.53
N ALA C 260 10.86 3.41 2.65
CA ALA C 260 11.91 3.11 1.69
C ALA C 260 13.28 3.13 2.33
N TYR C 261 13.37 3.57 3.59
CA TYR C 261 14.63 3.66 4.28
C TYR C 261 15.21 2.26 4.52
N PRO C 262 16.53 2.14 4.59
CA PRO C 262 17.13 0.88 5.04
C PRO C 262 16.85 0.65 6.53
N GLY C 263 17.31 -0.50 7.01
CA GLY C 263 17.21 -0.76 8.44
C GLY C 263 18.12 0.12 9.27
N ASP C 264 19.21 0.61 8.68
CA ASP C 264 20.19 1.41 9.41
C ASP C 264 19.66 2.75 9.86
N ILE C 265 18.45 3.13 9.45
CA ILE C 265 17.91 4.43 9.83
C ILE C 265 17.70 4.51 11.33
N PHE C 266 17.27 3.42 11.96
CA PHE C 266 17.20 3.42 13.42
C PHE C 266 18.61 3.43 14.03
N TYR C 267 19.53 2.65 13.46
CA TYR C 267 20.89 2.64 13.97
C TYR C 267 21.50 4.04 13.94
N LEU C 268 21.24 4.79 12.87
CA LEU C 268 21.84 6.12 12.73
C LEU C 268 21.37 7.06 13.84
N HIS C 269 20.05 7.17 14.03
CA HIS C 269 19.54 8.10 15.03
C HIS C 269 19.79 7.62 16.45
N SER C 270 19.87 6.30 16.65
CA SER C 270 20.18 5.79 17.99
C SER C 270 21.63 6.03 18.33
N ARG C 271 22.54 5.80 17.39
CA ARG C 271 23.95 6.10 17.61
C ARG C 271 24.16 7.59 17.85
N LEU C 272 23.40 8.44 17.17
CA LEU C 272 23.54 9.87 17.38
C LEU C 272 23.02 10.28 18.76
N LEU C 273 21.73 10.05 19.01
CA LEU C 273 21.07 10.63 20.18
C LEU C 273 21.43 9.94 21.49
N GLU C 274 22.17 8.84 21.47
CA GLU C 274 22.55 8.16 22.69
C GLU C 274 23.83 8.72 23.29
N ARG C 275 24.36 9.80 22.74
CA ARG C 275 25.57 10.44 23.24
C ARG C 275 25.28 11.64 24.13
N ALA C 276 24.01 11.88 24.46
CA ALA C 276 23.62 12.93 25.38
C ALA C 276 23.36 12.34 26.77
N ALA C 277 23.89 12.97 27.80
CA ALA C 277 23.90 12.36 29.13
C ALA C 277 24.17 13.43 30.18
N LYS C 278 24.17 12.98 31.44
CA LYS C 278 24.71 13.73 32.58
C LYS C 278 25.79 12.84 33.19
N LEU C 279 27.05 13.22 33.03
CA LEU C 279 28.14 12.34 33.38
C LEU C 279 28.26 12.19 34.90
N SER C 280 29.01 11.16 35.30
CA SER C 280 29.23 10.87 36.71
C SER C 280 30.21 11.86 37.33
N ASP C 281 30.32 11.81 38.66
CA ASP C 281 31.19 12.72 39.38
C ASP C 281 32.66 12.52 39.06
N ALA C 282 33.04 11.34 38.57
CA ALA C 282 34.45 11.11 38.23
C ALA C 282 34.86 11.95 37.03
N LYS C 283 33.94 12.18 36.10
CA LYS C 283 34.23 12.91 34.87
C LYS C 283 34.03 14.41 35.01
N GLY C 284 33.63 14.90 36.18
CA GLY C 284 33.37 16.31 36.37
C GLY C 284 31.92 16.72 36.20
N GLY C 285 31.02 15.76 36.03
CA GLY C 285 29.60 16.07 35.95
C GLY C 285 29.18 16.90 34.75
N GLY C 286 29.76 16.62 33.59
CA GLY C 286 29.32 17.29 32.37
C GLY C 286 27.89 16.92 32.02
N SER C 287 27.34 17.64 31.05
CA SER C 287 25.96 17.43 30.64
C SER C 287 25.79 17.89 29.20
N LEU C 288 24.74 17.39 28.57
CA LEU C 288 24.40 17.75 27.18
C LEU C 288 22.94 17.41 26.95
N THR C 289 22.09 18.43 26.92
CA THR C 289 20.66 18.25 26.64
C THR C 289 20.45 18.46 25.15
N ALA C 290 20.36 17.36 24.40
CA ALA C 290 20.02 17.44 23.00
C ALA C 290 18.52 17.63 22.83
N LEU C 291 18.12 18.58 22.00
CA LEU C 291 16.72 18.78 21.64
C LEU C 291 16.54 18.57 20.15
N PRO C 292 16.27 17.34 19.70
CA PRO C 292 16.12 17.08 18.26
C PRO C 292 14.75 17.51 17.73
N PHE C 293 14.70 17.73 16.42
CA PHE C 293 13.48 18.11 15.72
C PHE C 293 13.17 17.09 14.63
N VAL C 294 11.91 16.69 14.56
CA VAL C 294 11.40 15.83 13.49
C VAL C 294 10.09 16.43 12.98
N GLU C 295 9.97 16.54 11.67
CA GLU C 295 8.81 17.17 11.04
C GLU C 295 7.71 16.14 10.83
N THR C 296 6.60 16.29 11.54
CA THR C 296 5.46 15.40 11.39
C THR C 296 4.70 15.69 10.11
N GLN C 297 4.28 14.62 9.41
CA GLN C 297 3.44 14.76 8.22
C GLN C 297 1.97 14.66 8.59
N ALA C 298 1.17 15.63 8.13
CA ALA C 298 -0.28 15.65 8.29
C ALA C 298 -0.72 15.55 9.75
N GLY C 299 0.14 15.93 10.68
CA GLY C 299 -0.21 15.86 12.10
C GLY C 299 -0.45 14.45 12.60
N ASP C 300 0.25 13.46 12.04
CA ASP C 300 0.12 12.08 12.48
C ASP C 300 1.30 11.72 13.37
N ILE C 301 1.00 11.19 14.56
CA ILE C 301 2.02 10.84 15.54
C ILE C 301 2.71 9.51 15.21
N SER C 302 2.11 8.70 14.36
CA SER C 302 2.57 7.33 14.11
C SER C 302 3.16 7.24 12.70
N ALA C 303 4.45 6.95 12.62
CA ALA C 303 5.14 6.74 11.37
C ALA C 303 6.49 6.12 11.69
N TYR C 304 7.20 5.69 10.64
CA TYR C 304 8.48 5.00 10.84
C TYR C 304 9.47 5.89 11.60
N ILE C 305 9.72 7.09 11.10
CA ILE C 305 10.74 7.97 11.66
C ILE C 305 10.28 8.56 13.00
N PRO C 306 9.07 9.12 13.10
CA PRO C 306 8.60 9.57 14.43
C PRO C 306 8.69 8.49 15.49
N THR C 307 8.22 7.28 15.20
CA THR C 307 8.23 6.24 16.22
C THR C 307 9.66 5.80 16.54
N ASN C 308 10.53 5.72 15.53
CA ASN C 308 11.94 5.43 15.82
C ASN C 308 12.51 6.44 16.82
N VAL C 309 12.36 7.73 16.51
CA VAL C 309 12.95 8.74 17.39
C VAL C 309 12.27 8.77 18.75
N ILE C 310 10.95 8.58 18.81
CA ILE C 310 10.26 8.54 20.09
C ILE C 310 10.74 7.37 20.93
N SER C 311 11.09 6.25 20.28
CA SER C 311 11.68 5.14 21.00
C SER C 311 13.10 5.46 21.46
N ILE C 312 13.83 6.31 20.72
CA ILE C 312 15.20 6.63 21.12
C ILE C 312 15.28 7.69 22.22
N THR C 313 14.31 8.59 22.32
CA THR C 313 14.44 9.75 23.20
C THR C 313 13.70 9.54 24.51
N ASP C 314 13.93 10.47 25.44
CA ASP C 314 13.43 10.42 26.80
C ASP C 314 12.17 11.25 27.00
N GLY C 315 11.45 11.57 25.95
CA GLY C 315 10.26 12.40 26.09
C GLY C 315 9.95 13.12 24.79
N GLN C 316 8.82 13.81 24.78
CA GLN C 316 8.31 14.44 23.57
C GLN C 316 7.48 15.67 23.91
N ILE C 317 7.53 16.67 23.03
CA ILE C 317 6.57 17.76 23.00
C ILE C 317 5.99 17.85 21.60
N PHE C 318 4.69 17.60 21.48
CA PHE C 318 4.02 17.66 20.19
C PHE C 318 3.41 19.04 20.00
N LEU C 319 3.72 19.68 18.88
CA LEU C 319 3.16 20.98 18.56
C LEU C 319 1.91 20.81 17.71
N GLN C 320 0.76 21.20 18.26
CA GLN C 320 -0.50 21.09 17.53
C GLN C 320 -0.72 22.30 16.64
N SER C 321 -1.56 22.12 15.62
CA SER C 321 -1.88 23.18 14.68
C SER C 321 -3.18 23.90 15.01
N ASP C 322 -4.18 23.18 15.55
CA ASP C 322 -5.45 23.82 15.89
C ASP C 322 -5.25 24.90 16.95
N LEU C 323 -4.42 24.62 17.95
CA LEU C 323 -4.11 25.63 18.95
C LEU C 323 -3.35 26.79 18.32
N PHE C 324 -2.50 26.50 17.33
CA PHE C 324 -1.76 27.56 16.66
C PHE C 324 -2.69 28.53 15.96
N PHE C 325 -3.83 28.05 15.47
CA PHE C 325 -4.84 28.90 14.85
C PHE C 325 -5.90 29.38 15.83
N SER C 326 -5.79 28.99 17.10
CA SER C 326 -6.71 29.46 18.14
C SER C 326 -6.20 30.70 18.86
N GLY C 327 -4.98 31.15 18.56
CA GLY C 327 -4.37 32.24 19.28
C GLY C 327 -3.54 31.81 20.47
N VAL C 328 -3.29 30.52 20.63
CA VAL C 328 -2.47 30.00 21.73
C VAL C 328 -1.04 29.89 21.23
N ARG C 329 -0.16 30.75 21.73
CA ARG C 329 1.23 30.74 21.36
C ARG C 329 2.13 30.69 22.59
N PRO C 330 3.09 29.78 22.65
CA PRO C 330 3.34 28.69 21.71
C PRO C 330 2.37 27.51 21.92
N ALA C 331 1.87 26.91 20.83
CA ALA C 331 0.95 25.80 20.95
C ALA C 331 1.67 24.55 21.43
N ILE C 332 1.08 23.88 22.42
CA ILE C 332 1.68 22.68 23.03
C ILE C 332 0.58 21.64 23.22
N ASN C 333 0.87 20.40 22.82
CA ASN C 333 -0.04 19.28 23.04
C ASN C 333 0.13 18.84 24.49
N ALA C 334 -0.67 19.43 25.37
CA ALA C 334 -0.56 19.12 26.79
C ALA C 334 -0.87 17.66 27.06
N GLY C 335 -1.91 17.13 26.43
CA GLY C 335 -2.31 15.76 26.68
C GLY C 335 -1.26 14.72 26.33
N LEU C 336 -0.52 14.95 25.27
CA LEU C 336 0.40 13.94 24.74
C LEU C 336 1.82 14.45 24.72
N SER C 337 2.22 15.22 25.74
CA SER C 337 3.60 15.62 25.94
C SER C 337 4.02 15.19 27.35
N VAL C 338 5.07 14.37 27.43
CA VAL C 338 5.48 13.79 28.69
C VAL C 338 7.01 13.77 28.76
N SER C 339 7.53 13.78 29.99
CA SER C 339 8.96 13.65 30.24
C SER C 339 9.17 12.44 31.14
N ARG C 340 10.06 11.53 30.72
CA ARG C 340 10.37 10.38 31.55
C ARG C 340 11.37 10.72 32.65
N VAL C 341 12.15 11.78 32.48
CA VAL C 341 13.08 12.24 33.49
C VAL C 341 12.56 13.49 34.20
N GLY C 342 11.25 13.74 34.13
CA GLY C 342 10.67 14.94 34.70
C GLY C 342 10.25 14.76 36.15
N GLY C 343 10.66 15.70 36.99
CA GLY C 343 10.41 15.65 38.42
C GLY C 343 11.65 15.71 39.27
N ALA C 344 12.82 15.43 38.71
CA ALA C 344 14.08 15.54 39.42
C ALA C 344 14.84 16.82 39.07
N ALA C 345 14.41 17.56 38.07
CA ALA C 345 15.02 18.83 37.70
C ALA C 345 14.24 20.04 38.17
N GLN C 346 12.94 19.90 38.40
CA GLN C 346 12.14 21.03 38.89
C GLN C 346 12.60 21.45 40.27
N ILE C 347 12.80 22.76 40.45
CA ILE C 347 13.09 23.27 41.78
C ILE C 347 11.88 23.06 42.68
N LYS C 348 12.13 22.91 43.98
CA LYS C 348 11.09 22.48 44.92
C LYS C 348 9.90 23.43 44.92
N ALA C 349 10.15 24.73 44.79
CA ALA C 349 9.05 25.69 44.78
C ALA C 349 8.10 25.43 43.62
N MET C 350 8.64 25.12 42.44
CA MET C 350 7.78 24.86 41.29
C MET C 350 6.95 23.60 41.48
N LYS C 351 7.52 22.58 42.14
CA LYS C 351 6.73 21.40 42.47
C LYS C 351 5.60 21.74 43.44
N LYS C 352 5.89 22.58 44.43
CA LYS C 352 4.85 22.99 45.37
C LYS C 352 3.78 23.82 44.68
N VAL C 353 4.15 24.59 43.65
CA VAL C 353 3.19 25.43 42.96
C VAL C 353 2.12 24.59 42.26
N ALA C 354 2.54 23.75 41.32
CA ALA C 354 1.60 23.10 40.40
C ALA C 354 1.95 21.62 40.28
N GLY C 355 1.12 20.77 40.85
CA GLY C 355 1.25 19.34 40.65
C GLY C 355 0.20 18.79 39.71
N THR C 356 -1.05 19.23 39.89
CA THR C 356 -2.18 18.75 39.11
C THR C 356 -2.42 19.54 37.84
N LEU C 357 -1.72 20.66 37.64
CA LEU C 357 -1.99 21.52 36.50
C LEU C 357 -1.79 20.76 35.18
N ARG C 358 -0.71 19.99 35.10
CA ARG C 358 -0.41 19.19 33.90
C ARG C 358 -1.60 18.35 33.50
N LEU C 359 -2.20 17.65 34.46
CA LEU C 359 -3.40 16.86 34.18
C LEU C 359 -4.64 17.75 34.04
N ASP C 360 -4.77 18.78 34.88
CA ASP C 360 -5.99 19.58 34.90
C ASP C 360 -6.22 20.31 33.57
N LEU C 361 -5.14 20.65 32.86
CA LEU C 361 -5.28 21.29 31.57
C LEU C 361 -6.01 20.37 30.59
N ALA C 362 -5.64 19.09 30.57
CA ALA C 362 -6.34 18.13 29.71
C ALA C 362 -7.80 17.97 30.14
N ALA C 363 -8.06 18.01 31.44
CA ALA C 363 -9.44 17.90 31.92
C ALA C 363 -10.28 19.07 31.42
N TYR C 364 -9.74 20.28 31.50
CA TYR C 364 -10.43 21.44 30.92
C TYR C 364 -10.60 21.29 29.42
N ARG C 365 -9.57 20.78 28.74
CA ARG C 365 -9.62 20.67 27.28
C ARG C 365 -10.74 19.74 26.83
N GLU C 366 -10.90 18.60 27.51
CA GLU C 366 -11.99 17.69 27.18
C GLU C 366 -13.34 18.25 27.63
N LEU C 367 -13.35 18.94 28.78
CA LEU C 367 -14.59 19.53 29.26
C LEU C 367 -15.14 20.56 28.29
N GLU C 368 -14.27 21.31 27.62
CA GLU C 368 -14.74 22.27 26.62
C GLU C 368 -15.43 21.57 25.46
N ALA C 369 -14.83 20.48 24.97
CA ALA C 369 -15.42 19.74 23.85
C ALA C 369 -16.78 19.19 24.22
N PHE C 370 -16.92 18.68 25.44
CA PHE C 370 -18.25 18.27 25.89
C PHE C 370 -19.18 19.46 26.07
N ALA C 371 -18.66 20.55 26.65
CA ALA C 371 -19.50 21.68 27.07
C ALA C 371 -20.17 22.36 25.90
N GLN C 372 -19.43 22.55 24.80
CA GLN C 372 -20.03 23.22 23.65
C GLN C 372 -21.23 22.42 23.13
N PHE C 373 -21.15 21.09 23.17
CA PHE C 373 -22.31 20.27 22.83
C PHE C 373 -23.35 20.29 23.94
N GLY C 374 -22.90 20.24 25.20
CA GLY C 374 -23.83 20.11 26.31
C GLY C 374 -24.59 21.41 26.55
N SER C 375 -25.91 21.30 26.68
CA SER C 375 -26.72 22.47 27.00
C SER C 375 -26.50 22.92 28.44
N ASP C 376 -26.43 21.97 29.38
CA ASP C 376 -26.32 22.28 30.80
C ASP C 376 -25.14 21.55 31.40
N LEU C 377 -24.45 22.20 32.33
CA LEU C 377 -23.26 21.65 32.96
C LEU C 377 -23.33 21.78 34.47
N ASP C 378 -22.57 20.93 35.15
CA ASP C 378 -22.49 20.95 36.60
C ASP C 378 -21.70 22.16 37.08
N LYS C 379 -21.94 22.56 38.34
CA LYS C 379 -21.30 23.74 38.89
C LYS C 379 -19.78 23.60 38.90
N ALA C 380 -19.29 22.42 39.29
CA ALA C 380 -17.84 22.18 39.27
C ALA C 380 -17.29 22.34 37.87
N THR C 381 -18.02 21.84 36.87
CA THR C 381 -17.59 21.98 35.48
C THR C 381 -17.54 23.43 35.05
N GLN C 382 -18.53 24.25 35.44
CA GLN C 382 -18.52 25.66 35.07
C GLN C 382 -17.35 26.39 35.72
N ALA C 383 -17.10 26.12 37.01
CA ALA C 383 -15.94 26.73 37.66
C ALA C 383 -14.65 26.30 36.97
N LYS C 384 -14.55 25.03 36.58
CA LYS C 384 -13.37 24.57 35.86
C LYS C 384 -13.28 25.22 34.48
N LEU C 385 -14.42 25.52 33.86
CA LEU C 385 -14.38 26.23 32.58
C LEU C 385 -13.78 27.62 32.73
N ALA C 386 -14.22 28.35 33.76
CA ALA C 386 -13.66 29.68 34.01
C ALA C 386 -12.17 29.60 34.34
N ARG C 387 -11.82 28.69 35.25
CA ARG C 387 -10.42 28.52 35.62
C ARG C 387 -9.56 28.09 34.43
N GLY C 388 -10.11 27.25 33.56
CA GLY C 388 -9.38 26.82 32.39
C GLY C 388 -9.17 27.94 31.39
N ALA C 389 -10.19 28.80 31.20
CA ALA C 389 -10.00 29.96 30.35
C ALA C 389 -8.90 30.86 30.90
N ARG C 390 -8.91 31.10 32.21
CA ARG C 390 -7.85 31.90 32.81
C ARG C 390 -6.49 31.20 32.67
N THR C 391 -6.45 29.88 32.81
CA THR C 391 -5.19 29.15 32.67
C THR C 391 -4.64 29.26 31.25
N VAL C 392 -5.52 29.09 30.25
CA VAL C 392 -5.09 29.20 28.86
C VAL C 392 -4.54 30.60 28.60
N GLU C 393 -5.21 31.62 29.14
CA GLU C 393 -4.69 32.97 29.01
C GLU C 393 -3.33 33.13 29.68
N VAL C 394 -3.17 32.51 30.86
CA VAL C 394 -1.91 32.64 31.61
C VAL C 394 -0.76 31.97 30.88
N LEU C 395 -1.02 30.88 30.16
CA LEU C 395 0.06 30.12 29.55
C LEU C 395 0.63 30.76 28.30
N LYS C 396 -0.01 31.79 27.75
CA LYS C 396 0.44 32.42 26.51
C LYS C 396 1.66 33.30 26.74
N GLN C 397 2.46 33.47 25.69
CA GLN C 397 3.69 34.25 25.77
C GLN C 397 3.99 34.82 24.39
N ASP C 398 4.95 35.74 24.35
CA ASP C 398 5.31 36.45 23.13
C ASP C 398 6.75 36.08 22.73
N LEU C 399 7.00 36.17 21.42
CA LEU C 399 8.27 35.70 20.87
C LEU C 399 9.45 36.47 21.44
N HIS C 400 10.56 35.75 21.65
CA HIS C 400 11.85 36.33 22.01
C HIS C 400 11.78 37.14 23.30
N GLN C 401 10.92 36.74 24.22
CA GLN C 401 10.79 37.40 25.53
C GLN C 401 10.65 36.35 26.63
N PRO C 402 11.73 35.63 26.95
CA PRO C 402 11.66 34.68 28.06
C PRO C 402 11.50 35.38 29.39
N ILE C 403 10.87 34.68 30.33
CA ILE C 403 10.53 35.24 31.63
C ILE C 403 11.47 34.69 32.70
N PRO C 404 11.92 35.51 33.65
CA PRO C 404 12.71 35.00 34.78
C PRO C 404 11.97 33.90 35.55
N VAL C 405 12.74 32.89 36.00
CA VAL C 405 12.15 31.69 36.58
C VAL C 405 11.30 32.03 37.81
N GLU C 406 11.81 32.90 38.68
CA GLU C 406 11.05 33.20 39.89
C GLU C 406 9.77 33.96 39.56
N LYS C 407 9.80 34.80 38.53
CA LYS C 407 8.55 35.41 38.06
C LYS C 407 7.60 34.35 37.53
N GLN C 408 8.13 33.34 36.84
CA GLN C 408 7.28 32.24 36.39
C GLN C 408 6.61 31.55 37.57
N VAL C 409 7.40 31.19 38.58
CA VAL C 409 6.83 30.46 39.71
C VAL C 409 5.83 31.33 40.46
N LEU C 410 6.07 32.64 40.53
CA LEU C 410 5.11 33.50 41.20
C LEU C 410 3.80 33.60 40.41
N ILE C 411 3.88 33.70 39.09
CA ILE C 411 2.64 33.83 38.31
C ILE C 411 1.87 32.52 38.31
N ILE C 412 2.57 31.39 38.23
CA ILE C 412 1.90 30.10 38.28
C ILE C 412 1.36 29.85 39.69
N TYR C 413 2.06 30.35 40.71
CA TYR C 413 1.53 30.30 42.07
C TYR C 413 0.24 31.08 42.18
N ALA C 414 0.21 32.30 41.61
CA ALA C 414 -1.00 33.09 41.65
C ALA C 414 -2.15 32.34 40.98
N LEU C 415 -1.88 31.73 39.83
CA LEU C 415 -2.93 30.99 39.13
C LEU C 415 -3.41 29.78 39.92
N THR C 416 -2.47 28.95 40.41
CA THR C 416 -2.85 27.70 41.05
C THR C 416 -3.51 27.93 42.40
N ARG C 417 -2.92 28.78 43.25
CA ARG C 417 -3.57 29.10 44.52
C ARG C 417 -4.85 29.90 44.29
N GLY C 418 -4.99 30.54 43.13
CA GLY C 418 -6.26 31.15 42.76
C GLY C 418 -6.32 32.65 42.87
N PHE C 419 -5.20 33.33 43.14
CA PHE C 419 -5.24 34.78 43.26
C PHE C 419 -5.67 35.44 41.96
N LEU C 420 -5.36 34.83 40.82
CA LEU C 420 -5.73 35.38 39.52
C LEU C 420 -7.20 35.20 39.18
N ASP C 421 -7.95 34.43 39.98
CA ASP C 421 -9.32 34.09 39.59
C ASP C 421 -10.22 35.32 39.57
N ASP C 422 -10.04 36.25 40.51
CA ASP C 422 -10.93 37.40 40.59
C ASP C 422 -10.80 38.29 39.36
N ILE C 423 -9.59 38.47 38.85
CA ILE C 423 -9.36 39.38 37.72
C ILE C 423 -10.13 38.88 36.50
N PRO C 424 -10.78 39.76 35.73
CA PRO C 424 -11.47 39.33 34.52
C PRO C 424 -10.52 38.66 33.55
N VAL C 425 -11.05 37.70 32.78
CA VAL C 425 -10.24 36.91 31.86
C VAL C 425 -9.53 37.81 30.85
N GLU C 426 -10.22 38.83 30.34
CA GLU C 426 -9.58 39.74 29.40
C GLU C 426 -8.48 40.54 30.07
N ASP C 427 -8.69 40.96 31.33
CA ASP C 427 -7.71 41.74 32.06
C ASP C 427 -6.61 40.89 32.67
N VAL C 428 -6.67 39.57 32.56
CA VAL C 428 -5.71 38.70 33.23
C VAL C 428 -4.29 38.97 32.72
N ARG C 429 -4.12 39.20 31.42
CA ARG C 429 -2.81 39.50 30.87
C ARG C 429 -2.26 40.81 31.42
N ARG C 430 -3.10 41.85 31.44
CA ARG C 430 -2.69 43.15 31.96
C ARG C 430 -2.34 43.04 33.44
N PHE C 431 -3.08 42.22 34.19
CA PHE C 431 -2.71 41.96 35.57
C PHE C 431 -1.33 41.34 35.64
N GLU C 432 -1.01 40.40 34.75
CA GLU C 432 0.33 39.79 34.75
C GLU C 432 1.41 40.82 34.47
N LYS C 433 1.17 41.72 33.51
CA LYS C 433 2.17 42.73 33.20
C LYS C 433 2.40 43.66 34.38
N GLU C 434 1.30 44.16 34.97
CA GLU C 434 1.43 45.05 36.11
C GLU C 434 2.04 44.35 37.32
N PHE C 435 1.71 43.07 37.52
CA PHE C 435 2.29 42.30 38.62
C PHE C 435 3.79 42.10 38.43
N TYR C 436 4.25 41.84 37.20
CA TYR C 436 5.68 41.75 36.96
C TYR C 436 6.36 43.08 37.28
N LEU C 437 5.75 44.19 36.84
CA LEU C 437 6.33 45.50 37.13
C LEU C 437 6.35 45.78 38.63
N PHE C 438 5.28 45.42 39.34
CA PHE C 438 5.25 45.63 40.77
C PHE C 438 6.28 44.78 41.49
N LEU C 439 6.45 43.53 41.06
CA LEU C 439 7.47 42.67 41.64
C LEU C 439 8.85 43.27 41.45
N ASP C 440 9.09 43.83 40.27
CA ASP C 440 10.39 44.49 40.02
C ASP C 440 10.57 45.71 40.90
N GLN C 441 9.52 46.53 41.08
CA GLN C 441 9.72 47.82 41.74
C GLN C 441 9.77 47.69 43.25
N ASN C 442 8.87 46.91 43.86
CA ASN C 442 8.72 46.91 45.32
C ASN C 442 9.08 45.57 45.94
N GLY C 443 8.47 44.47 45.50
CA GLY C 443 8.63 43.20 46.18
C GLY C 443 9.87 42.42 45.79
N GLN C 444 11.04 43.05 45.91
CA GLN C 444 12.27 42.38 45.54
C GLN C 444 12.65 41.31 46.55
N HIS C 445 12.25 41.49 47.81
CA HIS C 445 12.68 40.59 48.87
C HIS C 445 12.20 39.16 48.64
N LEU C 446 10.95 39.01 48.20
CA LEU C 446 10.43 37.67 47.92
C LEU C 446 11.19 36.99 46.80
N LEU C 447 11.48 37.73 45.72
CA LEU C 447 12.24 37.15 44.62
C LEU C 447 13.64 36.77 45.06
N GLU C 448 14.30 37.62 45.87
CA GLU C 448 15.62 37.28 46.38
C GLU C 448 15.58 36.05 47.27
N HIS C 449 14.52 35.92 48.08
CA HIS C 449 14.38 34.75 48.93
C HIS C 449 14.22 33.48 48.10
N ILE C 450 13.44 33.55 47.02
CA ILE C 450 13.32 32.40 46.12
C ILE C 450 14.67 32.10 45.46
N ARG C 451 15.36 33.14 45.01
CA ARG C 451 16.64 32.94 44.31
C ARG C 451 17.65 32.25 45.21
N THR C 452 17.80 32.74 46.44
CA THR C 452 18.77 32.14 47.36
C THR C 452 18.30 30.78 47.87
N THR C 453 17.04 30.69 48.31
CA THR C 453 16.55 29.49 48.99
C THR C 453 16.31 28.34 48.01
N LYS C 454 15.86 28.67 46.79
CA LYS C 454 15.28 27.74 45.84
C LYS C 454 13.95 27.18 46.32
N ASP C 455 13.33 27.81 47.30
CA ASP C 455 12.09 27.33 47.88
C ASP C 455 11.12 28.49 48.09
N LEU C 456 9.85 28.16 48.22
CA LEU C 456 8.81 29.17 48.33
C LEU C 456 8.97 29.97 49.63
N PRO C 457 8.71 31.27 49.59
CA PRO C 457 8.72 32.06 50.82
C PRO C 457 7.53 31.74 51.70
N ASN C 458 7.52 32.34 52.88
CA ASN C 458 6.43 32.15 53.83
C ASN C 458 5.10 32.48 53.18
N GLU C 459 4.13 31.57 53.35
CA GLU C 459 2.87 31.67 52.63
C GLU C 459 2.12 32.94 52.98
N ASP C 460 2.05 33.28 54.28
CA ASP C 460 1.27 34.43 54.70
C ASP C 460 1.76 35.72 54.08
N ASP C 461 3.09 35.90 54.01
CA ASP C 461 3.64 37.15 53.48
C ASP C 461 3.42 37.27 51.97
N LEU C 462 3.63 36.18 51.23
CA LEU C 462 3.39 36.21 49.80
C LEU C 462 1.92 36.46 49.49
N ASN C 463 1.02 35.81 50.23
CA ASN C 463 -0.41 36.05 50.04
C ASN C 463 -0.76 37.50 50.36
N LYS C 464 -0.17 38.06 51.42
CA LYS C 464 -0.39 39.46 51.74
C LYS C 464 0.09 40.37 50.62
N ALA C 465 1.26 40.07 50.06
CA ALA C 465 1.79 40.89 48.97
C ALA C 465 0.86 40.88 47.76
N ILE C 466 0.40 39.69 47.38
CA ILE C 466 -0.50 39.58 46.23
C ILE C 466 -1.83 40.27 46.52
N GLU C 467 -2.35 40.12 47.74
CA GLU C 467 -3.60 40.74 48.12
C GLU C 467 -3.50 42.27 48.09
N ALA C 468 -2.41 42.81 48.64
CA ALA C 468 -2.22 44.25 48.60
C ALA C 468 -2.06 44.76 47.17
N PHE C 469 -1.37 44.01 46.32
CA PHE C 469 -1.27 44.42 44.92
C PHE C 469 -2.64 44.39 44.24
N LYS C 470 -3.45 43.37 44.52
CA LYS C 470 -4.81 43.34 43.99
C LYS C 470 -5.60 44.55 44.46
N LYS C 471 -5.35 45.01 45.69
CA LYS C 471 -5.90 46.30 46.10
C LYS C 471 -5.39 47.42 45.21
N THR C 472 -4.09 47.43 44.92
CA THR C 472 -3.51 48.45 44.04
C THR C 472 -4.00 48.30 42.61
N PHE C 473 -4.13 47.07 42.12
CA PHE C 473 -4.49 46.85 40.73
C PHE C 473 -5.88 47.39 40.42
N VAL C 474 -6.03 47.95 39.22
CA VAL C 474 -7.27 48.58 38.78
C VAL C 474 -7.92 47.68 37.74
N VAL C 475 -9.20 47.34 37.95
CA VAL C 475 -9.93 46.54 36.99
C VAL C 475 -10.45 47.45 35.88
N SER C 476 -10.16 47.08 34.64
CA SER C 476 -10.62 47.82 33.45
C SER C 476 -10.19 49.28 33.49
N MET D 1 50.13 -21.81 7.12
CA MET D 1 49.95 -20.79 8.13
C MET D 1 48.54 -20.81 8.70
N THR D 2 48.43 -20.94 10.02
CA THR D 2 47.12 -20.92 10.66
C THR D 2 46.45 -19.56 10.50
N ARG D 3 47.23 -18.49 10.50
CA ARG D 3 46.67 -17.15 10.40
C ARG D 3 46.11 -16.91 8.99
N GLY D 4 45.19 -15.96 8.90
CA GLY D 4 44.57 -15.63 7.62
C GLY D 4 44.52 -14.12 7.43
N ARG D 5 44.56 -13.72 6.16
CA ARG D 5 44.58 -12.32 5.78
C ARG D 5 43.16 -11.79 5.60
N VAL D 6 43.03 -10.47 5.61
CA VAL D 6 41.76 -9.80 5.38
C VAL D 6 41.75 -9.32 3.93
N ILE D 7 40.76 -9.74 3.16
CA ILE D 7 40.68 -9.39 1.75
C ILE D 7 39.75 -8.20 1.52
N GLN D 8 38.60 -8.17 2.19
CA GLN D 8 37.61 -7.13 1.96
C GLN D 8 36.99 -6.69 3.27
N VAL D 9 36.57 -5.43 3.31
CA VAL D 9 35.81 -4.86 4.44
C VAL D 9 34.66 -4.05 3.87
N MET D 10 33.45 -4.27 4.38
CA MET D 10 32.30 -3.49 3.94
C MET D 10 31.34 -3.38 5.13
N GLY D 11 31.34 -2.22 5.78
CA GLY D 11 30.56 -2.02 6.97
C GLY D 11 30.92 -3.00 8.06
N PRO D 12 29.92 -3.53 8.77
CA PRO D 12 30.21 -4.58 9.76
C PRO D 12 30.84 -5.82 9.16
N VAL D 13 30.50 -6.18 7.93
CA VAL D 13 30.93 -7.44 7.34
C VAL D 13 32.39 -7.37 6.94
N VAL D 14 33.11 -8.46 7.20
CA VAL D 14 34.52 -8.61 6.82
C VAL D 14 34.67 -9.97 6.15
N ASP D 15 35.49 -10.02 5.10
CA ASP D 15 35.76 -11.26 4.36
C ASP D 15 37.22 -11.66 4.59
N VAL D 16 37.41 -12.79 5.28
CA VAL D 16 38.73 -13.31 5.63
C VAL D 16 39.10 -14.42 4.67
N LYS D 17 40.40 -14.54 4.37
CA LYS D 17 40.93 -15.64 3.57
C LYS D 17 41.84 -16.50 4.43
N PHE D 18 41.57 -17.80 4.46
CA PHE D 18 42.40 -18.77 5.15
C PHE D 18 43.01 -19.71 4.13
N GLU D 19 44.22 -20.20 4.41
CA GLU D 19 44.85 -21.18 3.55
C GLU D 19 44.00 -22.45 3.48
N ASN D 20 44.01 -23.09 2.31
CA ASN D 20 43.22 -24.29 2.08
C ASN D 20 43.59 -25.36 3.09
N GLY D 21 42.56 -25.99 3.67
CA GLY D 21 42.75 -27.04 4.65
C GLY D 21 42.67 -26.62 6.09
N HIS D 22 42.40 -25.34 6.37
CA HIS D 22 42.35 -24.84 7.73
C HIS D 22 41.16 -23.91 7.97
N LEU D 23 40.08 -24.08 7.22
CA LEU D 23 38.93 -23.18 7.34
C LEU D 23 38.22 -23.41 8.68
N PRO D 24 37.69 -22.35 9.28
CA PRO D 24 36.90 -22.51 10.51
C PRO D 24 35.50 -23.00 10.22
N ALA D 25 34.72 -23.14 11.30
CA ALA D 25 33.34 -23.59 11.22
C ALA D 25 32.40 -22.39 11.13
N ILE D 26 31.09 -22.67 11.09
CA ILE D 26 30.12 -21.62 10.80
C ILE D 26 30.01 -20.62 11.93
N TYR D 27 30.10 -21.07 13.18
CA TYR D 27 29.87 -20.16 14.30
C TYR D 27 31.14 -19.90 15.10
N ASN D 28 32.29 -20.05 14.45
CA ASN D 28 33.56 -19.78 15.12
C ASN D 28 33.70 -18.31 15.48
N ALA D 29 34.49 -18.04 16.52
CA ALA D 29 34.92 -16.70 16.87
C ALA D 29 36.35 -16.48 16.39
N LEU D 30 36.59 -15.34 15.75
CA LEU D 30 37.90 -14.97 15.24
C LEU D 30 38.38 -13.70 15.94
N LYS D 31 39.69 -13.55 16.06
CA LYS D 31 40.28 -12.41 16.76
C LYS D 31 41.26 -11.66 15.87
N ILE D 32 41.29 -10.33 16.02
CA ILE D 32 42.21 -9.45 15.33
C ILE D 32 42.89 -8.54 16.35
N GLN D 33 44.22 -8.55 16.39
CA GLN D 33 45.02 -7.67 17.22
C GLN D 33 46.16 -7.13 16.38
N HIS D 34 46.34 -5.80 16.38
CA HIS D 34 47.22 -5.15 15.43
C HIS D 34 48.27 -4.30 16.13
N LYS D 35 49.52 -4.46 15.71
CA LYS D 35 50.62 -3.59 16.11
C LYS D 35 50.75 -2.46 15.10
N ALA D 36 50.60 -1.21 15.57
CA ALA D 36 50.63 -0.05 14.68
C ALA D 36 52.06 0.36 14.41
N ARG D 37 52.46 0.33 13.14
CA ARG D 37 53.81 0.70 12.73
C ARG D 37 53.89 2.12 12.19
N ASN D 38 52.77 2.74 11.84
CA ASN D 38 52.73 4.07 11.26
C ASN D 38 51.84 4.97 12.10
N GLU D 39 52.15 6.27 12.07
CA GLU D 39 51.28 7.25 12.72
C GLU D 39 49.87 7.23 12.13
N ASN D 40 49.74 6.88 10.85
CA ASN D 40 48.42 6.78 10.24
C ASN D 40 47.62 5.64 10.85
N GLU D 41 48.27 4.52 11.13
CA GLU D 41 47.59 3.31 11.56
C GLU D 41 47.04 3.45 12.97
N VAL D 42 46.03 2.64 13.29
CA VAL D 42 45.30 2.72 14.55
C VAL D 42 45.34 1.36 15.24
N ASP D 43 45.18 1.38 16.57
CA ASP D 43 45.10 0.15 17.35
C ASP D 43 43.75 -0.53 17.15
N ILE D 44 43.76 -1.86 17.16
CA ILE D 44 42.58 -2.67 16.85
C ILE D 44 42.37 -3.72 17.94
N ASP D 45 41.11 -3.93 18.29
CA ASP D 45 40.71 -4.74 19.43
C ASP D 45 39.53 -5.64 19.06
N LEU D 46 39.64 -6.31 17.92
CA LEU D 46 38.48 -6.78 17.18
C LEU D 46 38.33 -8.30 17.24
N THR D 47 37.09 -8.75 17.44
CA THR D 47 36.71 -10.16 17.32
C THR D 47 35.47 -10.29 16.44
N LEU D 48 35.40 -11.39 15.68
CA LEU D 48 34.38 -11.56 14.65
C LEU D 48 33.81 -12.97 14.68
N GLU D 49 32.58 -13.11 14.18
CA GLU D 49 31.88 -14.38 14.08
C GLU D 49 31.72 -14.79 12.61
N VAL D 50 32.03 -16.04 12.29
CA VAL D 50 31.82 -16.54 10.93
C VAL D 50 30.32 -16.58 10.62
N ALA D 51 29.97 -16.30 9.37
CA ALA D 51 28.58 -16.42 8.93
C ALA D 51 28.42 -17.40 7.76
N LEU D 52 29.26 -17.27 6.73
CA LEU D 52 29.15 -18.10 5.53
C LEU D 52 30.53 -18.47 5.01
N HIS D 53 30.63 -19.64 4.37
CA HIS D 53 31.83 -20.03 3.64
C HIS D 53 31.57 -19.77 2.15
N LEU D 54 32.08 -18.64 1.64
CA LEU D 54 31.72 -18.20 0.30
C LEU D 54 32.68 -18.72 -0.76
N GLY D 55 33.33 -19.86 -0.52
CA GLY D 55 34.10 -20.54 -1.54
C GLY D 55 35.44 -19.93 -1.87
N ASP D 56 36.33 -20.76 -2.40
CA ASP D 56 37.69 -20.35 -2.77
C ASP D 56 38.45 -19.77 -1.57
N ASP D 57 38.41 -20.50 -0.46
CA ASP D 57 39.15 -20.26 0.77
C ASP D 57 38.64 -19.05 1.57
N THR D 58 37.61 -18.37 1.10
CA THR D 58 37.15 -17.13 1.73
C THR D 58 35.99 -17.42 2.67
N VAL D 59 35.95 -16.68 3.77
CA VAL D 59 34.93 -16.84 4.80
C VAL D 59 34.37 -15.45 5.11
N ARG D 60 33.04 -15.35 5.17
CA ARG D 60 32.38 -14.10 5.50
C ARG D 60 32.02 -14.05 6.97
N THR D 61 32.30 -12.91 7.61
CA THR D 61 32.19 -12.78 9.06
C THR D 61 31.29 -11.60 9.40
N ILE D 62 30.98 -11.47 10.69
CA ILE D 62 30.15 -10.40 11.22
C ILE D 62 30.91 -9.70 12.33
N ALA D 63 30.83 -8.37 12.36
CA ALA D 63 31.51 -7.59 13.39
C ALA D 63 30.77 -7.68 14.72
N MET D 64 31.53 -7.93 15.78
CA MET D 64 31.08 -7.70 17.15
C MET D 64 31.61 -6.41 17.73
N ALA D 65 32.74 -5.93 17.23
CA ALA D 65 33.30 -4.63 17.56
C ALA D 65 33.40 -3.81 16.27
N SER D 66 33.37 -2.49 16.43
CA SER D 66 33.31 -1.61 15.26
C SER D 66 34.53 -1.80 14.37
N THR D 67 34.30 -1.75 13.06
CA THR D 67 35.30 -2.08 12.05
C THR D 67 36.12 -0.87 11.61
N ASP D 68 35.84 0.32 12.12
CA ASP D 68 36.57 1.52 11.71
C ASP D 68 38.06 1.37 11.97
N GLY D 69 38.86 1.68 10.96
CA GLY D 69 40.30 1.55 11.06
C GLY D 69 40.90 0.28 10.49
N LEU D 70 40.07 -0.65 10.00
CA LEU D 70 40.60 -1.90 9.46
C LEU D 70 41.37 -1.65 8.16
N ILE D 71 42.37 -2.51 7.91
CA ILE D 71 43.24 -2.42 6.75
C ILE D 71 43.32 -3.80 6.09
N ARG D 72 43.62 -3.81 4.80
CA ARG D 72 43.82 -5.07 4.09
C ARG D 72 45.23 -5.60 4.34
N GLY D 73 45.35 -6.92 4.42
CA GLY D 73 46.61 -7.57 4.73
C GLY D 73 46.81 -7.90 6.20
N MET D 74 45.87 -7.55 7.06
CA MET D 74 46.00 -7.87 8.48
C MET D 74 45.84 -9.37 8.72
N GLU D 75 46.29 -9.82 9.88
CA GLU D 75 46.29 -11.23 10.24
C GLU D 75 45.15 -11.52 11.20
N VAL D 76 44.28 -12.47 10.84
CA VAL D 76 43.20 -12.93 11.70
C VAL D 76 43.64 -14.19 12.44
N ILE D 77 43.14 -14.37 13.66
CA ILE D 77 43.42 -15.54 14.49
C ILE D 77 42.13 -16.30 14.70
N ASP D 78 42.19 -17.62 14.56
CA ASP D 78 41.04 -18.51 14.73
C ASP D 78 41.09 -19.14 16.11
N THR D 79 40.05 -18.91 16.91
CA THR D 79 39.96 -19.49 18.24
C THR D 79 39.49 -20.94 18.22
N GLY D 80 38.98 -21.42 17.10
CA GLY D 80 38.50 -22.79 17.03
C GLY D 80 37.26 -23.08 17.86
N ALA D 81 36.53 -22.05 18.26
CA ALA D 81 35.33 -22.22 19.07
C ALA D 81 34.58 -20.89 19.09
N PRO D 82 33.35 -20.88 19.60
CA PRO D 82 32.62 -19.62 19.78
C PRO D 82 33.21 -18.74 20.87
N ILE D 83 32.49 -17.67 21.21
CA ILE D 83 33.00 -16.65 22.13
C ILE D 83 33.54 -17.26 23.41
N SER D 84 32.94 -18.35 23.88
CA SER D 84 33.35 -19.03 25.10
C SER D 84 33.30 -18.08 26.29
N VAL D 85 32.07 -17.67 26.64
CA VAL D 85 31.84 -16.77 27.76
C VAL D 85 32.22 -17.48 29.06
N PRO D 86 33.02 -16.88 29.92
CA PRO D 86 33.27 -17.49 31.23
C PRO D 86 31.99 -17.54 32.06
N VAL D 87 31.78 -18.67 32.73
CA VAL D 87 30.55 -18.90 33.48
C VAL D 87 30.89 -19.70 34.73
N GLY D 88 30.01 -19.58 35.73
CA GLY D 88 30.17 -20.24 37.01
C GLY D 88 29.35 -19.50 38.06
N GLU D 89 29.81 -19.59 39.30
CA GLU D 89 29.29 -18.73 40.35
C GLU D 89 29.99 -17.38 40.38
N VAL D 90 31.13 -17.26 39.69
CA VAL D 90 31.92 -16.03 39.68
C VAL D 90 31.15 -14.87 39.07
N THR D 91 30.12 -15.14 38.28
CA THR D 91 29.41 -14.11 37.55
C THR D 91 28.17 -13.60 38.28
N LEU D 92 28.11 -13.76 39.60
CA LEU D 92 26.97 -13.27 40.36
C LEU D 92 27.25 -11.86 40.88
N GLY D 93 26.37 -10.93 40.56
CA GLY D 93 26.54 -9.55 40.95
C GLY D 93 27.40 -8.71 40.03
N ARG D 94 27.64 -9.16 38.80
CA ARG D 94 28.51 -8.50 37.85
C ARG D 94 27.75 -8.10 36.60
N VAL D 95 28.26 -7.08 35.91
CA VAL D 95 27.68 -6.60 34.65
C VAL D 95 28.70 -6.85 33.55
N PHE D 96 28.24 -7.47 32.45
CA PHE D 96 29.10 -7.91 31.36
C PHE D 96 28.68 -7.25 30.06
N ASN D 97 29.48 -7.49 29.01
CA ASN D 97 29.09 -7.21 27.64
C ASN D 97 28.92 -8.54 26.89
N VAL D 98 28.66 -8.45 25.59
CA VAL D 98 28.38 -9.64 24.78
C VAL D 98 29.58 -10.57 24.71
N LEU D 99 30.80 -10.05 24.84
CA LEU D 99 31.99 -10.88 24.69
C LEU D 99 32.37 -11.61 25.97
N GLY D 100 31.63 -11.42 27.05
CA GLY D 100 31.95 -12.07 28.30
C GLY D 100 32.85 -11.29 29.21
N GLU D 101 33.02 -9.98 28.98
CA GLU D 101 33.91 -9.16 29.78
C GLU D 101 33.10 -8.21 30.65
N PRO D 102 33.52 -7.96 31.88
CA PRO D 102 32.75 -7.12 32.79
C PRO D 102 32.94 -5.63 32.50
N ILE D 103 31.91 -4.86 32.84
CA ILE D 103 31.94 -3.40 32.71
C ILE D 103 31.67 -2.67 34.01
N ASP D 104 31.55 -3.38 35.13
CA ASP D 104 31.24 -2.76 36.41
C ASP D 104 32.46 -2.13 37.10
N LEU D 105 33.63 -2.15 36.45
CA LEU D 105 34.84 -1.51 36.98
C LEU D 105 35.26 -2.08 38.34
N GLU D 106 34.99 -3.36 38.58
CA GLU D 106 35.39 -3.98 39.83
C GLU D 106 36.67 -4.79 39.69
N GLY D 107 36.76 -5.64 38.66
CA GLY D 107 37.96 -6.42 38.48
C GLY D 107 37.83 -7.35 37.28
N ASP D 108 38.86 -8.15 37.08
CA ASP D 108 38.97 -9.05 35.94
C ASP D 108 38.75 -10.49 36.40
N ILE D 109 37.88 -11.19 35.70
CA ILE D 109 37.62 -12.61 36.01
C ILE D 109 38.85 -13.44 35.69
N PRO D 110 39.26 -14.37 36.56
CA PRO D 110 40.54 -15.06 36.35
C PRO D 110 40.60 -15.84 35.05
N ALA D 111 41.84 -16.06 34.58
CA ALA D 111 42.07 -16.70 33.29
C ALA D 111 41.85 -18.21 33.32
N ASP D 112 41.79 -18.83 34.51
CA ASP D 112 41.58 -20.27 34.61
C ASP D 112 40.11 -20.63 34.84
N ALA D 113 39.21 -19.67 34.87
CA ALA D 113 37.80 -19.98 35.04
C ALA D 113 37.25 -20.69 33.82
N ARG D 114 36.30 -21.60 34.05
CA ARG D 114 35.68 -22.35 32.96
C ARG D 114 34.78 -21.43 32.12
N ARG D 115 34.80 -21.65 30.81
CA ARG D 115 34.06 -20.84 29.85
C ARG D 115 33.35 -21.75 28.85
N ASP D 116 32.11 -21.40 28.50
CA ASP D 116 31.24 -22.26 27.72
C ASP D 116 30.71 -21.52 26.50
N PRO D 117 30.38 -22.24 25.42
CA PRO D 117 29.95 -21.59 24.19
C PRO D 117 28.54 -21.02 24.29
N ILE D 118 28.25 -20.07 23.40
CA ILE D 118 26.94 -19.43 23.37
C ILE D 118 25.94 -20.26 22.57
N HIS D 119 26.37 -20.93 21.51
CA HIS D 119 25.49 -21.67 20.61
C HIS D 119 25.52 -23.15 20.95
N ARG D 120 24.33 -23.73 21.19
CA ARG D 120 24.19 -25.16 21.43
C ARG D 120 22.73 -25.55 21.23
N PRO D 121 22.46 -26.79 20.82
CA PRO D 121 21.09 -27.18 20.48
C PRO D 121 20.17 -27.26 21.68
N ALA D 122 18.88 -27.10 21.41
CA ALA D 122 17.85 -26.98 22.43
C ALA D 122 17.58 -28.32 23.14
N PRO D 123 16.92 -28.28 24.29
CA PRO D 123 16.47 -29.51 24.95
C PRO D 123 15.56 -30.36 24.06
N LYS D 124 15.70 -31.67 24.21
CA LYS D 124 15.01 -32.65 23.38
C LYS D 124 13.59 -32.90 23.88
N PHE D 125 12.83 -33.66 23.08
CA PHE D 125 11.44 -33.98 23.40
C PHE D 125 11.33 -34.77 24.70
N GLU D 126 12.26 -35.69 24.93
CA GLU D 126 12.19 -36.55 26.11
C GLU D 126 12.55 -35.81 27.39
N GLU D 127 13.32 -34.74 27.31
CA GLU D 127 13.85 -34.07 28.49
C GLU D 127 12.92 -33.00 29.03
N LEU D 128 12.05 -32.45 28.19
CA LEU D 128 11.10 -31.45 28.66
C LEU D 128 10.15 -32.04 29.70
N ALA D 129 9.58 -31.15 30.51
CA ALA D 129 8.52 -31.52 31.45
C ALA D 129 7.51 -30.38 31.48
N THR D 130 6.26 -30.73 31.75
CA THR D 130 5.17 -29.77 31.65
C THR D 130 4.34 -29.77 32.92
N GLU D 131 4.09 -28.58 33.46
CA GLU D 131 3.06 -28.37 34.46
C GLU D 131 2.69 -26.89 34.44
N VAL D 132 1.46 -26.60 34.86
CA VAL D 132 0.96 -25.23 34.93
C VAL D 132 0.77 -24.86 36.39
N GLU D 133 1.53 -23.87 36.85
CA GLU D 133 1.43 -23.38 38.22
C GLU D 133 1.51 -21.86 38.23
N ILE D 134 0.64 -21.24 39.02
CA ILE D 134 0.53 -19.78 39.02
C ILE D 134 1.74 -19.14 39.69
N LEU D 135 2.23 -18.05 39.09
CA LEU D 135 3.17 -17.15 39.73
C LEU D 135 2.43 -15.84 40.03
N GLU D 136 2.38 -15.47 41.31
CA GLU D 136 1.53 -14.39 41.78
C GLU D 136 2.35 -13.11 41.92
N THR D 137 2.02 -12.11 41.11
CA THR D 137 2.73 -10.83 41.13
C THR D 137 1.91 -9.68 41.71
N GLY D 138 0.63 -9.88 42.02
CA GLY D 138 -0.15 -8.87 42.70
C GLY D 138 -0.74 -7.77 41.84
N ILE D 139 -0.54 -7.82 40.53
CA ILE D 139 -1.15 -6.87 39.60
C ILE D 139 -2.54 -7.40 39.26
N LYS D 140 -3.57 -6.58 39.56
CA LYS D 140 -4.94 -7.06 39.50
C LYS D 140 -5.31 -7.66 38.14
N VAL D 141 -5.08 -6.91 37.06
CA VAL D 141 -5.54 -7.36 35.75
C VAL D 141 -4.83 -8.64 35.33
N VAL D 142 -3.51 -8.69 35.51
CA VAL D 142 -2.75 -9.84 35.03
C VAL D 142 -2.97 -11.07 35.91
N ASP D 143 -3.35 -10.90 37.17
CA ASP D 143 -3.62 -12.03 38.03
C ASP D 143 -5.09 -12.43 38.04
N LEU D 144 -5.97 -11.63 37.45
CA LEU D 144 -7.35 -12.09 37.29
C LEU D 144 -7.59 -12.68 35.90
N LEU D 145 -7.18 -11.98 34.84
CA LEU D 145 -7.57 -12.37 33.50
C LEU D 145 -6.52 -13.15 32.72
N ALA D 146 -5.27 -13.18 33.18
CA ALA D 146 -4.24 -13.94 32.46
C ALA D 146 -3.06 -14.28 33.35
N PRO D 147 -3.24 -15.11 34.38
CA PRO D 147 -2.15 -15.35 35.34
C PRO D 147 -0.94 -15.98 34.67
N TYR D 148 0.23 -15.68 35.21
CA TYR D 148 1.49 -16.21 34.69
C TYR D 148 1.62 -17.71 34.96
N ILE D 149 2.62 -18.31 34.34
CA ILE D 149 2.89 -19.73 34.45
C ILE D 149 4.36 -19.91 34.79
N LYS D 150 4.64 -20.49 35.95
CA LYS D 150 6.02 -20.80 36.32
C LYS D 150 6.62 -21.76 35.31
N GLY D 151 7.84 -21.45 34.86
CA GLY D 151 8.48 -22.24 33.82
C GLY D 151 7.99 -21.96 32.42
N GLY D 152 7.12 -20.95 32.24
CA GLY D 152 6.61 -20.59 30.94
C GLY D 152 7.03 -19.19 30.54
N LYS D 153 6.86 -18.90 29.25
CA LYS D 153 7.20 -17.59 28.71
C LYS D 153 6.05 -16.61 28.89
N ILE D 154 6.39 -15.37 29.22
CA ILE D 154 5.44 -14.28 29.37
C ILE D 154 5.86 -13.14 28.45
N GLY D 155 4.90 -12.57 27.73
CA GLY D 155 5.17 -11.51 26.79
C GLY D 155 4.38 -10.23 27.02
N LEU D 156 5.08 -9.10 27.10
CA LEU D 156 4.45 -7.79 27.21
C LEU D 156 4.50 -7.12 25.84
N PHE D 157 3.34 -7.00 25.20
CA PHE D 157 3.23 -6.42 23.86
C PHE D 157 2.73 -4.98 23.97
N GLY D 158 3.42 -4.07 23.29
CA GLY D 158 3.00 -2.68 23.31
C GLY D 158 3.79 -1.87 22.30
N GLY D 159 3.30 -0.65 22.08
CA GLY D 159 4.01 0.34 21.29
C GLY D 159 4.96 1.17 22.12
N ALA D 160 5.39 2.30 21.53
CA ALA D 160 6.31 3.20 22.20
C ALA D 160 5.55 4.11 23.16
N GLY D 161 6.07 4.25 24.38
CA GLY D 161 5.46 5.14 25.36
C GLY D 161 4.23 4.62 26.07
N VAL D 162 4.12 3.30 26.23
CA VAL D 162 2.94 2.70 26.85
C VAL D 162 3.23 2.29 28.30
N GLY D 163 4.40 1.70 28.55
CA GLY D 163 4.67 1.21 29.89
C GLY D 163 5.31 -0.15 30.03
N LYS D 164 5.87 -0.68 28.94
CA LYS D 164 6.47 -2.02 28.98
C LYS D 164 7.58 -2.10 30.03
N THR D 165 8.51 -1.13 30.02
CA THR D 165 9.61 -1.15 30.98
C THR D 165 9.13 -0.86 32.40
N VAL D 166 8.12 -0.01 32.55
CA VAL D 166 7.52 0.18 33.86
C VAL D 166 6.99 -1.14 34.40
N LEU D 167 6.32 -1.91 33.54
CA LEU D 167 5.84 -3.24 33.93
C LEU D 167 7.01 -4.16 34.28
N ILE D 168 8.06 -4.16 33.46
CA ILE D 168 9.23 -5.00 33.74
C ILE D 168 9.77 -4.70 35.13
N GLN D 169 10.02 -3.42 35.41
CA GLN D 169 10.59 -3.04 36.70
C GLN D 169 9.64 -3.37 37.85
N GLU D 170 8.34 -3.14 37.66
CA GLU D 170 7.38 -3.46 38.70
C GLU D 170 7.33 -4.96 38.97
N LEU D 171 7.44 -5.77 37.92
CA LEU D 171 7.50 -7.22 38.10
C LEU D 171 8.77 -7.63 38.82
N ILE D 172 9.91 -7.03 38.45
CA ILE D 172 11.15 -7.34 39.15
C ILE D 172 10.97 -7.08 40.64
N HIS D 173 10.46 -5.90 40.98
CA HIS D 173 10.21 -5.58 42.39
C HIS D 173 9.30 -6.62 43.04
N ASN D 174 8.03 -6.67 42.61
CA ASN D 174 7.02 -7.46 43.31
C ASN D 174 7.41 -8.92 43.39
N ILE D 175 7.81 -9.53 42.27
CA ILE D 175 8.12 -10.95 42.25
C ILE D 175 9.46 -11.21 42.94
N ALA D 176 10.54 -10.65 42.42
CA ALA D 176 11.87 -11.08 42.86
C ALA D 176 12.14 -10.72 44.31
N GLN D 177 11.68 -9.55 44.78
CA GLN D 177 12.01 -9.14 46.13
C GLN D 177 11.04 -9.68 47.17
N GLU D 178 10.04 -10.46 46.77
CA GLU D 178 9.13 -11.09 47.71
C GLU D 178 8.96 -12.59 47.50
N HIS D 179 9.60 -13.19 46.50
CA HIS D 179 9.57 -14.63 46.27
C HIS D 179 10.94 -15.28 46.29
N GLY D 180 11.99 -14.56 45.93
CA GLY D 180 13.33 -15.14 45.86
C GLY D 180 13.56 -15.98 44.63
N GLY D 181 14.79 -16.40 44.42
CA GLY D 181 15.21 -17.15 43.25
C GLY D 181 16.21 -16.37 42.41
N ILE D 182 17.15 -17.11 41.81
CA ILE D 182 18.18 -16.49 40.99
C ILE D 182 17.54 -15.79 39.80
N SER D 183 18.01 -14.57 39.51
CA SER D 183 17.54 -13.79 38.38
C SER D 183 18.70 -13.42 37.47
N VAL D 184 18.46 -13.41 36.17
CA VAL D 184 19.39 -12.87 35.18
C VAL D 184 18.65 -11.81 34.38
N PHE D 185 19.31 -10.69 34.11
CA PHE D 185 18.73 -9.58 33.37
C PHE D 185 19.58 -9.29 32.14
N ALA D 186 18.95 -9.30 30.97
CA ALA D 186 19.58 -8.89 29.72
C ALA D 186 18.83 -7.68 29.18
N GLY D 187 19.45 -6.50 29.25
CA GLY D 187 18.94 -5.33 28.59
C GLY D 187 19.26 -5.38 27.11
N VAL D 188 18.24 -5.43 26.26
CA VAL D 188 18.41 -5.55 24.81
C VAL D 188 17.78 -4.34 24.15
N GLY D 189 18.59 -3.59 23.40
CA GLY D 189 18.06 -2.47 22.64
C GLY D 189 17.33 -1.43 23.48
N GLU D 190 17.93 -1.03 24.59
CA GLU D 190 17.32 -0.08 25.52
C GLU D 190 18.12 1.20 25.58
N ARG D 191 17.47 2.26 26.07
CA ARG D 191 18.19 3.48 26.41
C ARG D 191 19.16 3.19 27.54
N THR D 192 20.43 3.51 27.32
CA THR D 192 21.46 3.18 28.30
C THR D 192 21.28 3.97 29.59
N ARG D 193 20.36 4.94 29.61
CA ARG D 193 19.96 5.56 30.87
C ARG D 193 19.34 4.54 31.82
N GLU D 194 18.48 3.66 31.30
CA GLU D 194 17.84 2.67 32.15
C GLU D 194 18.76 1.53 32.54
N GLY D 195 19.92 1.41 31.90
CA GLY D 195 20.90 0.44 32.35
C GLY D 195 21.60 0.86 33.61
N ASN D 196 21.57 2.16 33.91
CA ASN D 196 22.10 2.71 35.15
C ASN D 196 21.04 2.74 36.25
N ASP D 197 19.83 3.18 35.90
CA ASP D 197 18.78 3.34 36.89
C ASP D 197 18.41 2.01 37.55
N LEU D 198 18.37 0.94 36.75
CA LEU D 198 18.11 -0.38 37.31
C LEU D 198 19.23 -0.82 38.24
N TYR D 199 20.48 -0.60 37.82
CA TYR D 199 21.62 -0.96 38.67
C TYR D 199 21.52 -0.27 40.03
N HIS D 200 21.27 1.03 40.03
CA HIS D 200 21.21 1.76 41.30
C HIS D 200 19.96 1.40 42.10
N GLU D 201 18.83 1.16 41.44
CA GLU D 201 17.61 0.80 42.17
C GLU D 201 17.76 -0.57 42.82
N MET D 202 18.40 -1.52 42.14
CA MET D 202 18.60 -2.83 42.73
C MET D 202 19.61 -2.77 43.88
N LYS D 203 20.69 -2.00 43.72
CA LYS D 203 21.66 -1.89 44.80
C LYS D 203 21.06 -1.22 46.03
N ASP D 204 20.30 -0.14 45.84
CA ASP D 204 19.69 0.50 47.00
C ASP D 204 18.51 -0.30 47.55
N SER D 205 17.97 -1.23 46.76
CA SER D 205 17.04 -2.22 47.29
C SER D 205 17.78 -3.43 47.88
N GLY D 206 19.04 -3.63 47.52
CA GLY D 206 19.84 -4.71 48.06
C GLY D 206 19.47 -6.09 47.56
N VAL D 207 19.59 -6.31 46.25
CA VAL D 207 19.18 -7.58 45.66
C VAL D 207 20.19 -8.06 44.63
N ILE D 208 21.19 -7.21 44.34
CA ILE D 208 22.21 -7.54 43.34
C ILE D 208 23.01 -8.77 43.73
N SER D 209 23.04 -9.12 45.01
CA SER D 209 23.83 -10.23 45.51
C SER D 209 23.49 -11.57 44.86
N LYS D 210 22.35 -11.69 44.16
CA LYS D 210 21.92 -12.95 43.58
C LYS D 210 21.45 -12.80 42.14
N THR D 211 22.03 -11.86 41.40
CA THR D 211 21.66 -11.65 40.00
C THR D 211 22.89 -11.32 39.17
N ALA D 212 22.76 -11.53 37.86
CA ALA D 212 23.79 -11.20 36.89
C ALA D 212 23.17 -10.38 35.78
N MET D 213 23.99 -9.59 35.09
CA MET D 213 23.49 -8.67 34.07
C MET D 213 24.43 -8.64 32.88
N VAL D 214 23.84 -8.52 31.68
CA VAL D 214 24.57 -8.32 30.43
C VAL D 214 23.84 -7.24 29.64
N PHE D 215 24.60 -6.30 29.05
CA PHE D 215 24.02 -5.20 28.29
C PHE D 215 24.75 -5.06 26.96
N GLY D 216 23.98 -4.78 25.91
CA GLY D 216 24.59 -4.51 24.61
C GLY D 216 24.32 -3.14 24.05
N GLN D 217 23.12 -2.59 24.31
CA GLN D 217 22.82 -1.19 24.02
C GLN D 217 22.68 -0.90 22.53
N MET D 218 21.99 0.19 22.20
CA MET D 218 21.76 0.55 20.80
C MET D 218 23.06 0.83 20.06
N ASN D 219 23.97 1.57 20.70
CA ASN D 219 25.17 2.07 20.04
C ASN D 219 25.99 0.99 19.34
N GLU D 220 26.03 -0.21 19.91
CA GLU D 220 26.93 -1.25 19.42
C GLU D 220 26.55 -1.69 18.00
N PRO D 221 27.53 -2.20 17.25
CA PRO D 221 27.25 -2.72 15.90
C PRO D 221 26.14 -3.74 15.92
N PRO D 222 25.48 -3.97 14.78
CA PRO D 222 24.27 -4.82 14.78
C PRO D 222 24.47 -6.23 15.32
N GLY D 223 25.64 -6.84 15.11
CA GLY D 223 25.81 -8.23 15.54
C GLY D 223 25.78 -8.42 17.04
N ALA D 224 26.38 -7.49 17.78
CA ALA D 224 26.37 -7.60 19.24
C ALA D 224 24.95 -7.48 19.78
N ARG D 225 24.14 -6.61 19.20
CA ARG D 225 22.79 -6.41 19.70
C ARG D 225 21.99 -7.70 19.62
N MET D 226 22.26 -8.54 18.62
CA MET D 226 21.52 -9.80 18.52
C MET D 226 22.15 -10.89 19.37
N ARG D 227 23.49 -10.94 19.46
CA ARG D 227 24.14 -11.99 20.24
C ARG D 227 24.01 -11.79 21.75
N VAL D 228 23.61 -10.60 22.20
CA VAL D 228 23.56 -10.32 23.64
C VAL D 228 22.56 -11.24 24.35
N ALA D 229 21.36 -11.39 23.78
CA ALA D 229 20.36 -12.24 24.43
C ALA D 229 20.83 -13.69 24.50
N LEU D 230 21.56 -14.15 23.48
CA LEU D 230 22.12 -15.49 23.54
C LEU D 230 23.20 -15.60 24.60
N THR D 231 23.94 -14.53 24.86
CA THR D 231 24.89 -14.56 25.98
C THR D 231 24.17 -14.66 27.32
N GLY D 232 23.08 -13.91 27.48
CA GLY D 232 22.28 -14.04 28.69
C GLY D 232 21.72 -15.44 28.86
N LEU D 233 21.28 -16.04 27.75
CA LEU D 233 20.75 -17.39 27.79
C LEU D 233 21.82 -18.41 28.17
N THR D 234 23.00 -18.31 27.56
CA THR D 234 24.08 -19.23 27.91
C THR D 234 24.53 -19.06 29.35
N MET D 235 24.35 -17.86 29.92
CA MET D 235 24.59 -17.70 31.35
C MET D 235 23.55 -18.43 32.19
N ALA D 236 22.27 -18.26 31.87
CA ALA D 236 21.22 -18.91 32.67
C ALA D 236 21.25 -20.43 32.55
N GLU D 237 21.72 -20.93 31.40
CA GLU D 237 21.72 -22.37 31.16
C GLU D 237 22.60 -23.10 32.16
N TYR D 238 23.74 -22.52 32.53
CA TYR D 238 24.60 -23.16 33.50
C TYR D 238 23.92 -23.27 34.86
N PHE D 239 23.18 -22.23 35.26
CA PHE D 239 22.40 -22.30 36.49
C PHE D 239 21.42 -23.46 36.42
N ARG D 240 20.63 -23.53 35.35
CA ARG D 240 19.53 -24.49 35.33
C ARG D 240 20.04 -25.93 35.18
N ASP D 241 21.13 -26.13 34.43
CA ASP D 241 21.63 -27.48 34.21
C ASP D 241 22.62 -27.91 35.28
N GLU D 242 23.76 -27.23 35.38
CA GLU D 242 24.88 -27.78 36.14
C GLU D 242 24.73 -27.49 37.63
N GLN D 243 24.24 -26.30 37.98
CA GLN D 243 23.93 -26.03 39.38
C GLN D 243 22.56 -26.54 39.79
N GLY D 244 21.70 -26.87 38.84
CA GLY D 244 20.36 -27.34 39.17
C GLY D 244 19.48 -26.28 39.81
N GLN D 245 19.73 -25.00 39.54
CA GLN D 245 19.00 -23.90 40.15
C GLN D 245 18.07 -23.26 39.13
N ASP D 246 16.83 -23.00 39.55
CA ASP D 246 15.87 -22.32 38.70
C ASP D 246 16.29 -20.89 38.41
N VAL D 247 15.87 -20.38 37.26
CA VAL D 247 16.25 -19.06 36.78
C VAL D 247 15.00 -18.26 36.44
N LEU D 248 15.01 -16.98 36.79
CA LEU D 248 14.09 -16.00 36.24
C LEU D 248 14.87 -15.11 35.28
N LEU D 249 14.53 -15.17 34.00
CA LEU D 249 15.26 -14.47 32.95
C LEU D 249 14.43 -13.32 32.41
N PHE D 250 14.92 -12.09 32.60
CA PHE D 250 14.27 -10.90 32.07
C PHE D 250 15.00 -10.43 30.81
N ILE D 251 14.23 -10.18 29.75
CA ILE D 251 14.75 -9.63 28.50
C ILE D 251 13.84 -8.48 28.09
N ASP D 252 14.44 -7.38 27.64
CA ASP D 252 13.70 -6.16 27.35
C ASP D 252 13.70 -5.84 25.86
N ASN D 253 12.50 -5.60 25.33
CA ASN D 253 12.27 -5.23 23.94
C ASN D 253 13.05 -6.15 23.00
N ILE D 254 12.57 -7.39 22.94
CA ILE D 254 13.15 -8.43 22.11
C ILE D 254 13.07 -8.12 20.62
N PHE D 255 12.25 -7.15 20.23
CA PHE D 255 12.14 -6.80 18.81
C PHE D 255 13.48 -6.39 18.22
N ARG D 256 14.33 -5.74 19.02
CA ARG D 256 15.64 -5.31 18.53
C ARG D 256 16.51 -6.49 18.12
N PHE D 257 16.20 -7.69 18.60
CA PHE D 257 16.89 -8.88 18.13
C PHE D 257 16.59 -9.14 16.66
N THR D 258 15.30 -9.14 16.29
CA THR D 258 14.92 -9.33 14.90
C THR D 258 15.38 -8.17 14.03
N GLN D 259 15.30 -6.95 14.56
CA GLN D 259 15.72 -5.77 13.80
C GLN D 259 17.22 -5.83 13.48
N ALA D 260 18.03 -6.22 14.46
CA ALA D 260 19.46 -6.36 14.20
C ALA D 260 19.74 -7.50 13.25
N GLY D 261 18.97 -8.59 13.34
CA GLY D 261 19.12 -9.66 12.37
C GLY D 261 18.80 -9.21 10.97
N SER D 262 17.76 -8.38 10.82
CA SER D 262 17.40 -7.83 9.53
C SER D 262 18.53 -7.00 8.95
N GLU D 263 19.09 -6.10 9.76
CA GLU D 263 20.21 -5.27 9.30
C GLU D 263 21.41 -6.12 8.91
N VAL D 264 21.74 -7.11 9.73
CA VAL D 264 22.91 -7.94 9.46
C VAL D 264 22.71 -8.74 8.17
N SER D 265 21.51 -9.28 7.98
CA SER D 265 21.22 -10.02 6.74
C SER D 265 21.30 -9.10 5.53
N ALA D 266 20.77 -7.88 5.66
CA ALA D 266 20.89 -6.92 4.57
C ALA D 266 22.35 -6.67 4.22
N LEU D 267 23.22 -6.61 5.24
CA LEU D 267 24.64 -6.48 4.98
C LEU D 267 25.20 -7.73 4.32
N LEU D 268 24.73 -8.91 4.73
CA LEU D 268 25.35 -10.16 4.31
C LEU D 268 25.18 -10.45 2.82
N GLY D 269 24.15 -9.89 2.20
CA GLY D 269 23.86 -10.19 0.80
C GLY D 269 22.69 -11.10 0.56
N ARG D 270 21.96 -11.49 1.60
CA ARG D 270 20.71 -12.23 1.42
C ARG D 270 19.67 -11.35 0.72
N MET D 271 18.80 -12.00 -0.05
CA MET D 271 17.70 -11.28 -0.68
C MET D 271 16.71 -10.79 0.36
N PRO D 272 16.03 -9.69 0.10
CA PRO D 272 15.04 -9.18 1.05
C PRO D 272 13.82 -10.09 1.13
N SER D 273 12.99 -9.80 2.12
CA SER D 273 11.74 -10.53 2.35
C SER D 273 10.82 -9.66 3.17
N ALA D 274 9.53 -10.01 3.15
CA ALA D 274 8.53 -9.34 3.99
C ALA D 274 8.66 -7.84 3.92
N VAL D 275 8.57 -7.15 5.07
CA VAL D 275 8.85 -5.73 5.11
C VAL D 275 10.33 -5.54 5.41
N GLY D 276 11.17 -5.65 4.38
CA GLY D 276 12.60 -5.52 4.52
C GLY D 276 13.29 -6.53 5.40
N TYR D 277 12.55 -7.46 6.00
CA TYR D 277 13.11 -8.40 6.94
C TYR D 277 13.98 -9.43 6.22
N GLN D 278 14.82 -10.12 7.01
CA GLN D 278 15.62 -11.19 6.48
C GLN D 278 14.74 -12.37 6.09
N PRO D 279 15.20 -13.24 5.18
CA PRO D 279 14.46 -14.48 4.94
C PRO D 279 14.35 -15.34 6.18
N THR D 280 15.44 -15.49 6.94
CA THR D 280 15.48 -16.35 8.12
C THR D 280 14.92 -15.68 9.38
N LEU D 281 13.69 -15.18 9.36
CA LEU D 281 13.14 -14.55 10.56
C LEU D 281 12.82 -15.58 11.63
N ALA D 282 11.97 -16.56 11.31
CA ALA D 282 11.50 -17.53 12.29
C ALA D 282 12.51 -18.63 12.56
N THR D 283 13.45 -18.88 11.67
CA THR D 283 14.50 -19.83 11.99
C THR D 283 15.44 -19.30 13.05
N GLU D 284 15.90 -18.06 12.86
CA GLU D 284 16.82 -17.45 13.82
C GLU D 284 16.12 -17.12 15.12
N MET D 285 14.83 -16.76 15.07
CA MET D 285 14.10 -16.56 16.32
C MET D 285 13.89 -17.89 17.05
N GLY D 286 13.45 -18.93 16.34
CA GLY D 286 13.14 -20.18 16.99
C GLY D 286 14.36 -20.85 17.60
N GLN D 287 15.51 -20.73 16.94
CA GLN D 287 16.74 -21.27 17.52
C GLN D 287 17.00 -20.68 18.90
N LEU D 288 16.64 -19.43 19.12
CA LEU D 288 16.82 -18.82 20.43
C LEU D 288 15.78 -19.29 21.43
N GLN D 289 14.50 -19.04 21.14
CA GLN D 289 13.45 -19.20 22.15
C GLN D 289 13.13 -20.66 22.45
N GLU D 290 13.61 -21.61 21.65
CA GLU D 290 13.38 -23.01 21.98
C GLU D 290 14.25 -23.48 23.13
N ARG D 291 15.34 -22.77 23.43
CA ARG D 291 16.21 -23.14 24.54
C ARG D 291 15.67 -22.69 25.89
N ILE D 292 14.75 -21.72 25.92
CA ILE D 292 14.22 -21.21 27.19
C ILE D 292 13.03 -22.10 27.53
N THR D 293 13.32 -23.22 28.18
CA THR D 293 12.28 -24.18 28.57
C THR D 293 12.63 -24.79 29.92
N SER D 294 11.61 -25.39 30.54
CA SER D 294 11.74 -26.03 31.85
C SER D 294 11.97 -27.53 31.66
N THR D 295 13.22 -27.97 31.69
CA THR D 295 13.50 -29.39 31.76
C THR D 295 13.22 -29.92 33.16
N ALA D 296 13.26 -31.25 33.28
CA ALA D 296 13.07 -31.87 34.60
C ALA D 296 14.17 -31.50 35.57
N LYS D 297 15.38 -31.27 35.06
CA LYS D 297 16.51 -30.91 35.92
C LYS D 297 16.33 -29.54 36.54
N GLY D 298 15.74 -28.60 35.79
CA GLY D 298 15.53 -27.26 36.29
C GLY D 298 14.79 -26.45 35.25
N SER D 299 14.35 -25.27 35.68
CA SER D 299 13.40 -24.49 34.90
C SER D 299 13.90 -23.08 34.71
N ILE D 300 13.47 -22.46 33.62
CA ILE D 300 13.70 -21.04 33.35
C ILE D 300 12.35 -20.38 33.13
N THR D 301 12.02 -19.41 33.97
CA THR D 301 10.89 -18.54 33.73
C THR D 301 11.39 -17.26 33.09
N SER D 302 10.75 -16.83 32.00
CA SER D 302 11.18 -15.63 31.30
C SER D 302 10.02 -14.67 31.14
N ILE D 303 10.26 -13.41 31.47
CA ILE D 303 9.32 -12.33 31.25
C ILE D 303 9.95 -11.37 30.25
N GLN D 304 9.29 -11.17 29.11
CA GLN D 304 9.88 -10.45 28.00
C GLN D 304 8.94 -9.35 27.54
N ALA D 305 9.54 -8.33 26.93
CA ALA D 305 8.80 -7.20 26.38
C ALA D 305 8.93 -7.24 24.86
N ILE D 306 7.81 -7.18 24.17
CA ILE D 306 7.80 -7.13 22.71
C ILE D 306 7.30 -5.77 22.28
N TYR D 307 8.13 -5.04 21.53
CA TYR D 307 7.77 -3.74 21.00
C TYR D 307 7.16 -3.89 19.61
N VAL D 308 5.98 -3.32 19.42
CA VAL D 308 5.27 -3.37 18.14
C VAL D 308 5.77 -2.21 17.29
N PRO D 309 6.31 -2.45 16.09
CA PRO D 309 6.95 -1.37 15.32
C PRO D 309 6.07 -0.17 15.06
N ALA D 310 4.77 -0.37 14.82
CA ALA D 310 3.86 0.73 14.56
C ALA D 310 2.48 0.34 15.06
N ASP D 311 1.45 1.04 14.57
CA ASP D 311 0.08 0.67 14.89
C ASP D 311 -0.25 -0.74 14.40
N ASP D 312 0.47 -1.24 13.40
CA ASP D 312 0.19 -2.53 12.78
C ASP D 312 0.70 -3.63 13.69
N TYR D 313 -0.21 -4.34 14.35
CA TYR D 313 0.17 -5.50 15.14
C TYR D 313 0.60 -6.66 14.26
N THR D 314 0.20 -6.67 12.98
CA THR D 314 0.44 -7.77 12.07
C THR D 314 1.80 -7.69 11.40
N ASP D 315 2.73 -6.90 11.94
CA ASP D 315 4.09 -6.91 11.44
C ASP D 315 4.68 -8.31 11.60
N PRO D 316 5.54 -8.74 10.68
CA PRO D 316 6.08 -10.11 10.79
C PRO D 316 6.73 -10.44 12.12
N ALA D 317 7.48 -9.50 12.71
CA ALA D 317 8.19 -9.83 13.95
C ALA D 317 7.25 -10.04 15.13
N PRO D 318 6.29 -9.15 15.42
CA PRO D 318 5.34 -9.47 16.49
C PRO D 318 4.52 -10.72 16.23
N ALA D 319 4.17 -10.98 14.97
CA ALA D 319 3.35 -12.14 14.65
C ALA D 319 4.12 -13.44 14.88
N THR D 320 5.35 -13.53 14.37
CA THR D 320 6.10 -14.79 14.45
C THR D 320 6.41 -15.17 15.90
N THR D 321 6.76 -14.18 16.73
CA THR D 321 7.10 -14.47 18.12
C THR D 321 5.87 -14.88 18.93
N PHE D 322 4.67 -14.50 18.48
CA PHE D 322 3.47 -14.85 19.22
C PHE D 322 3.28 -16.37 19.30
N SER D 323 3.81 -17.10 18.32
CA SER D 323 3.68 -18.55 18.30
C SER D 323 4.51 -19.24 19.37
N HIS D 324 5.53 -18.57 19.94
CA HIS D 324 6.41 -19.18 20.92
C HIS D 324 5.95 -18.95 22.37
N LEU D 325 4.95 -18.12 22.61
CA LEU D 325 4.68 -17.69 23.98
C LEU D 325 3.62 -18.56 24.64
N ASP D 326 3.44 -18.35 25.94
CA ASP D 326 2.47 -19.05 26.76
C ASP D 326 1.45 -18.13 27.41
N ALA D 327 1.87 -16.95 27.85
CA ALA D 327 0.95 -15.94 28.36
C ALA D 327 1.38 -14.58 27.82
N THR D 328 0.40 -13.78 27.42
CA THR D 328 0.68 -12.50 26.79
C THR D 328 -0.25 -11.44 27.37
N THR D 329 0.30 -10.24 27.60
CA THR D 329 -0.49 -9.06 27.94
C THR D 329 -0.28 -8.03 26.84
N ASN D 330 -1.36 -7.61 26.20
CA ASN D 330 -1.30 -6.62 25.13
C ASN D 330 -1.66 -5.26 25.69
N LEU D 331 -0.81 -4.27 25.44
CA LEU D 331 -0.91 -2.96 26.05
C LEU D 331 -1.67 -2.01 25.13
N GLU D 332 -2.82 -1.54 25.60
CA GLU D 332 -3.64 -0.60 24.85
C GLU D 332 -3.03 0.81 24.88
N ARG D 333 -3.38 1.61 23.88
CA ARG D 333 -3.01 3.01 23.86
C ARG D 333 -4.18 3.95 24.18
N LYS D 334 -5.40 3.59 23.78
CA LYS D 334 -6.55 4.44 24.05
C LYS D 334 -6.89 4.45 25.54
N LEU D 335 -6.58 3.36 26.25
CA LEU D 335 -6.71 3.39 27.71
C LEU D 335 -5.64 4.27 28.32
N ALA D 336 -4.43 4.25 27.76
CA ALA D 336 -3.36 5.11 28.27
C ALA D 336 -3.69 6.57 28.04
N GLU D 337 -4.33 6.88 26.92
CA GLU D 337 -4.80 8.25 26.70
C GLU D 337 -5.96 8.61 27.61
N MET D 338 -6.61 7.62 28.23
CA MET D 338 -7.57 7.86 29.30
C MET D 338 -6.93 7.75 30.67
N GLY D 339 -5.64 7.45 30.74
CA GLY D 339 -4.95 7.38 32.01
C GLY D 339 -5.27 6.17 32.85
N ILE D 340 -5.89 5.14 32.27
CA ILE D 340 -6.23 3.94 33.02
C ILE D 340 -5.05 2.97 32.96
N TYR D 341 -4.09 3.15 33.88
CA TYR D 341 -2.86 2.39 34.03
C TYR D 341 -3.04 1.20 34.97
N PRO D 342 -2.39 0.07 34.69
CA PRO D 342 -1.60 -0.21 33.48
C PRO D 342 -2.54 -0.48 32.31
N ALA D 343 -2.23 0.06 31.13
CA ALA D 343 -3.13 -0.02 29.99
C ALA D 343 -2.97 -1.39 29.33
N VAL D 344 -3.59 -2.40 29.95
CA VAL D 344 -3.55 -3.78 29.48
C VAL D 344 -4.89 -4.11 28.86
N ASP D 345 -4.88 -4.63 27.66
CA ASP D 345 -6.09 -5.04 26.95
C ASP D 345 -6.74 -6.21 27.68
N PRO D 346 -7.92 -6.03 28.28
CA PRO D 346 -8.53 -7.14 29.03
C PRO D 346 -9.14 -8.22 28.17
N LEU D 347 -9.20 -8.03 26.86
CA LEU D 347 -9.78 -9.02 25.96
C LEU D 347 -8.77 -9.64 25.01
N ALA D 348 -7.66 -8.97 24.72
CA ALA D 348 -6.64 -9.56 23.88
C ALA D 348 -5.65 -10.41 24.66
N SER D 349 -5.51 -10.14 25.97
CA SER D 349 -4.55 -10.86 26.78
C SER D 349 -4.96 -12.33 26.94
N THR D 350 -3.98 -13.22 26.89
CA THR D 350 -4.22 -14.66 26.93
C THR D 350 -3.24 -15.34 27.88
N SER D 351 -3.59 -16.56 28.26
CA SER D 351 -2.68 -17.42 29.00
C SER D 351 -3.15 -18.86 28.86
N ARG D 352 -2.20 -19.80 28.84
CA ARG D 352 -2.55 -21.21 28.82
C ARG D 352 -3.23 -21.65 30.11
N ALA D 353 -3.11 -20.88 31.19
CA ALA D 353 -3.56 -21.30 32.50
C ALA D 353 -5.05 -21.12 32.72
N LEU D 354 -5.69 -20.17 32.02
CA LEU D 354 -7.08 -19.85 32.36
C LEU D 354 -8.01 -20.97 31.93
N ALA D 355 -8.18 -21.94 32.82
CA ALA D 355 -9.08 -23.08 32.62
C ALA D 355 -9.78 -23.35 33.94
N PRO D 356 -10.99 -23.90 33.90
CA PRO D 356 -11.75 -24.09 35.16
C PRO D 356 -11.11 -25.06 36.14
N GLU D 357 -10.09 -25.82 35.72
CA GLU D 357 -9.46 -26.79 36.59
C GLU D 357 -7.95 -26.61 36.69
N ILE D 358 -7.41 -25.54 36.12
CA ILE D 358 -5.98 -25.26 36.22
C ILE D 358 -5.70 -24.10 37.16
N VAL D 359 -6.60 -23.11 37.21
CA VAL D 359 -6.46 -21.95 38.08
C VAL D 359 -7.59 -21.86 39.10
N GLY D 360 -8.44 -22.88 39.19
CA GLY D 360 -9.53 -22.85 40.14
C GLY D 360 -10.88 -22.60 39.49
N GLU D 361 -11.91 -23.33 39.93
CA GLU D 361 -13.23 -23.22 39.31
C GLU D 361 -13.84 -21.83 39.53
N GLU D 362 -13.73 -21.29 40.74
CA GLU D 362 -14.35 -20.00 41.05
C GLU D 362 -13.67 -18.86 40.28
N HIS D 363 -12.34 -18.84 40.31
CA HIS D 363 -11.57 -17.82 39.61
C HIS D 363 -11.95 -17.77 38.14
N TYR D 364 -11.96 -18.92 37.47
CA TYR D 364 -12.33 -19.00 36.06
C TYR D 364 -13.79 -18.61 35.84
N GLN D 365 -14.69 -19.05 36.73
CA GLN D 365 -16.11 -18.74 36.62
C GLN D 365 -16.36 -17.24 36.65
N VAL D 366 -15.59 -16.51 37.44
CA VAL D 366 -15.75 -15.05 37.47
C VAL D 366 -15.00 -14.38 36.32
N ALA D 367 -13.83 -14.92 35.94
CA ALA D 367 -13.01 -14.28 34.92
C ALA D 367 -13.68 -14.29 33.55
N ARG D 368 -14.16 -15.45 33.11
CA ARG D 368 -14.76 -15.51 31.78
C ARG D 368 -16.03 -14.67 31.71
N LYS D 369 -16.81 -14.64 32.79
CA LYS D 369 -18.00 -13.80 32.83
C LYS D 369 -17.65 -12.31 32.72
N VAL D 370 -16.62 -11.88 33.45
CA VAL D 370 -16.23 -10.47 33.37
C VAL D 370 -15.76 -10.12 31.96
N GLN D 371 -15.00 -11.04 31.34
CA GLN D 371 -14.58 -10.82 29.96
C GLN D 371 -15.79 -10.75 29.02
N GLN D 372 -16.81 -11.56 29.27
CA GLN D 372 -18.02 -11.49 28.46
C GLN D 372 -18.70 -10.14 28.61
N THR D 373 -18.77 -9.61 29.83
CA THR D 373 -19.40 -8.31 30.01
C THR D 373 -18.59 -7.21 29.36
N LEU D 374 -17.26 -7.33 29.33
CA LEU D 374 -16.46 -6.35 28.62
C LEU D 374 -16.70 -6.40 27.11
N GLN D 375 -16.77 -7.61 26.54
CA GLN D 375 -17.09 -7.73 25.12
C GLN D 375 -18.47 -7.18 24.81
N ARG D 376 -19.41 -7.35 25.76
CA ARG D 376 -20.74 -6.76 25.59
C ARG D 376 -20.67 -5.24 25.57
N TYR D 377 -19.85 -4.65 26.44
CA TYR D 377 -19.69 -3.20 26.42
C TYR D 377 -19.11 -2.73 25.09
N LYS D 378 -18.13 -3.47 24.57
CA LYS D 378 -17.43 -3.01 23.36
C LYS D 378 -18.38 -2.89 22.17
N GLU D 379 -19.23 -3.90 21.96
CA GLU D 379 -20.12 -3.88 20.80
C GLU D 379 -21.27 -2.90 20.98
N LEU D 380 -21.71 -2.69 22.22
CA LEU D 380 -22.93 -1.95 22.50
C LEU D 380 -22.74 -0.43 22.53
N GLN D 381 -21.53 0.05 22.32
CA GLN D 381 -21.29 1.49 22.37
C GLN D 381 -22.05 2.23 21.28
N ASP D 382 -22.17 1.63 20.09
CA ASP D 382 -22.73 2.37 18.95
C ASP D 382 -24.16 2.80 19.20
N ILE D 383 -24.97 1.92 19.80
CA ILE D 383 -26.37 2.27 20.05
C ILE D 383 -26.46 3.48 20.97
N ILE D 384 -25.50 3.65 21.89
CA ILE D 384 -25.51 4.81 22.77
C ILE D 384 -25.28 6.09 21.98
N ALA D 385 -24.28 6.07 21.10
CA ALA D 385 -23.98 7.25 20.28
C ALA D 385 -25.13 7.58 19.35
N ILE D 386 -25.68 6.57 18.67
CA ILE D 386 -26.68 6.82 17.64
C ILE D 386 -27.99 7.33 18.25
N LEU D 387 -28.46 6.70 19.32
CA LEU D 387 -29.78 7.04 19.86
C LEU D 387 -29.81 7.30 21.37
N GLY D 388 -28.83 6.83 22.14
CA GLY D 388 -28.75 7.24 23.54
C GLY D 388 -29.76 6.54 24.43
N MET D 389 -30.52 7.34 25.18
CA MET D 389 -31.25 6.83 26.33
C MET D 389 -32.31 5.79 25.95
N ASP D 390 -33.09 6.06 24.89
CA ASP D 390 -34.24 5.22 24.57
C ASP D 390 -33.90 4.06 23.64
N GLU D 391 -32.61 3.79 23.43
CA GLU D 391 -32.16 2.54 22.85
C GLU D 391 -31.19 1.80 23.76
N LEU D 392 -30.37 2.52 24.52
CA LEU D 392 -29.66 1.94 25.65
C LEU D 392 -30.64 1.78 26.79
N SER D 393 -31.37 0.66 26.81
CA SER D 393 -32.48 0.48 27.73
C SER D 393 -32.38 -0.88 28.40
N ASP D 394 -33.08 -1.00 29.53
CA ASP D 394 -33.21 -2.21 30.34
C ASP D 394 -31.87 -2.91 30.59
N GLU D 395 -31.74 -4.14 30.12
CA GLU D 395 -30.57 -4.96 30.45
C GLU D 395 -29.29 -4.36 29.90
N ASP D 396 -29.33 -3.72 28.73
CA ASP D 396 -28.14 -3.06 28.22
C ASP D 396 -27.76 -1.87 29.09
N LYS D 397 -28.76 -1.14 29.58
CA LYS D 397 -28.49 -0.02 30.48
C LYS D 397 -27.83 -0.49 31.76
N LEU D 398 -28.35 -1.55 32.36
CA LEU D 398 -27.73 -2.10 33.57
C LEU D 398 -26.34 -2.63 33.29
N VAL D 399 -26.15 -3.28 32.14
CA VAL D 399 -24.84 -3.78 31.74
C VAL D 399 -23.83 -2.64 31.65
N VAL D 400 -24.23 -1.54 31.00
CA VAL D 400 -23.36 -0.37 30.93
C VAL D 400 -23.09 0.20 32.32
N HIS D 401 -24.11 0.25 33.16
CA HIS D 401 -23.97 0.87 34.49
C HIS D 401 -22.92 0.13 35.31
N ARG D 402 -22.97 -1.20 35.31
CA ARG D 402 -21.96 -1.96 36.04
C ARG D 402 -20.63 -2.06 35.30
N ALA D 403 -20.64 -2.08 33.96
CA ALA D 403 -19.41 -2.20 33.19
C ALA D 403 -18.53 -0.97 33.35
N ARG D 404 -19.13 0.22 33.44
CA ARG D 404 -18.32 1.42 33.66
C ARG D 404 -17.63 1.36 35.01
N ARG D 405 -18.31 0.85 36.03
CA ARG D 405 -17.67 0.65 37.31
C ARG D 405 -16.51 -0.32 37.22
N ILE D 406 -16.74 -1.48 36.59
CA ILE D 406 -15.71 -2.52 36.60
C ILE D 406 -14.56 -2.21 35.65
N GLN D 407 -14.74 -1.27 34.72
CA GLN D 407 -13.66 -0.95 33.79
C GLN D 407 -12.49 -0.28 34.52
N PHE D 408 -12.77 0.64 35.44
CA PHE D 408 -11.70 1.36 36.12
C PHE D 408 -10.99 0.50 37.17
N PHE D 409 -11.70 -0.48 37.74
CA PHE D 409 -11.15 -1.26 38.84
C PHE D 409 -9.93 -2.07 38.43
N LEU D 410 -9.72 -2.29 37.13
CA LEU D 410 -8.51 -2.96 36.66
C LEU D 410 -7.26 -2.11 36.84
N SER D 411 -7.43 -0.82 37.17
CA SER D 411 -6.31 0.09 37.39
C SER D 411 -5.81 -0.02 38.83
N GLN D 412 -4.51 0.16 39.00
CA GLN D 412 -3.86 -0.02 40.30
C GLN D 412 -2.71 0.96 40.45
N ASN D 413 -2.45 1.36 41.69
CA ASN D 413 -1.27 2.17 41.98
C ASN D 413 -0.03 1.30 42.02
N PHE D 414 1.07 1.80 41.47
CA PHE D 414 2.26 1.00 41.26
C PHE D 414 3.41 1.47 42.12
N HIS D 415 4.32 0.54 42.43
CA HIS D 415 5.50 0.87 43.21
C HIS D 415 6.49 1.74 42.44
N VAL D 416 6.70 1.45 41.15
CA VAL D 416 7.64 2.22 40.35
C VAL D 416 7.01 3.48 39.77
N ALA D 417 5.74 3.73 40.05
CA ALA D 417 5.08 4.96 39.65
C ALA D 417 5.09 6.01 40.75
N GLU D 418 5.84 5.79 41.83
CA GLU D 418 5.94 6.78 42.90
C GLU D 418 6.48 8.11 42.40
N GLN D 419 7.18 8.12 41.27
CA GLN D 419 7.70 9.36 40.71
C GLN D 419 6.59 10.26 40.18
N PHE D 420 5.48 9.67 39.73
CA PHE D 420 4.45 10.40 39.01
C PHE D 420 3.33 10.90 39.91
N THR D 421 3.08 10.24 41.03
CA THR D 421 2.19 10.74 42.06
C THR D 421 2.78 10.42 43.42
N GLY D 422 2.48 11.24 44.41
CA GLY D 422 3.07 11.10 45.73
C GLY D 422 2.44 10.04 46.61
N GLN D 423 2.53 8.77 46.20
CA GLN D 423 2.02 7.68 47.02
C GLN D 423 2.62 6.37 46.57
N PRO D 424 2.93 5.45 47.49
CA PRO D 424 3.57 4.19 47.10
C PRO D 424 2.58 3.21 46.49
N GLY D 425 3.14 2.15 45.89
CA GLY D 425 2.33 1.10 45.31
C GLY D 425 1.96 0.01 46.30
N SER D 426 1.02 -0.84 45.88
CA SER D 426 0.48 -1.91 46.71
C SER D 426 0.45 -3.22 45.95
N TYR D 427 0.80 -4.30 46.65
CA TYR D 427 0.79 -5.66 46.11
C TYR D 427 -0.49 -6.35 46.56
N VAL D 428 -1.41 -6.59 45.63
CA VAL D 428 -2.76 -7.04 45.96
C VAL D 428 -2.84 -8.55 45.72
N PRO D 429 -3.12 -9.36 46.74
CA PRO D 429 -3.14 -10.83 46.56
C PRO D 429 -4.38 -11.30 45.82
N VAL D 430 -4.31 -12.58 45.42
CA VAL D 430 -5.27 -13.15 44.46
C VAL D 430 -6.67 -13.24 45.06
N LYS D 431 -6.79 -13.85 46.24
CA LYS D 431 -8.11 -14.06 46.85
C LYS D 431 -8.88 -12.75 46.94
N GLU D 432 -8.21 -11.69 47.41
CA GLU D 432 -8.82 -10.38 47.52
C GLU D 432 -9.32 -9.87 46.17
N THR D 433 -8.51 -10.05 45.12
CA THR D 433 -8.92 -9.64 43.77
C THR D 433 -10.19 -10.36 43.35
N VAL D 434 -10.21 -11.68 43.47
CA VAL D 434 -11.35 -12.47 43.03
C VAL D 434 -12.61 -12.08 43.80
N ARG D 435 -12.49 -11.90 45.12
CA ARG D 435 -13.66 -11.49 45.89
C ARG D 435 -14.10 -10.07 45.54
N GLY D 436 -13.14 -9.17 45.30
CA GLY D 436 -13.47 -7.79 45.03
C GLY D 436 -14.24 -7.61 43.73
N PHE D 437 -13.81 -8.31 42.68
CA PHE D 437 -14.57 -8.25 41.43
C PHE D 437 -15.99 -8.77 41.62
N LYS D 438 -16.13 -9.85 42.40
CA LYS D 438 -17.45 -10.42 42.66
C LYS D 438 -18.33 -9.42 43.39
N GLU D 439 -17.77 -8.75 44.40
CA GLU D 439 -18.55 -7.76 45.15
C GLU D 439 -18.99 -6.60 44.27
N ILE D 440 -18.21 -6.27 43.24
CA ILE D 440 -18.66 -5.28 42.25
C ILE D 440 -19.83 -5.82 41.44
N LEU D 441 -19.71 -7.08 40.98
CA LEU D 441 -20.76 -7.63 40.12
C LEU D 441 -22.10 -7.74 40.83
N GLU D 442 -22.09 -7.85 42.16
CA GLU D 442 -23.33 -7.94 42.91
C GLU D 442 -24.14 -6.65 42.92
N GLY D 443 -23.52 -5.52 42.58
CA GLY D 443 -24.15 -4.24 42.79
C GLY D 443 -23.98 -3.71 44.20
N LYS D 444 -23.12 -4.35 45.00
CA LYS D 444 -22.91 -3.92 46.38
C LYS D 444 -22.28 -2.53 46.44
N TYR D 445 -21.50 -2.16 45.43
CA TYR D 445 -20.81 -0.88 45.42
C TYR D 445 -21.13 -0.03 44.19
N ASP D 446 -22.16 -0.38 43.42
CA ASP D 446 -22.41 0.37 42.19
C ASP D 446 -22.99 1.76 42.44
N HIS D 447 -23.41 2.07 43.67
CA HIS D 447 -23.86 3.41 43.98
C HIS D 447 -22.69 4.38 44.19
N LEU D 448 -21.48 3.86 44.31
CA LEU D 448 -20.30 4.71 44.37
C LEU D 448 -20.03 5.34 43.00
N PRO D 449 -19.51 6.57 42.95
CA PRO D 449 -19.20 7.19 41.66
C PRO D 449 -18.12 6.44 40.91
N GLU D 450 -18.24 6.44 39.57
CA GLU D 450 -17.38 5.61 38.74
C GLU D 450 -15.91 6.00 38.85
N ASP D 451 -15.62 7.30 38.96
CA ASP D 451 -14.24 7.76 38.94
C ASP D 451 -13.44 7.27 40.14
N ALA D 452 -14.11 6.90 41.24
CA ALA D 452 -13.39 6.47 42.44
C ALA D 452 -12.58 5.21 42.20
N PHE D 453 -13.08 4.30 41.37
CA PHE D 453 -12.49 2.97 41.17
C PHE D 453 -11.11 3.01 40.52
N ARG D 454 -10.50 4.17 40.34
CA ARG D 454 -9.19 4.25 39.70
C ARG D 454 -8.06 4.20 40.72
N LEU D 455 -7.04 3.40 40.42
CA LEU D 455 -5.74 3.44 41.09
C LEU D 455 -5.85 3.14 42.60
N VAL D 456 -6.61 2.10 42.95
CA VAL D 456 -6.71 1.62 44.32
C VAL D 456 -6.52 0.10 44.31
N GLY D 457 -6.41 -0.47 45.50
CA GLY D 457 -6.04 -1.87 45.61
C GLY D 457 -7.05 -2.85 46.17
N ARG D 458 -7.89 -2.39 47.10
CA ARG D 458 -8.88 -3.25 47.72
C ARG D 458 -10.25 -2.58 47.71
N ILE D 459 -11.29 -3.40 47.74
CA ILE D 459 -12.65 -2.89 47.53
C ILE D 459 -13.10 -2.04 48.71
N GLU D 460 -12.56 -2.28 49.90
CA GLU D 460 -12.91 -1.43 51.03
C GLU D 460 -12.36 -0.02 50.86
N GLU D 461 -11.23 0.13 50.17
CA GLU D 461 -10.64 1.44 49.94
C GLU D 461 -11.55 2.32 49.10
N VAL D 462 -12.35 1.71 48.22
CA VAL D 462 -13.27 2.48 47.38
C VAL D 462 -14.35 3.13 48.23
N VAL D 463 -14.85 2.43 49.25
CA VAL D 463 -15.78 3.06 50.19
C VAL D 463 -15.06 4.15 50.98
N GLU D 464 -13.82 3.88 51.39
CA GLU D 464 -13.02 4.89 52.07
C GLU D 464 -12.78 6.09 51.17
N LYS D 465 -12.46 5.85 49.89
CA LYS D 465 -12.24 6.95 48.96
C LYS D 465 -13.52 7.77 48.75
N ALA D 466 -14.66 7.10 48.62
CA ALA D 466 -15.93 7.80 48.44
C ALA D 466 -16.30 8.62 49.67
N LYS D 467 -15.97 8.11 50.87
CA LYS D 467 -16.23 8.89 52.07
C LYS D 467 -15.28 10.08 52.17
N ALA D 468 -14.01 9.88 51.79
CA ALA D 468 -13.04 10.96 51.85
C ALA D 468 -13.38 12.08 50.88
N MET D 469 -13.82 11.73 49.67
CA MET D 469 -14.22 12.75 48.70
C MET D 469 -15.59 13.32 48.98
N GLY D 470 -16.45 12.59 49.70
CA GLY D 470 -17.78 13.07 50.00
C GLY D 470 -18.72 13.09 48.82
N VAL D 471 -18.37 12.44 47.72
CA VAL D 471 -19.21 12.42 46.53
C VAL D 471 -20.15 11.22 46.59
N THR E 2 17.27 -37.16 -35.19
CA THR E 2 18.30 -36.27 -34.66
C THR E 2 18.12 -36.10 -33.16
N ARG E 3 19.22 -36.02 -32.43
CA ARG E 3 19.20 -36.09 -30.97
C ARG E 3 19.94 -34.91 -30.36
N GLY E 4 19.49 -34.51 -29.17
CA GLY E 4 20.17 -33.48 -28.41
C GLY E 4 20.33 -33.91 -26.96
N ARG E 5 21.35 -33.35 -26.31
CA ARG E 5 21.71 -33.71 -24.94
C ARG E 5 21.15 -32.71 -23.95
N VAL E 6 20.58 -33.21 -22.85
CA VAL E 6 20.15 -32.35 -21.76
C VAL E 6 21.38 -31.88 -20.98
N ILE E 7 21.39 -30.59 -20.62
CA ILE E 7 22.55 -29.97 -19.98
C ILE E 7 22.17 -29.26 -18.69
N GLN E 8 20.89 -28.93 -18.53
CA GLN E 8 20.42 -28.25 -17.34
C GLN E 8 19.00 -28.71 -17.03
N VAL E 9 18.62 -28.62 -15.76
CA VAL E 9 17.24 -28.86 -15.34
C VAL E 9 16.98 -28.14 -14.03
N MET E 10 15.97 -27.28 -14.02
CA MET E 10 15.57 -26.56 -12.82
C MET E 10 14.05 -26.64 -12.72
N GLY E 11 13.56 -27.68 -12.08
CA GLY E 11 12.14 -27.88 -11.92
C GLY E 11 11.43 -28.08 -13.24
N PRO E 12 10.42 -27.24 -13.52
CA PRO E 12 9.69 -27.37 -14.79
C PRO E 12 10.53 -27.21 -16.04
N VAL E 13 11.58 -26.41 -16.01
CA VAL E 13 12.32 -26.04 -17.21
C VAL E 13 13.52 -26.97 -17.38
N VAL E 14 13.84 -27.27 -18.64
CA VAL E 14 15.00 -28.06 -19.00
C VAL E 14 15.70 -27.34 -20.14
N ASP E 15 16.98 -27.65 -20.35
CA ASP E 15 17.80 -26.96 -21.35
C ASP E 15 18.50 -27.99 -22.24
N VAL E 16 17.85 -28.35 -23.34
CA VAL E 16 18.43 -29.29 -24.30
C VAL E 16 19.43 -28.57 -25.19
N LYS E 17 20.47 -29.28 -25.62
CA LYS E 17 21.44 -28.77 -26.58
C LYS E 17 21.45 -29.64 -27.83
N PHE E 18 21.08 -29.05 -28.97
CA PHE E 18 21.05 -29.75 -30.26
C PHE E 18 22.29 -29.35 -31.05
N GLU E 19 23.34 -30.15 -30.93
CA GLU E 19 24.62 -29.87 -31.57
C GLU E 19 24.80 -30.61 -32.89
N ASN E 20 23.73 -31.21 -33.42
CA ASN E 20 23.85 -31.96 -34.66
C ASN E 20 23.96 -31.05 -35.89
N GLY E 21 23.65 -29.76 -35.75
CA GLY E 21 23.54 -28.88 -36.88
C GLY E 21 22.11 -28.59 -37.30
N HIS E 22 21.12 -29.10 -36.57
CA HIS E 22 19.72 -28.81 -36.80
C HIS E 22 19.08 -28.39 -35.47
N LEU E 23 18.17 -27.43 -35.53
CA LEU E 23 17.50 -27.01 -34.31
C LEU E 23 16.00 -27.06 -34.49
N PRO E 24 15.26 -27.34 -33.42
CA PRO E 24 13.80 -27.31 -33.50
C PRO E 24 13.26 -25.88 -33.47
N ALA E 25 12.08 -25.72 -34.06
CA ALA E 25 11.38 -24.45 -33.98
C ALA E 25 10.67 -24.31 -32.65
N ILE E 26 10.18 -23.10 -32.38
CA ILE E 26 9.42 -22.86 -31.16
C ILE E 26 8.10 -23.62 -31.22
N TYR E 27 7.62 -24.04 -30.05
CA TYR E 27 6.36 -24.77 -29.86
C TYR E 27 6.46 -26.23 -30.27
N ASN E 28 7.61 -26.64 -30.82
CA ASN E 28 7.79 -28.04 -31.18
C ASN E 28 7.77 -28.91 -29.92
N ALA E 29 7.72 -30.23 -30.14
CA ALA E 29 7.71 -31.21 -29.06
C ALA E 29 8.91 -32.13 -29.20
N LEU E 30 9.58 -32.41 -28.10
CA LEU E 30 10.73 -33.28 -28.03
C LEU E 30 10.42 -34.46 -27.11
N LYS E 31 11.11 -35.58 -27.30
CA LYS E 31 10.84 -36.81 -26.56
C LYS E 31 12.08 -37.30 -25.84
N ILE E 32 11.89 -37.78 -24.61
CA ILE E 32 12.92 -38.49 -23.84
C ILE E 32 12.37 -39.86 -23.47
N GLN E 33 13.08 -40.91 -23.89
CA GLN E 33 12.77 -42.28 -23.52
C GLN E 33 14.06 -42.99 -23.14
N HIS E 34 14.21 -43.33 -21.87
CA HIS E 34 15.45 -43.86 -21.33
C HIS E 34 15.22 -45.16 -20.59
N LYS E 35 16.14 -46.09 -20.77
CA LYS E 35 16.14 -47.37 -20.04
C LYS E 35 17.23 -47.32 -18.98
N ALA E 36 16.86 -47.61 -17.73
CA ALA E 36 17.83 -47.56 -16.63
C ALA E 36 18.93 -48.57 -16.85
N ARG E 37 20.18 -48.08 -16.90
CA ARG E 37 21.32 -48.96 -17.11
C ARG E 37 21.71 -49.72 -15.84
N ASN E 38 21.45 -49.15 -14.66
CA ASN E 38 21.81 -49.79 -13.41
C ASN E 38 20.70 -49.56 -12.39
N GLU E 39 20.86 -50.19 -11.22
CA GLU E 39 19.84 -50.11 -10.17
C GLU E 39 19.65 -48.69 -9.66
N ASN E 40 20.65 -47.82 -9.79
CA ASN E 40 20.50 -46.45 -9.31
C ASN E 40 19.61 -45.63 -10.24
N GLU E 41 19.79 -45.78 -11.55
CA GLU E 41 19.04 -44.99 -12.52
C GLU E 41 17.56 -45.34 -12.50
N VAL E 42 16.73 -44.38 -12.89
CA VAL E 42 15.28 -44.52 -12.96
C VAL E 42 14.86 -44.40 -14.43
N ASP E 43 14.04 -45.34 -14.88
CA ASP E 43 13.49 -45.26 -16.23
C ASP E 43 12.49 -44.12 -16.32
N ILE E 44 12.57 -43.36 -17.42
CA ILE E 44 11.82 -42.11 -17.57
C ILE E 44 11.29 -42.01 -18.99
N ASP E 45 10.05 -41.55 -19.11
CA ASP E 45 9.42 -41.25 -20.40
C ASP E 45 8.84 -39.85 -20.33
N LEU E 46 9.42 -38.93 -21.11
CA LEU E 46 9.11 -37.51 -21.00
C LEU E 46 9.01 -36.86 -22.36
N THR E 47 8.21 -35.80 -22.44
CA THR E 47 8.14 -34.94 -23.61
C THR E 47 8.32 -33.49 -23.18
N LEU E 48 8.97 -32.70 -24.03
CA LEU E 48 9.29 -31.32 -23.75
C LEU E 48 8.88 -30.45 -24.94
N GLU E 49 8.25 -29.30 -24.64
CA GLU E 49 7.92 -28.33 -25.68
C GLU E 49 8.93 -27.19 -25.65
N VAL E 50 9.38 -26.76 -26.84
CA VAL E 50 10.33 -25.66 -26.92
C VAL E 50 9.60 -24.34 -26.67
N ALA E 51 10.21 -23.48 -25.86
CA ALA E 51 9.61 -22.21 -25.47
C ALA E 51 10.45 -21.00 -25.84
N LEU E 52 11.77 -21.16 -25.90
CA LEU E 52 12.68 -20.06 -26.20
C LEU E 52 13.96 -20.61 -26.81
N HIS E 53 14.53 -19.86 -27.74
CA HIS E 53 15.84 -20.19 -28.30
C HIS E 53 16.92 -19.46 -27.52
N LEU E 54 17.92 -20.20 -27.07
CA LEU E 54 19.10 -19.60 -26.44
C LEU E 54 20.21 -19.49 -27.48
N GLY E 55 21.41 -19.13 -27.02
CA GLY E 55 22.47 -18.77 -27.95
C GLY E 55 23.14 -19.90 -28.70
N ASP E 56 23.86 -20.76 -28.00
CA ASP E 56 24.75 -21.73 -28.65
C ASP E 56 24.08 -23.09 -28.73
N ASP E 57 23.37 -23.34 -29.83
CA ASP E 57 22.75 -24.64 -30.10
C ASP E 57 21.95 -25.13 -28.89
N THR E 58 21.18 -24.23 -28.29
CA THR E 58 20.51 -24.50 -27.03
C THR E 58 19.12 -23.90 -27.07
N VAL E 59 18.17 -24.61 -26.49
CA VAL E 59 16.78 -24.15 -26.38
C VAL E 59 16.31 -24.37 -24.95
N ARG E 60 15.39 -23.54 -24.51
CA ARG E 60 14.74 -23.71 -23.22
C ARG E 60 13.41 -24.40 -23.44
N THR E 61 13.21 -25.52 -22.76
CA THR E 61 12.10 -26.43 -23.01
C THR E 61 11.32 -26.62 -21.71
N ILE E 62 10.02 -26.39 -21.77
CA ILE E 62 9.16 -26.63 -20.62
C ILE E 62 8.75 -28.09 -20.59
N ALA E 63 8.99 -28.76 -19.46
CA ALA E 63 8.67 -30.17 -19.33
C ALA E 63 7.18 -30.38 -19.13
N MET E 64 6.65 -31.45 -19.73
CA MET E 64 5.24 -31.78 -19.62
C MET E 64 4.92 -32.64 -18.40
N ALA E 65 5.91 -33.32 -17.83
CA ALA E 65 5.72 -34.14 -16.65
C ALA E 65 6.86 -33.89 -15.67
N SER E 66 6.75 -34.47 -14.48
CA SER E 66 7.75 -34.26 -13.44
C SER E 66 9.13 -34.70 -13.92
N THR E 67 10.15 -33.95 -13.51
CA THR E 67 11.49 -34.06 -14.07
C THR E 67 12.43 -34.93 -13.24
N ASP E 68 11.92 -35.69 -12.27
CA ASP E 68 12.77 -36.48 -11.39
C ASP E 68 13.50 -37.58 -12.17
N GLY E 69 14.72 -37.87 -11.74
CA GLY E 69 15.53 -38.87 -12.40
C GLY E 69 16.34 -38.39 -13.58
N LEU E 70 16.13 -37.16 -14.03
CA LEU E 70 16.85 -36.67 -15.20
C LEU E 70 18.33 -36.49 -14.90
N ILE E 71 19.17 -36.97 -15.81
CA ILE E 71 20.62 -36.91 -15.69
C ILE E 71 21.14 -36.04 -16.81
N ARG E 72 22.09 -35.15 -16.48
CA ARG E 72 22.75 -34.35 -17.51
C ARG E 72 23.55 -35.27 -18.43
N GLY E 73 23.40 -35.07 -19.73
CA GLY E 73 23.92 -35.99 -20.72
C GLY E 73 22.89 -36.94 -21.31
N MET E 74 21.63 -36.85 -20.89
CA MET E 74 20.58 -37.65 -21.49
C MET E 74 20.32 -37.21 -22.93
N GLU E 75 19.79 -38.13 -23.73
CA GLU E 75 19.58 -37.92 -25.16
C GLU E 75 18.11 -37.66 -25.44
N VAL E 76 17.85 -36.65 -26.27
CA VAL E 76 16.50 -36.15 -26.54
C VAL E 76 16.20 -36.27 -28.02
N ILE E 77 15.07 -36.88 -28.37
CA ILE E 77 14.63 -37.02 -29.75
C ILE E 77 13.81 -35.80 -30.15
N ASP E 78 13.92 -35.41 -31.42
CA ASP E 78 13.14 -34.32 -31.99
C ASP E 78 12.02 -34.89 -32.86
N THR E 79 10.76 -34.63 -32.48
CA THR E 79 9.63 -35.13 -33.24
C THR E 79 9.39 -34.33 -34.52
N GLY E 80 9.81 -33.07 -34.56
CA GLY E 80 9.66 -32.27 -35.77
C GLY E 80 8.31 -31.61 -35.95
N ALA E 81 7.45 -31.61 -34.95
CA ALA E 81 6.13 -31.00 -35.08
C ALA E 81 5.59 -30.69 -33.69
N PRO E 82 4.61 -29.79 -33.60
CA PRO E 82 4.00 -29.49 -32.30
C PRO E 82 3.25 -30.67 -31.70
N ILE E 83 2.61 -30.43 -30.55
CA ILE E 83 1.80 -31.46 -29.90
C ILE E 83 0.61 -31.80 -30.79
N SER E 84 0.43 -33.08 -31.08
CA SER E 84 -0.62 -33.57 -31.97
C SER E 84 -1.78 -34.11 -31.15
N VAL E 85 -3.00 -33.75 -31.53
CA VAL E 85 -4.21 -34.17 -30.82
C VAL E 85 -5.10 -35.00 -31.73
N PRO E 86 -5.64 -36.12 -31.26
CA PRO E 86 -6.54 -36.93 -32.10
C PRO E 86 -7.86 -36.21 -32.35
N VAL E 87 -8.14 -35.96 -33.62
CA VAL E 87 -9.28 -35.15 -34.04
C VAL E 87 -10.24 -36.02 -34.82
N GLY E 88 -11.54 -35.89 -34.52
CA GLY E 88 -12.55 -36.64 -35.24
C GLY E 88 -13.75 -36.92 -34.37
N GLU E 89 -14.59 -37.85 -34.83
CA GLU E 89 -15.71 -38.33 -34.02
C GLU E 89 -15.25 -39.24 -32.90
N VAL E 90 -14.02 -39.77 -32.99
CA VAL E 90 -13.49 -40.65 -31.96
C VAL E 90 -13.43 -39.96 -30.60
N THR E 91 -13.32 -38.63 -30.58
CA THR E 91 -13.19 -37.92 -29.32
C THR E 91 -14.45 -37.97 -28.49
N LEU E 92 -15.61 -38.20 -29.10
CA LEU E 92 -16.86 -38.20 -28.35
C LEU E 92 -16.88 -39.35 -27.35
N GLY E 93 -17.32 -39.04 -26.13
CA GLY E 93 -17.32 -40.02 -25.04
C GLY E 93 -16.03 -40.14 -24.26
N ARG E 94 -14.90 -40.18 -24.95
CA ARG E 94 -13.62 -40.47 -24.34
C ARG E 94 -13.11 -39.28 -23.52
N VAL E 95 -12.12 -39.56 -22.66
CA VAL E 95 -11.42 -38.56 -21.88
C VAL E 95 -9.92 -38.69 -22.15
N PHE E 96 -9.25 -37.55 -22.28
CA PHE E 96 -7.86 -37.50 -22.75
C PHE E 96 -7.01 -36.68 -21.79
N ASN E 97 -5.69 -36.85 -21.91
CA ASN E 97 -4.73 -36.01 -21.21
C ASN E 97 -4.17 -34.94 -22.15
N VAL E 98 -3.19 -34.17 -21.65
CA VAL E 98 -2.69 -33.03 -22.41
C VAL E 98 -1.96 -33.50 -23.68
N LEU E 99 -1.23 -34.60 -23.60
CA LEU E 99 -0.45 -35.07 -24.73
C LEU E 99 -1.30 -35.75 -25.80
N GLY E 100 -2.56 -36.03 -25.52
CA GLY E 100 -3.46 -36.65 -26.48
C GLY E 100 -3.83 -38.08 -26.20
N GLU E 101 -3.20 -38.73 -25.21
CA GLU E 101 -3.57 -40.09 -24.87
C GLU E 101 -4.87 -40.11 -24.05
N PRO E 102 -5.65 -41.18 -24.15
CA PRO E 102 -6.89 -41.27 -23.37
C PRO E 102 -6.63 -41.64 -21.92
N ILE E 103 -7.54 -41.21 -21.06
CA ILE E 103 -7.42 -41.38 -19.62
C ILE E 103 -8.28 -42.53 -19.11
N ASP E 104 -9.49 -42.67 -19.63
CA ASP E 104 -10.31 -43.82 -19.25
C ASP E 104 -9.72 -45.09 -19.84
N LEU E 105 -9.99 -46.21 -19.17
CA LEU E 105 -9.44 -47.50 -19.56
C LEU E 105 -10.15 -48.12 -20.75
N GLU E 106 -11.13 -47.42 -21.34
CA GLU E 106 -12.02 -48.04 -22.30
C GLU E 106 -11.34 -48.41 -23.62
N GLY E 107 -10.19 -47.83 -23.94
CA GLY E 107 -9.51 -48.26 -25.14
C GLY E 107 -8.36 -47.34 -25.51
N ASP E 108 -7.94 -47.47 -26.76
CA ASP E 108 -6.82 -46.73 -27.32
C ASP E 108 -7.23 -46.19 -28.69
N ILE E 109 -6.45 -45.25 -29.20
CA ILE E 109 -6.71 -44.61 -30.49
C ILE E 109 -5.57 -44.98 -31.43
N PRO E 110 -5.86 -45.55 -32.60
CA PRO E 110 -4.80 -46.07 -33.46
C PRO E 110 -4.02 -44.96 -34.16
N ALA E 111 -2.96 -45.37 -34.87
CA ALA E 111 -2.12 -44.43 -35.59
C ALA E 111 -2.86 -43.77 -36.75
N ASP E 112 -3.85 -44.45 -37.33
CA ASP E 112 -4.51 -43.93 -38.52
C ASP E 112 -5.41 -42.74 -38.25
N ALA E 113 -5.72 -42.44 -36.99
CA ALA E 113 -6.63 -41.34 -36.69
C ALA E 113 -6.03 -40.01 -37.11
N ARG E 114 -6.89 -39.08 -37.50
CA ARG E 114 -6.44 -37.74 -37.87
C ARG E 114 -5.96 -36.98 -36.64
N ARG E 115 -4.80 -36.35 -36.75
CA ARG E 115 -4.20 -35.58 -35.66
C ARG E 115 -3.80 -34.20 -36.15
N ASP E 116 -4.06 -33.17 -35.32
CA ASP E 116 -3.83 -31.78 -35.67
C ASP E 116 -2.94 -31.10 -34.64
N PRO E 117 -2.12 -30.14 -35.07
CA PRO E 117 -1.35 -29.34 -34.11
C PRO E 117 -2.23 -28.35 -33.35
N ILE E 118 -1.76 -27.98 -32.16
CA ILE E 118 -2.55 -27.13 -31.27
C ILE E 118 -2.33 -25.64 -31.49
N HIS E 119 -1.24 -25.25 -32.16
CA HIS E 119 -0.89 -23.84 -32.33
C HIS E 119 -1.14 -23.43 -33.78
N ARG E 120 -1.95 -22.38 -33.96
CA ARG E 120 -2.30 -21.86 -35.27
C ARG E 120 -2.87 -20.45 -35.10
N PRO E 121 -2.83 -19.63 -36.16
CA PRO E 121 -3.40 -18.28 -36.05
C PRO E 121 -4.91 -18.25 -35.96
N ALA E 122 -5.43 -17.13 -35.42
CA ALA E 122 -6.84 -16.94 -35.15
C ALA E 122 -7.64 -16.56 -36.42
N PRO E 123 -8.97 -16.63 -36.35
CA PRO E 123 -9.80 -16.16 -37.48
C PRO E 123 -9.66 -14.67 -37.76
N LYS E 124 -9.88 -14.31 -39.02
CA LYS E 124 -9.74 -12.94 -39.49
C LYS E 124 -11.04 -12.15 -39.30
N PHE E 125 -10.99 -10.86 -39.65
CA PHE E 125 -12.13 -9.98 -39.45
C PHE E 125 -13.31 -10.33 -40.35
N GLU E 126 -13.06 -10.79 -41.58
CA GLU E 126 -14.15 -11.09 -42.50
C GLU E 126 -15.02 -12.25 -42.03
N GLU E 127 -14.45 -13.17 -41.24
CA GLU E 127 -15.10 -14.43 -40.97
C GLU E 127 -16.14 -14.34 -39.85
N LEU E 128 -16.01 -13.34 -38.97
CA LEU E 128 -16.86 -13.26 -37.80
C LEU E 128 -18.29 -12.86 -38.18
N ALA E 129 -19.23 -13.22 -37.31
CA ALA E 129 -20.63 -12.83 -37.46
C ALA E 129 -21.22 -12.65 -36.07
N THR E 130 -22.28 -11.84 -35.98
CA THR E 130 -22.86 -11.49 -34.70
C THR E 130 -24.38 -11.52 -34.79
N GLU E 131 -25.01 -11.79 -33.64
CA GLU E 131 -26.47 -11.77 -33.51
C GLU E 131 -26.82 -11.43 -32.07
N VAL E 132 -28.12 -11.22 -31.83
CA VAL E 132 -28.61 -10.71 -30.56
C VAL E 132 -29.51 -11.69 -29.83
N GLU E 133 -29.67 -12.91 -30.31
CA GLU E 133 -30.72 -13.80 -29.80
C GLU E 133 -30.46 -14.22 -28.35
N ILE E 134 -31.49 -14.09 -27.51
CA ILE E 134 -31.40 -14.47 -26.10
C ILE E 134 -31.25 -15.99 -25.96
N LEU E 135 -30.43 -16.40 -25.00
CA LEU E 135 -30.28 -17.81 -24.59
C LEU E 135 -30.84 -17.94 -23.17
N GLU E 136 -32.08 -18.41 -23.05
CA GLU E 136 -32.72 -18.47 -21.75
C GLU E 136 -32.03 -19.50 -20.86
N THR E 137 -31.85 -19.13 -19.59
CA THR E 137 -31.14 -19.97 -18.62
C THR E 137 -32.06 -20.59 -17.57
N GLY E 138 -33.24 -20.04 -17.34
CA GLY E 138 -34.07 -20.46 -16.25
C GLY E 138 -33.64 -19.97 -14.89
N ILE E 139 -32.64 -19.09 -14.84
CA ILE E 139 -32.12 -18.51 -13.59
C ILE E 139 -32.62 -17.07 -13.54
N LYS E 140 -33.35 -16.72 -12.47
CA LYS E 140 -34.02 -15.44 -12.41
C LYS E 140 -33.07 -14.27 -12.56
N VAL E 141 -31.92 -14.30 -11.87
CA VAL E 141 -31.02 -13.15 -11.87
C VAL E 141 -30.48 -12.89 -13.27
N VAL E 142 -29.95 -13.93 -13.91
CA VAL E 142 -29.39 -13.76 -15.25
C VAL E 142 -30.48 -13.40 -16.24
N ASP E 143 -31.62 -14.07 -16.17
CA ASP E 143 -32.69 -13.84 -17.13
C ASP E 143 -33.26 -12.42 -17.04
N LEU E 144 -33.38 -11.87 -15.83
CA LEU E 144 -34.05 -10.58 -15.70
C LEU E 144 -33.11 -9.39 -15.66
N LEU E 145 -31.85 -9.55 -15.22
CA LEU E 145 -30.98 -8.41 -15.08
C LEU E 145 -29.77 -8.39 -16.01
N ALA E 146 -29.41 -9.52 -16.62
CA ALA E 146 -28.25 -9.52 -17.49
C ALA E 146 -28.33 -10.72 -18.45
N PRO E 147 -29.32 -10.75 -19.34
CA PRO E 147 -29.56 -11.96 -20.14
C PRO E 147 -28.33 -12.39 -20.93
N TYR E 148 -28.05 -13.70 -20.90
CA TYR E 148 -27.06 -14.26 -21.81
C TYR E 148 -27.59 -14.26 -23.23
N ILE E 149 -26.67 -14.43 -24.18
CA ILE E 149 -27.03 -14.45 -25.59
C ILE E 149 -26.38 -15.65 -26.25
N LYS E 150 -27.11 -16.27 -27.18
CA LYS E 150 -26.59 -17.41 -27.90
C LYS E 150 -25.42 -17.00 -28.77
N GLY E 151 -24.35 -17.79 -28.74
CA GLY E 151 -23.14 -17.48 -29.46
C GLY E 151 -22.29 -16.41 -28.81
N GLY E 152 -22.68 -15.91 -27.64
CA GLY E 152 -21.90 -14.89 -26.96
C GLY E 152 -21.07 -15.47 -25.83
N LYS E 153 -19.90 -14.87 -25.62
CA LYS E 153 -19.04 -15.27 -24.52
C LYS E 153 -19.70 -14.94 -23.19
N ILE E 154 -19.74 -15.92 -22.28
CA ILE E 154 -20.29 -15.75 -20.95
C ILE E 154 -19.17 -15.93 -19.94
N GLY E 155 -19.07 -14.99 -18.99
CA GLY E 155 -18.04 -15.07 -17.98
C GLY E 155 -18.58 -15.08 -16.56
N LEU E 156 -18.09 -16.02 -15.76
CA LEU E 156 -18.37 -16.09 -14.34
C LEU E 156 -17.10 -15.71 -13.59
N PHE E 157 -17.15 -14.60 -12.86
CA PHE E 157 -16.01 -14.09 -12.13
C PHE E 157 -16.24 -14.28 -10.63
N GLY E 158 -15.22 -14.79 -9.94
CA GLY E 158 -15.30 -14.94 -8.51
C GLY E 158 -14.02 -15.45 -7.92
N GLY E 159 -13.88 -15.26 -6.61
CA GLY E 159 -12.84 -15.89 -5.84
C GLY E 159 -13.26 -17.25 -5.33
N ALA E 160 -12.46 -17.80 -4.42
CA ALA E 160 -12.69 -19.14 -3.90
C ALA E 160 -14.01 -19.23 -3.15
N GLY E 161 -14.76 -20.30 -3.40
CA GLY E 161 -15.95 -20.63 -2.63
C GLY E 161 -17.10 -19.65 -2.70
N VAL E 162 -17.50 -19.25 -3.91
CA VAL E 162 -18.55 -18.26 -4.08
C VAL E 162 -19.79 -18.81 -4.78
N GLY E 163 -19.70 -19.94 -5.46
CA GLY E 163 -20.79 -20.46 -6.25
C GLY E 163 -20.55 -20.56 -7.76
N LYS E 164 -19.29 -20.58 -8.20
CA LYS E 164 -18.97 -20.65 -9.62
C LYS E 164 -19.34 -21.99 -10.23
N THR E 165 -18.90 -23.09 -9.60
CA THR E 165 -19.08 -24.40 -10.19
C THR E 165 -20.52 -24.88 -10.06
N VAL E 166 -21.24 -24.43 -9.04
CA VAL E 166 -22.67 -24.70 -8.98
C VAL E 166 -23.37 -24.12 -10.21
N LEU E 167 -23.01 -22.89 -10.59
CA LEU E 167 -23.59 -22.29 -11.78
C LEU E 167 -23.16 -23.02 -13.05
N ILE E 168 -21.88 -23.41 -13.13
CA ILE E 168 -21.43 -24.17 -14.28
C ILE E 168 -22.23 -25.46 -14.44
N GLN E 169 -22.43 -26.18 -13.34
CA GLN E 169 -23.18 -27.44 -13.40
C GLN E 169 -24.65 -27.20 -13.73
N GLU E 170 -25.27 -26.17 -13.19
CA GLU E 170 -26.67 -25.90 -13.49
C GLU E 170 -26.86 -25.54 -14.95
N LEU E 171 -25.98 -24.69 -15.48
CA LEU E 171 -26.06 -24.30 -16.88
C LEU E 171 -25.80 -25.50 -17.78
N ILE E 172 -24.81 -26.33 -17.45
CA ILE E 172 -24.53 -27.48 -18.30
C ILE E 172 -25.70 -28.45 -18.26
N HIS E 173 -26.36 -28.60 -17.11
CA HIS E 173 -27.51 -29.50 -17.02
C HIS E 173 -28.64 -29.02 -17.92
N ASN E 174 -29.02 -27.74 -17.82
CA ASN E 174 -30.15 -27.28 -18.61
C ASN E 174 -29.80 -27.20 -20.10
N ILE E 175 -28.63 -26.67 -20.45
CA ILE E 175 -28.30 -26.48 -21.86
C ILE E 175 -28.10 -27.83 -22.55
N ALA E 176 -27.40 -28.76 -21.89
CA ALA E 176 -27.25 -30.09 -22.46
C ALA E 176 -28.59 -30.81 -22.52
N GLN E 177 -29.54 -30.48 -21.63
CA GLN E 177 -30.89 -30.99 -21.79
C GLN E 177 -31.55 -30.46 -23.06
N GLU E 178 -31.30 -29.20 -23.40
CA GLU E 178 -31.98 -28.62 -24.57
C GLU E 178 -31.21 -28.76 -25.87
N HIS E 179 -29.94 -28.35 -25.90
CA HIS E 179 -29.25 -28.12 -27.17
C HIS E 179 -28.78 -29.42 -27.81
N GLY E 180 -28.93 -29.50 -29.13
CA GLY E 180 -28.35 -30.56 -29.94
C GLY E 180 -26.94 -30.24 -30.41
N GLY E 181 -26.09 -29.84 -29.48
CA GLY E 181 -24.74 -29.42 -29.79
C GLY E 181 -23.68 -30.40 -29.34
N ILE E 182 -22.64 -30.55 -30.17
CA ILE E 182 -21.41 -31.18 -29.71
C ILE E 182 -20.85 -30.37 -28.56
N SER E 183 -20.36 -31.04 -27.52
CA SER E 183 -19.83 -30.36 -26.36
C SER E 183 -18.41 -30.82 -26.10
N VAL E 184 -17.54 -29.87 -25.72
CA VAL E 184 -16.18 -30.17 -25.29
C VAL E 184 -16.00 -29.55 -23.91
N PHE E 185 -15.53 -30.35 -22.96
CA PHE E 185 -15.31 -29.90 -21.59
C PHE E 185 -13.83 -30.04 -21.27
N ALA E 186 -13.18 -28.92 -20.97
CA ALA E 186 -11.78 -28.92 -20.57
C ALA E 186 -11.68 -28.31 -19.18
N GLY E 187 -11.12 -29.07 -18.25
CA GLY E 187 -10.93 -28.58 -16.90
C GLY E 187 -9.49 -28.20 -16.65
N VAL E 188 -9.23 -26.92 -16.42
CA VAL E 188 -7.88 -26.42 -16.21
C VAL E 188 -7.73 -26.05 -14.74
N GLY E 189 -6.76 -26.67 -14.06
CA GLY E 189 -6.52 -26.36 -12.66
C GLY E 189 -7.69 -26.61 -11.75
N GLU E 190 -8.46 -27.68 -12.00
CA GLU E 190 -9.60 -28.02 -11.17
C GLU E 190 -9.23 -29.05 -10.12
N ARG E 191 -10.20 -29.39 -9.27
CA ARG E 191 -10.06 -30.51 -8.36
C ARG E 191 -10.30 -31.81 -9.11
N THR E 192 -9.36 -32.75 -8.98
CA THR E 192 -9.46 -34.02 -9.71
C THR E 192 -10.62 -34.88 -9.23
N ARG E 193 -11.22 -34.54 -8.09
CA ARG E 193 -12.42 -35.23 -7.63
C ARG E 193 -13.66 -34.80 -8.40
N GLU E 194 -13.76 -33.50 -8.69
CA GLU E 194 -14.91 -32.98 -9.42
C GLU E 194 -14.96 -33.53 -10.84
N GLY E 195 -13.82 -33.85 -11.43
CA GLY E 195 -13.83 -34.47 -12.75
C GLY E 195 -14.52 -35.81 -12.75
N ASN E 196 -14.19 -36.67 -11.78
CA ASN E 196 -14.87 -37.96 -11.66
C ASN E 196 -16.34 -37.78 -11.33
N ASP E 197 -16.68 -36.86 -10.43
CA ASP E 197 -18.08 -36.66 -10.09
C ASP E 197 -18.89 -36.21 -11.30
N LEU E 198 -18.34 -35.28 -12.09
CA LEU E 198 -19.01 -34.83 -13.31
C LEU E 198 -19.12 -35.97 -14.33
N TYR E 199 -18.07 -36.80 -14.45
CA TYR E 199 -18.13 -37.92 -15.38
C TYR E 199 -19.28 -38.84 -15.04
N HIS E 200 -19.44 -39.16 -13.75
CA HIS E 200 -20.55 -40.03 -13.35
C HIS E 200 -21.91 -39.37 -13.56
N GLU E 201 -22.02 -38.06 -13.27
CA GLU E 201 -23.29 -37.38 -13.53
C GLU E 201 -23.63 -37.41 -15.02
N MET E 202 -22.64 -37.20 -15.88
CA MET E 202 -22.86 -37.25 -17.32
C MET E 202 -23.29 -38.65 -17.75
N LYS E 203 -22.66 -39.68 -17.21
CA LYS E 203 -23.05 -41.05 -17.54
C LYS E 203 -24.48 -41.31 -17.10
N ASP E 204 -24.91 -40.74 -15.98
CA ASP E 204 -26.32 -40.82 -15.63
C ASP E 204 -27.19 -40.11 -16.65
N SER E 205 -26.74 -38.96 -17.16
CA SER E 205 -27.53 -38.19 -18.12
C SER E 205 -27.42 -38.70 -19.55
N GLY E 206 -26.45 -39.56 -19.84
CA GLY E 206 -26.26 -40.05 -21.19
C GLY E 206 -25.68 -39.05 -22.16
N VAL E 207 -25.36 -37.84 -21.72
CA VAL E 207 -24.78 -36.82 -22.59
C VAL E 207 -23.36 -37.14 -23.01
N ILE E 208 -22.74 -38.17 -22.44
CA ILE E 208 -21.33 -38.44 -22.67
C ILE E 208 -21.04 -38.69 -24.15
N SER E 209 -22.02 -39.18 -24.90
CA SER E 209 -21.84 -39.39 -26.34
C SER E 209 -21.82 -38.09 -27.13
N LYS E 210 -22.38 -37.01 -26.58
CA LYS E 210 -22.33 -35.70 -27.19
C LYS E 210 -21.16 -34.86 -26.67
N THR E 211 -20.27 -35.44 -25.86
CA THR E 211 -19.24 -34.70 -25.18
C THR E 211 -17.88 -35.33 -25.38
N ALA E 212 -16.85 -34.48 -25.43
CA ALA E 212 -15.46 -34.90 -25.41
C ALA E 212 -14.76 -34.12 -24.31
N MET E 213 -13.89 -34.80 -23.55
CA MET E 213 -13.30 -34.20 -22.37
C MET E 213 -11.79 -34.31 -22.38
N VAL E 214 -11.11 -33.23 -22.00
CA VAL E 214 -9.67 -33.19 -21.78
C VAL E 214 -9.47 -32.71 -20.35
N PHE E 215 -8.65 -33.43 -19.58
CA PHE E 215 -8.45 -33.14 -18.16
C PHE E 215 -6.99 -32.96 -17.80
N GLY E 216 -6.67 -31.81 -17.20
CA GLY E 216 -5.44 -31.61 -16.47
C GLY E 216 -5.71 -30.78 -15.23
N GLN E 217 -5.36 -31.28 -14.04
CA GLN E 217 -5.76 -30.66 -12.78
C GLN E 217 -4.55 -30.24 -11.95
N MET E 218 -4.83 -29.84 -10.70
CA MET E 218 -3.88 -29.21 -9.80
C MET E 218 -2.57 -29.98 -9.66
N ASN E 219 -2.65 -31.31 -9.61
CA ASN E 219 -1.49 -32.14 -9.34
C ASN E 219 -0.51 -32.22 -10.50
N GLU E 220 -0.67 -31.38 -11.54
CA GLU E 220 0.17 -31.49 -12.72
C GLU E 220 1.18 -30.35 -12.80
N PRO E 221 2.34 -30.60 -13.37
CA PRO E 221 3.33 -29.53 -13.56
C PRO E 221 2.76 -28.43 -14.45
N PRO E 222 3.33 -27.22 -14.40
CA PRO E 222 2.69 -26.09 -15.08
C PRO E 222 2.44 -26.27 -16.57
N GLY E 223 3.28 -27.03 -17.29
CA GLY E 223 3.11 -27.11 -18.75
C GLY E 223 1.78 -27.68 -19.18
N ALA E 224 1.34 -28.76 -18.52
CA ALA E 224 0.05 -29.35 -18.85
C ALA E 224 -1.08 -28.38 -18.52
N ARG E 225 -0.97 -27.69 -17.38
CA ARG E 225 -1.96 -26.70 -17.01
C ARG E 225 -2.06 -25.61 -18.07
N MET E 226 -0.92 -25.27 -18.69
CA MET E 226 -0.93 -24.30 -19.78
C MET E 226 -1.68 -24.83 -20.99
N ARG E 227 -1.30 -26.02 -21.47
CA ARG E 227 -1.73 -26.48 -22.79
C ARG E 227 -3.09 -27.19 -22.81
N VAL E 228 -3.68 -27.51 -21.66
CA VAL E 228 -4.92 -28.29 -21.65
C VAL E 228 -6.07 -27.53 -22.31
N ALA E 229 -6.23 -26.25 -21.97
CA ALA E 229 -7.32 -25.47 -22.55
C ALA E 229 -7.16 -25.35 -24.06
N LEU E 230 -5.93 -25.21 -24.53
CA LEU E 230 -5.69 -25.19 -25.97
C LEU E 230 -6.05 -26.51 -26.62
N THR E 231 -5.82 -27.64 -25.94
CA THR E 231 -6.23 -28.92 -26.53
C THR E 231 -7.75 -29.02 -26.65
N GLY E 232 -8.47 -28.64 -25.59
CA GLY E 232 -9.93 -28.66 -25.65
C GLY E 232 -10.46 -27.74 -26.74
N LEU E 233 -9.86 -26.55 -26.84
CA LEU E 233 -10.23 -25.62 -27.90
C LEU E 233 -9.94 -26.21 -29.27
N THR E 234 -8.82 -26.91 -29.42
CA THR E 234 -8.50 -27.52 -30.71
C THR E 234 -9.58 -28.50 -31.15
N MET E 235 -10.09 -29.30 -30.20
CA MET E 235 -11.18 -30.21 -30.56
C MET E 235 -12.45 -29.44 -30.95
N ALA E 236 -12.82 -28.44 -30.14
CA ALA E 236 -13.99 -27.63 -30.47
C ALA E 236 -13.82 -26.97 -31.83
N GLU E 237 -12.59 -26.67 -32.23
CA GLU E 237 -12.33 -26.07 -33.54
C GLU E 237 -12.76 -26.98 -34.67
N TYR E 238 -12.33 -28.24 -34.63
CA TYR E 238 -12.72 -29.17 -35.67
C TYR E 238 -14.23 -29.29 -35.72
N PHE E 239 -14.86 -29.43 -34.55
CA PHE E 239 -16.31 -29.60 -34.54
C PHE E 239 -17.03 -28.36 -35.11
N ARG E 240 -16.53 -27.17 -34.77
CA ARG E 240 -17.14 -25.95 -35.31
C ARG E 240 -16.99 -25.85 -36.82
N ASP E 241 -15.80 -26.15 -37.34
CA ASP E 241 -15.50 -25.80 -38.72
C ASP E 241 -15.66 -26.96 -39.70
N GLU E 242 -14.92 -28.05 -39.50
CA GLU E 242 -14.89 -29.08 -40.53
C GLU E 242 -16.20 -29.85 -40.57
N GLN E 243 -16.75 -30.18 -39.41
CA GLN E 243 -18.08 -30.79 -39.36
C GLN E 243 -19.16 -29.75 -39.63
N GLY E 244 -18.90 -28.48 -39.33
CA GLY E 244 -19.93 -27.47 -39.45
C GLY E 244 -21.08 -27.67 -38.49
N GLN E 245 -20.81 -28.18 -37.31
CA GLN E 245 -21.83 -28.42 -36.28
C GLN E 245 -21.64 -27.45 -35.13
N ASP E 246 -22.75 -26.91 -34.62
CA ASP E 246 -22.69 -26.00 -33.48
C ASP E 246 -22.17 -26.74 -32.25
N VAL E 247 -21.28 -26.06 -31.52
CA VAL E 247 -20.52 -26.66 -30.43
C VAL E 247 -20.63 -25.78 -29.20
N LEU E 248 -20.48 -26.39 -28.03
CA LEU E 248 -20.32 -25.69 -26.77
C LEU E 248 -18.95 -26.03 -26.19
N LEU E 249 -18.24 -25.02 -25.70
CA LEU E 249 -16.95 -25.20 -25.05
C LEU E 249 -17.06 -24.72 -23.60
N PHE E 250 -16.76 -25.60 -22.66
CA PHE E 250 -16.79 -25.29 -21.24
C PHE E 250 -15.37 -25.32 -20.68
N ILE E 251 -14.99 -24.26 -19.98
CA ILE E 251 -13.73 -24.21 -19.25
C ILE E 251 -14.01 -23.62 -17.87
N ASP E 252 -13.54 -24.29 -16.82
CA ASP E 252 -13.75 -23.85 -15.46
C ASP E 252 -12.44 -23.32 -14.88
N ASN E 253 -12.48 -22.11 -14.34
CA ASN E 253 -11.31 -21.41 -13.78
C ASN E 253 -10.17 -21.37 -14.80
N ILE E 254 -10.39 -20.54 -15.83
CA ILE E 254 -9.42 -20.31 -16.89
C ILE E 254 -8.09 -19.83 -16.34
N PHE E 255 -8.12 -19.09 -15.23
CA PHE E 255 -6.97 -18.37 -14.71
C PHE E 255 -5.71 -19.21 -14.65
N ARG E 256 -5.82 -20.47 -14.25
CA ARG E 256 -4.63 -21.30 -14.04
C ARG E 256 -3.80 -21.45 -15.32
N PHE E 257 -4.38 -21.17 -16.48
CA PHE E 257 -3.58 -21.09 -17.70
C PHE E 257 -2.53 -19.99 -17.59
N THR E 258 -2.95 -18.81 -17.10
CA THR E 258 -2.01 -17.70 -16.95
C THR E 258 -1.10 -17.90 -15.76
N GLN E 259 -1.63 -18.48 -14.68
CA GLN E 259 -0.83 -18.69 -13.47
C GLN E 259 0.33 -19.62 -13.75
N ALA E 260 0.09 -20.71 -14.48
CA ALA E 260 1.18 -21.62 -14.81
C ALA E 260 2.23 -20.94 -15.66
N GLY E 261 1.81 -20.02 -16.53
CA GLY E 261 2.78 -19.28 -17.32
C GLY E 261 3.62 -18.34 -16.47
N SER E 262 3.00 -17.70 -15.48
CA SER E 262 3.74 -16.82 -14.59
C SER E 262 4.75 -17.58 -13.75
N GLU E 263 4.36 -18.77 -13.27
CA GLU E 263 5.24 -19.55 -12.40
C GLU E 263 6.56 -19.88 -13.08
N VAL E 264 6.51 -20.34 -14.34
CA VAL E 264 7.73 -20.67 -15.07
C VAL E 264 8.36 -19.46 -15.74
N SER E 265 7.71 -18.29 -15.65
CA SER E 265 8.23 -17.12 -16.36
C SER E 265 9.58 -16.69 -15.84
N ALA E 266 9.76 -16.69 -14.51
CA ALA E 266 11.03 -16.29 -13.93
C ALA E 266 12.14 -17.25 -14.34
N LEU E 267 11.81 -18.54 -14.46
CA LEU E 267 12.78 -19.51 -14.92
C LEU E 267 13.19 -19.28 -16.36
N LEU E 268 12.37 -18.57 -17.14
CA LEU E 268 12.65 -18.31 -18.54
C LEU E 268 13.42 -17.01 -18.75
N GLY E 269 13.86 -16.36 -17.67
CA GLY E 269 14.66 -15.15 -17.79
C GLY E 269 13.87 -13.88 -17.99
N ARG E 270 12.54 -13.92 -17.83
CA ARG E 270 11.73 -12.73 -18.00
C ARG E 270 11.79 -11.85 -16.75
N MET E 271 12.08 -10.56 -16.94
CA MET E 271 12.03 -9.59 -15.87
C MET E 271 10.62 -9.54 -15.29
N PRO E 272 10.47 -9.30 -13.98
CA PRO E 272 9.13 -9.23 -13.40
C PRO E 272 8.33 -8.06 -13.93
N SER E 273 7.01 -8.14 -13.73
CA SER E 273 6.10 -7.08 -14.14
C SER E 273 4.88 -7.14 -13.24
N ALA E 274 4.16 -6.01 -13.19
CA ALA E 274 2.89 -5.93 -12.47
C ALA E 274 3.02 -6.53 -11.08
N VAL E 275 2.01 -7.29 -10.63
CA VAL E 275 2.13 -8.04 -9.39
C VAL E 275 2.69 -9.41 -9.70
N GLY E 276 4.02 -9.50 -9.81
CA GLY E 276 4.71 -10.74 -10.09
C GLY E 276 4.46 -11.37 -11.44
N TYR E 277 3.49 -10.88 -12.19
CA TYR E 277 3.10 -11.53 -13.44
C TYR E 277 4.19 -11.42 -14.49
N GLN E 278 4.13 -12.31 -15.47
CA GLN E 278 5.08 -12.28 -16.57
C GLN E 278 4.84 -11.03 -17.41
N PRO E 279 5.86 -10.53 -18.10
CA PRO E 279 5.65 -9.38 -18.99
C PRO E 279 4.64 -9.66 -20.11
N THR E 280 4.56 -10.90 -20.59
CA THR E 280 3.79 -11.26 -21.78
C THR E 280 2.37 -11.69 -21.44
N LEU E 281 1.74 -11.09 -20.43
CA LEU E 281 0.43 -11.56 -19.97
C LEU E 281 -0.65 -11.37 -21.03
N ALA E 282 -0.84 -10.12 -21.48
CA ALA E 282 -1.97 -9.80 -22.34
C ALA E 282 -1.82 -10.45 -23.71
N THR E 283 -0.59 -10.55 -24.23
CA THR E 283 -0.38 -11.23 -25.50
C THR E 283 -0.93 -12.65 -25.44
N GLU E 284 -0.53 -13.41 -24.43
CA GLU E 284 -0.97 -14.80 -24.31
C GLU E 284 -2.47 -14.90 -24.04
N MET E 285 -3.01 -14.03 -23.18
CA MET E 285 -4.44 -14.14 -22.88
C MET E 285 -5.27 -13.84 -24.12
N GLY E 286 -4.93 -12.78 -24.86
CA GLY E 286 -5.62 -12.51 -26.11
C GLY E 286 -5.41 -13.58 -27.16
N GLN E 287 -4.22 -14.17 -27.20
CA GLN E 287 -3.95 -15.27 -28.12
C GLN E 287 -4.88 -16.44 -27.86
N LEU E 288 -5.07 -16.81 -26.59
CA LEU E 288 -6.04 -17.85 -26.28
C LEU E 288 -7.46 -17.40 -26.65
N GLN E 289 -7.87 -16.24 -26.15
CA GLN E 289 -9.28 -15.88 -26.22
C GLN E 289 -9.75 -15.61 -27.65
N GLU E 290 -8.85 -15.20 -28.53
CA GLU E 290 -9.28 -14.85 -29.89
C GLU E 290 -9.70 -16.07 -30.68
N ARG E 291 -9.07 -17.21 -30.43
CA ARG E 291 -9.39 -18.42 -31.17
C ARG E 291 -10.79 -18.94 -30.85
N ILE E 292 -11.35 -18.55 -29.70
CA ILE E 292 -12.70 -18.97 -29.32
C ILE E 292 -13.71 -17.97 -29.86
N THR E 293 -14.10 -18.13 -31.13
CA THR E 293 -15.01 -17.19 -31.76
C THR E 293 -15.99 -17.95 -32.66
N SER E 294 -17.15 -17.33 -32.86
CA SER E 294 -18.16 -17.85 -33.78
C SER E 294 -17.97 -17.21 -35.14
N THR E 295 -17.82 -18.04 -36.17
CA THR E 295 -17.66 -17.60 -37.54
C THR E 295 -18.95 -17.91 -38.31
N ALA E 296 -18.92 -17.69 -39.62
CA ALA E 296 -20.05 -18.08 -40.45
C ALA E 296 -20.11 -19.58 -40.66
N LYS E 297 -18.95 -20.24 -40.70
CA LYS E 297 -18.92 -21.70 -40.84
C LYS E 297 -19.57 -22.37 -39.63
N GLY E 298 -19.32 -21.88 -38.43
CA GLY E 298 -19.93 -22.47 -37.25
C GLY E 298 -19.93 -21.48 -36.10
N SER E 299 -20.65 -21.85 -35.05
CA SER E 299 -20.80 -21.00 -33.87
C SER E 299 -20.40 -21.76 -32.61
N ILE E 300 -19.71 -21.06 -31.71
CA ILE E 300 -19.32 -21.61 -30.41
C ILE E 300 -19.98 -20.75 -29.33
N THR E 301 -20.79 -21.37 -28.49
CA THR E 301 -21.26 -20.74 -27.27
C THR E 301 -20.31 -21.14 -26.15
N SER E 302 -19.53 -20.19 -25.66
CA SER E 302 -18.48 -20.44 -24.67
C SER E 302 -18.91 -19.88 -23.33
N ILE E 303 -18.94 -20.73 -22.31
CA ILE E 303 -19.25 -20.35 -20.94
C ILE E 303 -18.00 -20.59 -20.11
N GLN E 304 -17.50 -19.53 -19.49
CA GLN E 304 -16.21 -19.56 -18.81
C GLN E 304 -16.35 -19.07 -17.38
N ALA E 305 -15.50 -19.61 -16.51
CA ALA E 305 -15.40 -19.19 -15.12
C ALA E 305 -13.96 -18.75 -14.86
N ILE E 306 -13.81 -17.64 -14.14
CA ILE E 306 -12.51 -17.01 -13.93
C ILE E 306 -12.26 -16.84 -12.44
N TYR E 307 -11.05 -17.13 -12.00
CA TYR E 307 -10.66 -17.03 -10.60
C TYR E 307 -9.75 -15.82 -10.37
N VAL E 308 -9.93 -15.17 -9.22
CA VAL E 308 -9.17 -13.99 -8.84
C VAL E 308 -8.21 -14.37 -7.72
N PRO E 309 -6.90 -14.12 -7.86
CA PRO E 309 -5.94 -14.63 -6.87
C PRO E 309 -6.21 -14.22 -5.44
N ALA E 310 -6.62 -12.97 -5.21
CA ALA E 310 -6.95 -12.51 -3.86
C ALA E 310 -8.36 -11.96 -3.75
N ASP E 311 -9.23 -12.26 -4.73
CA ASP E 311 -10.61 -11.80 -4.79
C ASP E 311 -10.70 -10.31 -5.07
N ASP E 312 -9.62 -9.69 -5.53
CA ASP E 312 -9.61 -8.29 -5.94
C ASP E 312 -9.86 -8.23 -7.45
N TYR E 313 -11.08 -7.83 -7.82
CA TYR E 313 -11.45 -7.79 -9.25
C TYR E 313 -10.47 -6.96 -10.06
N THR E 314 -9.87 -5.94 -9.45
CA THR E 314 -8.91 -5.08 -10.14
C THR E 314 -7.58 -5.76 -10.40
N ASP E 315 -7.41 -7.00 -9.98
CA ASP E 315 -6.18 -7.73 -10.24
C ASP E 315 -5.89 -7.73 -11.74
N PRO E 316 -4.62 -7.68 -12.16
CA PRO E 316 -4.32 -7.67 -13.60
C PRO E 316 -5.02 -8.73 -14.42
N ALA E 317 -4.92 -9.99 -14.02
CA ALA E 317 -5.51 -11.08 -14.81
C ALA E 317 -7.01 -10.95 -15.01
N PRO E 318 -7.83 -10.75 -13.98
CA PRO E 318 -9.26 -10.49 -14.24
C PRO E 318 -9.51 -9.24 -15.06
N ALA E 319 -8.69 -8.20 -14.88
CA ALA E 319 -8.89 -6.96 -15.61
C ALA E 319 -8.68 -7.15 -17.10
N THR E 320 -7.64 -7.90 -17.50
CA THR E 320 -7.42 -8.16 -18.92
C THR E 320 -8.56 -9.00 -19.51
N THR E 321 -9.04 -9.99 -18.76
CA THR E 321 -10.11 -10.84 -19.27
C THR E 321 -11.42 -10.08 -19.42
N PHE E 322 -11.66 -9.07 -18.57
CA PHE E 322 -12.93 -8.37 -18.59
C PHE E 322 -13.26 -7.79 -19.95
N SER E 323 -12.24 -7.47 -20.75
CA SER E 323 -12.46 -6.84 -22.04
C SER E 323 -12.91 -7.82 -23.12
N HIS E 324 -12.74 -9.12 -22.91
CA HIS E 324 -13.05 -10.12 -23.93
C HIS E 324 -14.45 -10.72 -23.81
N LEU E 325 -15.23 -10.31 -22.82
CA LEU E 325 -16.53 -10.93 -22.58
C LEU E 325 -17.67 -10.10 -23.15
N ASP E 326 -18.78 -10.79 -23.42
CA ASP E 326 -20.01 -10.17 -23.87
C ASP E 326 -21.10 -10.15 -22.81
N ALA E 327 -21.08 -11.12 -21.90
CA ALA E 327 -21.90 -11.07 -20.70
C ALA E 327 -21.04 -11.54 -19.53
N THR E 328 -21.16 -10.84 -18.40
CA THR E 328 -20.39 -11.17 -17.20
C THR E 328 -21.32 -11.20 -15.99
N THR E 329 -21.21 -12.25 -15.19
CA THR E 329 -21.77 -12.29 -13.85
C THR E 329 -20.62 -12.31 -12.86
N ASN E 330 -20.57 -11.32 -11.97
CA ASN E 330 -19.54 -11.24 -10.94
C ASN E 330 -20.12 -11.69 -9.61
N LEU E 331 -19.52 -12.72 -9.02
CA LEU E 331 -19.96 -13.27 -7.74
C LEU E 331 -18.96 -12.85 -6.66
N GLU E 332 -19.46 -12.25 -5.60
CA GLU E 332 -18.61 -11.80 -4.50
C GLU E 332 -19.21 -12.18 -3.15
N ARG E 333 -18.33 -12.33 -2.16
CA ARG E 333 -18.61 -13.09 -0.94
C ARG E 333 -19.76 -12.53 -0.11
N LYS E 334 -20.06 -11.23 -0.22
CA LYS E 334 -21.03 -10.64 0.70
C LYS E 334 -22.40 -11.29 0.57
N LEU E 335 -22.83 -11.55 -0.66
CA LEU E 335 -24.13 -12.19 -0.85
C LEU E 335 -24.11 -13.62 -0.33
N ALA E 336 -22.99 -14.31 -0.47
CA ALA E 336 -22.86 -15.64 0.10
C ALA E 336 -23.01 -15.60 1.61
N GLU E 337 -22.37 -14.62 2.26
CA GLU E 337 -22.53 -14.46 3.70
C GLU E 337 -23.99 -14.18 4.06
N MET E 338 -24.68 -13.38 3.24
CA MET E 338 -26.04 -12.98 3.58
C MET E 338 -27.03 -14.14 3.47
N GLY E 339 -26.70 -15.18 2.72
CA GLY E 339 -27.56 -16.33 2.53
C GLY E 339 -28.31 -16.35 1.22
N ILE E 340 -28.33 -15.23 0.49
CA ILE E 340 -28.95 -15.18 -0.83
C ILE E 340 -28.05 -15.84 -1.85
N TYR E 341 -28.63 -16.73 -2.67
CA TYR E 341 -27.87 -17.46 -3.68
C TYR E 341 -28.54 -17.35 -5.04
N PRO E 342 -27.74 -17.36 -6.12
CA PRO E 342 -26.27 -17.30 -6.15
C PRO E 342 -25.74 -15.91 -5.80
N ALA E 343 -24.42 -15.74 -5.76
CA ALA E 343 -23.80 -14.52 -5.25
C ALA E 343 -23.58 -13.45 -6.32
N VAL E 344 -24.34 -13.49 -7.41
CA VAL E 344 -24.13 -12.52 -8.48
C VAL E 344 -24.49 -11.12 -8.01
N ASP E 345 -23.62 -10.15 -8.31
CA ASP E 345 -23.89 -8.76 -7.98
C ASP E 345 -24.87 -8.18 -8.98
N PRO E 346 -26.04 -7.71 -8.55
CA PRO E 346 -27.02 -7.17 -9.51
C PRO E 346 -26.54 -5.91 -10.20
N LEU E 347 -25.70 -5.11 -9.56
CA LEU E 347 -25.31 -3.80 -10.07
C LEU E 347 -23.92 -3.79 -10.69
N ALA E 348 -23.32 -4.95 -10.93
CA ALA E 348 -22.04 -5.00 -11.62
C ALA E 348 -21.98 -6.10 -12.66
N SER E 349 -23.07 -6.85 -12.86
CA SER E 349 -23.14 -7.86 -13.90
C SER E 349 -23.86 -7.27 -15.10
N THR E 350 -23.29 -7.45 -16.29
CA THR E 350 -23.77 -6.76 -17.47
C THR E 350 -23.76 -7.71 -18.65
N SER E 351 -24.59 -7.38 -19.65
CA SER E 351 -24.59 -8.08 -20.92
C SER E 351 -24.91 -7.10 -22.03
N ARG E 352 -24.53 -7.47 -23.25
CA ARG E 352 -24.81 -6.66 -24.43
C ARG E 352 -26.27 -6.73 -24.88
N ALA E 353 -27.14 -7.39 -24.12
CA ALA E 353 -28.50 -7.65 -24.57
C ALA E 353 -29.57 -6.86 -23.82
N LEU E 354 -29.20 -6.01 -22.87
CA LEU E 354 -30.20 -5.24 -22.14
C LEU E 354 -30.53 -3.98 -22.94
N ALA E 355 -31.35 -4.16 -23.98
CA ALA E 355 -31.74 -3.10 -24.89
C ALA E 355 -33.13 -3.40 -25.43
N PRO E 356 -34.00 -2.40 -25.56
CA PRO E 356 -35.38 -2.67 -26.01
C PRO E 356 -35.45 -3.32 -27.38
N GLU E 357 -34.48 -3.10 -28.25
CA GLU E 357 -34.47 -3.72 -29.56
C GLU E 357 -34.11 -5.20 -29.50
N ILE E 358 -33.68 -5.70 -28.34
CA ILE E 358 -33.36 -7.11 -28.15
C ILE E 358 -34.35 -7.78 -27.19
N VAL E 359 -34.63 -7.15 -26.05
CA VAL E 359 -35.46 -7.77 -25.02
C VAL E 359 -36.84 -7.14 -24.90
N GLY E 360 -37.12 -6.06 -25.60
CA GLY E 360 -38.44 -5.46 -25.48
C GLY E 360 -38.47 -4.33 -24.46
N GLU E 361 -39.49 -3.47 -24.60
CA GLU E 361 -39.60 -2.27 -23.77
C GLU E 361 -39.84 -2.61 -22.29
N GLU E 362 -40.84 -3.46 -22.02
CA GLU E 362 -41.24 -3.72 -20.64
C GLU E 362 -40.12 -4.39 -19.85
N HIS E 363 -39.43 -5.33 -20.48
CA HIS E 363 -38.32 -6.01 -19.83
C HIS E 363 -37.20 -5.04 -19.47
N TYR E 364 -36.85 -4.16 -20.40
CA TYR E 364 -35.79 -3.18 -20.17
C TYR E 364 -36.17 -2.21 -19.06
N GLN E 365 -37.41 -1.72 -19.07
CA GLN E 365 -37.85 -0.80 -18.03
C GLN E 365 -37.83 -1.47 -16.67
N VAL E 366 -38.32 -2.71 -16.58
CA VAL E 366 -38.32 -3.43 -15.30
C VAL E 366 -36.90 -3.61 -14.78
N ALA E 367 -35.97 -4.02 -15.66
CA ALA E 367 -34.60 -4.25 -15.21
C ALA E 367 -33.95 -2.96 -14.71
N ARG E 368 -34.09 -1.87 -15.47
CA ARG E 368 -33.46 -0.63 -15.06
C ARG E 368 -34.07 -0.07 -13.78
N LYS E 369 -35.39 -0.19 -13.61
CA LYS E 369 -36.00 0.28 -12.37
C LYS E 369 -35.53 -0.53 -11.17
N VAL E 370 -35.38 -1.84 -11.36
CA VAL E 370 -34.86 -2.69 -10.29
C VAL E 370 -33.46 -2.22 -9.89
N GLN E 371 -32.60 -1.97 -10.88
CA GLN E 371 -31.24 -1.53 -10.57
C GLN E 371 -31.23 -0.19 -9.86
N GLN E 372 -32.11 0.74 -10.25
CA GLN E 372 -32.20 2.02 -9.59
C GLN E 372 -32.57 1.86 -8.12
N THR E 373 -33.57 1.03 -7.83
CA THR E 373 -33.95 0.81 -6.43
C THR E 373 -32.80 0.22 -5.63
N LEU E 374 -32.07 -0.73 -6.22
CA LEU E 374 -30.96 -1.32 -5.49
C LEU E 374 -29.84 -0.32 -5.23
N GLN E 375 -29.53 0.57 -6.16
CA GLN E 375 -28.51 1.59 -5.91
C GLN E 375 -28.95 2.58 -4.83
N ARG E 376 -30.23 2.95 -4.84
CA ARG E 376 -30.73 3.84 -3.80
C ARG E 376 -30.57 3.21 -2.42
N TYR E 377 -30.89 1.92 -2.29
CA TYR E 377 -30.65 1.29 -1.00
C TYR E 377 -29.16 1.16 -0.70
N LYS E 378 -28.32 1.00 -1.73
CA LYS E 378 -26.88 0.84 -1.50
C LYS E 378 -26.29 2.10 -0.86
N GLU E 379 -26.75 3.28 -1.27
CA GLU E 379 -26.29 4.49 -0.58
C GLU E 379 -27.02 4.67 0.76
N LEU E 380 -28.28 4.28 0.82
CA LEU E 380 -29.03 4.45 2.06
C LEU E 380 -28.46 3.61 3.20
N GLN E 381 -27.70 2.55 2.91
CA GLN E 381 -27.08 1.82 4.01
C GLN E 381 -26.08 2.69 4.76
N ASP E 382 -25.24 3.43 4.02
CA ASP E 382 -24.28 4.32 4.66
C ASP E 382 -24.99 5.47 5.36
N ILE E 383 -26.08 5.98 4.77
CA ILE E 383 -26.82 7.04 5.46
C ILE E 383 -27.43 6.53 6.77
N ILE E 384 -28.07 5.36 6.74
CA ILE E 384 -28.78 4.84 7.91
C ILE E 384 -27.82 4.48 9.02
N ALA E 385 -26.63 3.97 8.67
CA ALA E 385 -25.64 3.65 9.70
C ALA E 385 -25.32 4.87 10.56
N ILE E 386 -25.17 6.03 9.93
CA ILE E 386 -24.78 7.25 10.65
C ILE E 386 -25.97 7.88 11.37
N LEU E 387 -27.12 7.97 10.72
CA LEU E 387 -28.22 8.72 11.32
C LEU E 387 -29.21 7.87 12.10
N GLY E 388 -29.31 6.58 11.82
CA GLY E 388 -30.36 5.76 12.36
C GLY E 388 -31.49 5.57 11.36
N MET E 389 -32.43 4.71 11.74
CA MET E 389 -33.52 4.34 10.84
C MET E 389 -34.83 5.04 11.16
N ASP E 390 -34.88 5.93 12.15
CA ASP E 390 -36.10 6.66 12.47
C ASP E 390 -36.08 8.09 11.97
N GLU E 391 -34.98 8.53 11.34
CA GLU E 391 -34.88 9.87 10.79
C GLU E 391 -35.25 9.95 9.33
N LEU E 392 -35.53 8.82 8.68
CA LEU E 392 -35.88 8.82 7.27
C LEU E 392 -37.37 9.10 7.07
N SER E 393 -37.70 9.59 5.88
CA SER E 393 -39.07 9.90 5.51
C SER E 393 -39.75 8.70 4.88
N ASP E 394 -41.07 8.84 4.66
CA ASP E 394 -41.90 7.76 4.14
C ASP E 394 -41.33 7.11 2.89
N GLU E 395 -40.96 7.92 1.89
CA GLU E 395 -40.47 7.37 0.62
C GLU E 395 -39.12 6.69 0.82
N ASP E 396 -38.26 7.29 1.65
CA ASP E 396 -36.97 6.69 1.96
C ASP E 396 -37.13 5.35 2.67
N LYS E 397 -38.16 5.23 3.52
CA LYS E 397 -38.47 3.97 4.18
C LYS E 397 -38.99 2.93 3.19
N LEU E 398 -39.85 3.36 2.27
CA LEU E 398 -40.39 2.46 1.25
C LEU E 398 -39.28 1.90 0.37
N VAL E 399 -38.29 2.72 0.04
CA VAL E 399 -37.15 2.23 -0.75
C VAL E 399 -36.49 1.05 -0.05
N VAL E 400 -36.21 1.18 1.24
CA VAL E 400 -35.58 0.09 1.99
C VAL E 400 -36.48 -1.14 2.01
N HIS E 401 -37.77 -0.93 2.26
CA HIS E 401 -38.72 -2.03 2.31
C HIS E 401 -38.67 -2.86 1.03
N ARG E 402 -38.81 -2.19 -0.11
CA ARG E 402 -38.91 -2.92 -1.37
C ARG E 402 -37.57 -3.46 -1.84
N ALA E 403 -36.45 -2.79 -1.53
CA ALA E 403 -35.16 -3.37 -1.85
C ALA E 403 -34.95 -4.68 -1.08
N ARG E 404 -35.34 -4.70 0.20
CA ARG E 404 -35.27 -5.92 0.97
C ARG E 404 -36.15 -7.00 0.35
N ARG E 405 -37.37 -6.64 -0.06
CA ARG E 405 -38.23 -7.61 -0.72
C ARG E 405 -37.65 -8.12 -2.03
N ILE E 406 -36.83 -7.33 -2.72
CA ILE E 406 -36.36 -7.69 -4.05
C ILE E 406 -35.16 -8.62 -3.99
N GLN E 407 -34.14 -8.25 -3.22
CA GLN E 407 -32.90 -9.03 -3.31
C GLN E 407 -33.09 -10.44 -2.76
N PHE E 408 -34.11 -10.66 -1.93
CA PHE E 408 -34.47 -12.03 -1.56
C PHE E 408 -35.07 -12.78 -2.74
N PHE E 409 -36.00 -12.15 -3.46
CA PHE E 409 -36.61 -12.82 -4.61
C PHE E 409 -35.60 -13.14 -5.68
N LEU E 410 -34.48 -12.42 -5.73
CA LEU E 410 -33.43 -12.83 -6.65
C LEU E 410 -32.81 -14.17 -6.27
N SER E 411 -33.04 -14.64 -5.04
CA SER E 411 -32.62 -15.99 -4.66
C SER E 411 -33.63 -17.03 -5.15
N GLN E 412 -33.13 -18.17 -5.62
CA GLN E 412 -33.96 -19.19 -6.24
C GLN E 412 -33.60 -20.58 -5.71
N ASN E 413 -34.62 -21.43 -5.55
CA ASN E 413 -34.37 -22.84 -5.24
C ASN E 413 -33.79 -23.56 -6.45
N PHE E 414 -32.59 -24.08 -6.32
CA PHE E 414 -31.85 -24.64 -7.46
C PHE E 414 -32.04 -26.14 -7.57
N HIS E 415 -31.73 -26.67 -8.77
CA HIS E 415 -31.81 -28.11 -8.99
C HIS E 415 -30.59 -28.82 -8.42
N VAL E 416 -29.39 -28.38 -8.78
CA VAL E 416 -28.17 -29.04 -8.31
C VAL E 416 -27.85 -28.73 -6.86
N ALA E 417 -28.58 -27.80 -6.24
CA ALA E 417 -28.44 -27.51 -4.82
C ALA E 417 -29.35 -28.38 -3.96
N GLU E 418 -29.86 -29.48 -4.50
CA GLU E 418 -30.63 -30.41 -3.70
C GLU E 418 -29.77 -31.08 -2.64
N GLN E 419 -28.54 -31.44 -3.00
CA GLN E 419 -27.62 -32.02 -2.02
C GLN E 419 -27.34 -31.04 -0.90
N PHE E 420 -27.05 -29.79 -1.25
CA PHE E 420 -26.59 -28.81 -0.27
C PHE E 420 -27.70 -28.36 0.66
N THR E 421 -28.94 -28.23 0.18
CA THR E 421 -30.02 -27.71 0.99
C THR E 421 -31.25 -28.61 1.06
N GLY E 422 -31.30 -29.71 0.32
CA GLY E 422 -32.46 -30.57 0.37
C GLY E 422 -33.75 -29.91 -0.07
N GLN E 423 -33.78 -29.41 -1.30
CA GLN E 423 -34.97 -28.80 -1.88
C GLN E 423 -35.15 -29.30 -3.31
N PRO E 424 -36.37 -29.30 -3.83
CA PRO E 424 -36.58 -29.82 -5.19
C PRO E 424 -35.80 -29.08 -6.27
N GLY E 425 -36.04 -27.80 -6.45
CA GLY E 425 -35.49 -27.04 -7.56
C GLY E 425 -36.58 -26.55 -8.51
N SER E 426 -36.21 -25.61 -9.37
CA SER E 426 -37.20 -24.97 -10.23
C SER E 426 -36.54 -24.40 -11.48
N TYR E 427 -37.38 -24.23 -12.51
CA TYR E 427 -37.03 -23.55 -13.75
C TYR E 427 -38.05 -22.44 -13.96
N VAL E 428 -37.60 -21.20 -13.99
CA VAL E 428 -38.49 -20.04 -14.00
C VAL E 428 -38.46 -19.42 -15.40
N PRO E 429 -39.58 -19.37 -16.12
CA PRO E 429 -39.60 -18.72 -17.42
C PRO E 429 -39.44 -17.21 -17.31
N VAL E 430 -38.88 -16.60 -18.37
CA VAL E 430 -38.60 -15.16 -18.38
C VAL E 430 -39.87 -14.35 -18.14
N LYS E 431 -40.97 -14.73 -18.80
CA LYS E 431 -42.21 -13.98 -18.65
C LYS E 431 -42.69 -13.98 -17.21
N GLU E 432 -42.55 -15.12 -16.53
CA GLU E 432 -42.96 -15.19 -15.13
C GLU E 432 -42.07 -14.34 -14.24
N THR E 433 -40.76 -14.32 -14.51
CA THR E 433 -39.87 -13.44 -13.77
C THR E 433 -40.29 -11.99 -13.92
N VAL E 434 -40.54 -11.56 -15.16
CA VAL E 434 -40.95 -10.17 -15.40
C VAL E 434 -42.27 -9.87 -14.72
N ARG E 435 -43.24 -10.78 -14.80
CA ARG E 435 -44.53 -10.56 -14.15
C ARG E 435 -44.37 -10.41 -12.64
N GLY E 436 -43.59 -11.31 -12.03
CA GLY E 436 -43.39 -11.23 -10.59
C GLY E 436 -42.67 -9.97 -10.17
N PHE E 437 -41.63 -9.59 -10.90
CA PHE E 437 -40.90 -8.38 -10.55
C PHE E 437 -41.76 -7.13 -10.75
N LYS E 438 -42.60 -7.11 -11.79
CA LYS E 438 -43.55 -6.02 -11.94
C LYS E 438 -44.52 -5.95 -10.77
N GLU E 439 -44.98 -7.11 -10.30
CA GLU E 439 -45.82 -7.15 -9.11
C GLU E 439 -45.07 -6.62 -7.89
N ILE E 440 -43.78 -6.93 -7.78
CA ILE E 440 -42.99 -6.49 -6.63
C ILE E 440 -42.82 -4.97 -6.65
N LEU E 441 -42.36 -4.43 -7.78
CA LEU E 441 -42.02 -3.01 -7.86
C LEU E 441 -43.24 -2.14 -7.61
N GLU E 442 -44.42 -2.60 -8.02
CA GLU E 442 -45.65 -1.84 -7.84
C GLU E 442 -46.23 -1.98 -6.45
N GLY E 443 -45.61 -2.77 -5.58
CA GLY E 443 -46.11 -2.91 -4.22
C GLY E 443 -47.34 -3.77 -4.09
N LYS E 444 -47.49 -4.77 -4.97
CA LYS E 444 -48.64 -5.66 -4.87
C LYS E 444 -48.48 -6.71 -3.77
N TYR E 445 -47.27 -6.91 -3.26
CA TYR E 445 -46.99 -7.92 -2.25
C TYR E 445 -46.27 -7.34 -1.03
N ASP E 446 -46.62 -6.11 -0.63
CA ASP E 446 -45.96 -5.50 0.52
C ASP E 446 -46.32 -6.21 1.82
N HIS E 447 -47.56 -6.71 1.93
CA HIS E 447 -48.02 -7.27 3.21
C HIS E 447 -47.23 -8.52 3.61
N LEU E 448 -46.71 -9.26 2.64
CA LEU E 448 -46.00 -10.50 2.96
C LEU E 448 -44.73 -10.21 3.76
N PRO E 449 -44.41 -11.03 4.75
CA PRO E 449 -43.13 -10.85 5.46
C PRO E 449 -41.94 -11.18 4.58
N GLU E 450 -40.81 -10.57 4.89
CA GLU E 450 -39.63 -10.67 4.01
C GLU E 450 -39.07 -12.07 3.97
N ASP E 451 -39.35 -12.90 4.98
CA ASP E 451 -38.84 -14.27 4.96
C ASP E 451 -39.52 -15.10 3.89
N ALA E 452 -40.77 -14.77 3.54
CA ALA E 452 -41.50 -15.55 2.55
C ALA E 452 -40.86 -15.49 1.18
N PHE E 453 -39.99 -14.51 0.92
CA PHE E 453 -39.41 -14.29 -0.39
C PHE E 453 -38.09 -15.02 -0.59
N ARG E 454 -37.65 -15.82 0.38
CA ARG E 454 -36.30 -16.36 0.37
C ARG E 454 -36.26 -17.75 -0.26
N LEU E 455 -35.39 -17.90 -1.26
CA LEU E 455 -35.10 -19.18 -1.92
C LEU E 455 -36.36 -19.87 -2.44
N VAL E 456 -37.06 -19.19 -3.33
CA VAL E 456 -38.22 -19.77 -4.02
C VAL E 456 -38.12 -19.43 -5.51
N GLY E 457 -38.72 -20.30 -6.31
CA GLY E 457 -38.76 -20.15 -7.76
C GLY E 457 -39.68 -19.06 -8.29
N ARG E 458 -40.98 -19.23 -8.08
CA ARG E 458 -42.00 -18.39 -8.68
C ARG E 458 -42.86 -17.75 -7.60
N ILE E 459 -43.37 -16.56 -7.88
CA ILE E 459 -44.08 -15.74 -6.89
C ILE E 459 -45.25 -16.51 -6.29
N GLU E 460 -45.78 -17.47 -7.03
CA GLU E 460 -46.80 -18.34 -6.46
C GLU E 460 -46.24 -19.15 -5.30
N GLU E 461 -45.00 -19.63 -5.43
CA GLU E 461 -44.33 -20.28 -4.32
C GLU E 461 -44.06 -19.31 -3.18
N VAL E 462 -43.84 -18.03 -3.49
CA VAL E 462 -43.75 -17.01 -2.44
C VAL E 462 -45.04 -16.96 -1.64
N VAL E 463 -46.18 -16.92 -2.34
CA VAL E 463 -47.46 -16.86 -1.65
C VAL E 463 -47.70 -18.13 -0.84
N GLU E 464 -47.28 -19.28 -1.39
CA GLU E 464 -47.41 -20.55 -0.67
C GLU E 464 -46.57 -20.55 0.61
N LYS E 465 -45.34 -20.07 0.53
CA LYS E 465 -44.49 -20.02 1.72
C LYS E 465 -45.03 -19.04 2.76
N ALA E 466 -45.57 -17.91 2.31
CA ALA E 466 -46.22 -16.99 3.24
C ALA E 466 -47.44 -17.63 3.90
N LYS E 467 -48.18 -18.44 3.14
CA LYS E 467 -49.28 -19.18 3.74
C LYS E 467 -48.79 -20.16 4.79
N ALA E 468 -47.65 -20.82 4.50
CA ALA E 468 -47.05 -21.73 5.48
C ALA E 468 -46.64 -21.00 6.75
N MET E 469 -46.13 -19.77 6.62
CA MET E 469 -45.75 -18.99 7.78
C MET E 469 -46.94 -18.63 8.67
N GLY E 470 -48.16 -18.69 8.15
CA GLY E 470 -49.32 -18.39 8.94
C GLY E 470 -49.83 -16.96 8.87
N VAL E 471 -49.35 -16.18 7.90
CA VAL E 471 -49.79 -14.80 7.76
C VAL E 471 -51.10 -14.74 6.98
N MET F 1 36.31 20.32 -29.05
CA MET F 1 37.59 20.17 -28.39
C MET F 1 38.23 18.84 -28.76
N THR F 2 37.57 17.76 -28.38
CA THR F 2 38.03 16.41 -28.69
C THR F 2 36.82 15.56 -29.08
N ARG F 3 37.08 14.47 -29.79
CA ARG F 3 36.01 13.72 -30.46
C ARG F 3 36.05 12.25 -30.08
N GLY F 4 34.85 11.64 -30.02
CA GLY F 4 34.72 10.24 -29.71
C GLY F 4 33.51 9.66 -30.41
N ARG F 5 33.49 8.33 -30.54
CA ARG F 5 32.47 7.62 -31.30
C ARG F 5 31.36 7.09 -30.38
N VAL F 6 30.14 7.04 -30.92
CA VAL F 6 29.03 6.43 -30.20
C VAL F 6 29.19 4.91 -30.19
N ILE F 7 28.75 4.27 -29.11
CA ILE F 7 28.80 2.81 -29.02
C ILE F 7 27.43 2.21 -28.75
N GLN F 8 26.56 2.93 -28.03
CA GLN F 8 25.28 2.36 -27.63
C GLN F 8 24.19 3.42 -27.64
N VAL F 9 23.01 3.04 -28.12
CA VAL F 9 21.83 3.90 -28.13
C VAL F 9 20.65 3.11 -27.59
N MET F 10 19.99 3.64 -26.57
CA MET F 10 18.86 2.96 -25.95
C MET F 10 17.72 3.96 -25.73
N GLY F 11 17.42 4.74 -26.75
CA GLY F 11 16.46 5.81 -26.64
C GLY F 11 17.13 7.12 -26.29
N PRO F 12 16.59 7.83 -25.29
CA PRO F 12 17.25 9.07 -24.83
C PRO F 12 18.69 8.84 -24.42
N VAL F 13 19.00 7.70 -23.81
CA VAL F 13 20.35 7.43 -23.34
C VAL F 13 21.26 7.09 -24.52
N VAL F 14 22.46 7.65 -24.52
CA VAL F 14 23.49 7.34 -25.49
C VAL F 14 24.80 7.16 -24.74
N ASP F 15 25.69 6.33 -25.28
CA ASP F 15 27.00 6.11 -24.69
C ASP F 15 28.08 6.46 -25.71
N VAL F 16 29.15 7.09 -25.24
CA VAL F 16 30.27 7.49 -26.08
C VAL F 16 31.55 6.92 -25.50
N LYS F 17 32.52 6.65 -26.36
CA LYS F 17 33.82 6.10 -25.95
C LYS F 17 34.93 7.01 -26.47
N PHE F 18 35.56 7.76 -25.57
CA PHE F 18 36.70 8.62 -25.91
C PHE F 18 37.96 7.78 -25.77
N GLU F 19 38.39 7.19 -26.89
CA GLU F 19 39.45 6.19 -26.87
C GLU F 19 40.76 6.74 -26.31
N ASN F 20 41.13 7.97 -26.68
CA ASN F 20 42.42 8.52 -26.28
C ASN F 20 42.50 8.80 -24.79
N GLY F 21 41.38 8.90 -24.09
CA GLY F 21 41.36 9.01 -22.64
C GLY F 21 41.06 10.39 -22.08
N HIS F 22 40.90 11.40 -22.92
CA HIS F 22 40.55 12.73 -22.43
C HIS F 22 39.03 12.83 -22.31
N LEU F 23 38.53 12.76 -21.09
CA LEU F 23 37.08 12.63 -20.95
C LEU F 23 36.43 13.95 -20.57
N PRO F 24 35.23 14.20 -21.06
CA PRO F 24 34.48 15.39 -20.61
C PRO F 24 34.06 15.25 -19.15
N ALA F 25 33.91 16.39 -18.49
CA ALA F 25 33.41 16.40 -17.13
C ALA F 25 31.90 16.16 -17.11
N ILE F 26 31.37 15.92 -15.91
CA ILE F 26 29.93 15.74 -15.76
C ILE F 26 29.22 17.06 -16.02
N TYR F 27 28.00 16.97 -16.54
CA TYR F 27 27.15 18.09 -16.93
C TYR F 27 27.69 18.85 -18.14
N ASN F 28 28.73 18.31 -18.79
CA ASN F 28 29.27 18.90 -20.00
C ASN F 28 28.24 18.83 -21.14
N ALA F 29 28.61 19.42 -22.27
CA ALA F 29 27.78 19.42 -23.47
C ALA F 29 28.55 18.75 -24.60
N LEU F 30 27.88 17.84 -25.30
CA LEU F 30 28.42 17.16 -26.47
C LEU F 30 27.53 17.48 -27.67
N LYS F 31 28.15 17.57 -28.84
CA LYS F 31 27.45 17.92 -30.07
C LYS F 31 27.60 16.81 -31.10
N ILE F 32 26.49 16.38 -31.69
CA ILE F 32 26.47 15.48 -32.84
C ILE F 32 25.87 16.24 -34.01
N GLN F 33 26.61 16.33 -35.11
CA GLN F 33 26.14 16.93 -36.34
C GLN F 33 26.61 16.06 -37.50
N HIS F 34 25.66 15.50 -38.25
CA HIS F 34 25.98 14.47 -39.24
C HIS F 34 25.33 14.80 -40.58
N LYS F 35 26.00 14.40 -41.66
CA LYS F 35 25.48 14.53 -43.02
C LYS F 35 25.54 13.17 -43.70
N ALA F 36 24.45 12.79 -44.36
CA ALA F 36 24.32 11.44 -44.90
C ALA F 36 25.30 11.21 -46.03
N ARG F 37 26.02 10.08 -45.98
CA ARG F 37 26.94 9.69 -47.02
C ARG F 37 26.30 8.79 -48.07
N ASN F 38 25.32 7.97 -47.68
CA ASN F 38 24.60 7.09 -48.58
C ASN F 38 23.11 7.38 -48.46
N GLU F 39 22.35 6.93 -49.46
CA GLU F 39 20.94 7.30 -49.53
C GLU F 39 20.11 6.76 -48.37
N ASN F 40 20.62 5.79 -47.61
CA ASN F 40 19.88 5.24 -46.48
C ASN F 40 20.09 6.02 -45.19
N GLU F 41 21.15 6.81 -45.09
CA GLU F 41 21.45 7.55 -43.88
C GLU F 41 20.62 8.83 -43.79
N VAL F 42 20.56 9.40 -42.59
CA VAL F 42 19.80 10.60 -42.30
C VAL F 42 20.76 11.69 -41.83
N ASP F 43 20.26 12.92 -41.80
CA ASP F 43 20.99 14.06 -41.24
C ASP F 43 20.41 14.41 -39.88
N ILE F 44 21.28 14.52 -38.88
CA ILE F 44 20.87 14.77 -37.49
C ILE F 44 21.85 15.73 -36.84
N ASP F 45 21.33 16.67 -36.05
CA ASP F 45 22.13 17.47 -35.13
C ASP F 45 21.56 17.31 -33.72
N LEU F 46 22.40 16.87 -32.78
CA LEU F 46 21.94 16.43 -31.46
C LEU F 46 22.84 17.01 -30.37
N THR F 47 22.23 17.33 -29.23
CA THR F 47 22.94 17.82 -28.05
C THR F 47 22.80 16.82 -26.90
N LEU F 48 23.93 16.41 -26.33
CA LEU F 48 23.99 15.39 -25.29
C LEU F 48 24.58 15.97 -24.01
N GLU F 49 23.96 15.68 -22.88
CA GLU F 49 24.44 16.10 -21.57
C GLU F 49 25.04 14.89 -20.84
N VAL F 50 26.30 15.01 -20.41
CA VAL F 50 26.96 13.91 -19.71
C VAL F 50 26.36 13.75 -18.32
N ALA F 51 26.24 12.51 -17.85
CA ALA F 51 25.63 12.23 -16.57
C ALA F 51 26.48 11.32 -15.69
N LEU F 52 27.28 10.45 -16.29
CA LEU F 52 28.06 9.48 -15.53
C LEU F 52 29.35 9.15 -16.27
N HIS F 53 30.32 8.65 -15.51
CA HIS F 53 31.51 8.01 -16.05
C HIS F 53 31.43 6.52 -15.72
N LEU F 54 31.64 5.68 -16.73
CA LEU F 54 31.42 4.24 -16.57
C LEU F 54 32.69 3.41 -16.70
N GLY F 55 33.84 4.03 -16.83
CA GLY F 55 35.04 3.22 -16.84
C GLY F 55 35.40 2.75 -18.23
N ASP F 56 36.70 2.52 -18.42
CA ASP F 56 37.26 2.14 -19.71
C ASP F 56 36.90 3.18 -20.79
N ASP F 57 36.97 4.46 -20.40
CA ASP F 57 36.86 5.60 -21.31
C ASP F 57 35.45 5.79 -21.87
N THR F 58 34.43 5.23 -21.22
CA THR F 58 33.06 5.38 -21.68
C THR F 58 32.30 6.31 -20.75
N VAL F 59 31.44 7.14 -21.33
CA VAL F 59 30.57 8.04 -20.57
C VAL F 59 29.13 7.78 -20.98
N ARG F 60 28.21 8.05 -20.08
CA ARG F 60 26.78 7.88 -20.32
C ARG F 60 26.11 9.23 -20.36
N THR F 61 25.36 9.49 -21.43
CA THR F 61 24.82 10.82 -21.72
C THR F 61 23.30 10.75 -21.89
N ILE F 62 22.62 11.81 -21.46
CA ILE F 62 21.19 11.97 -21.68
C ILE F 62 21.00 12.97 -22.83
N ALA F 63 20.17 12.61 -23.80
CA ALA F 63 19.96 13.44 -24.98
C ALA F 63 18.92 14.52 -24.72
N MET F 64 19.15 15.70 -25.31
CA MET F 64 18.22 16.82 -25.22
C MET F 64 17.28 16.93 -26.42
N ALA F 65 17.47 16.10 -27.44
CA ALA F 65 16.59 16.06 -28.59
C ALA F 65 16.35 14.59 -28.96
N SER F 66 15.35 14.37 -29.81
CA SER F 66 14.97 13.02 -30.18
C SER F 66 16.12 12.30 -30.88
N THR F 67 16.38 11.07 -30.45
CA THR F 67 17.56 10.31 -30.84
C THR F 67 17.37 9.46 -32.09
N ASP F 68 16.22 9.56 -32.76
CA ASP F 68 15.93 8.69 -33.88
C ASP F 68 16.97 8.87 -34.99
N GLY F 69 17.35 7.75 -35.61
CA GLY F 69 18.33 7.78 -36.67
C GLY F 69 19.78 7.73 -36.26
N LEU F 70 20.08 7.58 -34.97
CA LEU F 70 21.47 7.50 -34.54
C LEU F 70 22.12 6.19 -35.00
N ILE F 71 23.41 6.28 -35.31
CA ILE F 71 24.18 5.17 -35.85
C ILE F 71 25.44 5.00 -35.01
N ARG F 72 25.75 3.76 -34.64
CA ARG F 72 26.97 3.49 -33.91
C ARG F 72 28.19 3.83 -34.77
N GLY F 73 29.20 4.41 -34.13
CA GLY F 73 30.41 4.81 -34.83
C GLY F 73 30.45 6.25 -35.31
N MET F 74 29.34 6.99 -35.23
CA MET F 74 29.34 8.37 -35.66
C MET F 74 30.02 9.26 -34.61
N GLU F 75 30.63 10.35 -35.08
CA GLU F 75 31.50 11.17 -34.25
C GLU F 75 30.71 12.10 -33.33
N VAL F 76 31.14 12.20 -32.07
CA VAL F 76 30.67 13.19 -31.12
C VAL F 76 31.83 14.10 -30.78
N ILE F 77 31.58 15.40 -30.70
CA ILE F 77 32.59 16.39 -30.34
C ILE F 77 32.29 16.92 -28.95
N ASP F 78 33.35 17.25 -28.20
CA ASP F 78 33.22 17.81 -26.86
C ASP F 78 33.36 19.33 -26.92
N THR F 79 32.38 20.03 -26.37
CA THR F 79 32.44 21.48 -26.35
C THR F 79 33.43 22.01 -25.31
N GLY F 80 33.55 21.33 -24.17
CA GLY F 80 34.45 21.76 -23.13
C GLY F 80 33.80 22.55 -22.01
N ALA F 81 32.48 22.68 -22.02
CA ALA F 81 31.76 23.47 -21.02
C ALA F 81 30.31 23.02 -21.02
N PRO F 82 29.55 23.35 -19.97
CA PRO F 82 28.11 23.03 -19.97
C PRO F 82 27.39 23.69 -21.13
N ILE F 83 26.11 23.35 -21.26
CA ILE F 83 25.25 24.02 -22.21
C ILE F 83 25.19 25.49 -21.86
N SER F 84 25.61 26.35 -22.79
CA SER F 84 25.80 27.77 -22.54
C SER F 84 24.73 28.58 -23.28
N VAL F 85 23.75 29.09 -22.53
CA VAL F 85 22.71 29.95 -23.11
C VAL F 85 23.28 31.36 -23.29
N PRO F 86 23.11 31.97 -24.47
CA PRO F 86 23.53 33.37 -24.62
C PRO F 86 22.57 34.30 -23.89
N VAL F 87 23.14 35.25 -23.13
CA VAL F 87 22.37 36.15 -22.28
C VAL F 87 22.83 37.58 -22.53
N GLY F 88 22.04 38.53 -22.05
CA GLY F 88 22.32 39.93 -22.23
C GLY F 88 21.09 40.73 -22.63
N GLU F 89 21.29 41.84 -23.35
CA GLU F 89 20.17 42.59 -23.88
C GLU F 89 19.61 41.96 -25.15
N VAL F 90 20.34 41.03 -25.75
CA VAL F 90 19.89 40.39 -26.99
C VAL F 90 18.72 39.44 -26.79
N THR F 91 18.39 39.11 -25.54
CA THR F 91 17.35 38.13 -25.24
C THR F 91 16.03 38.76 -24.82
N LEU F 92 15.86 40.06 -25.03
CA LEU F 92 14.59 40.72 -24.73
C LEU F 92 13.74 40.78 -25.99
N GLY F 93 12.48 40.35 -25.86
CA GLY F 93 11.61 40.22 -27.00
C GLY F 93 11.79 38.96 -27.82
N ARG F 94 12.60 38.02 -27.35
CA ARG F 94 12.93 36.82 -28.08
C ARG F 94 12.45 35.60 -27.30
N VAL F 95 12.25 34.49 -28.01
CA VAL F 95 11.81 33.23 -27.42
C VAL F 95 12.81 32.15 -27.81
N PHE F 96 13.21 31.33 -26.85
CA PHE F 96 14.26 30.34 -27.03
C PHE F 96 13.76 28.97 -26.61
N ASN F 97 14.47 27.93 -27.06
CA ASN F 97 14.29 26.59 -26.52
C ASN F 97 15.24 26.38 -25.34
N VAL F 98 15.26 25.14 -24.83
CA VAL F 98 16.13 24.82 -23.69
C VAL F 98 17.58 25.13 -24.01
N LEU F 99 18.01 24.79 -25.23
CA LEU F 99 19.40 24.98 -25.63
C LEU F 99 19.77 26.43 -25.88
N GLY F 100 18.85 27.37 -25.66
CA GLY F 100 19.15 28.77 -25.88
C GLY F 100 19.21 29.18 -27.34
N GLU F 101 18.55 28.44 -28.22
CA GLU F 101 18.38 28.72 -29.63
C GLU F 101 17.02 29.37 -29.87
N PRO F 102 16.93 30.44 -30.66
CA PRO F 102 15.67 31.20 -30.74
C PRO F 102 14.59 30.43 -31.48
N ILE F 103 13.45 30.23 -30.80
CA ILE F 103 12.30 29.62 -31.44
C ILE F 103 11.67 30.59 -32.44
N ASP F 104 11.61 31.88 -32.09
CA ASP F 104 11.00 32.88 -32.94
C ASP F 104 11.70 32.94 -34.29
N LEU F 105 10.94 33.30 -35.32
CA LEU F 105 11.47 33.52 -36.65
C LEU F 105 11.91 34.97 -36.86
N GLU F 106 11.89 35.78 -35.80
CA GLU F 106 12.28 37.18 -35.91
C GLU F 106 13.78 37.33 -36.17
N GLY F 107 14.57 36.31 -35.89
CA GLY F 107 15.97 36.33 -36.24
C GLY F 107 16.75 35.33 -35.42
N ASP F 108 18.05 35.27 -35.71
CA ASP F 108 18.98 34.38 -35.02
C ASP F 108 20.04 35.21 -34.30
N ILE F 109 20.31 34.85 -33.05
CA ILE F 109 21.30 35.59 -32.27
C ILE F 109 22.71 35.32 -32.81
N PRO F 110 23.53 36.34 -33.00
CA PRO F 110 24.88 36.12 -33.53
C PRO F 110 25.87 35.68 -32.47
N ALA F 111 27.14 35.55 -32.84
CA ALA F 111 28.20 35.19 -31.91
C ALA F 111 28.54 36.31 -30.94
N ASP F 112 27.99 37.51 -31.13
CA ASP F 112 28.34 38.64 -30.27
C ASP F 112 27.88 38.44 -28.83
N ALA F 113 26.78 37.73 -28.63
CA ALA F 113 26.16 37.67 -27.31
C ALA F 113 27.06 36.96 -26.30
N ARG F 114 27.06 37.49 -25.08
CA ARG F 114 27.76 36.84 -23.98
C ARG F 114 27.00 35.58 -23.54
N ARG F 115 27.74 34.49 -23.32
CA ARG F 115 27.16 33.19 -23.03
C ARG F 115 27.44 32.79 -21.59
N ASP F 116 26.40 32.36 -20.87
CA ASP F 116 26.50 31.99 -19.47
C ASP F 116 26.18 30.51 -19.27
N PRO F 117 27.09 29.73 -18.71
CA PRO F 117 26.80 28.32 -18.42
C PRO F 117 25.58 28.17 -17.52
N ILE F 118 24.74 27.18 -17.83
CA ILE F 118 23.52 26.95 -17.06
C ILE F 118 23.84 26.45 -15.67
N HIS F 119 24.84 25.57 -15.54
CA HIS F 119 25.19 24.95 -14.27
C HIS F 119 26.34 25.71 -13.63
N ARG F 120 26.06 26.35 -12.50
CA ARG F 120 27.02 27.18 -11.78
C ARG F 120 26.85 26.95 -10.28
N PRO F 121 27.94 26.97 -9.52
CA PRO F 121 27.82 26.83 -8.06
C PRO F 121 26.98 27.94 -7.47
N ALA F 122 26.08 27.58 -6.56
CA ALA F 122 25.12 28.49 -5.94
C ALA F 122 25.84 29.60 -5.18
N PRO F 123 25.24 30.79 -5.07
CA PRO F 123 25.88 31.87 -4.32
C PRO F 123 26.05 31.51 -2.85
N LYS F 124 27.17 31.95 -2.28
CA LYS F 124 27.49 31.68 -0.89
C LYS F 124 26.73 32.64 0.01
N PHE F 125 27.09 32.63 1.30
CA PHE F 125 26.82 33.78 2.14
C PHE F 125 27.94 34.79 1.92
N GLU F 126 28.13 35.19 0.65
CA GLU F 126 29.01 36.31 0.36
C GLU F 126 28.31 37.64 0.62
N GLU F 127 27.08 37.79 0.09
CA GLU F 127 26.37 39.04 0.30
C GLU F 127 24.87 38.86 0.54
N LEU F 128 24.36 37.64 0.73
CA LEU F 128 22.93 37.44 0.85
C LEU F 128 22.34 38.34 1.93
N ALA F 129 21.17 38.91 1.64
CA ALA F 129 20.59 39.97 2.45
C ALA F 129 19.35 39.47 3.19
N THR F 130 19.17 39.98 4.41
CA THR F 130 18.05 39.63 5.26
C THR F 130 16.88 40.61 5.16
N GLU F 131 17.02 41.67 4.38
CA GLU F 131 16.00 42.72 4.34
C GLU F 131 14.74 42.22 3.65
N VAL F 132 13.60 42.77 4.07
CA VAL F 132 12.28 42.37 3.59
C VAL F 132 11.64 43.56 2.89
N GLU F 133 11.21 43.34 1.65
CA GLU F 133 10.53 44.37 0.86
C GLU F 133 9.27 43.77 0.24
N ILE F 134 8.14 44.46 0.41
CA ILE F 134 6.87 43.99 -0.15
C ILE F 134 6.75 44.39 -1.62
N LEU F 135 6.18 43.50 -2.42
CA LEU F 135 5.95 43.72 -3.84
C LEU F 135 4.45 43.90 -4.08
N GLU F 136 4.08 45.02 -4.70
CA GLU F 136 2.67 45.31 -4.93
C GLU F 136 2.22 44.75 -6.27
N THR F 137 1.06 44.08 -6.28
CA THR F 137 0.50 43.49 -7.49
C THR F 137 -0.76 44.18 -7.99
N GLY F 138 -1.51 44.85 -7.12
CA GLY F 138 -2.75 45.47 -7.51
C GLY F 138 -3.98 44.59 -7.41
N ILE F 139 -3.83 43.34 -6.96
CA ILE F 139 -4.94 42.42 -6.79
C ILE F 139 -5.38 42.47 -5.34
N LYS F 140 -6.68 42.69 -5.12
CA LYS F 140 -7.17 42.95 -3.78
C LYS F 140 -6.88 41.79 -2.83
N VAL F 141 -7.23 40.57 -3.22
CA VAL F 141 -7.06 39.42 -2.34
C VAL F 141 -5.58 39.20 -2.05
N VAL F 142 -4.75 39.19 -3.10
CA VAL F 142 -3.34 38.87 -2.93
C VAL F 142 -2.64 39.94 -2.11
N ASP F 143 -2.87 41.21 -2.41
CA ASP F 143 -2.19 42.28 -1.68
C ASP F 143 -2.69 42.39 -0.26
N LEU F 144 -3.98 42.13 -0.02
CA LEU F 144 -4.52 42.27 1.32
C LEU F 144 -4.13 41.10 2.21
N LEU F 145 -4.46 39.88 1.80
CA LEU F 145 -4.39 38.73 2.71
C LEU F 145 -3.18 37.83 2.49
N ALA F 146 -2.34 38.09 1.49
CA ALA F 146 -1.14 37.28 1.30
C ALA F 146 -0.06 38.04 0.56
N PRO F 147 0.49 39.12 1.13
CA PRO F 147 1.48 39.92 0.41
C PRO F 147 2.70 39.11 -0.01
N TYR F 148 3.22 39.42 -1.19
CA TYR F 148 4.43 38.81 -1.71
C TYR F 148 5.64 39.66 -1.33
N ILE F 149 6.82 39.05 -1.41
CA ILE F 149 8.05 39.66 -0.88
C ILE F 149 9.14 39.54 -1.93
N LYS F 150 9.92 40.61 -2.07
CA LYS F 150 11.09 40.58 -2.95
C LYS F 150 12.03 39.46 -2.52
N GLY F 151 12.60 38.78 -3.52
CA GLY F 151 13.50 37.67 -3.28
C GLY F 151 12.85 36.42 -2.73
N GLY F 152 11.62 36.51 -2.23
CA GLY F 152 10.93 35.35 -1.72
C GLY F 152 10.36 34.48 -2.81
N LYS F 153 10.01 33.26 -2.44
CA LYS F 153 9.35 32.32 -3.34
C LYS F 153 7.88 32.22 -2.97
N ILE F 154 7.01 32.42 -3.96
CA ILE F 154 5.57 32.37 -3.77
C ILE F 154 5.03 31.18 -4.56
N GLY F 155 4.11 30.45 -3.95
CA GLY F 155 3.55 29.24 -4.55
C GLY F 155 2.08 29.39 -4.86
N LEU F 156 1.69 28.91 -6.03
CA LEU F 156 0.29 28.83 -6.44
C LEU F 156 -0.07 27.36 -6.52
N PHE F 157 -1.08 26.95 -5.75
CA PHE F 157 -1.47 25.56 -5.62
C PHE F 157 -2.92 25.36 -6.04
N GLY F 158 -3.17 24.29 -6.78
CA GLY F 158 -4.52 23.94 -7.16
C GLY F 158 -4.52 22.78 -8.14
N GLY F 159 -5.73 22.41 -8.56
CA GLY F 159 -5.91 21.37 -9.55
C GLY F 159 -5.76 21.90 -10.96
N ALA F 160 -6.09 21.04 -11.92
CA ALA F 160 -6.09 21.43 -13.33
C ALA F 160 -7.31 22.30 -13.64
N GLY F 161 -7.10 23.33 -14.45
CA GLY F 161 -8.18 24.22 -14.85
C GLY F 161 -8.79 25.04 -13.74
N VAL F 162 -7.97 25.69 -12.92
CA VAL F 162 -8.47 26.48 -11.81
C VAL F 162 -8.20 27.97 -11.95
N GLY F 163 -7.19 28.38 -12.72
CA GLY F 163 -6.93 29.80 -12.91
C GLY F 163 -5.50 30.24 -12.66
N LYS F 164 -4.58 29.29 -12.60
CA LYS F 164 -3.20 29.62 -12.26
C LYS F 164 -2.51 30.42 -13.35
N THR F 165 -2.61 29.97 -14.61
CA THR F 165 -1.88 30.61 -15.70
C THR F 165 -2.42 32.02 -16.01
N VAL F 166 -3.73 32.22 -15.92
CA VAL F 166 -4.30 33.55 -16.06
C VAL F 166 -3.74 34.48 -14.98
N LEU F 167 -3.65 33.98 -13.76
CA LEU F 167 -3.10 34.79 -12.67
C LEU F 167 -1.64 35.14 -12.94
N ILE F 168 -0.84 34.16 -13.40
CA ILE F 168 0.55 34.43 -13.73
C ILE F 168 0.65 35.50 -14.81
N GLN F 169 -0.19 35.40 -15.84
CA GLN F 169 -0.08 36.33 -16.96
C GLN F 169 -0.50 37.73 -16.55
N GLU F 170 -1.57 37.86 -15.77
CA GLU F 170 -1.98 39.20 -15.35
C GLU F 170 -1.01 39.77 -14.32
N LEU F 171 -0.32 38.92 -13.57
CA LEU F 171 0.79 39.40 -12.75
C LEU F 171 1.89 40.00 -13.61
N ILE F 172 2.31 39.28 -14.66
CA ILE F 172 3.31 39.83 -15.57
C ILE F 172 2.85 41.17 -16.12
N HIS F 173 1.61 41.21 -16.59
CA HIS F 173 1.10 42.42 -17.24
C HIS F 173 1.04 43.59 -16.26
N ASN F 174 0.56 43.35 -15.05
CA ASN F 174 0.45 44.45 -14.09
C ASN F 174 1.81 44.90 -13.60
N ILE F 175 2.76 43.99 -13.46
CA ILE F 175 4.12 44.39 -13.10
C ILE F 175 4.69 45.31 -14.16
N ALA F 176 4.54 44.94 -15.43
CA ALA F 176 5.03 45.80 -16.50
C ALA F 176 4.24 47.11 -16.58
N GLN F 177 2.96 47.08 -16.23
CA GLN F 177 2.12 48.26 -16.35
C GLN F 177 2.45 49.29 -15.28
N GLU F 178 2.74 48.85 -14.06
CA GLU F 178 2.96 49.78 -12.96
C GLU F 178 4.41 49.83 -12.52
N HIS F 179 5.00 48.70 -12.14
CA HIS F 179 6.37 48.73 -11.64
C HIS F 179 7.36 49.00 -12.77
N GLY F 180 7.08 48.48 -13.96
CA GLY F 180 7.97 48.68 -15.09
C GLY F 180 9.23 47.84 -15.07
N GLY F 181 9.26 46.80 -14.23
CA GLY F 181 10.44 45.97 -14.13
C GLY F 181 10.48 44.85 -15.16
N ILE F 182 11.70 44.32 -15.35
CA ILE F 182 11.90 43.16 -16.20
C ILE F 182 11.26 41.92 -15.57
N SER F 183 10.94 40.94 -16.42
CA SER F 183 10.55 39.62 -15.97
C SER F 183 11.09 38.58 -16.94
N VAL F 184 11.14 37.34 -16.48
CA VAL F 184 11.54 36.21 -17.32
C VAL F 184 10.56 35.07 -17.06
N PHE F 185 10.03 34.48 -18.13
CA PHE F 185 9.06 33.40 -18.04
C PHE F 185 9.66 32.14 -18.63
N ALA F 186 9.62 31.05 -17.86
CA ALA F 186 10.08 29.75 -18.30
C ALA F 186 8.95 28.75 -18.14
N GLY F 187 8.65 28.01 -19.20
CA GLY F 187 7.65 26.98 -19.17
C GLY F 187 8.29 25.61 -19.09
N VAL F 188 7.99 24.88 -18.02
CA VAL F 188 8.47 23.52 -17.83
C VAL F 188 7.41 22.58 -18.41
N GLY F 189 7.77 21.89 -19.49
CA GLY F 189 6.84 21.00 -20.14
C GLY F 189 5.52 21.67 -20.47
N GLU F 190 5.56 22.82 -21.13
CA GLU F 190 4.34 23.56 -21.40
C GLU F 190 3.63 23.01 -22.63
N ARG F 191 2.30 23.20 -22.64
CA ARG F 191 1.52 22.89 -23.83
C ARG F 191 1.82 23.90 -24.92
N THR F 192 1.83 23.43 -26.18
CA THR F 192 2.05 24.34 -27.29
C THR F 192 0.91 25.34 -27.42
N ARG F 193 -0.32 24.90 -27.14
CA ARG F 193 -1.47 25.79 -27.25
C ARG F 193 -1.36 26.97 -26.30
N GLU F 194 -1.07 26.70 -25.03
CA GLU F 194 -1.02 27.77 -24.04
C GLU F 194 0.20 28.66 -24.24
N GLY F 195 1.32 28.08 -24.67
CA GLY F 195 2.49 28.89 -24.96
C GLY F 195 2.26 29.83 -26.13
N ASN F 196 1.60 29.33 -27.18
CA ASN F 196 1.20 30.18 -28.29
C ASN F 196 0.27 31.29 -27.82
N ASP F 197 -0.72 30.94 -27.00
CA ASP F 197 -1.62 31.96 -26.45
C ASP F 197 -0.85 33.01 -25.67
N LEU F 198 0.14 32.59 -24.89
CA LEU F 198 0.92 33.55 -24.10
C LEU F 198 1.72 34.48 -25.00
N TYR F 199 2.35 33.94 -26.04
CA TYR F 199 3.08 34.80 -26.96
C TYR F 199 2.16 35.80 -27.62
N HIS F 200 0.98 35.37 -28.05
CA HIS F 200 0.05 36.30 -28.69
C HIS F 200 -0.49 37.34 -27.72
N GLU F 201 -0.72 36.95 -26.47
CA GLU F 201 -1.18 37.92 -25.48
C GLU F 201 -0.10 38.95 -25.18
N MET F 202 1.17 38.52 -25.11
CA MET F 202 2.25 39.47 -24.88
C MET F 202 2.44 40.40 -26.07
N LYS F 203 2.30 39.88 -27.29
CA LYS F 203 2.39 40.74 -28.45
C LYS F 203 1.26 41.77 -28.46
N ASP F 204 0.04 41.35 -28.11
CA ASP F 204 -1.08 42.29 -28.06
C ASP F 204 -0.88 43.34 -26.97
N SER F 205 -0.37 42.93 -25.81
CA SER F 205 -0.20 43.85 -24.70
C SER F 205 1.00 44.78 -24.89
N GLY F 206 1.90 44.47 -25.83
CA GLY F 206 3.11 45.26 -25.96
C GLY F 206 4.13 44.99 -24.87
N VAL F 207 4.15 43.78 -24.32
CA VAL F 207 5.05 43.44 -23.23
C VAL F 207 6.24 42.61 -23.67
N ILE F 208 6.18 41.97 -24.84
CA ILE F 208 7.17 40.97 -25.23
C ILE F 208 8.60 41.49 -25.13
N SER F 209 8.81 42.79 -25.33
CA SER F 209 10.16 43.33 -25.21
C SER F 209 10.61 43.45 -23.77
N LYS F 210 9.67 43.70 -22.86
CA LYS F 210 10.01 43.80 -21.44
C LYS F 210 10.43 42.45 -20.88
N THR F 211 9.74 41.38 -21.27
CA THR F 211 9.98 40.05 -20.75
C THR F 211 10.85 39.23 -21.71
N ALA F 212 11.33 38.10 -21.21
CA ALA F 212 12.01 37.10 -22.02
C ALA F 212 11.33 35.75 -21.80
N MET F 213 11.46 34.86 -22.78
CA MET F 213 10.78 33.58 -22.71
C MET F 213 11.69 32.44 -23.16
N VAL F 214 11.64 31.34 -22.41
CA VAL F 214 12.29 30.08 -22.76
C VAL F 214 11.19 29.03 -22.76
N PHE F 215 11.11 28.25 -23.84
CA PHE F 215 10.03 27.28 -23.99
C PHE F 215 10.55 25.85 -23.95
N GLY F 216 9.90 25.02 -23.14
CA GLY F 216 10.15 23.60 -23.12
C GLY F 216 8.86 22.83 -23.29
N GLN F 217 8.70 22.12 -24.41
CA GLN F 217 7.43 21.54 -24.79
C GLN F 217 7.39 20.06 -24.40
N MET F 218 6.17 19.55 -24.21
CA MET F 218 5.99 18.21 -23.66
C MET F 218 6.52 17.14 -24.60
N ASN F 219 6.43 17.35 -25.90
CA ASN F 219 6.93 16.29 -26.78
C ASN F 219 8.46 16.24 -26.86
N GLU F 220 9.17 16.93 -26.02
CA GLU F 220 10.63 16.85 -26.01
C GLU F 220 11.09 15.81 -24.99
N PRO F 221 12.29 15.26 -25.16
CA PRO F 221 12.81 14.28 -24.22
C PRO F 221 12.81 14.80 -22.80
N PRO F 222 12.80 13.91 -21.79
CA PRO F 222 12.69 14.38 -20.40
C PRO F 222 13.78 15.35 -19.96
N GLY F 223 15.01 15.16 -20.43
CA GLY F 223 16.12 15.98 -19.95
C GLY F 223 15.96 17.45 -20.28
N ALA F 224 15.47 17.75 -21.48
CA ALA F 224 15.25 19.15 -21.86
C ALA F 224 14.16 19.77 -20.99
N ARG F 225 13.09 19.03 -20.74
CA ARG F 225 12.04 19.55 -19.86
C ARG F 225 12.57 19.78 -18.46
N MET F 226 13.59 19.01 -18.06
CA MET F 226 14.22 19.23 -16.77
C MET F 226 15.07 20.50 -16.77
N ARG F 227 15.91 20.67 -17.79
CA ARG F 227 16.91 21.74 -17.83
C ARG F 227 16.35 23.10 -18.25
N VAL F 228 15.11 23.16 -18.75
CA VAL F 228 14.60 24.44 -19.25
C VAL F 228 14.47 25.45 -18.11
N ALA F 229 14.09 24.99 -16.91
CA ALA F 229 13.97 25.91 -15.78
C ALA F 229 15.34 26.47 -15.40
N LEU F 230 16.38 25.64 -15.46
CA LEU F 230 17.71 26.12 -15.11
C LEU F 230 18.24 27.12 -16.13
N THR F 231 17.95 26.91 -17.42
CA THR F 231 18.40 27.92 -18.39
C THR F 231 17.60 29.21 -18.26
N GLY F 232 16.31 29.13 -17.90
CA GLY F 232 15.56 30.34 -17.60
C GLY F 232 16.12 31.08 -16.39
N LEU F 233 16.50 30.34 -15.35
CA LEU F 233 17.13 30.95 -14.19
C LEU F 233 18.47 31.59 -14.56
N THR F 234 19.26 30.93 -15.41
CA THR F 234 20.51 31.53 -15.85
C THR F 234 20.27 32.81 -16.63
N MET F 235 19.17 32.87 -17.38
CA MET F 235 18.79 34.13 -18.01
C MET F 235 18.44 35.20 -16.97
N ALA F 236 17.71 34.80 -15.92
CA ALA F 236 17.33 35.77 -14.90
C ALA F 236 18.52 36.24 -14.07
N GLU F 237 19.59 35.46 -14.02
CA GLU F 237 20.76 35.83 -13.22
C GLU F 237 21.36 37.14 -13.69
N TYR F 238 21.50 37.30 -15.01
CA TYR F 238 22.25 38.42 -15.58
C TYR F 238 21.64 39.77 -15.18
N PHE F 239 20.32 39.84 -15.10
CA PHE F 239 19.67 41.12 -14.87
C PHE F 239 19.73 41.59 -13.43
N ARG F 240 20.20 40.77 -12.49
CA ARG F 240 20.43 41.23 -11.12
C ARG F 240 21.88 41.10 -10.67
N ASP F 241 22.69 40.28 -11.34
CA ASP F 241 24.11 40.26 -11.02
C ASP F 241 24.87 41.37 -11.76
N GLU F 242 24.56 41.56 -13.04
CA GLU F 242 25.22 42.60 -13.83
C GLU F 242 24.40 43.89 -13.87
N GLN F 243 23.13 43.80 -14.26
CA GLN F 243 22.30 44.99 -14.38
C GLN F 243 21.72 45.44 -13.05
N GLY F 244 21.84 44.62 -12.01
CA GLY F 244 21.61 45.08 -10.65
C GLY F 244 20.25 45.69 -10.38
N GLN F 245 19.18 45.02 -10.81
CA GLN F 245 17.84 45.55 -10.58
C GLN F 245 16.89 44.43 -10.14
N ASP F 246 15.67 44.85 -9.79
CA ASP F 246 14.65 43.98 -9.22
C ASP F 246 13.96 43.11 -10.28
N VAL F 247 14.42 41.86 -10.44
CA VAL F 247 13.96 40.94 -11.46
C VAL F 247 12.88 40.02 -10.91
N LEU F 248 12.02 39.53 -11.80
CA LEU F 248 11.09 38.44 -11.51
C LEU F 248 11.38 37.25 -12.42
N LEU F 249 11.15 36.05 -11.91
CA LEU F 249 11.27 34.81 -12.69
C LEU F 249 10.05 33.94 -12.45
N PHE F 250 9.31 33.66 -13.52
CA PHE F 250 8.09 32.86 -13.45
C PHE F 250 8.37 31.44 -13.96
N ILE F 251 7.78 30.46 -13.29
CA ILE F 251 7.92 29.04 -13.64
C ILE F 251 6.52 28.46 -13.82
N ASP F 252 6.31 27.77 -14.95
CA ASP F 252 4.97 27.30 -15.29
C ASP F 252 4.50 26.20 -14.34
N ASN F 253 5.21 25.06 -14.31
CA ASN F 253 4.79 23.94 -13.46
C ASN F 253 6.04 23.14 -13.06
N ILE F 254 6.46 23.33 -11.80
CA ILE F 254 7.59 22.60 -11.22
C ILE F 254 7.31 21.10 -11.12
N PHE F 255 6.04 20.72 -10.95
CA PHE F 255 5.62 19.33 -10.96
C PHE F 255 6.29 18.56 -12.08
N ARG F 256 6.25 19.14 -13.29
CA ARG F 256 6.88 18.50 -14.44
C ARG F 256 8.39 18.45 -14.31
N PHE F 257 9.01 19.43 -13.62
CA PHE F 257 10.44 19.37 -13.33
C PHE F 257 10.77 18.14 -12.49
N THR F 258 9.96 17.87 -11.47
CA THR F 258 10.19 16.67 -10.64
C THR F 258 9.92 15.40 -11.42
N GLN F 259 8.84 15.37 -12.20
CA GLN F 259 8.52 14.18 -12.99
C GLN F 259 9.61 13.88 -14.01
N ALA F 260 10.11 14.90 -14.68
CA ALA F 260 11.19 14.69 -15.65
C ALA F 260 12.45 14.21 -14.96
N GLY F 261 12.73 14.71 -13.76
CA GLY F 261 13.87 14.19 -13.01
C GLY F 261 13.70 12.72 -12.68
N SER F 262 12.50 12.32 -12.24
CA SER F 262 12.23 10.93 -11.93
C SER F 262 12.39 10.05 -13.16
N GLU F 263 11.87 10.52 -14.31
CA GLU F 263 11.97 9.76 -15.54
C GLU F 263 13.42 9.61 -16.00
N VAL F 264 14.22 10.66 -15.88
CA VAL F 264 15.63 10.56 -16.23
C VAL F 264 16.34 9.58 -15.32
N SER F 265 15.98 9.59 -14.02
CA SER F 265 16.57 8.63 -13.09
C SER F 265 16.21 7.20 -13.49
N ALA F 266 14.95 6.98 -13.87
CA ALA F 266 14.52 5.66 -14.32
C ALA F 266 15.31 5.22 -15.54
N LEU F 267 15.48 6.12 -16.51
CA LEU F 267 16.28 5.80 -17.69
C LEU F 267 17.73 5.48 -17.33
N LEU F 268 18.24 6.08 -16.25
CA LEU F 268 19.62 5.83 -15.85
C LEU F 268 19.78 4.62 -14.93
N GLY F 269 18.67 3.98 -14.54
CA GLY F 269 18.75 2.82 -13.68
C GLY F 269 18.90 3.13 -12.21
N ARG F 270 18.71 4.39 -11.80
CA ARG F 270 18.75 4.74 -10.40
C ARG F 270 17.56 4.13 -9.66
N MET F 271 17.81 3.57 -8.48
CA MET F 271 16.78 2.91 -7.70
C MET F 271 15.68 3.86 -7.29
N PRO F 272 14.42 3.55 -7.54
CA PRO F 272 13.32 4.44 -7.12
C PRO F 272 13.19 4.49 -5.61
N SER F 273 12.42 5.47 -5.15
CA SER F 273 12.14 5.64 -3.73
C SER F 273 10.79 6.32 -3.59
N ALA F 274 10.33 6.49 -2.35
CA ALA F 274 9.06 7.12 -2.04
C ALA F 274 7.94 6.60 -2.94
N VAL F 275 7.13 7.50 -3.49
CA VAL F 275 6.11 7.09 -4.46
C VAL F 275 6.72 7.17 -5.86
N GLY F 276 7.50 6.16 -6.23
CA GLY F 276 8.17 6.11 -7.51
C GLY F 276 9.21 7.20 -7.77
N TYR F 277 9.41 8.14 -6.84
CA TYR F 277 10.30 9.26 -7.08
C TYR F 277 11.76 8.80 -7.10
N GLN F 278 12.61 9.60 -7.72
CA GLN F 278 14.02 9.29 -7.87
C GLN F 278 14.72 9.35 -6.52
N PRO F 279 15.94 8.79 -6.40
CA PRO F 279 16.67 8.91 -5.13
C PRO F 279 17.00 10.35 -4.80
N THR F 280 17.55 11.09 -5.77
CA THR F 280 18.00 12.47 -5.56
C THR F 280 16.89 13.44 -5.95
N LEU F 281 15.89 13.56 -5.06
CA LEU F 281 14.76 14.46 -5.32
C LEU F 281 15.00 15.84 -4.72
N ALA F 282 15.19 15.89 -3.39
CA ALA F 282 15.34 17.17 -2.72
C ALA F 282 16.67 17.84 -3.02
N THR F 283 17.71 17.06 -3.36
CA THR F 283 18.96 17.67 -3.81
C THR F 283 18.81 18.38 -5.14
N GLU F 284 17.82 18.01 -5.95
CA GLU F 284 17.50 18.72 -7.18
C GLU F 284 16.61 19.92 -6.90
N MET F 285 15.53 19.72 -6.14
CA MET F 285 14.64 20.83 -5.82
C MET F 285 15.38 21.97 -5.12
N GLY F 286 16.20 21.65 -4.12
CA GLY F 286 16.96 22.67 -3.42
C GLY F 286 17.98 23.34 -4.30
N GLN F 287 18.68 22.56 -5.14
CA GLN F 287 19.65 23.18 -6.04
C GLN F 287 18.98 24.11 -7.04
N LEU F 288 17.74 23.83 -7.43
CA LEU F 288 16.97 24.79 -8.20
C LEU F 288 16.71 26.04 -7.37
N GLN F 289 16.00 25.87 -6.25
CA GLN F 289 15.38 27.01 -5.59
C GLN F 289 16.33 27.82 -4.72
N GLU F 290 17.55 27.35 -4.50
CA GLU F 290 18.51 28.08 -3.67
C GLU F 290 19.38 29.05 -4.47
N ARG F 291 19.35 29.01 -5.80
CA ARG F 291 19.94 30.09 -6.59
C ARG F 291 18.99 31.27 -6.72
N ILE F 292 17.72 31.07 -6.40
CA ILE F 292 16.71 32.15 -6.48
C ILE F 292 16.72 32.84 -5.13
N THR F 293 17.67 33.75 -4.95
CA THR F 293 17.81 34.50 -3.71
C THR F 293 18.08 35.96 -4.02
N SER F 294 17.65 36.83 -3.10
CA SER F 294 17.93 38.26 -3.19
C SER F 294 19.23 38.59 -2.47
N THR F 295 20.28 38.87 -3.22
CA THR F 295 21.45 39.48 -2.63
C THR F 295 21.19 40.97 -2.41
N ALA F 296 22.24 41.71 -2.01
CA ALA F 296 22.11 43.15 -1.84
C ALA F 296 21.72 43.84 -3.14
N LYS F 297 22.07 43.25 -4.29
CA LYS F 297 21.85 43.91 -5.58
C LYS F 297 20.44 43.69 -6.11
N GLY F 298 19.98 42.44 -6.16
CA GLY F 298 18.75 42.16 -6.89
C GLY F 298 18.06 40.93 -6.34
N SER F 299 16.76 40.84 -6.67
CA SER F 299 15.87 39.95 -5.93
C SER F 299 15.71 38.59 -6.60
N ILE F 300 15.44 38.56 -7.91
CA ILE F 300 14.93 37.38 -8.59
C ILE F 300 13.74 36.85 -7.80
N THR F 301 12.75 37.69 -7.55
CA THR F 301 11.51 37.22 -6.97
C THR F 301 10.85 36.21 -7.91
N SER F 302 10.24 35.17 -7.33
CA SER F 302 9.66 34.10 -8.14
C SER F 302 8.22 33.83 -7.71
N ILE F 303 7.32 33.73 -8.68
CA ILE F 303 5.96 33.24 -8.48
C ILE F 303 5.80 31.96 -9.27
N GLN F 304 5.38 30.88 -8.61
CA GLN F 304 5.35 29.56 -9.19
C GLN F 304 4.00 28.91 -9.01
N ALA F 305 3.60 28.10 -9.99
CA ALA F 305 2.40 27.28 -9.92
C ALA F 305 2.79 25.81 -9.88
N ILE F 306 2.13 25.04 -9.02
CA ILE F 306 2.41 23.62 -8.85
C ILE F 306 1.08 22.86 -8.79
N TYR F 307 1.01 21.74 -9.50
CA TYR F 307 -0.22 20.98 -9.64
C TYR F 307 -0.33 19.93 -8.55
N VAL F 308 -1.43 19.95 -7.81
CA VAL F 308 -1.73 18.91 -6.82
C VAL F 308 -2.64 17.87 -7.48
N PRO F 309 -2.27 16.59 -7.48
CA PRO F 309 -3.04 15.61 -8.28
C PRO F 309 -4.48 15.43 -7.85
N ALA F 310 -4.74 15.10 -6.58
CA ALA F 310 -6.05 14.58 -6.21
C ALA F 310 -6.56 15.25 -4.93
N ASP F 311 -6.38 16.58 -4.83
CA ASP F 311 -6.79 17.38 -3.68
C ASP F 311 -6.00 17.02 -2.43
N ASP F 312 -4.86 16.35 -2.59
CA ASP F 312 -4.05 15.89 -1.48
C ASP F 312 -2.67 16.54 -1.57
N TYR F 313 -2.26 17.20 -0.50
CA TYR F 313 -1.05 18.01 -0.48
C TYR F 313 0.16 17.24 0.04
N THR F 314 0.03 15.94 0.32
CA THR F 314 1.08 15.18 0.96
C THR F 314 2.02 14.48 -0.01
N ASP F 315 1.79 14.63 -1.32
CA ASP F 315 2.66 14.00 -2.29
C ASP F 315 4.07 14.57 -2.17
N PRO F 316 5.11 13.76 -2.38
CA PRO F 316 6.48 14.26 -2.18
C PRO F 316 6.83 15.52 -2.96
N ALA F 317 6.37 15.65 -4.21
CA ALA F 317 6.70 16.84 -4.98
C ALA F 317 6.12 18.12 -4.38
N PRO F 318 4.82 18.20 -4.06
CA PRO F 318 4.33 19.36 -3.30
C PRO F 318 4.95 19.49 -1.93
N ALA F 319 5.23 18.38 -1.25
CA ALA F 319 5.77 18.47 0.10
C ALA F 319 7.15 19.10 0.14
N THR F 320 8.03 18.74 -0.80
CA THR F 320 9.37 19.29 -0.82
C THR F 320 9.34 20.79 -1.09
N THR F 321 8.53 21.23 -2.06
CA THR F 321 8.44 22.65 -2.36
C THR F 321 7.84 23.43 -1.20
N PHE F 322 6.92 22.81 -0.46
CA PHE F 322 6.25 23.50 0.64
C PHE F 322 7.24 23.92 1.72
N SER F 323 8.42 23.28 1.76
CA SER F 323 9.47 23.63 2.70
C SER F 323 10.34 24.78 2.21
N HIS F 324 10.06 25.35 1.04
CA HIS F 324 10.83 26.46 0.48
C HIS F 324 10.07 27.77 0.39
N LEU F 325 8.76 27.76 0.67
CA LEU F 325 7.87 28.85 0.29
C LEU F 325 7.76 29.90 1.39
N ASP F 326 7.87 31.17 1.01
CA ASP F 326 7.63 32.29 1.90
C ASP F 326 6.15 32.68 1.96
N ALA F 327 5.46 32.60 0.84
CA ALA F 327 4.02 32.78 0.79
C ALA F 327 3.42 31.71 -0.12
N THR F 328 2.23 31.24 0.24
CA THR F 328 1.56 30.20 -0.52
C THR F 328 0.13 30.64 -0.81
N THR F 329 -0.31 30.42 -2.05
CA THR F 329 -1.66 30.76 -2.47
C THR F 329 -2.35 29.50 -2.95
N ASN F 330 -3.52 29.22 -2.39
CA ASN F 330 -4.30 28.02 -2.72
C ASN F 330 -5.53 28.41 -3.52
N LEU F 331 -5.64 27.84 -4.71
CA LEU F 331 -6.73 28.14 -5.63
C LEU F 331 -7.74 26.99 -5.60
N GLU F 332 -9.01 27.32 -5.37
CA GLU F 332 -10.05 26.34 -5.16
C GLU F 332 -11.00 26.30 -6.35
N ARG F 333 -11.31 25.09 -6.83
CA ARG F 333 -12.24 24.94 -7.94
C ARG F 333 -13.64 25.41 -7.59
N LYS F 334 -14.05 25.29 -6.33
CA LYS F 334 -15.38 25.75 -5.95
C LYS F 334 -15.48 27.26 -6.14
N LEU F 335 -14.41 27.99 -5.84
CA LEU F 335 -14.36 29.41 -6.20
C LEU F 335 -14.36 29.60 -7.71
N ALA F 336 -13.57 28.79 -8.43
CA ALA F 336 -13.43 28.99 -9.87
C ALA F 336 -14.75 28.81 -10.61
N GLU F 337 -15.60 27.91 -10.15
CA GLU F 337 -16.90 27.73 -10.79
C GLU F 337 -17.97 28.67 -10.23
N MET F 338 -17.66 29.41 -9.18
CA MET F 338 -18.51 30.51 -8.77
C MET F 338 -18.24 31.74 -9.64
N GLY F 339 -19.06 32.77 -9.44
CA GLY F 339 -18.84 34.05 -10.09
C GLY F 339 -17.69 34.87 -9.53
N ILE F 340 -16.97 34.34 -8.56
CA ILE F 340 -15.93 35.08 -7.84
C ILE F 340 -14.59 34.72 -8.46
N TYR F 341 -13.98 35.69 -9.15
CA TYR F 341 -12.67 35.56 -9.77
C TYR F 341 -11.74 36.65 -9.28
N PRO F 342 -10.45 36.37 -9.09
CA PRO F 342 -9.76 35.09 -9.28
C PRO F 342 -10.07 34.10 -8.16
N ALA F 343 -9.96 32.81 -8.42
CA ALA F 343 -10.30 31.76 -7.45
C ALA F 343 -9.13 31.58 -6.50
N VAL F 344 -9.10 32.39 -5.45
CA VAL F 344 -8.09 32.32 -4.41
C VAL F 344 -8.79 32.21 -3.06
N ASP F 345 -8.47 31.15 -2.32
CA ASP F 345 -9.08 30.92 -1.02
C ASP F 345 -8.47 31.87 0.00
N PRO F 346 -9.25 32.72 0.66
CA PRO F 346 -8.65 33.63 1.64
C PRO F 346 -7.98 32.91 2.80
N LEU F 347 -8.66 31.92 3.38
CA LEU F 347 -8.21 31.33 4.63
C LEU F 347 -7.04 30.37 4.41
N ALA F 348 -6.97 29.71 3.27
CA ALA F 348 -5.89 28.76 3.01
C ALA F 348 -4.60 29.43 2.55
N SER F 349 -4.63 30.72 2.23
CA SER F 349 -3.47 31.42 1.70
C SER F 349 -2.86 32.27 2.80
N THR F 350 -1.53 32.17 2.96
CA THR F 350 -0.83 32.86 4.04
C THR F 350 0.52 33.33 3.55
N SER F 351 1.05 34.34 4.25
CA SER F 351 2.36 34.89 3.97
C SER F 351 3.08 35.16 5.27
N ARG F 352 4.37 34.82 5.31
CA ARG F 352 5.17 35.09 6.51
C ARG F 352 5.47 36.57 6.70
N ALA F 353 5.16 37.41 5.71
CA ALA F 353 5.36 38.85 5.82
C ALA F 353 4.07 39.60 6.13
N LEU F 354 3.01 38.89 6.51
CA LEU F 354 1.81 39.54 7.00
C LEU F 354 1.98 40.08 8.43
N ALA F 355 3.18 40.04 8.97
CA ALA F 355 3.41 40.53 10.32
C ALA F 355 3.05 42.01 10.41
N PRO F 356 2.46 42.47 11.52
CA PRO F 356 1.97 43.85 11.59
C PRO F 356 3.05 44.89 11.38
N GLU F 357 4.28 44.65 11.84
CA GLU F 357 5.34 45.65 11.66
C GLU F 357 5.86 45.71 10.22
N ILE F 358 5.62 44.67 9.42
CA ILE F 358 6.09 44.70 8.04
C ILE F 358 5.08 45.38 7.13
N VAL F 359 3.79 45.06 7.29
CA VAL F 359 2.75 45.64 6.45
C VAL F 359 2.14 46.91 7.06
N GLY F 360 2.39 47.18 8.33
CA GLY F 360 1.66 48.27 8.95
C GLY F 360 0.41 47.77 9.66
N GLU F 361 0.12 48.40 10.80
CA GLU F 361 -0.88 47.86 11.71
C GLU F 361 -2.29 48.03 11.18
N GLU F 362 -2.56 49.10 10.42
CA GLU F 362 -3.88 49.27 9.82
C GLU F 362 -4.19 48.13 8.84
N HIS F 363 -3.21 47.78 8.00
CA HIS F 363 -3.34 46.67 7.08
C HIS F 363 -3.63 45.38 7.83
N TYR F 364 -2.89 45.14 8.90
CA TYR F 364 -3.05 43.91 9.68
C TYR F 364 -4.43 43.83 10.33
N GLN F 365 -4.89 44.93 10.93
CA GLN F 365 -6.20 44.91 11.58
C GLN F 365 -7.31 44.68 10.57
N VAL F 366 -7.24 45.34 9.42
CA VAL F 366 -8.27 45.16 8.40
C VAL F 366 -8.30 43.71 7.92
N ALA F 367 -7.12 43.14 7.63
CA ALA F 367 -7.07 41.76 7.18
C ALA F 367 -7.63 40.81 8.23
N ARG F 368 -7.29 41.04 9.50
CA ARG F 368 -7.77 40.14 10.55
C ARG F 368 -9.28 40.19 10.68
N LYS F 369 -9.87 41.39 10.62
CA LYS F 369 -11.33 41.48 10.65
C LYS F 369 -11.96 40.78 9.43
N VAL F 370 -11.32 40.91 8.26
CA VAL F 370 -11.83 40.25 7.06
C VAL F 370 -11.90 38.73 7.29
N GLN F 371 -10.79 38.15 7.76
CA GLN F 371 -10.75 36.70 7.94
C GLN F 371 -11.73 36.25 9.03
N GLN F 372 -11.87 37.03 10.10
CA GLN F 372 -12.84 36.68 11.14
C GLN F 372 -14.26 36.64 10.59
N THR F 373 -14.63 37.63 9.79
CA THR F 373 -15.97 37.65 9.22
C THR F 373 -16.19 36.47 8.28
N LEU F 374 -15.18 36.16 7.46
CA LEU F 374 -15.31 35.03 6.54
C LEU F 374 -15.46 33.70 7.28
N GLN F 375 -14.70 33.51 8.37
CA GLN F 375 -14.83 32.27 9.14
C GLN F 375 -16.20 32.16 9.79
N ARG F 376 -16.70 33.25 10.37
CA ARG F 376 -18.04 33.21 10.97
C ARG F 376 -19.10 32.90 9.91
N TYR F 377 -18.96 33.47 8.71
CA TYR F 377 -19.90 33.15 7.65
C TYR F 377 -19.83 31.68 7.25
N LYS F 378 -18.62 31.13 7.14
CA LYS F 378 -18.48 29.73 6.79
C LYS F 378 -19.17 28.84 7.81
N GLU F 379 -19.00 29.16 9.09
CA GLU F 379 -19.67 28.38 10.13
C GLU F 379 -21.19 28.53 10.05
N LEU F 380 -21.67 29.74 9.78
CA LEU F 380 -23.11 29.98 9.84
C LEU F 380 -23.86 29.47 8.61
N GLN F 381 -23.15 29.21 7.51
CA GLN F 381 -23.84 28.76 6.31
C GLN F 381 -24.56 27.43 6.54
N ASP F 382 -24.02 26.58 7.42
CA ASP F 382 -24.67 25.31 7.71
C ASP F 382 -26.07 25.52 8.29
N ILE F 383 -26.20 26.45 9.23
CA ILE F 383 -27.52 26.76 9.77
C ILE F 383 -28.38 27.43 8.70
N ILE F 384 -27.79 28.30 7.89
CA ILE F 384 -28.57 29.03 6.89
C ILE F 384 -29.22 28.06 5.90
N ALA F 385 -28.48 27.01 5.51
CA ALA F 385 -29.00 26.07 4.52
C ALA F 385 -30.29 25.41 5.00
N ILE F 386 -30.32 24.95 6.26
CA ILE F 386 -31.48 24.22 6.76
C ILE F 386 -32.57 25.17 7.25
N LEU F 387 -32.24 26.10 8.15
CA LEU F 387 -33.24 26.91 8.80
C LEU F 387 -33.41 28.29 8.15
N GLY F 388 -32.51 28.71 7.28
CA GLY F 388 -32.64 29.97 6.59
C GLY F 388 -31.87 31.09 7.25
N MET F 389 -31.92 32.25 6.58
CA MET F 389 -31.26 33.45 7.08
C MET F 389 -32.01 34.08 8.24
N ASP F 390 -33.31 33.82 8.36
CA ASP F 390 -34.14 34.50 9.34
C ASP F 390 -34.08 33.87 10.72
N GLU F 391 -33.55 32.65 10.84
CA GLU F 391 -33.50 31.99 12.14
C GLU F 391 -32.47 32.61 13.06
N LEU F 392 -31.30 32.94 12.54
CA LEU F 392 -30.22 33.48 13.35
C LEU F 392 -30.52 34.91 13.79
N SER F 393 -29.83 35.33 14.85
CA SER F 393 -30.07 36.62 15.49
C SER F 393 -29.40 37.76 14.73
N ASP F 394 -29.61 38.97 15.23
CA ASP F 394 -29.23 40.18 14.50
C ASP F 394 -27.72 40.28 14.26
N GLU F 395 -26.91 39.91 15.26
CA GLU F 395 -25.46 39.99 15.08
C GLU F 395 -25.01 39.06 13.96
N ASP F 396 -25.53 37.83 13.94
CA ASP F 396 -25.18 36.89 12.90
C ASP F 396 -25.70 37.36 11.54
N LYS F 397 -26.88 37.95 11.53
CA LYS F 397 -27.46 38.48 10.30
C LYS F 397 -26.57 39.58 9.71
N LEU F 398 -26.13 40.51 10.55
CA LEU F 398 -25.25 41.56 10.06
C LEU F 398 -23.90 40.98 9.63
N VAL F 399 -23.42 39.96 10.35
CA VAL F 399 -22.16 39.33 9.98
C VAL F 399 -22.23 38.74 8.59
N VAL F 400 -23.29 37.97 8.30
CA VAL F 400 -23.41 37.38 6.96
C VAL F 400 -23.68 38.45 5.91
N HIS F 401 -24.44 39.49 6.27
CA HIS F 401 -24.72 40.57 5.33
C HIS F 401 -23.45 41.27 4.89
N ARG F 402 -22.50 41.47 5.81
CA ARG F 402 -21.21 42.02 5.43
C ARG F 402 -20.34 40.97 4.73
N ALA F 403 -20.43 39.71 5.16
CA ALA F 403 -19.57 38.66 4.63
C ALA F 403 -19.80 38.43 3.15
N ARG F 404 -21.06 38.43 2.71
CA ARG F 404 -21.33 38.21 1.30
C ARG F 404 -20.73 39.32 0.44
N ARG F 405 -20.87 40.56 0.88
CA ARG F 405 -20.29 41.68 0.15
C ARG F 405 -18.77 41.61 0.14
N ILE F 406 -18.15 41.20 1.25
CA ILE F 406 -16.71 41.00 1.27
C ILE F 406 -16.30 39.94 0.27
N GLN F 407 -17.05 38.84 0.20
CA GLN F 407 -16.75 37.79 -0.76
C GLN F 407 -16.81 38.32 -2.18
N PHE F 408 -17.82 39.12 -2.50
CA PHE F 408 -17.94 39.65 -3.85
C PHE F 408 -16.84 40.65 -4.17
N PHE F 409 -16.58 41.58 -3.24
CA PHE F 409 -15.63 42.65 -3.49
C PHE F 409 -14.19 42.15 -3.59
N LEU F 410 -13.88 40.98 -3.05
CA LEU F 410 -12.58 40.39 -3.27
C LEU F 410 -12.34 40.12 -4.75
N SER F 411 -13.40 39.94 -5.53
CA SER F 411 -13.30 39.70 -6.96
C SER F 411 -13.16 41.02 -7.71
N GLN F 412 -12.46 40.97 -8.83
CA GLN F 412 -12.32 42.16 -9.66
C GLN F 412 -11.99 41.75 -11.09
N ASN F 413 -12.44 42.59 -12.03
CA ASN F 413 -12.12 42.39 -13.44
C ASN F 413 -10.67 42.74 -13.71
N PHE F 414 -10.04 41.98 -14.62
CA PHE F 414 -8.63 42.20 -14.92
C PHE F 414 -8.36 42.17 -16.42
N HIS F 415 -7.26 42.83 -16.81
CA HIS F 415 -6.99 43.19 -18.19
C HIS F 415 -6.68 42.00 -19.09
N VAL F 416 -6.31 40.85 -18.53
CA VAL F 416 -6.08 39.67 -19.37
C VAL F 416 -7.37 38.90 -19.63
N ALA F 417 -8.40 39.09 -18.80
CA ALA F 417 -9.69 38.45 -18.99
C ALA F 417 -10.55 39.14 -20.04
N GLU F 418 -10.01 40.13 -20.76
CA GLU F 418 -10.78 40.80 -21.81
C GLU F 418 -11.31 39.80 -22.84
N GLN F 419 -10.51 38.78 -23.14
CA GLN F 419 -10.94 37.75 -24.08
C GLN F 419 -12.20 37.05 -23.61
N PHE F 420 -12.33 36.83 -22.30
CA PHE F 420 -13.35 35.94 -21.78
C PHE F 420 -14.69 36.62 -21.52
N THR F 421 -14.70 37.93 -21.26
CA THR F 421 -15.96 38.60 -20.92
C THR F 421 -16.17 39.93 -21.62
N GLY F 422 -15.19 40.49 -22.31
CA GLY F 422 -15.40 41.75 -22.99
C GLY F 422 -15.50 42.96 -22.09
N GLN F 423 -14.95 42.90 -20.88
CA GLN F 423 -14.89 44.04 -19.99
C GLN F 423 -13.44 44.48 -19.81
N PRO F 424 -13.19 45.79 -19.56
CA PRO F 424 -11.83 46.32 -19.69
C PRO F 424 -10.83 45.80 -18.66
N GLY F 425 -11.14 45.91 -17.38
CA GLY F 425 -10.22 45.54 -16.33
C GLY F 425 -9.79 46.75 -15.51
N SER F 426 -9.31 46.47 -14.30
CA SER F 426 -8.99 47.51 -13.34
C SER F 426 -7.77 47.13 -12.51
N TYR F 427 -7.13 48.16 -11.96
CA TYR F 427 -6.08 48.02 -10.95
C TYR F 427 -6.47 48.84 -9.72
N VAL F 428 -6.21 48.31 -8.54
CA VAL F 428 -6.54 48.98 -7.28
C VAL F 428 -5.26 49.23 -6.50
N PRO F 429 -4.97 50.47 -6.12
CA PRO F 429 -3.82 50.72 -5.23
C PRO F 429 -4.02 50.07 -3.86
N VAL F 430 -2.90 49.72 -3.22
CA VAL F 430 -2.96 48.99 -1.96
C VAL F 430 -3.67 49.82 -0.88
N LYS F 431 -3.36 51.10 -0.79
CA LYS F 431 -4.06 51.94 0.17
C LYS F 431 -5.54 52.03 -0.16
N GLU F 432 -5.86 52.08 -1.46
CA GLU F 432 -7.26 52.05 -1.87
C GLU F 432 -7.92 50.74 -1.50
N THR F 433 -7.22 49.61 -1.65
CA THR F 433 -7.76 48.32 -1.25
C THR F 433 -8.11 48.31 0.24
N VAL F 434 -7.15 48.75 1.07
CA VAL F 434 -7.36 48.70 2.51
C VAL F 434 -8.45 49.68 2.92
N ARG F 435 -8.49 50.87 2.31
CA ARG F 435 -9.53 51.83 2.64
C ARG F 435 -10.91 51.32 2.25
N GLY F 436 -11.03 50.70 1.08
CA GLY F 436 -12.31 50.16 0.66
C GLY F 436 -12.78 49.05 1.57
N PHE F 437 -11.88 48.12 1.91
CA PHE F 437 -12.26 47.04 2.81
C PHE F 437 -12.59 47.57 4.20
N LYS F 438 -11.87 48.60 4.67
CA LYS F 438 -12.21 49.23 5.94
C LYS F 438 -13.61 49.82 5.91
N GLU F 439 -13.96 50.51 4.81
CA GLU F 439 -15.30 51.09 4.70
C GLU F 439 -16.37 50.02 4.63
N ILE F 440 -16.10 48.92 3.92
CA ILE F 440 -17.07 47.83 3.86
C ILE F 440 -17.27 47.21 5.24
N LEU F 441 -16.17 46.94 5.96
CA LEU F 441 -16.28 46.35 7.28
C LEU F 441 -16.99 47.28 8.26
N GLU F 442 -16.71 48.58 8.17
CA GLU F 442 -17.43 49.55 8.98
C GLU F 442 -18.86 49.75 8.50
N GLY F 443 -19.18 49.32 7.28
CA GLY F 443 -20.55 49.31 6.82
C GLY F 443 -21.07 50.62 6.28
N LYS F 444 -20.23 51.39 5.59
CA LYS F 444 -20.70 52.61 4.95
C LYS F 444 -21.65 52.33 3.80
N TYR F 445 -21.65 51.11 3.26
CA TYR F 445 -22.44 50.74 2.08
C TYR F 445 -23.46 49.64 2.37
N ASP F 446 -24.18 49.72 3.50
CA ASP F 446 -25.18 48.71 3.79
C ASP F 446 -26.36 48.76 2.84
N HIS F 447 -26.73 49.97 2.39
CA HIS F 447 -27.93 50.11 1.57
C HIS F 447 -27.76 49.53 0.17
N LEU F 448 -26.53 49.45 -0.34
CA LEU F 448 -26.32 49.05 -1.72
C LEU F 448 -26.74 47.61 -1.96
N PRO F 449 -27.35 47.32 -3.11
CA PRO F 449 -27.56 45.92 -3.50
C PRO F 449 -26.24 45.17 -3.62
N GLU F 450 -26.25 43.91 -3.21
CA GLU F 450 -25.03 43.11 -3.20
C GLU F 450 -24.46 42.88 -4.60
N ASP F 451 -25.26 43.02 -5.64
CA ASP F 451 -24.79 42.75 -6.99
C ASP F 451 -23.76 43.77 -7.45
N ALA F 452 -23.75 44.96 -6.86
CA ALA F 452 -22.84 46.02 -7.33
C ALA F 452 -21.38 45.64 -7.09
N PHE F 453 -21.11 44.77 -6.13
CA PHE F 453 -19.74 44.44 -5.72
C PHE F 453 -19.13 43.33 -6.55
N ARG F 454 -19.81 42.87 -7.60
CA ARG F 454 -19.50 41.55 -8.15
C ARG F 454 -18.11 41.48 -8.77
N LEU F 455 -17.77 42.40 -9.68
CA LEU F 455 -16.50 42.25 -10.37
C LEU F 455 -15.75 43.57 -10.61
N VAL F 456 -16.05 44.63 -9.87
CA VAL F 456 -15.43 45.94 -10.07
C VAL F 456 -14.15 46.06 -9.26
N GLY F 457 -13.43 47.16 -9.45
CA GLY F 457 -12.20 47.42 -8.72
C GLY F 457 -12.42 48.29 -7.50
N ARG F 458 -12.11 49.58 -7.59
CA ARG F 458 -12.25 50.46 -6.43
C ARG F 458 -13.71 50.57 -6.01
N ILE F 459 -13.91 51.03 -4.77
CA ILE F 459 -15.26 51.07 -4.20
C ILE F 459 -16.14 52.10 -4.92
N GLU F 460 -15.54 53.18 -5.42
CA GLU F 460 -16.33 54.12 -6.22
C GLU F 460 -16.82 53.46 -7.51
N GLU F 461 -16.14 52.42 -7.98
CA GLU F 461 -16.70 51.63 -9.07
C GLU F 461 -17.93 50.85 -8.62
N VAL F 462 -17.95 50.40 -7.37
CA VAL F 462 -19.18 49.83 -6.81
C VAL F 462 -20.28 50.87 -6.85
N VAL F 463 -19.96 52.11 -6.49
CA VAL F 463 -20.96 53.18 -6.54
C VAL F 463 -21.45 53.40 -7.96
N GLU F 464 -20.54 53.41 -8.94
CA GLU F 464 -20.94 53.63 -10.32
C GLU F 464 -21.80 52.49 -10.85
N LYS F 465 -21.44 51.24 -10.53
CA LYS F 465 -22.24 50.10 -10.97
C LYS F 465 -23.61 50.10 -10.29
N ALA F 466 -23.67 50.53 -9.02
CA ALA F 466 -24.97 50.66 -8.36
C ALA F 466 -25.82 51.74 -9.02
N LYS F 467 -25.19 52.84 -9.45
CA LYS F 467 -25.90 53.84 -10.22
C LYS F 467 -26.42 53.26 -11.52
N ALA F 468 -25.61 52.44 -12.19
CA ALA F 468 -26.00 51.87 -13.48
C ALA F 468 -27.18 50.92 -13.33
N MET F 469 -27.12 49.99 -12.37
CA MET F 469 -28.17 48.98 -12.24
C MET F 469 -29.49 49.60 -11.83
N GLY F 470 -29.47 50.52 -10.87
CA GLY F 470 -30.71 51.13 -10.39
C GLY F 470 -31.43 50.28 -9.37
PG ATP G . -2.41 -21.55 19.06
O1G ATP G . -3.31 -20.48 19.60
O2G ATP G . -1.21 -21.87 19.96
O3G ATP G . -1.92 -21.28 17.64
PB ATP G . -4.60 -23.51 18.55
O1B ATP G . -4.46 -24.86 18.00
O2B ATP G . -5.26 -22.46 17.64
O3B ATP G . -3.19 -22.93 18.96
PA ATP G . -5.46 -24.35 21.24
O1A ATP G . -4.14 -24.42 21.91
O2A ATP G . -6.05 -25.69 20.84
O3A ATP G . -5.39 -23.47 19.92
O5' ATP G . -6.52 -23.59 22.11
C5' ATP G . -7.91 -23.96 22.10
C4' ATP G . -8.67 -23.04 23.01
O4' ATP G . -10.10 -23.18 22.78
C3' ATP G . -8.47 -23.28 24.50
O3' ATP G . -8.45 -22.03 25.21
C2' ATP G . -9.69 -24.10 24.90
O2' ATP G . -10.05 -23.92 26.26
C1' ATP G . -10.75 -23.49 23.99
N9 ATP G . -11.88 -24.38 23.69
C8 ATP G . -11.97 -25.27 22.66
N7 ATP G . -13.10 -25.94 22.62
C5 ATP G . -13.81 -25.43 23.70
C6 ATP G . -15.09 -25.71 24.22
N6 ATP G . -15.91 -26.62 23.69
N1 ATP G . -15.48 -25.04 25.31
C2 ATP G . -14.66 -24.14 25.84
N3 ATP G . -13.43 -23.78 25.45
C4 ATP G . -13.06 -24.47 24.36
MG MG H . -2.22 -24.80 18.22
PG ATP I . -16.27 -1.37 -21.61
O1G ATP I . -15.61 -0.92 -20.35
O2G ATP I . -16.93 -2.74 -21.51
O3G ATP I . -15.33 -1.34 -22.81
PB ATP I . -17.69 1.15 -22.32
O1B ATP I . -16.77 1.63 -23.36
O2B ATP I . -17.68 1.88 -20.98
O3B ATP I . -17.45 -0.38 -22.01
PA ATP I . -19.95 0.60 -24.11
O1A ATP I . -19.42 -0.70 -24.53
O2A ATP I . -19.93 1.69 -25.15
O3A ATP I . -19.19 1.13 -22.84
O5' ATP I . -21.44 0.44 -23.57
C5' ATP I . -22.11 1.51 -22.89
C4' ATP I . -23.28 0.92 -22.15
O4' ATP I . -24.10 2.00 -21.62
C3' ATP I . -24.21 0.05 -22.98
O3' ATP I . -24.71 -1.04 -22.20
C2' ATP I . -25.33 1.02 -23.39
O2' ATP I . -26.56 0.35 -23.58
C1' ATP I . -25.40 1.93 -22.17
N9 ATP I . -25.83 3.30 -22.47
C8 ATP I . -25.07 4.28 -23.03
N7 ATP I . -25.71 5.42 -23.20
C5 ATP I . -26.98 5.16 -22.70
C6 ATP I . -28.14 5.95 -22.58
N6 ATP I . -28.21 7.23 -22.97
N1 ATP I . -29.24 5.39 -22.05
C2 ATP I . -29.17 4.11 -21.65
N3 ATP I . -28.14 3.26 -21.71
C4 ATP I . -27.07 3.85 -22.25
MG MG J . -14.08 -1.11 -26.19
PG ATP K . 9.02 25.25 9.84
O1G ATP K . 8.08 25.02 8.70
O2G ATP K . 10.22 26.11 9.48
O3G ATP K . 9.52 23.96 10.48
PB ATP K . 8.43 26.23 12.58
O1B ATP K . 9.81 25.95 13.02
O2B ATP K . 7.33 25.41 13.25
O3B ATP K . 8.28 26.04 11.02
PA ATP K . 8.82 29.09 13.08
O1A ATP K . 9.94 29.31 12.14
O2A ATP K . 9.23 28.99 14.55
O3A ATP K . 8.04 27.76 12.74
O5' ATP K . 7.69 30.18 12.92
C5' ATP K . 6.53 30.18 13.78
C4' ATP K . 5.69 31.37 13.42
O4' ATP K . 4.84 31.71 14.54
C3' ATP K . 6.46 32.64 13.09
O3' ATP K . 5.72 33.47 12.19
C2' ATP K . 6.61 33.30 14.46
O2' ATP K . 6.74 34.72 14.36
C1' ATP K . 5.28 32.93 15.13
N9 ATP K . 5.37 32.76 16.57
C8 ATP K . 5.97 31.71 17.24
N7 ATP K . 5.89 31.81 18.55
C5 ATP K . 5.20 32.98 18.75
C6 ATP K . 4.79 33.66 19.92
N6 ATP K . 5.04 33.20 21.15
N1 ATP K . 4.11 34.81 19.78
C2 ATP K . 3.87 35.27 18.56
N3 ATP K . 4.21 34.72 17.38
C4 ATP K . 4.87 33.58 17.55
MG MG L . 12.90 25.38 10.61
PG ATP M . 10.65 1.39 26.54
O1G ATP M . 11.80 2.03 27.24
O2G ATP M . 10.46 1.83 25.08
O3G ATP M . 10.68 -0.12 26.61
PB ATP M . 7.79 2.22 26.90
O1B ATP M . 7.73 2.98 25.64
O2B ATP M . 6.94 0.97 26.90
O3B ATP M . 9.27 1.81 27.27
PA ATP M . 8.00 3.54 29.53
O1A ATP M . 7.74 2.55 30.59
O2A ATP M . 9.45 3.86 29.24
O3A ATP M . 7.34 3.07 28.17
O5' ATP M . 7.20 4.86 29.87
C5' ATP M . 5.78 4.81 30.17
C4' ATP M . 5.29 6.20 30.51
O4' ATP M . 3.88 6.13 30.80
C3' ATP M . 5.95 6.83 31.73
O3' ATP M . 6.96 7.75 31.32
C2' ATP M . 4.80 7.56 32.43
O2' ATP M . 4.59 8.87 31.93
C1' ATP M . 3.61 6.67 32.07
N9 ATP M . 3.38 5.57 33.01
C8 ATP M . 3.90 4.30 32.95
N7 ATP M . 3.52 3.52 33.93
C5 ATP M . 2.68 4.33 34.68
C6 ATP M . 1.94 4.09 35.86
N6 ATP M . 1.94 2.92 36.51
N1 ATP M . 1.21 5.11 36.36
C2 ATP M . 1.21 6.28 35.72
N3 ATP M . 1.87 6.61 34.60
C4 ATP M . 2.58 5.60 34.13
MG MG N . 11.99 1.19 29.03
PG ATP O . -13.68 -22.48 -6.29
O1G ATP O . -13.75 -23.87 -6.86
O2G ATP O . -12.93 -22.37 -4.98
O3G ATP O . -13.12 -21.48 -7.28
PB ATP O . -16.60 -22.03 -6.52
O1B ATP O . -17.26 -20.73 -6.55
O2B ATP O . -16.52 -22.82 -7.82
O3B ATP O . -15.13 -21.95 -5.97
PA ATP O . -18.40 -24.10 -5.49
O1A ATP O . -17.87 -25.36 -6.02
O2A ATP O . -19.61 -23.55 -6.25
O3A ATP O . -17.30 -22.98 -5.46
O5' ATP O . -18.84 -24.21 -3.97
C5' ATP O . -19.64 -23.18 -3.36
C4' ATP O . -20.44 -23.78 -2.22
O4' ATP O . -21.50 -22.86 -1.86
C3' ATP O . -21.13 -25.10 -2.53
O3' ATP O . -20.27 -26.20 -2.22
C2' ATP O . -22.34 -25.06 -1.61
O2' ATP O . -22.02 -25.50 -0.29
C1' ATP O . -22.70 -23.57 -1.62
N9 ATP O . -23.66 -23.20 -2.66
C8 ATP O . -23.38 -22.79 -3.93
N7 ATP O . -24.46 -22.50 -4.64
C5 ATP O . -25.51 -22.74 -3.77
C6 ATP O . -26.90 -22.63 -3.91
N6 ATP O . -27.51 -22.23 -5.03
N1 ATP O . -27.66 -22.95 -2.85
C2 ATP O . -27.06 -23.35 -1.72
N3 ATP O . -25.77 -23.49 -1.47
C4 ATP O . -25.03 -23.17 -2.54
MG MG P . -13.13 -24.89 -9.37
MG MG Q . -2.08 26.14 -16.64
PB ADP R . -4.75 26.27 -15.21
O1B ADP R . -5.24 24.90 -15.61
O2B ADP R . -3.26 26.35 -15.11
O3B ADP R . -5.49 26.86 -14.04
PA ADP R . -6.26 28.31 -16.59
O1A ADP R . -7.26 28.11 -15.47
O2A ADP R . -5.59 29.64 -16.76
O3A ADP R . -5.10 27.18 -16.50
O5' ADP R . -7.06 27.95 -17.93
C5' ADP R . -7.87 28.94 -18.53
C4' ADP R . -9.33 28.78 -18.10
O4' ADP R . -9.54 29.49 -16.87
C3' ADP R . -10.25 29.39 -19.13
O3' ADP R . -11.22 28.42 -19.53
C2' ADP R . -10.97 30.53 -18.44
O2' ADP R . -12.37 30.47 -18.69
C1' ADP R . -10.70 30.31 -16.96
N9 ADP R . -10.48 31.63 -16.32
C8 ADP R . -9.34 32.10 -15.77
N7 ADP R . -9.50 33.35 -15.28
C5 ADP R . -10.77 33.72 -15.50
C6 ADP R . -11.61 34.90 -15.24
N6 ADP R . -11.10 35.99 -14.61
N1 ADP R . -12.89 34.89 -15.62
C2 ADP R . -13.41 33.81 -16.25
N3 ADP R . -12.72 32.68 -16.52
C4 ADP R . -11.42 32.58 -16.18
P PO4 S . -1.54 23.71 -15.89
O1 PO4 S . -0.55 22.58 -15.90
O2 PO4 S . -2.50 23.52 -14.74
O3 PO4 S . -0.82 25.03 -15.76
O4 PO4 S . -2.32 23.71 -17.17
#